data_6VCG
#
_entry.id   6VCG
#
_cell.length_a   108.010
_cell.length_b   108.010
_cell.length_c   491.610
_cell.angle_alpha   90.000
_cell.angle_beta   90.000
_cell.angle_gamma   120.000
#
_symmetry.space_group_name_H-M   'P 61'
#
loop_
_entity.id
_entity.type
_entity.pdbx_description
1 polymer 'carotenoid cleavage dioxygenase'
2 non-polymer 'COBALT (II) ION'
3 non-polymer 'SODIUM ION'
4 non-polymer 'CHLORIDE ION'
5 water water
#
_entity_poly.entity_id   1
_entity_poly.type   'polypeptide(L)'
_entity_poly.pdbx_seq_one_letter_code
;MAYTVTNKFQLGFSTLSEELDLESLQVKGTIPKWLSGTLIRNGPAKFEVGKEKFQHWFDGLAMLHKFSFKEGKVSYANKF
LESKAYQSARDTDKISYREFATDPCRSIFKRVSSMFSTKFTDNANVNVTKIAERFVAMTETPLPVEFDINTLKTVGVFAY
DDKIESGLTTAHPHYDFVKNELVNYATKISRSSNYNVYKIADKTNHRNLIGSIPVEEPAYMHSFAMTENYVVLVEYPFVV
KPLDLLLSGKPFIENFSWKPENGTRFIIVNRQNGNLVGTYKSDAFFAFHHVNAFEKQEEIFVDIIAYQDSSIVNALYLDI
LRGQKTDTIPTSHIRRYRIPLSGGQVEYEMLSSEAVELPRINYKQYNTKDYRFVYGISTYSASDFANQLVKIDILRKSSK
IWSEKDCYPGEPVFVGAPDATKEDEGLILSAVLDATNAKSFLLILDATTFEEVARAEVPHHIPFGFHGNYFE
;
_entity_poly.pdbx_strand_id   A,B,C,D,E,F
#
loop_
_chem_comp.id
_chem_comp.type
_chem_comp.name
_chem_comp.formula
CL non-polymer 'CHLORIDE ION' 'Cl -1'
CO non-polymer 'COBALT (II) ION' 'Co 2'
NA non-polymer 'SODIUM ION' 'Na 1'
#
# COMPACT_ATOMS: atom_id res chain seq x y z
N ASN A 7 -6.81 17.48 10.14
CA ASN A 7 -6.12 16.58 11.13
C ASN A 7 -6.63 15.14 10.94
N LYS A 8 -6.04 14.19 11.67
CA LYS A 8 -6.29 12.73 11.51
C LYS A 8 -7.68 12.35 12.04
N PHE A 9 -8.15 13.02 13.09
CA PHE A 9 -9.41 12.71 13.81
C PHE A 9 -10.57 13.54 13.24
N GLN A 10 -10.31 14.32 12.18
CA GLN A 10 -11.30 15.22 11.51
C GLN A 10 -12.66 14.52 11.32
N LEU A 11 -12.63 13.21 11.04
CA LEU A 11 -13.82 12.38 10.72
C LEU A 11 -14.80 12.38 11.91
N GLY A 12 -14.29 12.42 13.13
CA GLY A 12 -15.08 12.43 14.37
C GLY A 12 -15.91 13.69 14.54
N PHE A 13 -15.62 14.74 13.77
CA PHE A 13 -16.32 16.05 13.78
C PHE A 13 -17.01 16.29 12.43
N SER A 14 -17.20 15.23 11.64
CA SER A 14 -17.91 15.28 10.34
C SER A 14 -19.26 14.54 10.44
N THR A 15 -20.26 15.00 9.70
CA THR A 15 -21.67 14.53 9.76
C THR A 15 -21.73 13.03 9.45
N LEU A 16 -22.59 12.29 10.16
CA LEU A 16 -23.02 10.91 9.82
C LEU A 16 -24.51 10.95 9.42
N SER A 17 -24.80 10.77 8.13
CA SER A 17 -26.18 10.83 7.56
C SER A 17 -26.83 9.44 7.55
N GLU A 18 -26.06 8.38 7.81
CA GLU A 18 -26.52 6.96 7.71
C GLU A 18 -27.17 6.56 9.04
N GLU A 19 -28.41 6.06 8.97
CA GLU A 19 -29.16 5.45 10.10
C GLU A 19 -29.50 4.02 9.71
N LEU A 20 -29.14 3.03 10.54
CA LEU A 20 -29.45 1.60 10.26
C LEU A 20 -29.76 0.84 11.55
N ASP A 21 -30.37 -0.34 11.39
CA ASP A 21 -30.73 -1.29 12.47
C ASP A 21 -30.17 -2.67 12.11
N LEU A 22 -29.26 -3.22 12.92
CA LEU A 22 -28.55 -4.51 12.64
C LEU A 22 -28.61 -5.41 13.88
N GLU A 23 -29.03 -6.67 13.69
CA GLU A 23 -29.26 -7.67 14.77
C GLU A 23 -27.91 -8.12 15.35
N SER A 24 -26.89 -8.31 14.49
CA SER A 24 -25.53 -8.79 14.86
C SER A 24 -24.46 -7.89 14.24
N LEU A 25 -23.55 -7.35 15.07
CA LEU A 25 -22.25 -6.76 14.65
C LEU A 25 -21.19 -7.86 14.70
N GLN A 26 -20.20 -7.82 13.80
CA GLN A 26 -19.00 -8.72 13.83
C GLN A 26 -18.27 -8.49 15.15
N VAL A 27 -18.12 -9.54 15.97
CA VAL A 27 -17.50 -9.47 17.34
C VAL A 27 -16.16 -10.21 17.29
N LYS A 28 -15.09 -9.56 17.76
CA LYS A 28 -13.79 -10.19 18.12
C LYS A 28 -13.70 -10.26 19.64
N GLY A 29 -13.11 -11.32 20.18
CA GLY A 29 -13.09 -11.62 21.62
C GLY A 29 -14.41 -12.24 22.05
N THR A 30 -14.74 -12.16 23.34
CA THR A 30 -16.00 -12.69 23.89
C THR A 30 -16.55 -11.73 24.95
N ILE A 31 -17.83 -11.38 24.80
CA ILE A 31 -18.61 -10.47 25.69
C ILE A 31 -19.27 -11.34 26.77
N PRO A 32 -18.99 -11.11 28.07
CA PRO A 32 -19.55 -11.97 29.12
C PRO A 32 -21.07 -12.20 28.95
N LYS A 33 -21.54 -13.43 29.21
CA LYS A 33 -22.95 -13.86 29.08
C LYS A 33 -23.87 -12.93 29.89
N TRP A 34 -23.37 -12.38 31.00
CA TRP A 34 -24.18 -11.66 32.02
C TRP A 34 -24.51 -10.24 31.54
N LEU A 35 -23.83 -9.73 30.53
CA LEU A 35 -24.16 -8.42 29.89
C LEU A 35 -25.45 -8.63 29.07
N SER A 36 -26.60 -8.22 29.62
CA SER A 36 -27.96 -8.45 29.06
C SER A 36 -28.69 -7.12 28.83
N GLY A 37 -28.03 -5.99 29.07
CA GLY A 37 -28.65 -4.66 29.02
C GLY A 37 -28.42 -3.99 27.67
N THR A 38 -28.74 -2.70 27.59
CA THR A 38 -28.55 -1.84 26.40
C THR A 38 -27.69 -0.64 26.80
N LEU A 39 -26.67 -0.33 25.98
CA LEU A 39 -25.89 0.93 26.07
C LEU A 39 -26.50 1.92 25.07
N ILE A 40 -26.84 3.13 25.53
CA ILE A 40 -27.26 4.26 24.64
C ILE A 40 -26.16 5.33 24.69
N ARG A 41 -25.64 5.71 23.52
CA ARG A 41 -24.68 6.84 23.34
C ARG A 41 -25.45 8.03 22.76
N ASN A 42 -25.24 9.23 23.32
CA ASN A 42 -25.78 10.48 22.74
C ASN A 42 -24.60 11.36 22.32
N GLY A 43 -24.83 12.18 21.29
CA GLY A 43 -23.86 13.18 20.84
C GLY A 43 -24.34 13.84 19.56
N PRO A 44 -23.62 14.89 19.13
CA PRO A 44 -23.91 15.54 17.86
C PRO A 44 -23.44 14.65 16.71
N ALA A 45 -24.16 14.64 15.59
CA ALA A 45 -23.86 13.79 14.42
C ALA A 45 -24.14 14.52 13.11
N LYS A 46 -24.67 15.74 13.15
CA LYS A 46 -24.90 16.59 11.96
C LYS A 46 -24.44 18.01 12.30
N PHE A 47 -23.41 18.50 11.62
CA PHE A 47 -22.66 19.72 11.98
C PHE A 47 -22.97 20.84 10.99
N GLU A 48 -23.86 20.60 10.03
CA GLU A 48 -24.34 21.64 9.08
C GLU A 48 -25.78 21.34 8.66
N VAL A 49 -26.45 22.38 8.17
CA VAL A 49 -27.82 22.36 7.58
C VAL A 49 -27.77 23.16 6.29
N GLY A 50 -27.81 22.49 5.14
CA GLY A 50 -27.55 23.12 3.84
C GLY A 50 -26.22 23.86 3.85
N LYS A 51 -26.24 25.16 3.52
CA LYS A 51 -25.05 26.05 3.39
C LYS A 51 -24.70 26.66 4.76
N GLU A 52 -25.56 26.50 5.78
CA GLU A 52 -25.34 27.01 7.17
C GLU A 52 -24.57 25.95 7.98
N LYS A 53 -23.52 26.35 8.68
CA LYS A 53 -22.68 25.45 9.52
C LYS A 53 -22.93 25.74 11.00
N PHE A 54 -22.97 24.70 11.82
CA PHE A 54 -22.99 24.82 13.30
C PHE A 54 -21.58 25.24 13.75
N GLN A 55 -21.49 26.24 14.62
CA GLN A 55 -20.21 26.85 15.03
C GLN A 55 -19.47 25.94 16.02
N HIS A 56 -20.18 25.34 16.98
CA HIS A 56 -19.59 24.65 18.16
C HIS A 56 -19.88 23.15 18.14
N TRP A 57 -19.00 22.39 18.76
CA TRP A 57 -19.16 20.93 18.98
C TRP A 57 -20.53 20.68 19.66
N PHE A 58 -20.93 21.52 20.60
CA PHE A 58 -22.14 21.37 21.45
C PHE A 58 -23.43 21.62 20.63
N ASP A 59 -23.33 22.19 19.43
CA ASP A 59 -24.47 22.60 18.57
C ASP A 59 -24.97 21.47 17.67
N GLY A 60 -24.19 20.43 17.43
CA GLY A 60 -24.52 19.38 16.46
C GLY A 60 -25.80 18.65 16.83
N LEU A 61 -26.61 18.28 15.83
CA LEU A 61 -27.97 17.71 16.01
C LEU A 61 -27.84 16.28 16.57
N ALA A 62 -28.52 16.03 17.69
CA ALA A 62 -28.46 14.78 18.49
C ALA A 62 -28.75 13.57 17.61
N MET A 63 -27.94 12.52 17.77
CA MET A 63 -28.15 11.16 17.24
C MET A 63 -27.92 10.19 18.40
N LEU A 64 -28.79 9.18 18.51
CA LEU A 64 -28.67 8.09 19.51
C LEU A 64 -28.07 6.87 18.83
N HIS A 65 -27.21 6.14 19.56
CA HIS A 65 -26.62 4.85 19.16
C HIS A 65 -27.03 3.82 20.21
N LYS A 66 -27.58 2.68 19.77
CA LYS A 66 -28.06 1.60 20.67
C LYS A 66 -27.19 0.35 20.48
N PHE A 67 -26.56 -0.10 21.56
CA PHE A 67 -25.81 -1.37 21.66
C PHE A 67 -26.53 -2.26 22.67
N SER A 68 -27.29 -3.25 22.19
CA SER A 68 -28.07 -4.20 23.03
C SER A 68 -27.35 -5.53 23.06
N PHE A 69 -27.09 -6.06 24.26
CA PHE A 69 -26.29 -7.29 24.50
C PHE A 69 -27.25 -8.45 24.85
N LYS A 70 -27.18 -9.53 24.07
CA LYS A 70 -27.90 -10.80 24.30
C LYS A 70 -26.92 -11.97 24.11
N GLU A 71 -26.68 -12.73 25.19
CA GLU A 71 -25.93 -14.02 25.18
C GLU A 71 -24.69 -13.91 24.28
N GLY A 72 -23.80 -12.93 24.55
CA GLY A 72 -22.48 -12.82 23.89
C GLY A 72 -22.52 -12.11 22.55
N LYS A 73 -23.72 -11.92 21.96
CA LYS A 73 -23.92 -11.19 20.68
C LYS A 73 -24.23 -9.73 21.02
N VAL A 74 -24.15 -8.83 20.03
CA VAL A 74 -24.47 -7.39 20.21
C VAL A 74 -25.19 -6.87 18.96
N SER A 75 -26.35 -6.22 19.16
CA SER A 75 -27.16 -5.55 18.11
C SER A 75 -26.84 -4.05 18.12
N TYR A 76 -27.00 -3.37 16.99
CA TYR A 76 -26.74 -1.91 16.87
C TYR A 76 -27.82 -1.23 16.03
N ALA A 77 -28.29 -0.10 16.53
CA ALA A 77 -29.21 0.82 15.82
C ALA A 77 -28.76 2.25 16.13
N ASN A 78 -28.93 3.15 15.16
CA ASN A 78 -28.68 4.61 15.32
C ASN A 78 -29.77 5.37 14.55
N LYS A 79 -30.37 6.37 15.19
CA LYS A 79 -31.31 7.33 14.57
C LYS A 79 -31.00 8.73 15.12
N PHE A 80 -31.17 9.75 14.27
CA PHE A 80 -31.25 11.17 14.69
C PHE A 80 -32.47 11.32 15.60
N LEU A 81 -32.32 12.07 16.69
CA LEU A 81 -33.45 12.49 17.56
C LEU A 81 -34.33 13.40 16.72
N GLU A 82 -35.63 13.07 16.57
CA GLU A 82 -36.57 13.87 15.76
C GLU A 82 -37.17 14.98 16.64
N SER A 83 -36.28 15.79 17.22
CA SER A 83 -36.56 17.09 17.87
C SER A 83 -37.18 18.04 16.85
N LYS A 84 -37.77 19.13 17.33
CA LYS A 84 -38.23 20.25 16.46
C LYS A 84 -37.02 20.88 15.77
N ALA A 85 -35.88 20.95 16.45
CA ALA A 85 -34.61 21.47 15.88
C ALA A 85 -34.24 20.64 14.65
N TYR A 86 -34.20 19.31 14.78
CA TYR A 86 -33.84 18.38 13.68
C TYR A 86 -34.89 18.45 12.55
N GLN A 87 -36.17 18.29 12.91
CA GLN A 87 -37.30 18.25 11.94
C GLN A 87 -37.31 19.54 11.11
N SER A 88 -37.10 20.69 11.77
CA SER A 88 -37.08 22.03 11.12
C SER A 88 -35.93 22.14 10.13
N ALA A 89 -34.73 21.72 10.55
CA ALA A 89 -33.50 21.71 9.71
C ALA A 89 -33.71 20.79 8.50
N ARG A 90 -34.21 19.58 8.74
CA ARG A 90 -34.47 18.56 7.70
C ARG A 90 -35.46 19.12 6.66
N ASP A 91 -36.51 19.81 7.10
CA ASP A 91 -37.71 20.14 6.27
C ASP A 91 -37.61 21.55 5.69
N THR A 92 -36.79 22.45 6.25
CA THR A 92 -36.63 23.84 5.75
C THR A 92 -35.21 24.12 5.24
N ASP A 93 -34.24 23.24 5.53
CA ASP A 93 -32.80 23.43 5.23
C ASP A 93 -32.34 24.79 5.78
N LYS A 94 -32.86 25.15 6.96
CA LYS A 94 -32.51 26.35 7.74
C LYS A 94 -32.32 25.92 9.20
N ILE A 95 -31.24 26.32 9.84
CA ILE A 95 -31.11 26.26 11.33
C ILE A 95 -32.23 27.14 11.87
N SER A 96 -33.04 26.64 12.80
CA SER A 96 -34.36 27.24 13.15
C SER A 96 -34.51 27.48 14.65
N TYR A 97 -33.67 26.83 15.46
CA TYR A 97 -33.60 27.00 16.93
C TYR A 97 -32.20 27.45 17.32
N ARG A 98 -32.14 28.18 18.44
CA ARG A 98 -30.93 28.75 19.04
C ARG A 98 -30.20 27.64 19.79
N GLU A 99 -28.98 27.32 19.37
CA GLU A 99 -28.15 26.29 20.01
C GLU A 99 -27.20 26.96 20.98
N PHE A 100 -26.34 26.17 21.61
CA PHE A 100 -25.31 26.60 22.58
C PHE A 100 -24.49 27.79 22.03
N ALA A 101 -24.09 27.77 20.76
CA ALA A 101 -23.17 28.78 20.16
C ALA A 101 -23.52 29.12 18.72
N THR A 102 -24.68 28.69 18.20
CA THR A 102 -25.18 29.04 16.85
C THR A 102 -26.63 29.51 16.93
N ASP A 103 -26.93 30.66 16.33
CA ASP A 103 -28.30 31.22 16.18
C ASP A 103 -28.72 31.07 14.73
N PRO A 104 -30.02 30.90 14.44
CA PRO A 104 -30.51 30.98 13.07
C PRO A 104 -30.47 32.40 12.50
N CYS A 105 -30.46 32.53 11.17
CA CYS A 105 -30.45 33.81 10.43
C CYS A 105 -31.90 34.33 10.34
N LYS A 119 -38.78 30.30 22.74
CA LYS A 119 -38.49 29.02 22.02
C LYS A 119 -37.03 28.62 22.27
N PHE A 120 -36.82 27.70 23.22
CA PHE A 120 -35.53 27.01 23.49
C PHE A 120 -35.39 25.81 22.55
N THR A 121 -34.19 25.53 22.03
CA THR A 121 -33.88 24.30 21.26
C THR A 121 -34.20 23.07 22.11
N ASP A 122 -34.63 22.00 21.45
CA ASP A 122 -34.91 20.65 22.03
C ASP A 122 -33.88 19.68 21.46
N ASN A 123 -32.75 20.19 20.95
CA ASN A 123 -31.62 19.38 20.40
C ASN A 123 -30.93 18.71 21.58
N ALA A 124 -31.55 17.67 22.14
CA ALA A 124 -31.10 16.98 23.37
C ALA A 124 -29.96 16.04 23.02
N ASN A 125 -28.74 16.58 22.94
CA ASN A 125 -27.57 15.91 22.31
C ASN A 125 -26.52 15.54 23.37
N VAL A 126 -26.79 15.73 24.66
CA VAL A 126 -25.71 15.65 25.70
C VAL A 126 -25.73 14.30 26.40
N ASN A 127 -26.89 13.86 26.92
CA ASN A 127 -26.95 12.67 27.79
C ASN A 127 -28.30 11.98 27.58
N VAL A 128 -28.50 10.85 28.27
CA VAL A 128 -29.79 10.08 28.32
C VAL A 128 -29.96 9.54 29.74
N THR A 129 -31.20 9.43 30.20
CA THR A 129 -31.56 8.85 31.52
C THR A 129 -33.02 8.38 31.46
N LYS A 130 -33.58 7.96 32.59
CA LYS A 130 -35.02 7.57 32.71
C LYS A 130 -35.69 8.48 33.75
N ILE A 131 -36.83 9.05 33.37
CA ILE A 131 -37.73 9.82 34.27
C ILE A 131 -39.14 9.26 34.10
N ALA A 132 -39.83 8.99 35.21
CA ALA A 132 -41.19 8.39 35.21
C ALA A 132 -41.19 7.14 34.33
N GLU A 133 -40.17 6.28 34.47
CA GLU A 133 -40.01 5.00 33.75
C GLU A 133 -40.02 5.21 32.22
N ARG A 134 -39.64 6.41 31.76
CA ARG A 134 -39.54 6.78 30.32
C ARG A 134 -38.09 7.18 30.00
N PHE A 135 -37.57 6.74 28.85
CA PHE A 135 -36.21 7.10 28.37
C PHE A 135 -36.26 8.51 27.78
N VAL A 136 -35.36 9.38 28.24
CA VAL A 136 -35.26 10.80 27.78
C VAL A 136 -33.82 11.14 27.38
N ALA A 137 -33.70 11.87 26.28
CA ALA A 137 -32.48 12.58 25.85
C ALA A 137 -32.47 13.96 26.51
N MET A 138 -31.29 14.45 26.91
CA MET A 138 -31.14 15.71 27.69
C MET A 138 -30.09 16.63 27.05
N THR A 139 -30.39 17.92 27.01
CA THR A 139 -29.40 19.01 26.85
C THR A 139 -29.60 19.95 28.04
N GLU A 140 -29.33 21.24 27.86
CA GLU A 140 -29.21 22.21 28.96
C GLU A 140 -30.36 23.21 28.91
N THR A 141 -31.20 23.12 27.89
CA THR A 141 -32.52 23.79 27.83
C THR A 141 -33.48 23.06 28.77
N PRO A 142 -34.56 23.72 29.24
CA PRO A 142 -35.41 23.19 30.31
C PRO A 142 -35.99 21.77 30.20
N LEU A 143 -36.40 21.33 29.01
CA LEU A 143 -37.23 20.11 28.85
C LEU A 143 -36.45 19.02 28.10
N PRO A 144 -36.38 17.79 28.65
CA PRO A 144 -35.87 16.64 27.91
C PRO A 144 -36.80 16.21 26.76
N VAL A 145 -36.28 15.34 25.90
CA VAL A 145 -37.01 14.76 24.74
C VAL A 145 -37.09 13.25 24.95
N GLU A 146 -38.32 12.74 25.08
CA GLU A 146 -38.61 11.30 25.32
C GLU A 146 -38.37 10.52 24.01
N PHE A 147 -37.80 9.32 24.14
CA PHE A 147 -37.54 8.41 22.98
C PHE A 147 -37.85 6.98 23.42
N ASP A 148 -38.10 6.11 22.43
CA ASP A 148 -38.44 4.68 22.60
C ASP A 148 -37.12 3.89 22.49
N ILE A 149 -36.71 3.19 23.55
CA ILE A 149 -35.42 2.43 23.56
C ILE A 149 -35.47 1.29 22.52
N ASN A 150 -36.64 0.77 22.21
CA ASN A 150 -36.80 -0.36 21.25
C ASN A 150 -36.52 0.11 19.81
N THR A 151 -37.08 1.26 19.41
CA THR A 151 -37.09 1.73 17.99
C THR A 151 -36.11 2.91 17.80
N LEU A 152 -35.80 3.66 18.87
CA LEU A 152 -35.08 4.96 18.87
C LEU A 152 -35.93 6.04 18.18
N LYS A 153 -37.25 5.82 18.04
CA LYS A 153 -38.19 6.86 17.55
C LYS A 153 -38.39 7.87 18.67
N THR A 154 -38.69 9.12 18.29
CA THR A 154 -38.90 10.26 19.22
C THR A 154 -40.39 10.36 19.52
N VAL A 155 -40.74 10.35 20.81
CA VAL A 155 -42.13 10.56 21.32
C VAL A 155 -42.44 12.05 21.35
N GLY A 156 -41.54 12.88 21.89
CA GLY A 156 -41.70 14.35 21.89
C GLY A 156 -41.20 14.97 23.18
N VAL A 157 -41.48 16.27 23.37
CA VAL A 157 -41.16 17.05 24.61
C VAL A 157 -41.70 16.25 25.80
N PHE A 158 -40.83 16.00 26.78
CA PHE A 158 -41.18 15.46 28.11
C PHE A 158 -41.41 16.63 29.07
N ALA A 159 -42.68 16.99 29.29
CA ALA A 159 -43.09 18.06 30.21
C ALA A 159 -42.90 17.57 31.65
N TYR A 160 -42.42 18.45 32.53
CA TYR A 160 -42.45 18.25 33.99
C TYR A 160 -43.82 18.73 34.46
N ASP A 161 -44.35 18.11 35.51
CA ASP A 161 -45.69 18.46 36.06
C ASP A 161 -45.50 19.20 37.38
N ASP A 162 -45.18 20.49 37.31
CA ASP A 162 -44.84 21.34 38.49
C ASP A 162 -44.82 22.80 38.03
N LYS A 163 -44.54 23.74 38.94
CA LYS A 163 -44.55 25.20 38.62
C LYS A 163 -43.12 25.77 38.72
N ILE A 164 -42.09 24.92 38.74
CA ILE A 164 -40.67 25.38 38.81
C ILE A 164 -40.32 26.06 37.49
N GLU A 165 -39.96 27.35 37.54
CA GLU A 165 -39.52 28.12 36.35
C GLU A 165 -38.04 27.82 36.11
N SER A 166 -37.64 27.68 34.85
CA SER A 166 -36.21 27.50 34.48
C SER A 166 -35.99 27.90 33.03
N GLY A 167 -34.80 28.41 32.72
CA GLY A 167 -34.32 28.71 31.36
C GLY A 167 -33.05 27.95 31.02
N LEU A 168 -32.38 27.38 32.02
CA LEU A 168 -31.07 26.71 31.87
C LEU A 168 -30.97 25.60 32.92
N THR A 169 -30.49 24.42 32.55
CA THR A 169 -30.34 23.27 33.47
C THR A 169 -29.15 22.42 33.03
N THR A 170 -28.91 21.29 33.69
CA THR A 170 -27.85 20.32 33.33
C THR A 170 -28.45 19.08 32.71
N ALA A 171 -27.67 18.39 31.89
CA ALA A 171 -27.90 17.04 31.38
C ALA A 171 -27.07 16.05 32.21
N HIS A 172 -26.76 16.44 33.45
CA HIS A 172 -25.97 15.63 34.41
C HIS A 172 -26.74 15.50 35.72
N PRO A 173 -27.98 14.98 35.69
CA PRO A 173 -28.72 14.69 36.92
C PRO A 173 -27.93 13.64 37.70
N HIS A 174 -27.93 13.75 39.03
CA HIS A 174 -27.52 12.65 39.94
C HIS A 174 -28.74 11.76 40.19
N TYR A 175 -28.52 10.52 40.64
CA TYR A 175 -29.58 9.58 41.08
C TYR A 175 -29.18 8.98 42.43
N ASP A 176 -30.08 9.11 43.41
CA ASP A 176 -30.04 8.47 44.75
C ASP A 176 -30.73 7.12 44.67
N PHE A 177 -29.98 6.03 44.84
CA PHE A 177 -30.46 4.64 44.70
C PHE A 177 -31.23 4.19 45.96
N VAL A 178 -30.84 4.70 47.14
CA VAL A 178 -31.51 4.41 48.44
C VAL A 178 -32.96 4.93 48.40
N LYS A 179 -33.13 6.22 48.09
CA LYS A 179 -34.42 6.95 48.10
C LYS A 179 -35.12 6.85 46.75
N ASN A 180 -34.42 6.38 45.71
CA ASN A 180 -34.99 6.24 44.33
C ASN A 180 -35.47 7.63 43.87
N GLU A 181 -34.57 8.62 43.90
CA GLU A 181 -34.83 10.02 43.46
C GLU A 181 -33.77 10.44 42.45
N LEU A 182 -34.19 11.04 41.34
CA LEU A 182 -33.34 11.90 40.47
C LEU A 182 -33.15 13.24 41.19
N VAL A 183 -31.93 13.78 41.19
CA VAL A 183 -31.61 15.13 41.73
C VAL A 183 -30.93 15.95 40.63
N ASN A 184 -31.36 17.20 40.47
CA ASN A 184 -30.81 18.16 39.48
C ASN A 184 -31.06 19.57 40.00
N TYR A 185 -30.61 20.58 39.28
CA TYR A 185 -30.99 22.00 39.49
C TYR A 185 -31.41 22.58 38.13
N ALA A 186 -32.21 23.64 38.16
CA ALA A 186 -32.58 24.46 37.00
C ALA A 186 -32.46 25.92 37.41
N THR A 187 -31.96 26.77 36.52
CA THR A 187 -31.75 28.21 36.79
C THR A 187 -32.89 28.98 36.12
N LYS A 188 -33.62 29.76 36.91
CA LYS A 188 -34.56 30.77 36.37
C LYS A 188 -33.71 32.00 36.02
N ILE A 189 -33.60 32.31 34.73
CA ILE A 189 -32.79 33.47 34.26
C ILE A 189 -33.73 34.63 33.99
N SER A 190 -33.66 35.65 34.85
CA SER A 190 -34.51 36.86 34.84
C SER A 190 -33.79 37.95 35.62
N ARG A 191 -34.47 39.07 35.90
CA ARG A 191 -33.92 40.16 36.72
C ARG A 191 -33.87 39.75 38.20
N SER A 192 -34.50 38.62 38.55
CA SER A 192 -34.41 37.96 39.87
C SER A 192 -34.08 36.48 39.69
N SER A 193 -32.89 36.20 39.16
CA SER A 193 -32.45 34.84 38.79
C SER A 193 -32.31 33.99 40.07
N ASN A 194 -32.51 32.68 39.94
CA ASN A 194 -32.53 31.69 41.05
C ASN A 194 -31.93 30.39 40.53
N TYR A 195 -31.09 29.73 41.34
CA TYR A 195 -30.75 28.30 41.20
C TYR A 195 -31.83 27.53 41.96
N ASN A 196 -32.61 26.72 41.24
CA ASN A 196 -33.70 25.90 41.79
C ASN A 196 -33.23 24.44 41.84
N VAL A 197 -32.82 23.98 43.04
CA VAL A 197 -32.42 22.56 43.28
C VAL A 197 -33.70 21.76 43.49
N TYR A 198 -33.87 20.63 42.78
CA TYR A 198 -35.10 19.81 42.82
C TYR A 198 -34.77 18.31 42.81
N LYS A 199 -35.79 17.49 43.11
CA LYS A 199 -35.72 16.00 43.00
C LYS A 199 -37.01 15.47 42.36
N ILE A 200 -36.93 14.28 41.76
CA ILE A 200 -38.05 13.56 41.11
C ILE A 200 -38.06 12.12 41.63
N ALA A 201 -39.05 11.82 42.48
CA ALA A 201 -39.34 10.45 42.97
C ALA A 201 -39.63 9.56 41.75
N ASP A 202 -39.29 8.28 41.82
CA ASP A 202 -39.62 7.28 40.76
C ASP A 202 -41.13 7.34 40.49
N LYS A 203 -41.52 7.08 39.23
CA LYS A 203 -42.92 6.89 38.78
C LYS A 203 -43.69 8.22 38.89
N THR A 204 -42.98 9.36 38.75
CA THR A 204 -43.59 10.71 38.62
C THR A 204 -42.67 11.61 37.77
N ASN A 205 -43.27 12.60 37.10
CA ASN A 205 -42.60 13.68 36.36
C ASN A 205 -42.80 15.00 37.10
N HIS A 206 -43.28 14.97 38.34
CA HIS A 206 -43.40 16.15 39.25
C HIS A 206 -42.07 16.34 39.97
N ARG A 207 -41.48 17.53 39.86
CA ARG A 207 -40.27 17.96 40.60
C ARG A 207 -40.69 18.61 41.92
N ASN A 208 -40.11 18.17 43.03
CA ASN A 208 -40.16 18.84 44.35
C ASN A 208 -39.00 19.83 44.41
N LEU A 209 -39.30 21.12 44.62
CA LEU A 209 -38.29 22.16 44.89
C LEU A 209 -37.65 21.86 46.25
N ILE A 210 -36.35 21.55 46.26
CA ILE A 210 -35.55 21.40 47.50
C ILE A 210 -35.21 22.80 48.01
N GLY A 211 -34.68 23.68 47.17
CA GLY A 211 -34.24 25.03 47.58
C GLY A 211 -34.00 25.93 46.39
N SER A 212 -34.19 27.24 46.59
CA SER A 212 -33.87 28.32 45.63
C SER A 212 -32.77 29.20 46.22
N ILE A 213 -31.66 29.35 45.49
CA ILE A 213 -30.58 30.31 45.85
C ILE A 213 -30.65 31.48 44.88
N PRO A 214 -31.01 32.70 45.34
CA PRO A 214 -30.99 33.88 44.48
C PRO A 214 -29.56 34.21 44.06
N VAL A 215 -29.41 34.78 42.87
CA VAL A 215 -28.11 35.07 42.20
C VAL A 215 -28.31 36.19 41.18
N GLU A 216 -27.36 37.14 41.13
CA GLU A 216 -27.42 38.33 40.24
C GLU A 216 -27.05 37.89 38.83
N GLU A 217 -25.93 37.18 38.69
CA GLU A 217 -25.33 36.77 37.38
C GLU A 217 -25.11 35.25 37.41
N PRO A 218 -26.06 34.46 36.87
CA PRO A 218 -25.97 33.01 36.92
C PRO A 218 -24.71 32.49 36.20
N ALA A 219 -24.10 31.46 36.78
CA ALA A 219 -22.90 30.78 36.25
C ALA A 219 -23.32 29.60 35.37
N TYR A 220 -22.53 29.30 34.34
CA TYR A 220 -22.69 28.06 33.53
C TYR A 220 -22.07 26.92 34.33
N MET A 221 -22.92 26.12 34.98
CA MET A 221 -22.53 24.94 35.80
C MET A 221 -23.09 23.67 35.15
N HIS A 222 -22.33 23.09 34.23
CA HIS A 222 -22.66 21.93 33.37
C HIS A 222 -23.01 20.69 34.20
N SER A 223 -22.48 20.62 35.42
CA SER A 223 -22.69 19.51 36.37
C SER A 223 -22.55 20.07 37.78
N PHE A 224 -22.86 19.24 38.79
CA PHE A 224 -22.78 19.60 40.22
C PHE A 224 -22.43 18.34 41.02
N ALA A 225 -22.12 18.51 42.30
CA ALA A 225 -21.72 17.45 43.23
C ALA A 225 -22.92 17.03 44.09
N MET A 226 -23.03 15.74 44.42
CA MET A 226 -24.00 15.21 45.41
C MET A 226 -23.26 14.31 46.41
N THR A 227 -23.51 14.51 47.71
CA THR A 227 -23.04 13.66 48.82
C THR A 227 -24.24 12.92 49.42
N GLU A 228 -24.06 12.26 50.57
CA GLU A 228 -25.13 11.56 51.31
C GLU A 228 -26.25 12.56 51.64
N ASN A 229 -25.90 13.70 52.24
CA ASN A 229 -26.86 14.69 52.80
C ASN A 229 -27.00 15.93 51.92
N TYR A 230 -26.11 16.16 50.93
CA TYR A 230 -25.96 17.48 50.27
C TYR A 230 -26.02 17.41 48.75
N VAL A 231 -26.47 18.52 48.17
CA VAL A 231 -26.11 19.00 46.81
C VAL A 231 -25.09 20.12 47.01
N VAL A 232 -23.96 20.07 46.29
CA VAL A 232 -22.97 21.18 46.23
C VAL A 232 -22.97 21.74 44.80
N LEU A 233 -23.45 22.95 44.60
CA LEU A 233 -23.30 23.68 43.31
C LEU A 233 -21.93 24.38 43.35
N VAL A 234 -21.01 24.00 42.47
CA VAL A 234 -19.71 24.71 42.32
C VAL A 234 -19.87 25.79 41.26
N GLU A 235 -20.00 27.03 41.71
CA GLU A 235 -20.28 28.24 40.87
C GLU A 235 -18.96 28.84 40.39
N TYR A 236 -18.42 28.29 39.30
CA TYR A 236 -17.29 28.86 38.52
C TYR A 236 -17.67 30.27 38.13
N PRO A 237 -16.74 31.25 38.18
CA PRO A 237 -17.06 32.63 37.81
C PRO A 237 -17.10 32.84 36.29
N PHE A 238 -17.85 31.97 35.59
CA PHE A 238 -18.20 32.09 34.16
C PHE A 238 -19.71 32.39 34.10
N VAL A 239 -20.06 33.67 34.00
CA VAL A 239 -21.40 34.20 34.41
C VAL A 239 -22.00 35.07 33.31
N VAL A 240 -23.33 35.20 33.33
CA VAL A 240 -24.14 35.95 32.31
C VAL A 240 -24.95 37.02 33.03
N LYS A 241 -25.06 38.20 32.42
CA LYS A 241 -26.05 39.23 32.78
C LYS A 241 -27.38 38.83 32.13
N PRO A 242 -28.41 38.52 32.94
CA PRO A 242 -29.72 38.14 32.39
C PRO A 242 -30.19 38.98 31.20
N LEU A 243 -30.13 40.31 31.28
CA LEU A 243 -30.60 41.20 30.20
C LEU A 243 -29.79 41.03 28.92
N ASP A 244 -28.50 40.67 29.01
CA ASP A 244 -27.67 40.37 27.80
C ASP A 244 -28.26 39.14 27.12
N LEU A 245 -28.56 38.10 27.89
CA LEU A 245 -29.16 36.85 27.37
C LEU A 245 -30.51 37.16 26.71
N LEU A 246 -31.33 38.03 27.30
CA LEU A 246 -32.70 38.34 26.81
C LEU A 246 -32.60 39.14 25.50
N LEU A 247 -31.67 40.10 25.41
CA LEU A 247 -31.76 41.17 24.39
C LEU A 247 -30.65 41.09 23.35
N SER A 248 -29.45 40.60 23.68
CA SER A 248 -28.29 40.66 22.74
C SER A 248 -28.62 39.78 21.53
N GLY A 249 -28.03 40.10 20.37
CA GLY A 249 -28.24 39.31 19.15
C GLY A 249 -27.37 38.07 19.12
N LYS A 250 -26.61 37.81 20.19
CA LYS A 250 -25.46 36.87 20.21
C LYS A 250 -25.89 35.49 20.71
N PRO A 251 -25.34 34.41 20.11
CA PRO A 251 -25.60 33.05 20.58
C PRO A 251 -25.34 32.89 22.08
N PHE A 252 -26.10 31.97 22.69
CA PHE A 252 -26.17 31.72 24.15
C PHE A 252 -24.79 31.92 24.80
N ILE A 253 -23.81 31.08 24.47
CA ILE A 253 -22.53 30.97 25.24
C ILE A 253 -21.72 32.27 25.14
N GLU A 254 -21.84 33.02 24.05
CA GLU A 254 -21.09 34.29 23.84
C GLU A 254 -21.48 35.35 24.88
N ASN A 255 -22.59 35.17 25.59
CA ASN A 255 -23.09 36.18 26.56
C ASN A 255 -22.43 35.94 27.92
N PHE A 256 -21.67 34.85 28.09
CA PHE A 256 -21.00 34.50 29.36
C PHE A 256 -19.59 35.10 29.40
N SER A 257 -19.18 35.61 30.56
CA SER A 257 -17.90 36.31 30.83
C SER A 257 -17.12 35.61 31.93
N TRP A 258 -15.80 35.48 31.76
CA TRP A 258 -14.85 35.02 32.81
C TRP A 258 -14.54 36.19 33.76
N LYS A 259 -14.86 36.03 35.04
CA LYS A 259 -14.66 37.07 36.08
C LYS A 259 -13.93 36.45 37.27
N PRO A 260 -12.64 36.13 37.13
CA PRO A 260 -11.90 35.37 38.16
C PRO A 260 -11.82 36.12 39.50
N GLU A 261 -12.03 37.43 39.50
CA GLU A 261 -12.03 38.26 40.74
C GLU A 261 -13.20 37.82 41.65
N ASN A 262 -14.26 37.20 41.13
CA ASN A 262 -15.37 36.66 41.95
C ASN A 262 -14.91 35.41 42.72
N GLY A 263 -13.88 34.71 42.25
CA GLY A 263 -13.51 33.37 42.75
C GLY A 263 -14.57 32.34 42.41
N THR A 264 -14.39 31.09 42.83
CA THR A 264 -15.38 30.00 42.70
C THR A 264 -16.18 29.91 44.01
N ARG A 265 -17.50 29.88 43.95
CA ARG A 265 -18.37 29.73 45.15
C ARG A 265 -18.91 28.30 45.22
N PHE A 266 -18.68 27.62 46.34
CA PHE A 266 -19.28 26.30 46.69
C PHE A 266 -20.56 26.55 47.51
N ILE A 267 -21.72 26.28 46.92
CA ILE A 267 -23.06 26.44 47.56
C ILE A 267 -23.54 25.08 48.04
N ILE A 268 -23.64 24.88 49.37
CA ILE A 268 -23.97 23.57 49.99
C ILE A 268 -25.41 23.60 50.50
N VAL A 269 -26.27 22.75 49.95
CA VAL A 269 -27.71 22.64 50.27
C VAL A 269 -28.00 21.23 50.79
N ASN A 270 -28.57 21.13 51.99
CA ASN A 270 -29.17 19.87 52.52
C ASN A 270 -30.25 19.42 51.53
N ARG A 271 -30.11 18.23 50.94
CA ARG A 271 -30.97 17.81 49.81
C ARG A 271 -32.14 16.94 50.32
N GLN A 272 -32.43 16.97 51.64
CA GLN A 272 -33.66 16.33 52.22
C GLN A 272 -34.59 17.41 52.79
N ASN A 273 -34.08 18.57 53.21
CA ASN A 273 -34.90 19.63 53.84
C ASN A 273 -34.59 21.02 53.27
N GLY A 274 -33.67 21.12 52.30
CA GLY A 274 -33.37 22.37 51.59
C GLY A 274 -32.71 23.44 52.42
N ASN A 275 -32.23 23.12 53.63
CA ASN A 275 -31.46 24.04 54.50
C ASN A 275 -30.14 24.43 53.80
N LEU A 276 -29.75 25.70 53.88
CA LEU A 276 -28.46 26.23 53.34
C LEU A 276 -27.37 25.94 54.39
N VAL A 277 -26.53 24.95 54.12
CA VAL A 277 -25.39 24.55 55.00
C VAL A 277 -24.37 25.68 55.03
N GLY A 278 -24.02 26.22 53.85
CA GLY A 278 -23.15 27.40 53.73
C GLY A 278 -22.63 27.63 52.32
N THR A 279 -21.98 28.77 52.11
CA THR A 279 -21.21 29.14 50.90
C THR A 279 -19.74 29.33 51.29
N TYR A 280 -18.84 28.75 50.49
CA TYR A 280 -17.37 28.77 50.67
C TYR A 280 -16.73 29.18 49.35
N LYS A 281 -15.60 29.89 49.42
CA LYS A 281 -14.89 30.46 48.25
C LYS A 281 -13.51 29.80 48.11
N SER A 282 -13.13 29.48 46.88
CA SER A 282 -11.75 29.12 46.46
C SER A 282 -11.31 30.11 45.39
N ASP A 283 -10.06 30.04 44.96
CA ASP A 283 -9.55 30.79 43.78
C ASP A 283 -10.35 30.31 42.56
N ALA A 284 -10.55 31.20 41.59
CA ALA A 284 -11.27 30.93 40.32
C ALA A 284 -10.71 29.66 39.65
N PHE A 285 -11.62 28.82 39.14
CA PHE A 285 -11.35 27.74 38.17
C PHE A 285 -12.66 27.44 37.43
N PHE A 286 -12.59 26.64 36.36
CA PHE A 286 -13.76 26.21 35.56
C PHE A 286 -13.73 24.69 35.44
N ALA A 287 -14.91 24.10 35.28
CA ALA A 287 -15.10 22.64 35.09
C ALA A 287 -16.41 22.40 34.35
N PHE A 288 -16.41 21.44 33.44
CA PHE A 288 -17.63 20.82 32.86
C PHE A 288 -18.12 19.73 33.82
N HIS A 289 -17.21 18.85 34.26
CA HIS A 289 -17.55 17.53 34.84
C HIS A 289 -16.99 17.34 36.25
N HIS A 290 -17.89 17.10 37.20
CA HIS A 290 -17.62 16.53 38.54
C HIS A 290 -17.29 15.04 38.36
N VAL A 291 -16.45 14.50 39.24
CA VAL A 291 -16.04 13.06 39.25
C VAL A 291 -16.91 12.34 40.31
N ASN A 292 -16.84 12.84 41.55
CA ASN A 292 -17.52 12.29 42.74
C ASN A 292 -17.25 13.24 43.91
N ALA A 293 -18.08 13.15 44.95
CA ALA A 293 -17.92 13.93 46.20
C ALA A 293 -18.40 13.06 47.37
N PHE A 294 -17.96 13.37 48.59
CA PHE A 294 -18.32 12.60 49.80
C PHE A 294 -18.01 13.42 51.05
N GLU A 295 -18.78 13.14 52.11
CA GLU A 295 -18.60 13.69 53.47
C GLU A 295 -17.64 12.78 54.23
N LYS A 296 -16.81 13.37 55.10
CA LYS A 296 -15.88 12.64 56.00
C LYS A 296 -15.59 13.57 57.17
N GLN A 297 -15.89 13.13 58.40
CA GLN A 297 -15.86 13.97 59.62
C GLN A 297 -16.77 15.19 59.37
N GLU A 298 -16.29 16.41 59.67
CA GLU A 298 -17.02 17.68 59.43
C GLU A 298 -16.45 18.35 58.16
N GLU A 299 -16.11 17.54 57.15
CA GLU A 299 -15.49 18.00 55.87
C GLU A 299 -16.20 17.34 54.67
N ILE A 300 -16.22 18.06 53.55
CA ILE A 300 -16.71 17.55 52.23
C ILE A 300 -15.51 17.56 51.27
N PHE A 301 -15.30 16.45 50.58
CA PHE A 301 -14.30 16.31 49.48
C PHE A 301 -15.06 16.30 48.16
N VAL A 302 -14.74 17.27 47.29
CA VAL A 302 -15.34 17.45 45.94
C VAL A 302 -14.22 17.23 44.91
N ASP A 303 -14.32 16.15 44.13
CA ASP A 303 -13.38 15.79 43.05
C ASP A 303 -13.95 16.32 41.72
N ILE A 304 -13.20 17.20 41.04
CA ILE A 304 -13.63 17.94 39.82
C ILE A 304 -12.52 17.84 38.76
N ILE A 305 -12.92 17.67 37.50
CA ILE A 305 -12.07 17.80 36.29
C ILE A 305 -11.96 19.30 35.98
N ALA A 306 -10.92 19.95 36.49
CA ALA A 306 -10.78 21.42 36.58
C ALA A 306 -9.79 21.95 35.51
N TYR A 307 -10.14 23.06 34.87
CA TYR A 307 -9.29 23.90 34.00
C TYR A 307 -8.96 25.17 34.79
N GLN A 308 -7.88 25.87 34.42
CA GLN A 308 -7.46 27.13 35.09
C GLN A 308 -8.57 28.18 34.87
N ASP A 309 -9.11 28.25 33.66
CA ASP A 309 -10.15 29.25 33.32
C ASP A 309 -11.15 28.63 32.34
N SER A 310 -12.03 29.46 31.78
CA SER A 310 -13.16 29.05 30.93
C SER A 310 -12.79 29.01 29.45
N SER A 311 -11.50 29.08 29.10
CA SER A 311 -11.06 29.24 27.69
C SER A 311 -11.32 27.94 26.91
N ILE A 312 -11.33 26.79 27.57
CA ILE A 312 -11.73 25.49 26.95
C ILE A 312 -13.04 25.64 26.15
N VAL A 313 -13.98 26.46 26.61
CA VAL A 313 -15.29 26.66 25.92
C VAL A 313 -15.04 27.16 24.50
N ASN A 314 -14.16 28.16 24.33
CA ASN A 314 -13.83 28.75 22.99
C ASN A 314 -12.96 27.77 22.18
N ALA A 315 -12.32 26.80 22.84
CA ALA A 315 -11.43 25.81 22.21
C ALA A 315 -12.25 24.69 21.55
N LEU A 316 -13.52 24.52 21.95
CA LEU A 316 -14.39 23.44 21.43
C LEU A 316 -15.31 23.97 20.33
N TYR A 317 -15.02 25.16 19.78
CA TYR A 317 -15.54 25.59 18.45
C TYR A 317 -14.94 24.66 17.40
N LEU A 318 -15.71 24.32 16.36
CA LEU A 318 -15.36 23.24 15.40
C LEU A 318 -14.15 23.66 14.55
N ASP A 319 -13.96 24.95 14.27
N ASP A 319 -13.97 24.95 14.28
CA ASP A 319 -12.84 25.41 13.42
CA ASP A 319 -12.86 25.46 13.44
C ASP A 319 -11.51 25.15 14.14
C ASP A 319 -11.52 25.16 14.14
N ILE A 320 -11.48 25.25 15.47
CA ILE A 320 -10.30 24.88 16.29
C ILE A 320 -10.18 23.36 16.34
N LEU A 321 -11.25 22.64 16.67
CA LEU A 321 -11.21 21.16 16.81
C LEU A 321 -10.76 20.51 15.50
N ARG A 322 -11.04 21.13 14.35
CA ARG A 322 -10.74 20.56 13.01
C ARG A 322 -9.38 21.07 12.50
N GLY A 323 -8.77 22.03 13.20
CA GLY A 323 -7.63 22.84 12.72
C GLY A 323 -6.27 22.23 13.05
N GLN A 324 -5.19 22.97 12.77
CA GLN A 324 -3.79 22.46 12.92
C GLN A 324 -3.18 23.06 14.19
N LYS A 325 -3.99 23.55 15.12
CA LYS A 325 -3.51 24.17 16.38
C LYS A 325 -4.16 23.52 17.61
N THR A 326 -4.41 22.22 17.60
CA THR A 326 -5.19 21.55 18.68
C THR A 326 -4.39 21.51 19.98
N ASP A 327 -3.07 21.69 19.96
CA ASP A 327 -2.26 21.79 21.20
C ASP A 327 -2.62 23.09 21.94
N THR A 328 -3.48 23.91 21.36
CA THR A 328 -4.05 25.13 22.00
C THR A 328 -5.15 24.76 23.01
N ILE A 329 -5.78 23.60 22.89
CA ILE A 329 -6.92 23.15 23.73
C ILE A 329 -6.42 22.89 25.15
N PRO A 330 -6.84 23.71 26.15
CA PRO A 330 -6.36 23.58 27.52
C PRO A 330 -6.69 22.22 28.14
N THR A 331 -5.78 21.70 28.97
CA THR A 331 -5.90 20.42 29.69
C THR A 331 -6.63 20.63 31.01
N SER A 332 -7.26 19.56 31.50
CA SER A 332 -7.96 19.52 32.81
C SER A 332 -7.39 18.35 33.62
N HIS A 333 -7.39 18.46 34.95
CA HIS A 333 -6.87 17.44 35.88
C HIS A 333 -7.86 17.22 37.04
N ILE A 334 -7.80 16.07 37.71
CA ILE A 334 -8.63 15.76 38.90
C ILE A 334 -8.06 16.56 40.08
N ARG A 335 -8.82 17.57 40.53
CA ARG A 335 -8.57 18.32 41.78
C ARG A 335 -9.57 17.85 42.84
N ARG A 336 -9.05 17.48 44.00
CA ARG A 336 -9.87 17.21 45.21
C ARG A 336 -9.91 18.49 46.06
N TYR A 337 -11.05 19.19 46.04
CA TYR A 337 -11.32 20.35 46.93
C TYR A 337 -11.80 19.81 48.28
N ARG A 338 -11.23 20.35 49.37
CA ARG A 338 -11.61 20.02 50.76
C ARG A 338 -12.38 21.21 51.33
N ILE A 339 -13.68 21.03 51.60
CA ILE A 339 -14.55 22.07 52.23
C ILE A 339 -14.61 21.77 53.73
N PRO A 340 -14.02 22.64 54.57
CA PRO A 340 -14.15 22.50 56.02
C PRO A 340 -15.47 23.18 56.41
N LEU A 341 -16.48 22.41 56.82
CA LEU A 341 -17.82 22.95 57.20
C LEU A 341 -17.65 23.88 58.41
N SER A 342 -16.74 23.54 59.34
CA SER A 342 -16.31 24.36 60.50
C SER A 342 -15.90 25.77 60.05
N GLY A 343 -15.47 25.93 58.79
CA GLY A 343 -15.17 27.23 58.15
C GLY A 343 -13.73 27.33 57.69
N GLY A 344 -13.47 28.19 56.69
CA GLY A 344 -12.11 28.48 56.16
C GLY A 344 -12.08 28.47 54.65
N GLN A 345 -11.03 29.04 54.05
CA GLN A 345 -10.79 29.03 52.58
C GLN A 345 -10.74 27.57 52.12
N VAL A 346 -11.34 27.27 50.98
CA VAL A 346 -11.35 25.93 50.34
C VAL A 346 -10.04 25.77 49.56
N GLU A 347 -9.20 24.81 49.96
CA GLU A 347 -7.94 24.45 49.27
C GLU A 347 -8.20 23.15 48.47
N TYR A 348 -7.31 22.79 47.56
CA TYR A 348 -7.38 21.52 46.78
C TYR A 348 -5.98 20.89 46.69
N GLU A 349 -5.94 19.61 46.32
CA GLU A 349 -4.72 18.89 45.87
C GLU A 349 -5.07 18.09 44.60
N MET A 350 -4.08 17.84 43.74
CA MET A 350 -4.23 17.02 42.51
C MET A 350 -4.22 15.54 42.91
N LEU A 351 -5.10 14.73 42.33
CA LEU A 351 -5.18 13.27 42.63
C LEU A 351 -4.35 12.47 41.64
N SER A 352 -3.99 13.11 40.52
CA SER A 352 -3.26 12.48 39.40
C SER A 352 -2.64 13.60 38.55
N SER A 353 -1.50 13.32 37.93
CA SER A 353 -0.79 14.24 37.00
C SER A 353 -1.33 14.05 35.58
N GLU A 354 -2.20 13.07 35.35
N GLU A 354 -2.20 13.07 35.35
CA GLU A 354 -2.80 12.78 34.03
CA GLU A 354 -2.80 12.78 34.03
C GLU A 354 -3.79 13.88 33.68
C GLU A 354 -3.79 13.88 33.68
N ALA A 355 -3.74 14.41 32.45
CA ALA A 355 -4.84 15.21 31.86
C ALA A 355 -6.01 14.26 31.61
N VAL A 356 -7.22 14.59 32.09
CA VAL A 356 -8.42 13.71 32.05
C VAL A 356 -9.65 14.55 31.65
N GLU A 357 -10.50 13.98 30.77
CA GLU A 357 -11.91 14.46 30.62
C GLU A 357 -12.86 13.25 30.56
N LEU A 358 -14.16 13.54 30.46
CA LEU A 358 -15.26 12.54 30.42
C LEU A 358 -15.07 11.52 31.53
N PRO A 359 -14.99 11.97 32.80
CA PRO A 359 -14.78 11.05 33.93
C PRO A 359 -16.03 10.19 34.18
N ARG A 360 -15.80 8.95 34.59
CA ARG A 360 -16.86 8.00 35.04
C ARG A 360 -16.29 7.18 36.21
N ILE A 361 -17.19 6.72 37.08
CA ILE A 361 -16.86 5.86 38.25
C ILE A 361 -17.81 4.68 38.28
N ASN A 362 -17.58 3.75 39.21
CA ASN A 362 -18.60 2.79 39.68
C ASN A 362 -19.68 3.63 40.39
N TYR A 363 -20.54 4.27 39.61
CA TYR A 363 -21.54 5.25 40.08
C TYR A 363 -22.53 4.56 41.03
N LYS A 364 -23.13 3.45 40.59
CA LYS A 364 -24.19 2.72 41.34
C LYS A 364 -23.73 2.48 42.78
N GLN A 365 -22.47 2.09 42.99
CA GLN A 365 -21.97 1.62 44.31
C GLN A 365 -21.19 2.71 45.06
N TYR A 366 -20.63 3.72 44.38
CA TYR A 366 -19.62 4.63 45.00
C TYR A 366 -19.94 6.12 44.84
N ASN A 367 -20.93 6.52 44.04
CA ASN A 367 -21.38 7.93 44.00
C ASN A 367 -21.79 8.33 45.43
N THR A 368 -21.26 9.46 45.92
CA THR A 368 -21.49 10.05 47.28
C THR A 368 -20.55 9.44 48.33
N LYS A 369 -19.74 8.43 47.95
CA LYS A 369 -18.91 7.65 48.90
C LYS A 369 -17.42 7.79 48.57
N ASP A 370 -16.57 7.63 49.59
CA ASP A 370 -15.10 7.48 49.43
C ASP A 370 -14.87 6.34 48.43
N TYR A 371 -13.88 6.49 47.57
CA TYR A 371 -13.68 5.65 46.35
C TYR A 371 -12.21 5.72 45.93
N ARG A 372 -11.82 4.89 44.96
CA ARG A 372 -10.40 4.66 44.56
C ARG A 372 -10.18 4.87 43.05
N PHE A 373 -11.20 4.68 42.20
CA PHE A 373 -11.00 4.50 40.74
C PHE A 373 -11.83 5.53 39.92
N VAL A 374 -11.14 6.23 39.00
CA VAL A 374 -11.71 7.14 37.98
C VAL A 374 -11.30 6.63 36.59
N TYR A 375 -12.24 6.56 35.66
CA TYR A 375 -12.01 6.23 34.22
C TYR A 375 -12.27 7.50 33.43
N GLY A 376 -11.51 7.72 32.35
CA GLY A 376 -11.65 8.93 31.51
C GLY A 376 -10.89 8.82 30.21
N ILE A 377 -10.88 9.90 29.43
CA ILE A 377 -10.05 10.01 28.20
C ILE A 377 -8.78 10.80 28.57
N SER A 378 -7.61 10.41 28.04
CA SER A 378 -6.36 11.19 28.28
C SER A 378 -6.30 12.36 27.31
N THR A 379 -6.11 13.57 27.85
CA THR A 379 -5.97 14.83 27.09
C THR A 379 -4.56 15.41 27.28
N TYR A 380 -3.59 14.56 27.61
CA TYR A 380 -2.22 14.93 28.06
C TYR A 380 -1.33 15.29 26.87
N SER A 381 -1.64 14.72 25.69
CA SER A 381 -1.03 14.97 24.36
C SER A 381 0.40 14.43 24.33
N ALA A 382 0.61 13.25 24.93
CA ALA A 382 1.91 12.54 24.94
C ALA A 382 2.29 12.12 23.51
N SER A 383 1.29 11.67 22.73
CA SER A 383 1.43 11.18 21.34
C SER A 383 0.36 11.78 20.41
N ASP A 384 -0.84 12.07 20.92
CA ASP A 384 -1.95 12.62 20.09
C ASP A 384 -3.03 13.28 20.96
N PHE A 385 -4.00 13.93 20.31
CA PHE A 385 -5.26 14.46 20.90
C PHE A 385 -6.18 13.29 21.32
N ALA A 386 -6.67 13.28 22.56
CA ALA A 386 -7.76 12.38 23.04
C ALA A 386 -7.69 10.97 22.44
N ASN A 387 -6.56 10.28 22.62
CA ASN A 387 -6.21 9.03 21.93
C ASN A 387 -6.04 7.89 22.94
N GLN A 388 -6.22 8.14 24.25
CA GLN A 388 -6.08 7.07 25.26
C GLN A 388 -7.32 7.03 26.17
N LEU A 389 -7.69 5.81 26.60
CA LEU A 389 -8.50 5.61 27.83
C LEU A 389 -7.52 5.48 28.99
N VAL A 390 -7.89 6.02 30.15
CA VAL A 390 -7.05 6.01 31.38
C VAL A 390 -7.92 5.50 32.53
N LYS A 391 -7.31 4.77 33.45
CA LYS A 391 -7.89 4.38 34.75
C LYS A 391 -6.95 4.89 35.85
N ILE A 392 -7.40 5.87 36.63
CA ILE A 392 -6.59 6.48 37.73
C ILE A 392 -6.88 5.69 39.01
N ASP A 393 -5.83 5.19 39.65
CA ASP A 393 -5.90 4.61 41.01
C ASP A 393 -5.54 5.73 41.98
N ILE A 394 -6.55 6.33 42.61
CA ILE A 394 -6.42 7.50 43.53
C ILE A 394 -5.52 7.12 44.71
N LEU A 395 -5.59 5.87 45.17
CA LEU A 395 -4.88 5.40 46.38
C LEU A 395 -3.38 5.30 46.09
N ARG A 396 -3.00 4.47 45.11
CA ARG A 396 -1.60 4.17 44.72
C ARG A 396 -1.07 5.26 43.78
N LYS A 397 -1.75 6.41 43.68
CA LYS A 397 -1.35 7.54 42.79
C LYS A 397 -0.68 6.99 41.53
N SER A 398 -1.35 6.07 40.84
CA SER A 398 -0.87 5.39 39.60
C SER A 398 -2.00 5.41 38.57
N SER A 399 -1.72 4.93 37.35
CA SER A 399 -2.74 4.86 36.27
C SER A 399 -2.43 3.73 35.30
N LYS A 400 -3.49 3.17 34.69
CA LYS A 400 -3.41 2.19 33.58
C LYS A 400 -3.94 2.87 32.32
N ILE A 401 -3.45 2.48 31.16
CA ILE A 401 -3.73 3.17 29.87
C ILE A 401 -4.14 2.13 28.83
N TRP A 402 -5.13 2.47 28.01
CA TRP A 402 -5.46 1.75 26.76
C TRP A 402 -5.32 2.74 25.59
N SER A 403 -4.81 2.28 24.45
CA SER A 403 -4.69 3.09 23.21
C SER A 403 -4.42 2.15 22.03
N GLU A 404 -4.54 2.68 20.82
CA GLU A 404 -4.32 1.93 19.55
C GLU A 404 -4.01 2.93 18.43
N LYS A 405 -2.95 2.68 17.65
CA LYS A 405 -2.52 3.55 16.52
C LYS A 405 -3.77 4.11 15.82
N ASP A 406 -3.90 5.44 15.77
CA ASP A 406 -4.88 6.19 14.94
C ASP A 406 -6.31 5.95 15.43
N CYS A 407 -6.47 5.58 16.71
CA CYS A 407 -7.80 5.36 17.35
C CYS A 407 -8.04 6.42 18.42
N TYR A 408 -9.29 6.91 18.50
CA TYR A 408 -9.75 7.99 19.41
C TYR A 408 -10.94 7.45 20.21
N PRO A 409 -10.72 6.97 21.45
CA PRO A 409 -11.77 6.36 22.25
C PRO A 409 -12.68 7.37 22.95
N GLY A 410 -13.99 7.08 22.99
CA GLY A 410 -15.01 7.91 23.66
C GLY A 410 -15.08 7.61 25.16
N GLU A 411 -16.01 8.28 25.84
CA GLU A 411 -16.30 8.15 27.29
C GLU A 411 -16.32 6.68 27.72
N PRO A 412 -15.54 6.31 28.76
CA PRO A 412 -15.57 4.95 29.31
C PRO A 412 -16.71 4.78 30.33
N VAL A 413 -17.71 3.96 29.99
CA VAL A 413 -18.88 3.68 30.85
C VAL A 413 -18.58 2.40 31.65
N PHE A 414 -18.54 2.51 32.99
CA PHE A 414 -18.36 1.34 33.89
C PHE A 414 -19.69 0.59 34.03
N VAL A 415 -19.66 -0.74 34.00
CA VAL A 415 -20.80 -1.65 34.31
C VAL A 415 -20.29 -2.72 35.31
N GLY A 416 -20.71 -2.63 36.58
CA GLY A 416 -20.33 -3.59 37.64
C GLY A 416 -20.77 -5.00 37.27
N ALA A 417 -20.00 -6.01 37.66
CA ALA A 417 -20.31 -7.43 37.43
C ALA A 417 -21.31 -7.89 38.47
N PRO A 418 -22.06 -9.00 38.21
CA PRO A 418 -22.99 -9.53 39.20
C PRO A 418 -22.28 -9.90 40.52
N ASP A 419 -22.87 -9.54 41.65
CA ASP A 419 -22.39 -9.85 43.03
C ASP A 419 -20.89 -9.49 43.15
N ALA A 420 -20.50 -8.33 42.61
CA ALA A 420 -19.12 -7.80 42.66
C ALA A 420 -18.78 -7.42 44.12
N THR A 421 -17.58 -7.76 44.58
CA THR A 421 -17.06 -7.44 45.94
C THR A 421 -16.03 -6.29 45.88
N LYS A 422 -15.56 -5.93 44.67
CA LYS A 422 -14.52 -4.88 44.46
C LYS A 422 -15.08 -3.73 43.63
N GLU A 423 -14.52 -2.53 43.81
CA GLU A 423 -14.98 -1.27 43.17
C GLU A 423 -14.77 -1.34 41.65
N ASP A 424 -13.76 -2.08 41.20
CA ASP A 424 -13.33 -2.10 39.77
C ASP A 424 -13.61 -3.48 39.16
N GLU A 425 -14.47 -4.28 39.78
CA GLU A 425 -14.93 -5.59 39.21
C GLU A 425 -16.10 -5.31 38.28
N GLY A 426 -15.86 -5.39 36.96
CA GLY A 426 -16.87 -5.21 35.91
C GLY A 426 -16.23 -4.97 34.56
N LEU A 427 -16.91 -4.21 33.69
CA LEU A 427 -16.46 -3.90 32.30
C LEU A 427 -16.45 -2.39 32.10
N ILE A 428 -15.65 -1.93 31.13
CA ILE A 428 -15.68 -0.54 30.59
C ILE A 428 -16.13 -0.64 29.12
N LEU A 429 -17.10 0.19 28.73
CA LEU A 429 -17.61 0.27 27.32
C LEU A 429 -17.26 1.66 26.78
N SER A 430 -16.58 1.69 25.62
CA SER A 430 -16.12 2.92 24.94
C SER A 430 -16.35 2.79 23.43
N ALA A 431 -17.08 3.73 22.83
CA ALA A 431 -17.17 3.88 21.36
C ALA A 431 -15.87 4.51 20.85
N VAL A 432 -15.11 3.77 20.05
CA VAL A 432 -13.75 4.16 19.59
C VAL A 432 -13.80 4.45 18.08
N LEU A 433 -13.27 5.58 17.65
CA LEU A 433 -13.12 5.93 16.21
C LEU A 433 -11.79 5.36 15.74
N ASP A 434 -11.80 4.57 14.66
CA ASP A 434 -10.59 4.11 13.92
C ASP A 434 -10.47 4.96 12.65
N ALA A 435 -9.58 5.96 12.68
CA ALA A 435 -9.46 7.03 11.66
C ALA A 435 -9.00 6.46 10.31
N THR A 436 -8.08 5.49 10.32
CA THR A 436 -7.51 4.86 9.10
C THR A 436 -8.57 3.94 8.46
N ASN A 437 -9.39 3.30 9.29
CA ASN A 437 -10.48 2.38 8.87
C ASN A 437 -11.75 3.20 8.58
N ALA A 438 -11.80 4.47 9.00
CA ALA A 438 -12.91 5.42 8.75
C ALA A 438 -14.24 4.85 9.30
N LYS A 439 -14.16 4.06 10.38
CA LYS A 439 -15.29 3.37 11.03
C LYS A 439 -14.99 3.24 12.52
N SER A 440 -16.04 3.16 13.35
CA SER A 440 -15.93 3.05 14.84
C SER A 440 -16.16 1.60 15.27
N PHE A 441 -15.74 1.27 16.48
CA PHE A 441 -15.98 -0.04 17.14
C PHE A 441 -16.31 0.20 18.61
N LEU A 442 -17.15 -0.65 19.20
CA LEU A 442 -17.36 -0.68 20.67
C LEU A 442 -16.24 -1.53 21.28
N LEU A 443 -15.48 -0.94 22.21
CA LEU A 443 -14.38 -1.61 22.94
C LEU A 443 -14.90 -2.02 24.32
N ILE A 444 -14.66 -3.27 24.72
CA ILE A 444 -15.03 -3.78 26.06
C ILE A 444 -13.73 -4.20 26.77
N LEU A 445 -13.36 -3.46 27.82
CA LEU A 445 -12.22 -3.77 28.71
C LEU A 445 -12.77 -4.43 29.97
N ASP A 446 -12.06 -5.41 30.53
CA ASP A 446 -12.21 -5.77 31.96
C ASP A 446 -11.73 -4.56 32.77
N ALA A 447 -12.51 -4.12 33.75
CA ALA A 447 -12.25 -2.88 34.52
C ALA A 447 -11.05 -3.07 35.47
N THR A 448 -10.74 -4.31 35.89
CA THR A 448 -9.65 -4.61 36.84
C THR A 448 -8.29 -4.56 36.12
N THR A 449 -8.15 -5.29 35.01
CA THR A 449 -6.91 -5.38 34.19
C THR A 449 -6.80 -4.14 33.29
N PHE A 450 -7.94 -3.60 32.87
CA PHE A 450 -8.07 -2.49 31.89
C PHE A 450 -7.54 -2.94 30.51
N GLU A 451 -7.61 -4.25 30.23
CA GLU A 451 -7.27 -4.84 28.92
C GLU A 451 -8.54 -5.33 28.20
N GLU A 452 -8.48 -5.38 26.87
CA GLU A 452 -9.60 -5.71 25.95
C GLU A 452 -10.05 -7.15 26.20
N VAL A 453 -11.35 -7.39 26.32
CA VAL A 453 -11.96 -8.75 26.33
C VAL A 453 -12.77 -8.95 25.04
N ALA A 454 -13.25 -7.89 24.40
CA ALA A 454 -14.02 -7.97 23.13
C ALA A 454 -14.08 -6.60 22.44
N ARG A 455 -14.40 -6.60 21.15
CA ARG A 455 -14.82 -5.39 20.39
C ARG A 455 -15.89 -5.79 19.35
N ALA A 456 -16.78 -4.85 19.03
CA ALA A 456 -17.84 -5.02 18.01
C ALA A 456 -17.69 -3.92 16.95
N GLU A 457 -17.44 -4.32 15.70
CA GLU A 457 -17.24 -3.39 14.55
C GLU A 457 -18.58 -2.73 14.23
N VAL A 458 -18.56 -1.45 13.87
CA VAL A 458 -19.76 -0.70 13.38
C VAL A 458 -19.51 -0.30 11.92
N PRO A 459 -20.45 -0.53 10.99
CA PRO A 459 -20.20 -0.31 9.57
C PRO A 459 -19.92 1.13 9.11
N HIS A 460 -20.03 2.11 10.02
CA HIS A 460 -19.80 3.56 9.74
C HIS A 460 -19.03 4.19 10.91
N HIS A 461 -18.68 5.49 10.78
CA HIS A 461 -18.07 6.28 11.88
C HIS A 461 -19.17 6.82 12.80
N ILE A 462 -18.97 6.70 14.12
CA ILE A 462 -19.80 7.36 15.18
C ILE A 462 -19.10 8.67 15.53
N PRO A 463 -19.64 9.85 15.13
CA PRO A 463 -19.04 11.14 15.50
C PRO A 463 -18.76 11.21 17.00
N PHE A 464 -17.71 11.95 17.38
CA PHE A 464 -17.31 12.18 18.78
C PHE A 464 -18.55 12.68 19.53
N GLY A 465 -18.97 11.93 20.54
CA GLY A 465 -20.19 12.17 21.31
C GLY A 465 -19.87 12.79 22.66
N PHE A 466 -20.88 12.92 23.52
CA PHE A 466 -20.73 13.39 24.92
C PHE A 466 -20.93 12.19 25.84
N HIS A 467 -22.16 11.94 26.28
CA HIS A 467 -22.46 11.00 27.38
C HIS A 467 -23.36 9.86 26.90
N GLY A 468 -23.24 8.73 27.59
CA GLY A 468 -24.08 7.53 27.39
C GLY A 468 -24.29 6.83 28.71
N ASN A 469 -25.28 5.94 28.76
CA ASN A 469 -25.58 5.17 29.98
C ASN A 469 -25.97 3.74 29.61
N TYR A 470 -25.65 2.79 30.49
CA TYR A 470 -26.03 1.36 30.39
C TYR A 470 -27.30 1.15 31.21
N PHE A 471 -28.36 0.67 30.54
CA PHE A 471 -29.66 0.30 31.15
C PHE A 471 -29.79 -1.22 31.11
N GLU A 472 -30.02 -1.83 32.26
CA GLU A 472 -30.25 -3.30 32.40
C GLU A 472 -31.52 -3.69 31.62
N ASN B 7 1.11 -13.68 7.74
CA ASN B 7 0.69 -14.40 6.50
C ASN B 7 -0.39 -13.60 5.78
N LYS B 8 -0.49 -13.74 4.45
CA LYS B 8 -1.58 -13.20 3.60
C LYS B 8 -2.87 -14.01 3.85
N PHE B 9 -2.73 -15.32 4.06
CA PHE B 9 -3.82 -16.30 4.18
C PHE B 9 -4.24 -16.43 5.65
N GLN B 10 -3.63 -15.67 6.56
CA GLN B 10 -3.91 -15.67 8.03
C GLN B 10 -5.42 -15.68 8.29
N LEU B 11 -6.20 -14.98 7.45
CA LEU B 11 -7.67 -14.80 7.60
C LEU B 11 -8.38 -16.17 7.56
N GLY B 12 -7.88 -17.11 6.77
CA GLY B 12 -8.42 -18.48 6.64
C GLY B 12 -8.32 -19.29 7.92
N PHE B 13 -7.49 -18.86 8.86
CA PHE B 13 -7.27 -19.51 10.17
C PHE B 13 -7.76 -18.60 11.31
N SER B 14 -8.59 -17.61 10.99
CA SER B 14 -9.23 -16.69 11.97
C SER B 14 -10.74 -16.98 12.06
N THR B 15 -11.31 -16.79 13.25
CA THR B 15 -12.71 -17.13 13.60
C THR B 15 -13.66 -16.39 12.66
N LEU B 16 -14.75 -17.05 12.25
CA LEU B 16 -15.94 -16.45 11.59
C LEU B 16 -17.12 -16.55 12.57
N SER B 17 -17.55 -15.43 13.15
CA SER B 17 -18.64 -15.35 14.15
C SER B 17 -19.98 -15.05 13.44
N GLU B 18 -19.97 -14.72 12.15
CA GLU B 18 -21.17 -14.33 11.37
C GLU B 18 -21.86 -15.58 10.82
N GLU B 19 -23.15 -15.74 11.12
CA GLU B 19 -24.05 -16.80 10.59
C GLU B 19 -25.21 -16.10 9.87
N LEU B 20 -25.46 -16.41 8.59
CA LEU B 20 -26.58 -15.81 7.83
C LEU B 20 -27.21 -16.81 6.87
N ASP B 21 -28.42 -16.48 6.38
CA ASP B 21 -29.19 -17.24 5.37
C ASP B 21 -29.59 -16.27 4.25
N LEU B 22 -29.14 -16.52 3.02
CA LEU B 22 -29.35 -15.62 1.83
C LEU B 22 -29.87 -16.45 0.65
N GLU B 23 -30.96 -16.00 0.02
CA GLU B 23 -31.68 -16.74 -1.06
C GLU B 23 -30.83 -16.69 -2.35
N SER B 24 -30.19 -15.54 -2.64
CA SER B 24 -29.36 -15.33 -3.86
C SER B 24 -27.99 -14.73 -3.49
N LEU B 25 -26.90 -15.38 -3.93
CA LEU B 25 -25.53 -14.80 -4.01
C LEU B 25 -25.35 -14.19 -5.40
N GLN B 26 -24.61 -13.09 -5.53
CA GLN B 26 -24.23 -12.50 -6.85
C GLN B 26 -23.38 -13.55 -7.57
N VAL B 27 -23.81 -13.94 -8.78
CA VAL B 27 -23.13 -14.95 -9.64
C VAL B 27 -22.50 -14.23 -10.84
N LYS B 28 -21.23 -14.51 -11.12
CA LYS B 28 -20.52 -14.20 -12.38
C LYS B 28 -20.37 -15.50 -13.18
N GLY B 29 -20.46 -15.44 -14.51
CA GLY B 29 -20.53 -16.62 -15.38
C GLY B 29 -21.95 -17.18 -15.38
N THR B 30 -22.12 -18.46 -15.72
CA THR B 30 -23.44 -19.15 -15.68
C THR B 30 -23.25 -20.58 -15.15
N ILE B 31 -24.09 -20.92 -14.17
CA ILE B 31 -24.16 -22.24 -13.48
C ILE B 31 -25.14 -23.12 -14.26
N PRO B 32 -24.73 -24.29 -14.78
CA PRO B 32 -25.65 -25.10 -15.59
C PRO B 32 -27.00 -25.33 -14.88
N LYS B 33 -28.10 -25.30 -15.64
CA LYS B 33 -29.50 -25.43 -15.15
C LYS B 33 -29.66 -26.74 -14.36
N TRP B 34 -28.89 -27.78 -14.72
CA TRP B 34 -29.08 -29.17 -14.24
C TRP B 34 -28.54 -29.32 -12.81
N LEU B 35 -27.72 -28.39 -12.34
CA LEU B 35 -27.25 -28.37 -10.92
C LEU B 35 -28.44 -27.96 -10.05
N SER B 36 -29.09 -28.92 -9.39
CA SER B 36 -30.35 -28.75 -8.60
C SER B 36 -30.14 -29.22 -7.15
N GLY B 37 -28.94 -29.63 -6.78
CA GLY B 37 -28.64 -30.20 -5.44
C GLY B 37 -28.14 -29.16 -4.46
N THR B 38 -27.62 -29.62 -3.33
CA THR B 38 -27.03 -28.79 -2.25
C THR B 38 -25.59 -29.29 -1.99
N LEU B 39 -24.63 -28.35 -1.93
CA LEU B 39 -23.26 -28.60 -1.45
C LEU B 39 -23.21 -28.20 0.04
N ILE B 40 -22.75 -29.12 0.89
CA ILE B 40 -22.43 -28.83 2.32
C ILE B 40 -20.90 -28.88 2.51
N ARG B 41 -20.33 -27.81 3.06
CA ARG B 41 -18.90 -27.71 3.48
C ARG B 41 -18.83 -27.84 5.00
N ASN B 42 -17.91 -28.64 5.52
CA ASN B 42 -17.61 -28.69 6.97
C ASN B 42 -16.15 -28.22 7.18
N GLY B 43 -15.91 -27.64 8.36
CA GLY B 43 -14.57 -27.27 8.80
C GLY B 43 -14.62 -26.50 10.10
N PRO B 44 -13.45 -26.23 10.71
CA PRO B 44 -13.35 -25.41 11.91
C PRO B 44 -13.57 -23.95 11.51
N ALA B 45 -14.22 -23.17 12.37
CA ALA B 45 -14.59 -21.75 12.11
C ALA B 45 -14.45 -20.90 13.36
N LYS B 46 -14.16 -21.50 14.51
CA LYS B 46 -13.89 -20.78 15.78
C LYS B 46 -12.65 -21.41 16.43
N PHE B 47 -11.58 -20.63 16.55
CA PHE B 47 -10.22 -21.13 16.89
C PHE B 47 -9.84 -20.70 18.30
N GLU B 48 -10.75 -20.04 19.02
CA GLU B 48 -10.55 -19.68 20.44
C GLU B 48 -11.90 -19.67 21.18
N VAL B 49 -11.84 -19.75 22.50
CA VAL B 49 -12.97 -19.64 23.46
C VAL B 49 -12.49 -18.74 24.59
N GLY B 50 -12.99 -17.50 24.65
CA GLY B 50 -12.46 -16.45 25.54
C GLY B 50 -10.96 -16.31 25.39
N LYS B 51 -10.21 -16.45 26.48
CA LYS B 51 -8.73 -16.26 26.54
C LYS B 51 -8.01 -17.57 26.18
N GLU B 52 -8.74 -18.69 26.09
CA GLU B 52 -8.20 -20.03 25.70
C GLU B 52 -8.20 -20.17 24.18
N LYS B 53 -7.09 -20.62 23.59
CA LYS B 53 -6.91 -20.81 22.13
C LYS B 53 -6.86 -22.31 21.82
N PHE B 54 -7.43 -22.72 20.70
CA PHE B 54 -7.29 -24.10 20.16
C PHE B 54 -5.90 -24.21 19.56
N GLN B 55 -5.17 -25.28 19.88
CA GLN B 55 -3.74 -25.45 19.48
C GLN B 55 -3.64 -25.84 17.99
N HIS B 56 -4.52 -26.71 17.50
CA HIS B 56 -4.40 -27.37 16.17
C HIS B 56 -5.53 -26.94 15.24
N TRP B 57 -5.26 -26.97 13.94
CA TRP B 57 -6.26 -26.75 12.86
C TRP B 57 -7.46 -27.68 13.09
N PHE B 58 -7.22 -28.92 13.50
CA PHE B 58 -8.24 -30.01 13.65
C PHE B 58 -9.14 -29.76 14.86
N ASP B 59 -8.79 -28.83 15.75
CA ASP B 59 -9.50 -28.54 17.03
C ASP B 59 -10.64 -27.52 16.86
N GLY B 60 -10.64 -26.72 15.79
CA GLY B 60 -11.60 -25.61 15.64
C GLY B 60 -13.05 -26.10 15.61
N LEU B 61 -13.97 -25.33 16.18
CA LEU B 61 -15.40 -25.73 16.38
C LEU B 61 -16.11 -25.71 15.02
N ALA B 62 -16.74 -26.84 14.67
CA ALA B 62 -17.39 -27.11 13.38
C ALA B 62 -18.41 -26.02 13.04
N MET B 63 -18.38 -25.58 11.77
CA MET B 63 -19.40 -24.74 11.12
C MET B 63 -19.73 -25.38 9.77
N LEU B 64 -21.02 -25.42 9.42
CA LEU B 64 -21.52 -25.93 8.12
C LEU B 64 -21.81 -24.74 7.21
N HIS B 65 -21.54 -24.90 5.93
CA HIS B 65 -21.85 -23.93 4.84
C HIS B 65 -22.74 -24.65 3.83
N LYS B 66 -23.85 -24.04 3.45
CA LYS B 66 -24.83 -24.63 2.50
C LYS B 66 -24.87 -23.78 1.23
N PHE B 67 -24.60 -24.42 0.08
CA PHE B 67 -24.76 -23.86 -1.29
C PHE B 67 -25.84 -24.71 -2.00
N SER B 68 -27.05 -24.18 -2.10
CA SER B 68 -28.21 -24.84 -2.76
C SER B 68 -28.43 -24.20 -4.13
N PHE B 69 -28.48 -25.02 -5.19
CA PHE B 69 -28.57 -24.59 -6.60
C PHE B 69 -30.01 -24.80 -7.12
N LYS B 70 -30.62 -23.72 -7.63
CA LYS B 70 -31.89 -23.77 -8.41
C LYS B 70 -31.74 -22.97 -9.71
N GLU B 71 -31.84 -23.64 -10.86
CA GLU B 71 -31.90 -23.03 -12.22
C GLU B 71 -30.94 -21.83 -12.33
N GLY B 72 -29.64 -22.05 -12.10
CA GLY B 72 -28.59 -21.05 -12.37
C GLY B 72 -28.37 -20.07 -11.22
N LYS B 73 -29.30 -20.02 -10.25
CA LYS B 73 -29.16 -19.21 -9.01
C LYS B 73 -28.53 -20.10 -7.94
N VAL B 74 -27.98 -19.50 -6.88
CA VAL B 74 -27.36 -20.22 -5.74
C VAL B 74 -27.68 -19.48 -4.43
N SER B 75 -28.20 -20.21 -3.44
CA SER B 75 -28.50 -19.73 -2.06
C SER B 75 -27.35 -20.12 -1.15
N TYR B 76 -27.13 -19.39 -0.06
CA TYR B 76 -26.06 -19.67 0.93
C TYR B 76 -26.59 -19.47 2.35
N ALA B 77 -26.25 -20.43 3.20
CA ALA B 77 -26.49 -20.40 4.66
C ALA B 77 -25.27 -21.01 5.34
N ASN B 78 -24.93 -20.51 6.53
CA ASN B 78 -23.86 -21.05 7.40
C ASN B 78 -24.31 -20.93 8.86
N LYS B 79 -24.14 -22.02 9.62
N LYS B 79 -24.13 -22.02 9.62
CA LYS B 79 -24.36 -22.06 11.09
CA LYS B 79 -24.36 -22.06 11.08
C LYS B 79 -23.25 -22.91 11.73
C LYS B 79 -23.25 -22.91 11.73
N PHE B 80 -22.85 -22.55 12.94
CA PHE B 80 -22.03 -23.40 13.83
C PHE B 80 -22.85 -24.65 14.15
N LEU B 81 -22.20 -25.82 14.15
CA LEU B 81 -22.79 -27.07 14.67
C LEU B 81 -22.98 -26.87 16.18
N GLU B 82 -24.22 -27.02 16.67
CA GLU B 82 -24.55 -26.86 18.10
C GLU B 82 -24.33 -28.20 18.81
N SER B 83 -23.11 -28.71 18.70
CA SER B 83 -22.52 -29.81 19.50
C SER B 83 -22.51 -29.40 20.98
N LYS B 84 -22.29 -30.35 21.88
CA LYS B 84 -22.04 -30.09 23.33
C LYS B 84 -20.74 -29.30 23.47
N ALA B 85 -19.74 -29.59 22.63
CA ALA B 85 -18.45 -28.86 22.60
C ALA B 85 -18.73 -27.37 22.36
N TYR B 86 -19.48 -27.04 21.30
CA TYR B 86 -19.83 -25.64 20.93
C TYR B 86 -20.68 -24.98 22.03
N GLN B 87 -21.77 -25.64 22.41
CA GLN B 87 -22.76 -25.13 23.39
C GLN B 87 -22.03 -24.82 24.71
N SER B 88 -21.15 -25.70 25.14
CA SER B 88 -20.37 -25.57 26.40
C SER B 88 -19.44 -24.35 26.34
N ALA B 89 -18.71 -24.20 25.23
CA ALA B 89 -17.79 -23.07 24.97
C ALA B 89 -18.58 -21.76 24.95
N ARG B 90 -19.70 -21.74 24.22
CA ARG B 90 -20.59 -20.55 24.07
C ARG B 90 -21.10 -20.14 25.45
N ASP B 91 -21.50 -21.09 26.31
CA ASP B 91 -22.31 -20.83 27.53
C ASP B 91 -21.43 -20.76 28.79
N THR B 92 -20.19 -21.27 28.76
CA THR B 92 -19.26 -21.25 29.92
C THR B 92 -17.99 -20.43 29.62
N ASP B 93 -17.74 -20.09 28.34
CA ASP B 93 -16.49 -19.42 27.88
C ASP B 93 -15.27 -20.20 28.38
N LYS B 94 -15.39 -21.53 28.37
CA LYS B 94 -14.33 -22.50 28.71
C LYS B 94 -14.36 -23.62 27.66
N ILE B 95 -13.21 -23.99 27.10
CA ILE B 95 -13.06 -25.27 26.34
C ILE B 95 -13.39 -26.37 27.34
N SER B 96 -14.27 -27.30 26.98
CA SER B 96 -14.94 -28.22 27.94
C SER B 96 -14.83 -29.68 27.52
N TYR B 97 -14.50 -29.94 26.26
CA TYR B 97 -14.26 -31.29 25.69
C TYR B 97 -12.85 -31.37 25.13
N ARG B 98 -12.30 -32.58 25.14
CA ARG B 98 -10.95 -32.94 24.66
C ARG B 98 -10.99 -33.03 23.14
N GLU B 99 -10.23 -32.18 22.45
CA GLU B 99 -10.16 -32.16 20.98
C GLU B 99 -8.92 -32.98 20.55
N PHE B 100 -8.68 -33.02 19.24
CA PHE B 100 -7.53 -33.70 18.59
C PHE B 100 -6.20 -33.35 19.28
N ALA B 101 -5.97 -32.08 19.62
CA ALA B 101 -4.66 -31.60 20.14
C ALA B 101 -4.80 -30.52 21.22
N THR B 102 -6.02 -30.29 21.74
CA THR B 102 -6.27 -29.34 22.85
C THR B 102 -7.15 -30.01 23.90
N ASP B 103 -6.73 -29.95 25.17
CA ASP B 103 -7.49 -30.41 26.35
C ASP B 103 -7.99 -29.19 27.12
N PRO B 104 -9.16 -29.26 27.79
CA PRO B 104 -9.56 -28.18 28.69
C PRO B 104 -8.70 -28.13 29.97
N CYS B 105 -8.67 -26.98 30.64
CA CYS B 105 -7.73 -26.64 31.74
C CYS B 105 -8.33 -27.13 33.06
N LYS B 119 -15.92 -39.56 27.94
CA LYS B 119 -16.65 -38.35 27.45
C LYS B 119 -15.89 -37.71 26.29
N PHE B 120 -16.22 -38.15 25.06
CA PHE B 120 -15.54 -37.76 23.79
C PHE B 120 -16.18 -36.49 23.25
N THR B 121 -15.38 -35.57 22.67
CA THR B 121 -15.89 -34.38 21.93
C THR B 121 -16.85 -34.84 20.82
N ASP B 122 -17.85 -34.02 20.54
CA ASP B 122 -18.83 -34.19 19.43
C ASP B 122 -18.62 -33.04 18.44
N ASN B 123 -17.43 -32.42 18.46
CA ASN B 123 -17.05 -31.33 17.54
C ASN B 123 -16.81 -31.95 16.16
N ALA B 124 -17.92 -32.30 15.47
CA ALA B 124 -17.90 -33.03 14.19
C ALA B 124 -17.57 -32.05 13.08
N ASN B 125 -16.27 -31.78 12.87
CA ASN B 125 -15.78 -30.64 12.06
C ASN B 125 -15.11 -31.13 10.76
N VAL B 126 -15.14 -32.43 10.47
CA VAL B 126 -14.27 -33.00 9.40
C VAL B 126 -15.05 -33.19 8.09
N ASN B 127 -16.21 -33.85 8.13
CA ASN B 127 -16.94 -34.27 6.90
C ASN B 127 -18.43 -34.31 7.20
N VAL B 128 -19.25 -34.62 6.18
CA VAL B 128 -20.72 -34.81 6.26
C VAL B 128 -21.11 -35.95 5.32
N THR B 129 -22.14 -36.71 5.67
CA THR B 129 -22.71 -37.81 4.85
C THR B 129 -24.16 -38.05 5.28
N LYS B 130 -24.78 -39.12 4.76
CA LYS B 130 -26.15 -39.54 5.16
C LYS B 130 -26.10 -40.95 5.72
N ILE B 131 -26.71 -41.17 6.88
CA ILE B 131 -26.93 -42.51 7.50
C ILE B 131 -28.40 -42.59 7.89
N ALA B 132 -29.06 -43.71 7.58
CA ALA B 132 -30.51 -43.92 7.83
C ALA B 132 -31.30 -42.70 7.30
N GLU B 133 -30.99 -42.25 6.08
CA GLU B 133 -31.66 -41.13 5.38
C GLU B 133 -31.59 -39.82 6.21
N ARG B 134 -30.62 -39.70 7.13
CA ARG B 134 -30.38 -38.51 7.98
C ARG B 134 -29.00 -37.93 7.67
N PHE B 135 -28.90 -36.61 7.58
CA PHE B 135 -27.63 -35.87 7.35
C PHE B 135 -26.86 -35.79 8.67
N VAL B 136 -25.59 -36.22 8.64
CA VAL B 136 -24.67 -36.24 9.84
C VAL B 136 -23.36 -35.54 9.50
N ALA B 137 -22.88 -34.76 10.47
CA ALA B 137 -21.49 -34.23 10.56
C ALA B 137 -20.64 -35.26 11.28
N MET B 138 -19.37 -35.43 10.86
CA MET B 138 -18.45 -36.48 11.37
C MET B 138 -17.09 -35.89 11.77
N THR B 139 -16.55 -36.36 12.89
CA THR B 139 -15.12 -36.27 13.22
C THR B 139 -14.65 -37.70 13.50
N GLU B 140 -13.68 -37.89 14.39
CA GLU B 140 -12.95 -39.17 14.55
C GLU B 140 -13.30 -39.79 15.91
N THR B 141 -14.09 -39.10 16.73
CA THR B 141 -14.74 -39.67 17.93
C THR B 141 -15.90 -40.55 17.47
N PRO B 142 -16.37 -41.50 18.31
CA PRO B 142 -17.27 -42.57 17.87
C PRO B 142 -18.59 -42.20 17.18
N LEU B 143 -19.26 -41.11 17.60
CA LEU B 143 -20.66 -40.82 17.19
C LEU B 143 -20.70 -39.55 16.34
N PRO B 144 -21.32 -39.60 15.14
CA PRO B 144 -21.63 -38.41 14.37
C PRO B 144 -22.70 -37.52 15.04
N VAL B 145 -22.88 -36.31 14.51
CA VAL B 145 -23.89 -35.31 14.97
C VAL B 145 -24.83 -35.04 13.82
N GLU B 146 -26.12 -35.37 14.00
CA GLU B 146 -27.18 -35.19 12.99
C GLU B 146 -27.53 -33.71 12.87
N PHE B 147 -27.79 -33.26 11.65
CA PHE B 147 -28.22 -31.86 11.36
C PHE B 147 -29.28 -31.88 10.26
N ASP B 148 -30.06 -30.79 10.19
CA ASP B 148 -31.15 -30.59 9.22
C ASP B 148 -30.58 -29.83 8.01
N ILE B 149 -30.60 -30.43 6.82
CA ILE B 149 -30.03 -29.81 5.58
C ILE B 149 -30.82 -28.54 5.22
N ASN B 150 -32.10 -28.47 5.57
CA ASN B 150 -32.96 -27.30 5.22
C ASN B 150 -32.56 -26.07 6.05
N THR B 151 -32.34 -26.23 7.37
CA THR B 151 -32.16 -25.11 8.33
C THR B 151 -30.70 -25.00 8.79
N LEU B 152 -29.93 -26.09 8.71
CA LEU B 152 -28.58 -26.25 9.33
C LEU B 152 -28.68 -26.25 10.87
N LYS B 153 -29.87 -26.49 11.43
CA LYS B 153 -30.05 -26.69 12.90
C LYS B 153 -29.44 -28.06 13.26
N THR B 154 -28.94 -28.19 14.49
CA THR B 154 -28.36 -29.45 15.03
C THR B 154 -29.49 -30.21 15.76
N VAL B 155 -29.69 -31.48 15.38
CA VAL B 155 -30.65 -32.42 16.05
C VAL B 155 -29.97 -33.00 17.29
N GLY B 156 -28.73 -33.47 17.17
CA GLY B 156 -27.91 -33.97 18.30
C GLY B 156 -27.13 -35.22 17.95
N VAL B 157 -26.56 -35.90 18.94
CA VAL B 157 -25.79 -37.17 18.80
C VAL B 157 -26.64 -38.13 17.97
N PHE B 158 -26.06 -38.66 16.89
CA PHE B 158 -26.57 -39.79 16.10
C PHE B 158 -26.01 -41.10 16.67
N ALA B 159 -26.79 -41.79 17.49
CA ALA B 159 -26.44 -43.08 18.10
C ALA B 159 -26.52 -44.17 17.02
N TYR B 160 -25.57 -45.11 17.04
CA TYR B 160 -25.66 -46.36 16.26
C TYR B 160 -26.45 -47.34 17.12
N ASP B 161 -27.19 -48.24 16.49
CA ASP B 161 -28.03 -49.22 17.22
C ASP B 161 -27.39 -50.60 17.09
N ASP B 162 -26.37 -50.88 17.92
CA ASP B 162 -25.54 -52.12 17.84
C ASP B 162 -24.67 -52.20 19.09
N LYS B 163 -23.84 -53.24 19.22
CA LYS B 163 -22.97 -53.44 20.41
C LYS B 163 -21.47 -53.25 20.04
N ILE B 164 -21.17 -52.68 18.88
CA ILE B 164 -19.76 -52.48 18.41
C ILE B 164 -19.10 -51.43 19.29
N GLU B 165 -18.03 -51.81 19.97
CA GLU B 165 -17.22 -50.90 20.84
C GLU B 165 -16.27 -50.10 19.93
N SER B 166 -16.10 -48.81 20.20
CA SER B 166 -15.09 -47.96 19.53
C SER B 166 -14.77 -46.73 20.37
N GLY B 167 -13.54 -46.25 20.28
CA GLY B 167 -13.08 -44.98 20.86
C GLY B 167 -12.52 -44.05 19.79
N LEU B 168 -12.23 -44.57 18.60
CA LEU B 168 -11.59 -43.80 17.50
C LEU B 168 -12.10 -44.35 16.16
N THR B 169 -12.44 -43.47 15.22
CA THR B 169 -12.98 -43.88 13.90
C THR B 169 -12.57 -42.83 12.86
N THR B 170 -13.03 -42.99 11.62
CA THR B 170 -12.77 -42.03 10.51
C THR B 170 -14.06 -41.26 10.19
N ALA B 171 -13.87 -40.06 9.65
CA ALA B 171 -14.91 -39.23 9.01
C ALA B 171 -14.83 -39.41 7.49
N HIS B 172 -14.29 -40.56 7.07
CA HIS B 172 -14.08 -40.90 5.64
C HIS B 172 -14.70 -42.25 5.35
N PRO B 173 -16.01 -42.44 5.63
CA PRO B 173 -16.69 -43.68 5.27
C PRO B 173 -16.66 -43.82 3.74
N HIS B 174 -16.51 -45.03 3.24
CA HIS B 174 -16.80 -45.39 1.83
C HIS B 174 -18.29 -45.72 1.70
N TYR B 175 -18.83 -45.68 0.49
CA TYR B 175 -20.19 -46.15 0.16
C TYR B 175 -20.13 -47.06 -1.08
N ASP B 176 -20.69 -48.27 -0.94
CA ASP B 176 -20.91 -49.27 -2.00
C ASP B 176 -22.30 -49.03 -2.61
N PHE B 177 -22.35 -48.61 -3.88
CA PHE B 177 -23.60 -48.22 -4.59
C PHE B 177 -24.37 -49.46 -5.06
N VAL B 178 -23.66 -50.55 -5.39
CA VAL B 178 -24.26 -51.85 -5.84
C VAL B 178 -25.07 -52.43 -4.67
N LYS B 179 -24.44 -52.59 -3.50
CA LYS B 179 -25.02 -53.25 -2.30
C LYS B 179 -25.75 -52.22 -1.41
N ASN B 180 -25.58 -50.93 -1.67
CA ASN B 180 -26.23 -49.84 -0.90
C ASN B 180 -25.83 -49.96 0.57
N GLU B 181 -24.51 -49.99 0.84
CA GLU B 181 -23.94 -50.09 2.20
C GLU B 181 -22.92 -48.96 2.38
N LEU B 182 -22.97 -48.25 3.51
CA LEU B 182 -21.84 -47.47 4.06
C LEU B 182 -20.83 -48.46 4.65
N VAL B 183 -19.55 -48.24 4.40
CA VAL B 183 -18.43 -49.05 4.97
C VAL B 183 -17.47 -48.10 5.70
N ASN B 184 -17.08 -48.48 6.91
CA ASN B 184 -16.13 -47.73 7.76
C ASN B 184 -15.47 -48.74 8.68
N TYR B 185 -14.52 -48.26 9.50
CA TYR B 185 -13.99 -49.04 10.66
C TYR B 185 -14.04 -48.12 11.88
N ALA B 186 -14.04 -48.75 13.05
CA ALA B 186 -13.89 -48.09 14.36
C ALA B 186 -12.90 -48.91 15.18
N THR B 187 -12.00 -48.24 15.91
CA THR B 187 -10.97 -48.90 16.74
C THR B 187 -11.47 -48.91 18.19
N LYS B 188 -11.55 -50.09 18.78
CA LYS B 188 -11.71 -50.24 20.23
C LYS B 188 -10.31 -50.07 20.84
N ILE B 189 -10.10 -49.01 21.59
CA ILE B 189 -8.80 -48.72 22.24
C ILE B 189 -8.87 -49.19 23.69
N SER B 190 -8.15 -50.26 23.99
CA SER B 190 -8.10 -50.93 25.31
C SER B 190 -6.82 -51.76 25.36
N ARG B 191 -6.66 -52.59 26.39
CA ARG B 191 -5.52 -53.52 26.55
C ARG B 191 -5.66 -54.68 25.56
N SER B 192 -6.82 -54.81 24.90
CA SER B 192 -7.09 -55.76 23.78
C SER B 192 -7.73 -54.98 22.63
N SER B 193 -6.98 -54.05 22.04
CA SER B 193 -7.47 -53.14 20.99
C SER B 193 -7.80 -53.96 19.73
N ASN B 194 -8.75 -53.45 18.96
CA ASN B 194 -9.30 -54.10 17.74
C ASN B 194 -9.61 -53.01 16.73
N TYR B 195 -9.28 -53.24 15.45
CA TYR B 195 -9.87 -52.55 14.30
C TYR B 195 -11.17 -53.29 13.95
N ASN B 196 -12.32 -52.62 14.11
CA ASN B 196 -13.66 -53.19 13.85
C ASN B 196 -14.17 -52.62 12.53
N VAL B 197 -14.06 -53.39 11.45
CA VAL B 197 -14.58 -53.05 10.11
C VAL B 197 -16.08 -53.36 10.12
N TYR B 198 -16.93 -52.42 9.69
CA TYR B 198 -18.41 -52.58 9.74
C TYR B 198 -19.05 -51.98 8.50
N LYS B 199 -20.32 -52.31 8.29
CA LYS B 199 -21.18 -51.74 7.22
C LYS B 199 -22.54 -51.35 7.79
N ILE B 200 -23.19 -50.37 7.15
CA ILE B 200 -24.56 -49.91 7.47
C ILE B 200 -25.40 -49.98 6.21
N ALA B 201 -26.33 -50.96 6.15
CA ALA B 201 -27.34 -51.09 5.09
C ALA B 201 -28.17 -49.79 5.09
N ASP B 202 -28.66 -49.37 3.93
CA ASP B 202 -29.58 -48.22 3.79
C ASP B 202 -30.77 -48.42 4.74
N LYS B 203 -31.29 -47.31 5.27
CA LYS B 203 -32.56 -47.22 6.05
C LYS B 203 -32.38 -47.95 7.39
N THR B 204 -31.15 -47.95 7.93
CA THR B 204 -30.86 -48.43 9.31
C THR B 204 -29.64 -47.68 9.87
N ASN B 205 -29.58 -47.58 11.21
CA ASN B 205 -28.43 -47.06 11.97
C ASN B 205 -27.75 -48.21 12.72
N HIS B 206 -28.10 -49.46 12.42
CA HIS B 206 -27.45 -50.68 12.95
C HIS B 206 -26.23 -51.00 12.08
N ARG B 207 -25.06 -51.11 12.70
CA ARG B 207 -23.79 -51.56 12.06
C ARG B 207 -23.69 -53.09 12.18
N ASN B 208 -23.42 -53.77 11.06
CA ASN B 208 -22.97 -55.18 11.02
C ASN B 208 -21.44 -55.17 11.12
N LEU B 209 -20.89 -55.88 12.09
CA LEU B 209 -19.43 -56.16 12.20
C LEU B 209 -19.04 -57.07 11.03
N ILE B 210 -18.20 -56.58 10.13
CA ILE B 210 -17.56 -57.42 9.06
C ILE B 210 -16.43 -58.22 9.68
N GLY B 211 -15.53 -57.57 10.41
CA GLY B 211 -14.30 -58.21 10.93
C GLY B 211 -13.65 -57.40 12.01
N SER B 212 -13.02 -58.07 12.97
CA SER B 212 -12.13 -57.48 14.00
C SER B 212 -10.70 -57.95 13.76
N ILE B 213 -9.76 -57.01 13.60
CA ILE B 213 -8.31 -57.29 13.55
C ILE B 213 -7.70 -56.85 14.89
N PRO B 214 -7.20 -57.80 15.71
CA PRO B 214 -6.53 -57.45 16.95
C PRO B 214 -5.21 -56.73 16.66
N VAL B 215 -4.83 -55.81 17.56
CA VAL B 215 -3.68 -54.88 17.39
C VAL B 215 -3.22 -54.41 18.77
N GLU B 216 -1.91 -54.44 19.00
CA GLU B 216 -1.26 -54.04 20.28
C GLU B 216 -1.26 -52.51 20.39
N GLU B 217 -0.80 -51.83 19.34
CA GLU B 217 -0.61 -50.34 19.29
C GLU B 217 -1.34 -49.80 18.07
N PRO B 218 -2.60 -49.34 18.22
CA PRO B 218 -3.40 -48.89 17.09
C PRO B 218 -2.73 -47.70 16.39
N ALA B 219 -2.84 -47.67 15.07
CA ALA B 219 -2.34 -46.58 14.20
C ALA B 219 -3.46 -45.55 13.99
N TYR B 220 -3.08 -44.28 13.82
CA TYR B 220 -3.98 -43.21 13.37
C TYR B 220 -4.14 -43.35 11.86
N MET B 221 -5.27 -43.93 11.42
CA MET B 221 -5.62 -44.15 10.00
C MET B 221 -6.87 -43.32 9.66
N HIS B 222 -6.65 -42.08 9.25
CA HIS B 222 -7.67 -41.03 8.99
C HIS B 222 -8.67 -41.45 7.91
N SER B 223 -8.24 -42.37 7.03
CA SER B 223 -9.03 -42.93 5.90
C SER B 223 -8.51 -44.33 5.62
N PHE B 224 -9.16 -45.07 4.72
CA PHE B 224 -8.80 -46.45 4.33
C PHE B 224 -9.22 -46.65 2.86
N ALA B 225 -8.76 -47.76 2.27
CA ALA B 225 -9.04 -48.13 0.86
C ALA B 225 -10.18 -49.15 0.82
N MET B 226 -11.04 -49.05 -0.21
CA MET B 226 -12.05 -50.09 -0.54
C MET B 226 -11.95 -50.47 -2.02
N THR B 227 -11.92 -51.77 -2.31
CA THR B 227 -12.01 -52.34 -3.68
C THR B 227 -13.37 -53.05 -3.82
N GLU B 228 -13.55 -53.82 -4.90
CA GLU B 228 -14.77 -54.63 -5.15
C GLU B 228 -15.00 -55.59 -3.97
N ASN B 229 -13.99 -56.37 -3.59
CA ASN B 229 -14.09 -57.48 -2.61
C ASN B 229 -13.50 -57.11 -1.25
N TYR B 230 -12.73 -56.02 -1.14
CA TYR B 230 -11.85 -55.79 0.04
C TYR B 230 -12.02 -54.42 0.67
N VAL B 231 -11.74 -54.39 1.97
CA VAL B 231 -11.28 -53.21 2.73
C VAL B 231 -9.77 -53.39 2.93
N VAL B 232 -8.98 -52.37 2.62
CA VAL B 232 -7.51 -52.36 2.92
C VAL B 232 -7.26 -51.26 3.94
N LEU B 233 -6.92 -51.66 5.18
CA LEU B 233 -6.45 -50.71 6.22
C LEU B 233 -4.94 -50.55 6.00
N VAL B 234 -4.50 -49.35 5.63
CA VAL B 234 -3.05 -49.03 5.48
C VAL B 234 -2.59 -48.47 6.82
N GLU B 235 -1.91 -49.33 7.60
CA GLU B 235 -1.47 -49.04 8.98
C GLU B 235 -0.06 -48.41 8.92
N TYR B 236 -0.04 -47.09 8.73
CA TYR B 236 1.15 -46.22 8.91
C TYR B 236 1.66 -46.47 10.30
N PRO B 237 3.01 -46.52 10.51
CA PRO B 237 3.56 -46.74 11.85
C PRO B 237 3.55 -45.47 12.71
N PHE B 238 2.39 -44.81 12.77
CA PHE B 238 2.10 -43.68 13.68
C PHE B 238 1.06 -44.19 14.69
N VAL B 239 1.52 -44.64 15.85
CA VAL B 239 0.80 -45.60 16.74
C VAL B 239 0.77 -45.10 18.18
N VAL B 240 -0.21 -45.57 18.96
CA VAL B 240 -0.43 -45.17 20.38
C VAL B 240 -0.40 -46.43 21.24
N LYS B 241 0.16 -46.32 22.45
CA LYS B 241 -0.02 -47.31 23.53
C LYS B 241 -1.35 -46.99 24.20
N PRO B 242 -2.35 -47.89 24.13
CA PRO B 242 -3.66 -47.67 24.75
C PRO B 242 -3.61 -47.03 26.15
N LEU B 243 -2.79 -47.58 27.04
CA LEU B 243 -2.69 -47.08 28.44
C LEU B 243 -2.13 -45.66 28.49
N ASP B 244 -1.29 -45.23 27.53
CA ASP B 244 -0.83 -43.82 27.47
C ASP B 244 -2.05 -42.94 27.18
N LEU B 245 -2.88 -43.32 26.23
CA LEU B 245 -4.12 -42.58 25.88
C LEU B 245 -5.04 -42.49 27.10
N LEU B 246 -5.17 -43.58 27.87
CA LEU B 246 -6.09 -43.64 29.04
C LEU B 246 -5.57 -42.75 30.17
N LEU B 247 -4.27 -42.76 30.43
CA LEU B 247 -3.70 -42.30 31.73
C LEU B 247 -2.85 -41.03 31.58
N SER B 248 -2.23 -40.76 30.44
CA SER B 248 -1.37 -39.55 30.27
C SER B 248 -2.25 -38.31 30.40
N GLY B 249 -1.68 -37.19 30.80
CA GLY B 249 -2.41 -35.91 30.90
C GLY B 249 -2.52 -35.21 29.56
N LYS B 250 -2.03 -35.83 28.48
CA LYS B 250 -1.68 -35.14 27.21
C LYS B 250 -2.83 -35.22 26.20
N PRO B 251 -3.05 -34.16 25.41
CA PRO B 251 -4.03 -34.19 24.33
C PRO B 251 -3.84 -35.39 23.39
N PHE B 252 -4.96 -35.87 22.85
CA PHE B 252 -5.08 -37.09 22.03
C PHE B 252 -3.82 -37.31 21.18
N ILE B 253 -3.54 -36.43 20.22
CA ILE B 253 -2.55 -36.70 19.12
C ILE B 253 -1.13 -36.79 19.69
N GLU B 254 -0.84 -36.11 20.80
CA GLU B 254 0.51 -36.11 21.44
C GLU B 254 0.89 -37.51 21.93
N ASN B 255 -0.06 -38.43 22.05
CA ASN B 255 0.20 -39.79 22.59
C ASN B 255 0.68 -40.71 21.46
N PHE B 256 0.64 -40.26 20.21
CA PHE B 256 1.02 -41.07 19.03
C PHE B 256 2.51 -40.86 18.71
N SER B 257 3.20 -41.94 18.35
CA SER B 257 4.66 -42.02 18.09
C SER B 257 4.92 -42.53 16.67
N TRP B 258 5.88 -41.93 15.98
CA TRP B 258 6.43 -42.39 14.68
C TRP B 258 7.44 -43.51 14.94
N LYS B 259 7.19 -44.69 14.40
CA LYS B 259 8.05 -45.89 14.57
C LYS B 259 8.32 -46.50 13.19
N PRO B 260 9.13 -45.84 12.35
CA PRO B 260 9.33 -46.27 10.96
C PRO B 260 9.95 -47.67 10.83
N GLU B 261 10.58 -48.16 11.89
CA GLU B 261 11.18 -49.53 11.93
C GLU B 261 10.06 -50.58 11.79
N ASN B 262 8.81 -50.27 12.13
CA ASN B 262 7.65 -51.19 11.94
C ASN B 262 7.30 -51.32 10.46
N GLY B 263 7.66 -50.33 9.64
CA GLY B 263 7.17 -50.21 8.25
C GLY B 263 5.68 -49.91 8.22
N THR B 264 5.09 -49.82 7.03
CA THR B 264 3.63 -49.67 6.83
C THR B 264 3.03 -51.06 6.56
N ARG B 265 1.98 -51.42 7.29
CA ARG B 265 1.29 -52.72 7.09
C ARG B 265 -0.02 -52.49 6.34
N PHE B 266 -0.18 -53.20 5.21
CA PHE B 266 -1.43 -53.27 4.42
C PHE B 266 -2.23 -54.49 4.91
N ILE B 267 -3.34 -54.26 5.61
CA ILE B 267 -4.23 -55.32 6.16
C ILE B 267 -5.42 -55.44 5.21
N ILE B 268 -5.53 -56.59 4.53
CA ILE B 268 -6.57 -56.83 3.48
C ILE B 268 -7.65 -57.74 4.05
N VAL B 269 -8.86 -57.20 4.15
CA VAL B 269 -10.05 -57.89 4.74
C VAL B 269 -11.09 -58.04 3.63
N ASN B 270 -11.50 -59.27 3.36
CA ASN B 270 -12.71 -59.60 2.55
C ASN B 270 -13.90 -58.89 3.20
N ARG B 271 -14.56 -57.96 2.49
CA ARG B 271 -15.57 -57.07 3.13
C ARG B 271 -16.97 -57.65 2.96
N GLN B 272 -17.12 -58.93 2.60
CA GLN B 272 -18.43 -59.64 2.57
C GLN B 272 -18.44 -60.76 3.62
N ASN B 273 -17.30 -61.32 4.02
CA ASN B 273 -17.23 -62.43 5.02
C ASN B 273 -16.17 -62.18 6.10
N GLY B 274 -15.45 -61.07 6.04
CA GLY B 274 -14.52 -60.64 7.09
C GLY B 274 -13.27 -61.49 7.20
N ASN B 275 -13.01 -62.36 6.23
CA ASN B 275 -11.77 -63.19 6.16
C ASN B 275 -10.56 -62.27 5.98
N LEU B 276 -9.45 -62.59 6.66
CA LEU B 276 -8.13 -61.95 6.50
C LEU B 276 -7.46 -62.52 5.26
N VAL B 277 -7.45 -61.75 4.16
CA VAL B 277 -6.81 -62.11 2.86
C VAL B 277 -5.29 -62.18 3.09
N GLY B 278 -4.74 -61.16 3.76
CA GLY B 278 -3.32 -61.14 4.15
C GLY B 278 -2.87 -59.78 4.65
N THR B 279 -1.66 -59.76 5.22
CA THR B 279 -0.91 -58.54 5.61
C THR B 279 0.38 -58.49 4.79
N TYR B 280 0.68 -57.30 4.26
CA TYR B 280 1.85 -57.00 3.41
C TYR B 280 2.52 -55.74 3.96
N LYS B 281 3.85 -55.66 3.84
CA LYS B 281 4.66 -54.55 4.38
C LYS B 281 5.34 -53.78 3.24
N SER B 282 5.34 -52.46 3.36
CA SER B 282 6.19 -51.52 2.58
C SER B 282 7.08 -50.76 3.56
N ASP B 283 8.01 -49.95 3.03
CA ASP B 283 8.78 -48.97 3.83
C ASP B 283 7.78 -48.00 4.48
N ALA B 284 8.11 -47.50 5.66
CA ALA B 284 7.28 -46.54 6.42
C ALA B 284 6.89 -45.34 5.53
N PHE B 285 5.64 -44.93 5.63
CA PHE B 285 5.12 -43.63 5.14
C PHE B 285 3.84 -43.31 5.95
N PHE B 286 3.33 -42.08 5.82
CA PHE B 286 2.11 -41.59 6.48
C PHE B 286 1.20 -40.99 5.42
N ALA B 287 -0.11 -41.02 5.68
CA ALA B 287 -1.15 -40.46 4.80
C ALA B 287 -2.39 -40.14 5.63
N PHE B 288 -3.02 -39.01 5.35
CA PHE B 288 -4.39 -38.67 5.80
C PHE B 288 -5.38 -39.32 4.83
N HIS B 289 -5.17 -39.15 3.52
CA HIS B 289 -6.22 -39.35 2.48
C HIS B 289 -5.81 -40.38 1.42
N HIS B 290 -6.64 -41.41 1.30
CA HIS B 290 -6.69 -42.35 0.14
C HIS B 290 -7.34 -41.62 -1.01
N VAL B 291 -6.97 -41.98 -2.24
CA VAL B 291 -7.53 -41.40 -3.51
C VAL B 291 -8.59 -42.37 -4.05
N ASN B 292 -8.17 -43.62 -4.27
CA ASN B 292 -8.96 -44.73 -4.85
C ASN B 292 -8.09 -45.98 -4.85
N ALA B 293 -8.70 -47.15 -4.96
CA ALA B 293 -8.02 -48.46 -5.03
C ALA B 293 -8.86 -49.39 -5.93
N PHE B 294 -8.24 -50.44 -6.47
CA PHE B 294 -8.92 -51.40 -7.38
C PHE B 294 -8.09 -52.68 -7.49
N GLU B 295 -8.78 -53.78 -7.77
CA GLU B 295 -8.20 -55.12 -8.04
C GLU B 295 -7.97 -55.23 -9.55
N LYS B 296 -6.90 -55.92 -9.94
CA LYS B 296 -6.56 -56.19 -11.36
C LYS B 296 -5.66 -57.41 -11.39
N GLN B 297 -6.06 -58.47 -12.11
CA GLN B 297 -5.39 -59.79 -12.08
C GLN B 297 -5.38 -60.27 -10.61
N GLU B 298 -4.25 -60.76 -10.12
CA GLU B 298 -4.04 -61.20 -8.71
C GLU B 298 -3.29 -60.10 -7.95
N GLU B 299 -3.60 -58.82 -8.25
CA GLU B 299 -2.94 -57.62 -7.68
C GLU B 299 -3.99 -56.60 -7.21
N ILE B 300 -3.66 -55.82 -6.19
CA ILE B 300 -4.44 -54.64 -5.71
C ILE B 300 -3.57 -53.40 -5.90
N PHE B 301 -4.14 -52.35 -6.50
CA PHE B 301 -3.52 -51.01 -6.65
C PHE B 301 -4.19 -50.06 -5.67
N VAL B 302 -3.40 -49.51 -4.75
CA VAL B 302 -3.87 -48.56 -3.70
C VAL B 302 -3.18 -47.21 -3.96
N ASP B 303 -3.97 -46.20 -4.34
CA ASP B 303 -3.51 -44.81 -4.63
C ASP B 303 -3.72 -43.98 -3.35
N ILE B 304 -2.64 -43.41 -2.82
CA ILE B 304 -2.58 -42.71 -1.51
C ILE B 304 -1.85 -41.37 -1.68
N ILE B 305 -2.33 -40.33 -1.02
CA ILE B 305 -1.66 -39.02 -0.82
C ILE B 305 -0.66 -39.20 0.34
N ALA B 306 0.59 -39.54 0.02
CA ALA B 306 1.60 -40.03 0.99
C ALA B 306 2.65 -38.96 1.32
N TYR B 307 3.01 -38.86 2.60
CA TYR B 307 4.14 -38.10 3.16
C TYR B 307 5.22 -39.08 3.55
N GLN B 308 6.48 -38.65 3.64
N GLN B 308 6.48 -38.62 3.63
CA GLN B 308 7.61 -39.53 4.02
CA GLN B 308 7.66 -39.43 4.02
C GLN B 308 7.41 -39.99 5.46
C GLN B 308 7.44 -39.96 5.45
N ASP B 309 6.97 -39.10 6.34
CA ASP B 309 6.76 -39.45 7.78
C ASP B 309 5.52 -38.71 8.29
N SER B 310 5.31 -38.72 9.61
CA SER B 310 4.09 -38.20 10.28
C SER B 310 4.28 -36.74 10.70
N SER B 311 5.32 -36.05 10.23
CA SER B 311 5.69 -34.69 10.71
C SER B 311 4.64 -33.66 10.27
N ILE B 312 3.94 -33.90 9.15
CA ILE B 312 2.80 -33.05 8.70
C ILE B 312 1.83 -32.79 9.86
N VAL B 313 1.62 -33.76 10.75
CA VAL B 313 0.64 -33.64 11.88
C VAL B 313 1.08 -32.45 12.75
N ASN B 314 2.37 -32.36 13.09
CA ASN B 314 2.93 -31.29 13.96
C ASN B 314 3.01 -29.96 13.18
N ALA B 315 2.94 -30.01 11.86
CA ALA B 315 3.03 -28.83 10.97
C ALA B 315 1.69 -28.13 10.89
N LEU B 316 0.59 -28.81 11.24
CA LEU B 316 -0.77 -28.25 11.13
C LEU B 316 -1.25 -27.74 12.50
N TYR B 317 -0.32 -27.54 13.45
CA TYR B 317 -0.55 -26.66 14.63
C TYR B 317 -0.69 -25.22 14.13
N LEU B 318 -1.56 -24.43 14.74
CA LEU B 318 -2.00 -23.12 14.19
C LEU B 318 -0.86 -22.10 14.25
N ASP B 319 0.07 -22.20 15.19
CA ASP B 319 1.19 -21.22 15.30
C ASP B 319 2.11 -21.35 14.08
N ILE B 320 2.27 -22.57 13.55
CA ILE B 320 3.02 -22.82 12.30
C ILE B 320 2.19 -22.34 11.11
N LEU B 321 0.93 -22.76 11.02
CA LEU B 321 0.04 -22.41 9.88
C LEU B 321 -0.12 -20.88 9.76
N ARG B 322 -0.02 -20.14 10.86
CA ARG B 322 -0.22 -18.67 10.87
C ARG B 322 1.11 -17.93 10.67
N GLY B 323 2.25 -18.64 10.77
CA GLY B 323 3.58 -18.05 10.53
C GLY B 323 4.16 -17.42 11.77
N GLN B 324 3.60 -17.71 12.94
CA GLN B 324 4.15 -17.22 14.23
C GLN B 324 5.37 -18.06 14.60
N LYS B 325 5.40 -19.32 14.17
CA LYS B 325 6.57 -20.23 14.25
C LYS B 325 6.95 -20.62 12.81
N THR B 326 8.16 -20.31 12.36
CA THR B 326 8.70 -20.77 11.07
C THR B 326 8.91 -22.29 11.15
N ASP B 327 8.38 -23.03 10.19
CA ASP B 327 8.68 -24.47 10.01
C ASP B 327 8.17 -24.90 8.64
N THR B 328 8.58 -26.06 8.14
CA THR B 328 8.18 -26.56 6.80
C THR B 328 6.85 -27.29 6.94
N ILE B 329 5.87 -26.99 6.09
CA ILE B 329 4.70 -27.91 5.89
C ILE B 329 5.07 -28.90 4.79
N PRO B 330 5.36 -30.17 5.15
CA PRO B 330 5.81 -31.16 4.16
C PRO B 330 4.76 -31.43 3.09
N THR B 331 5.20 -31.66 1.86
CA THR B 331 4.35 -31.97 0.68
C THR B 331 4.06 -33.46 0.65
N SER B 332 2.93 -33.81 0.05
CA SER B 332 2.45 -35.19 -0.19
C SER B 332 2.25 -35.36 -1.70
N HIS B 333 2.43 -36.58 -2.20
CA HIS B 333 2.29 -36.93 -3.64
C HIS B 333 1.43 -38.18 -3.80
N ILE B 334 0.81 -38.34 -4.97
CA ILE B 334 0.01 -39.55 -5.31
C ILE B 334 0.99 -40.69 -5.57
N ARG B 335 1.01 -41.67 -4.65
CA ARG B 335 1.74 -42.94 -4.78
C ARG B 335 0.73 -44.05 -5.08
N ARG B 336 0.99 -44.82 -6.14
CA ARG B 336 0.26 -46.06 -6.45
C ARG B 336 1.07 -47.23 -5.88
N TYR B 337 0.61 -47.80 -4.77
CA TYR B 337 1.17 -49.04 -4.18
C TYR B 337 0.54 -50.23 -4.93
N ARG B 338 1.38 -51.18 -5.33
CA ARG B 338 0.99 -52.46 -5.97
C ARG B 338 1.15 -53.58 -4.96
N ILE B 339 0.05 -54.18 -4.53
CA ILE B 339 0.04 -55.36 -3.60
C ILE B 339 -0.06 -56.61 -4.46
N PRO B 340 1.00 -57.43 -4.51
CA PRO B 340 0.95 -58.72 -5.21
C PRO B 340 0.36 -59.72 -4.21
N LEU B 341 -0.87 -60.20 -4.43
CA LEU B 341 -1.56 -61.12 -3.48
C LEU B 341 -0.76 -62.44 -3.43
N SER B 342 -0.20 -62.86 -4.57
CA SER B 342 0.77 -63.99 -4.71
C SER B 342 1.92 -63.88 -3.70
N GLY B 343 2.24 -62.67 -3.24
CA GLY B 343 3.20 -62.40 -2.14
C GLY B 343 4.37 -61.54 -2.62
N GLY B 344 5.02 -60.86 -1.66
CA GLY B 344 6.24 -60.05 -1.89
C GLY B 344 6.14 -58.67 -1.27
N GLN B 345 7.27 -57.97 -1.17
CA GLN B 345 7.33 -56.56 -0.70
C GLN B 345 6.43 -55.69 -1.58
N VAL B 346 5.69 -54.78 -0.94
CA VAL B 346 4.80 -53.79 -1.63
C VAL B 346 5.66 -52.62 -2.09
N GLU B 347 5.79 -52.41 -3.41
CA GLU B 347 6.48 -51.25 -4.01
C GLU B 347 5.42 -50.26 -4.48
N TYR B 348 5.84 -49.03 -4.79
CA TYR B 348 4.97 -47.95 -5.34
C TYR B 348 5.69 -47.24 -6.48
N GLU B 349 4.92 -46.50 -7.28
CA GLU B 349 5.41 -45.48 -8.23
C GLU B 349 4.54 -44.22 -8.06
N MET B 350 5.11 -43.05 -8.38
CA MET B 350 4.42 -41.74 -8.35
C MET B 350 3.53 -41.65 -9.60
N LEU B 351 2.30 -41.15 -9.45
CA LEU B 351 1.33 -40.96 -10.56
C LEU B 351 1.44 -39.53 -11.07
N SER B 352 2.09 -38.65 -10.32
CA SER B 352 2.27 -37.20 -10.64
C SER B 352 3.42 -36.64 -9.81
N SER B 353 4.12 -35.63 -10.32
CA SER B 353 5.20 -34.91 -9.59
C SER B 353 4.59 -33.76 -8.78
N GLU B 354 3.28 -33.48 -8.97
CA GLU B 354 2.57 -32.35 -8.31
C GLU B 354 2.35 -32.74 -6.84
N ALA B 355 2.61 -31.82 -5.92
CA ALA B 355 2.16 -31.91 -4.52
C ALA B 355 0.63 -31.82 -4.51
N VAL B 356 -0.05 -32.76 -3.85
CA VAL B 356 -1.54 -32.90 -3.83
C VAL B 356 -1.99 -33.18 -2.39
N GLU B 357 -3.05 -32.51 -1.96
CA GLU B 357 -3.86 -32.92 -0.78
C GLU B 357 -5.34 -32.76 -1.15
N LEU B 358 -6.22 -33.14 -0.21
CA LEU B 358 -7.70 -33.09 -0.33
C LEU B 358 -8.12 -33.69 -1.68
N PRO B 359 -7.73 -34.96 -1.95
CA PRO B 359 -8.02 -35.59 -3.24
C PRO B 359 -9.52 -35.91 -3.36
N ARG B 360 -10.05 -35.81 -4.58
CA ARG B 360 -11.43 -36.22 -4.93
C ARG B 360 -11.43 -36.84 -6.33
N ILE B 361 -12.38 -37.75 -6.57
CA ILE B 361 -12.55 -38.42 -7.89
C ILE B 361 -14.02 -38.37 -8.27
N ASN B 362 -14.32 -38.84 -9.48
CA ASN B 362 -15.68 -39.24 -9.88
C ASN B 362 -16.01 -40.49 -9.03
N TYR B 363 -16.36 -40.27 -7.77
CA TYR B 363 -16.54 -41.33 -6.75
C TYR B 363 -17.68 -42.27 -7.16
N LYS B 364 -18.85 -41.70 -7.46
CA LYS B 364 -20.09 -42.46 -7.77
C LYS B 364 -19.79 -43.51 -8.86
N GLN B 365 -19.00 -43.16 -9.88
CA GLN B 365 -18.80 -44.03 -11.08
C GLN B 365 -17.48 -44.82 -11.01
N TYR B 366 -16.46 -44.38 -10.26
CA TYR B 366 -15.08 -44.94 -10.38
C TYR B 366 -14.49 -45.41 -9.04
N ASN B 367 -15.08 -45.13 -7.89
CA ASN B 367 -14.57 -45.70 -6.60
C ASN B 367 -14.57 -47.23 -6.73
N THR B 368 -13.44 -47.87 -6.40
CA THR B 368 -13.17 -49.34 -6.44
C THR B 368 -12.72 -49.78 -7.85
N LYS B 369 -12.73 -48.87 -8.83
CA LYS B 369 -12.48 -49.20 -10.26
C LYS B 369 -11.24 -48.49 -10.79
N ASP B 370 -10.61 -49.08 -11.80
CA ASP B 370 -9.55 -48.44 -12.63
C ASP B 370 -10.12 -47.10 -13.12
N TYR B 371 -9.28 -46.08 -13.15
CA TYR B 371 -9.69 -44.66 -13.32
C TYR B 371 -8.49 -43.86 -13.83
N ARG B 372 -8.72 -42.59 -14.21
CA ARG B 372 -7.74 -41.73 -14.91
C ARG B 372 -7.53 -40.39 -14.21
N PHE B 373 -8.51 -39.86 -13.45
CA PHE B 373 -8.54 -38.43 -13.04
C PHE B 373 -8.65 -38.26 -11.52
N VAL B 374 -7.74 -37.45 -10.96
CA VAL B 374 -7.72 -37.01 -9.53
C VAL B 374 -7.75 -35.48 -9.49
N TYR B 375 -8.57 -34.90 -8.63
CA TYR B 375 -8.63 -33.44 -8.35
C TYR B 375 -8.13 -33.24 -6.93
N GLY B 376 -7.45 -32.12 -6.65
CA GLY B 376 -6.91 -31.81 -5.32
C GLY B 376 -6.43 -30.37 -5.20
N ILE B 377 -5.89 -30.02 -4.03
CA ILE B 377 -5.24 -28.70 -3.77
C ILE B 377 -3.74 -28.90 -3.91
N SER B 378 -3.02 -27.84 -4.25
CA SER B 378 -1.56 -27.89 -4.48
C SER B 378 -1.01 -26.53 -4.07
N THR B 379 0.31 -26.36 -4.19
CA THR B 379 0.99 -25.07 -3.98
C THR B 379 2.09 -24.90 -5.02
N TYR B 380 2.39 -23.66 -5.41
CA TYR B 380 3.50 -23.30 -6.33
C TYR B 380 4.83 -23.32 -5.56
N SER B 381 4.77 -23.10 -4.24
CA SER B 381 5.93 -22.97 -3.31
C SER B 381 5.49 -23.05 -1.84
N ALA B 382 6.46 -23.04 -0.91
CA ALA B 382 6.24 -23.13 0.54
C ALA B 382 5.49 -21.89 1.04
N SER B 383 5.81 -20.71 0.51
CA SER B 383 5.17 -19.42 0.88
C SER B 383 3.67 -19.40 0.53
N ASP B 384 3.30 -19.98 -0.62
CA ASP B 384 1.91 -19.96 -1.18
C ASP B 384 1.00 -20.86 -0.32
N PHE B 385 1.59 -21.89 0.29
CA PHE B 385 0.93 -22.77 1.30
C PHE B 385 -0.10 -23.70 0.61
N ALA B 386 -1.14 -23.16 -0.02
CA ALA B 386 -2.15 -23.96 -0.74
C ALA B 386 -2.90 -23.02 -1.69
N ASN B 387 -2.31 -22.66 -2.83
CA ASN B 387 -2.82 -21.57 -3.71
C ASN B 387 -3.30 -22.12 -5.05
N GLN B 388 -3.24 -23.43 -5.30
CA GLN B 388 -3.71 -23.99 -6.61
C GLN B 388 -4.72 -25.12 -6.42
N LEU B 389 -5.69 -25.21 -7.33
CA LEU B 389 -6.41 -26.48 -7.64
C LEU B 389 -5.62 -27.18 -8.75
N VAL B 390 -5.57 -28.50 -8.70
CA VAL B 390 -4.83 -29.35 -9.68
C VAL B 390 -5.77 -30.47 -10.14
N LYS B 391 -5.65 -30.86 -11.42
CA LYS B 391 -6.31 -32.05 -12.00
C LYS B 391 -5.24 -32.93 -12.62
N ILE B 392 -5.02 -34.10 -12.03
CA ILE B 392 -3.97 -35.06 -12.44
C ILE B 392 -4.60 -36.02 -13.45
N ASP B 393 -4.00 -36.12 -14.63
CA ASP B 393 -4.29 -37.19 -15.61
C ASP B 393 -3.29 -38.32 -15.35
N ILE B 394 -3.75 -39.38 -14.70
CA ILE B 394 -2.92 -40.55 -14.28
C ILE B 394 -2.36 -41.25 -15.52
N LEU B 395 -3.09 -41.25 -16.63
CA LEU B 395 -2.69 -41.98 -17.86
C LEU B 395 -1.51 -41.25 -18.51
N ARG B 396 -1.71 -39.97 -18.88
CA ARG B 396 -0.71 -39.10 -19.57
C ARG B 396 0.30 -38.52 -18.57
N LYS B 397 0.33 -39.01 -17.32
CA LYS B 397 1.14 -38.46 -16.20
C LYS B 397 1.38 -36.97 -16.42
N SER B 398 0.30 -36.22 -16.54
CA SER B 398 0.25 -34.75 -16.77
C SER B 398 -0.73 -34.13 -15.77
N SER B 399 -0.83 -32.79 -15.75
CA SER B 399 -1.75 -32.08 -14.83
C SER B 399 -2.17 -30.72 -15.41
N LYS B 400 -3.37 -30.28 -15.03
CA LYS B 400 -3.93 -28.93 -15.31
C LYS B 400 -4.03 -28.21 -13.96
N ILE B 401 -3.92 -26.88 -13.96
CA ILE B 401 -3.83 -26.06 -12.72
C ILE B 401 -4.81 -24.89 -12.83
N TRP B 402 -5.47 -24.57 -11.72
CA TRP B 402 -6.24 -23.32 -11.53
C TRP B 402 -5.62 -22.57 -10.36
N SER B 403 -5.53 -21.25 -10.46
CA SER B 403 -5.03 -20.34 -9.40
C SER B 403 -5.42 -18.90 -9.77
N GLU B 404 -5.29 -17.99 -8.82
CA GLU B 404 -5.62 -16.55 -8.94
C GLU B 404 -4.85 -15.78 -7.86
N LYS B 405 -4.17 -14.70 -8.22
CA LYS B 405 -3.38 -13.86 -7.27
C LYS B 405 -4.12 -13.77 -5.94
N ASP B 406 -3.47 -14.21 -4.85
CA ASP B 406 -3.89 -13.99 -3.44
C ASP B 406 -5.18 -14.76 -3.14
N CYS B 407 -5.45 -15.85 -3.88
CA CYS B 407 -6.60 -16.76 -3.65
C CYS B 407 -6.09 -18.13 -3.22
N TYR B 408 -6.79 -18.74 -2.26
CA TYR B 408 -6.47 -20.02 -1.60
C TYR B 408 -7.69 -20.95 -1.72
N PRO B 409 -7.71 -21.84 -2.73
CA PRO B 409 -8.89 -22.66 -3.01
C PRO B 409 -9.00 -23.90 -2.12
N GLY B 410 -10.23 -24.23 -1.70
CA GLY B 410 -10.53 -25.43 -0.87
C GLY B 410 -10.69 -26.69 -1.71
N GLU B 411 -10.98 -27.81 -1.06
CA GLU B 411 -11.23 -29.14 -1.65
C GLU B 411 -12.13 -29.05 -2.89
N PRO B 412 -11.67 -29.60 -4.05
CA PRO B 412 -12.49 -29.67 -5.27
C PRO B 412 -13.46 -30.86 -5.25
N VAL B 413 -14.76 -30.59 -5.19
CA VAL B 413 -15.84 -31.61 -5.19
C VAL B 413 -16.30 -31.83 -6.63
N PHE B 414 -16.14 -33.05 -7.17
CA PHE B 414 -16.62 -33.43 -8.52
C PHE B 414 -18.14 -33.70 -8.46
N VAL B 415 -18.89 -33.22 -9.46
CA VAL B 415 -20.33 -33.54 -9.68
C VAL B 415 -20.48 -33.93 -11.16
N GLY B 416 -20.72 -35.21 -11.46
CA GLY B 416 -20.93 -35.73 -12.82
C GLY B 416 -22.13 -35.06 -13.47
N ALA B 417 -22.08 -34.85 -14.79
CA ALA B 417 -23.18 -34.24 -15.57
C ALA B 417 -24.22 -35.33 -15.85
N PRO B 418 -25.48 -34.96 -16.17
CA PRO B 418 -26.50 -35.95 -16.52
C PRO B 418 -26.08 -36.78 -17.74
N ASP B 419 -26.29 -38.10 -17.67
CA ASP B 419 -26.01 -39.08 -18.77
C ASP B 419 -24.59 -38.88 -19.31
N ALA B 420 -23.61 -38.64 -18.42
CA ALA B 420 -22.18 -38.46 -18.76
C ALA B 420 -21.61 -39.79 -19.29
N THR B 421 -20.82 -39.74 -20.37
CA THR B 421 -20.17 -40.91 -21.01
C THR B 421 -18.66 -40.92 -20.71
N LYS B 422 -18.12 -39.83 -20.14
CA LYS B 422 -16.66 -39.69 -19.81
C LYS B 422 -16.49 -39.50 -18.29
N GLU B 423 -15.33 -39.92 -17.76
CA GLU B 423 -15.01 -39.91 -16.32
C GLU B 423 -14.97 -38.46 -15.80
N ASP B 424 -14.59 -37.50 -16.65
CA ASP B 424 -14.31 -36.09 -16.23
C ASP B 424 -15.37 -35.14 -16.83
N GLU B 425 -16.51 -35.68 -17.27
CA GLU B 425 -17.67 -34.88 -17.75
C GLU B 425 -18.50 -34.48 -16.52
N GLY B 426 -18.41 -33.20 -16.13
CA GLY B 426 -19.17 -32.62 -15.02
C GLY B 426 -18.56 -31.30 -14.56
N LEU B 427 -18.71 -30.99 -13.27
CA LEU B 427 -18.24 -29.71 -12.66
C LEU B 427 -17.34 -30.02 -11.46
N ILE B 428 -16.50 -29.06 -11.10
CA ILE B 428 -15.73 -29.05 -9.82
C ILE B 428 -16.22 -27.84 -9.02
N LEU B 429 -16.53 -28.03 -7.74
CA LEU B 429 -16.95 -26.96 -6.80
C LEU B 429 -15.88 -26.82 -5.72
N SER B 430 -15.35 -25.60 -5.52
CA SER B 430 -14.29 -25.26 -4.54
C SER B 430 -14.64 -23.94 -3.84
N ALA B 431 -14.70 -23.92 -2.52
CA ALA B 431 -14.75 -22.69 -1.69
C ALA B 431 -13.37 -22.05 -1.67
N VAL B 432 -13.25 -20.87 -2.26
CA VAL B 432 -11.94 -20.17 -2.46
C VAL B 432 -11.91 -18.93 -1.57
N LEU B 433 -10.82 -18.75 -0.81
CA LEU B 433 -10.59 -17.53 0.01
C LEU B 433 -9.88 -16.51 -0.89
N ASP B 434 -10.43 -15.29 -0.98
CA ASP B 434 -9.80 -14.13 -1.66
C ASP B 434 -9.28 -13.21 -0.55
N ALA B 435 -7.96 -13.26 -0.31
CA ALA B 435 -7.30 -12.63 0.86
C ALA B 435 -7.35 -11.11 0.76
N THR B 436 -7.21 -10.55 -0.45
CA THR B 436 -7.21 -9.08 -0.69
C THR B 436 -8.64 -8.54 -0.52
N ASN B 437 -9.64 -9.34 -0.90
CA ASN B 437 -11.09 -9.01 -0.79
C ASN B 437 -11.60 -9.39 0.61
N ALA B 438 -10.84 -10.18 1.37
CA ALA B 438 -11.15 -10.60 2.76
C ALA B 438 -12.52 -11.31 2.81
N LYS B 439 -12.86 -12.02 1.73
CA LYS B 439 -14.16 -12.72 1.51
C LYS B 439 -13.90 -13.93 0.61
N SER B 440 -14.75 -14.96 0.71
CA SER B 440 -14.64 -16.22 -0.07
C SER B 440 -15.65 -16.22 -1.22
N PHE B 441 -15.43 -17.05 -2.24
CA PHE B 441 -16.36 -17.28 -3.36
C PHE B 441 -16.41 -18.78 -3.66
N LEU B 442 -17.55 -19.29 -4.12
CA LEU B 442 -17.65 -20.65 -4.69
C LEU B 442 -17.20 -20.58 -6.15
N LEU B 443 -16.21 -21.37 -6.51
CA LEU B 443 -15.65 -21.46 -7.89
C LEU B 443 -16.25 -22.71 -8.55
N ILE B 444 -16.75 -22.59 -9.76
CA ILE B 444 -17.27 -23.72 -10.56
C ILE B 444 -16.44 -23.85 -11.83
N LEU B 445 -15.65 -24.92 -11.93
CA LEU B 445 -14.86 -25.28 -13.14
C LEU B 445 -15.65 -26.35 -13.90
N ASP B 446 -15.63 -26.31 -15.23
CA ASP B 446 -15.89 -27.52 -16.05
C ASP B 446 -14.77 -28.51 -15.76
N ALA B 447 -15.10 -29.76 -15.47
CA ALA B 447 -14.13 -30.80 -15.03
C ALA B 447 -13.23 -31.24 -16.20
N THR B 448 -13.67 -31.10 -17.44
CA THR B 448 -12.92 -31.53 -18.66
C THR B 448 -11.80 -30.51 -18.97
N THR B 449 -12.17 -29.22 -19.11
CA THR B 449 -11.25 -28.10 -19.42
C THR B 449 -10.48 -27.67 -18.17
N PHE B 450 -11.12 -27.80 -17.00
CA PHE B 450 -10.61 -27.33 -15.68
C PHE B 450 -10.52 -25.79 -15.69
N GLU B 451 -11.34 -25.12 -16.50
CA GLU B 451 -11.48 -23.64 -16.54
C GLU B 451 -12.84 -23.22 -15.94
N GLU B 452 -12.88 -21.99 -15.43
CA GLU B 452 -14.03 -21.39 -14.70
C GLU B 452 -15.22 -21.26 -15.65
N VAL B 453 -16.41 -21.68 -15.20
CA VAL B 453 -17.70 -21.44 -15.91
C VAL B 453 -18.55 -20.45 -15.09
N ALA B 454 -18.33 -20.37 -13.77
CA ALA B 454 -19.07 -19.45 -12.88
C ALA B 454 -18.35 -19.31 -11.54
N ARG B 455 -18.69 -18.26 -10.78
CA ARG B 455 -18.35 -18.09 -9.34
C ARG B 455 -19.50 -17.37 -8.63
N ALA B 456 -19.69 -17.64 -7.34
CA ALA B 456 -20.72 -17.00 -6.48
C ALA B 456 -20.04 -16.37 -5.26
N GLU B 457 -20.15 -15.04 -5.13
CA GLU B 457 -19.52 -14.26 -4.04
C GLU B 457 -20.20 -14.59 -2.71
N VAL B 458 -19.45 -14.69 -1.62
CA VAL B 458 -19.99 -14.85 -0.24
C VAL B 458 -19.64 -13.60 0.56
N PRO B 459 -20.61 -12.99 1.30
CA PRO B 459 -20.36 -11.71 1.97
C PRO B 459 -19.33 -11.70 3.11
N HIS B 460 -18.74 -12.85 3.46
CA HIS B 460 -17.73 -13.01 4.54
C HIS B 460 -16.66 -14.00 4.10
N HIS B 461 -15.62 -14.22 4.91
CA HIS B 461 -14.59 -15.27 4.71
C HIS B 461 -15.11 -16.60 5.27
N ILE B 462 -14.93 -17.68 4.50
CA ILE B 462 -15.12 -19.09 4.94
C ILE B 462 -13.76 -19.61 5.39
N PRO B 463 -13.52 -19.79 6.72
CA PRO B 463 -12.27 -20.36 7.20
C PRO B 463 -11.87 -21.64 6.43
N PHE B 464 -10.57 -21.87 6.30
CA PHE B 464 -10.01 -23.09 5.66
C PHE B 464 -10.67 -24.29 6.32
N GLY B 465 -11.36 -25.10 5.53
CA GLY B 465 -12.18 -26.22 5.99
C GLY B 465 -11.51 -27.53 5.66
N PHE B 466 -12.20 -28.66 5.88
CA PHE B 466 -11.72 -30.01 5.51
C PHE B 466 -12.56 -30.50 4.32
N HIS B 467 -13.66 -31.19 4.59
CA HIS B 467 -14.40 -31.97 3.57
C HIS B 467 -15.83 -31.46 3.42
N GLY B 468 -16.39 -31.67 2.23
CA GLY B 468 -17.78 -31.37 1.87
C GLY B 468 -18.31 -32.40 0.90
N ASN B 469 -19.62 -32.44 0.70
CA ASN B 469 -20.28 -33.37 -0.25
C ASN B 469 -21.44 -32.67 -0.94
N TYR B 470 -21.67 -33.02 -2.20
CA TYR B 470 -22.85 -32.61 -3.00
C TYR B 470 -23.95 -33.67 -2.85
N PHE B 471 -25.11 -33.25 -2.36
CA PHE B 471 -26.35 -34.07 -2.24
C PHE B 471 -27.37 -33.56 -3.26
N GLU B 472 -27.82 -34.43 -4.17
CA GLU B 472 -28.88 -34.12 -5.16
C GLU B 472 -30.18 -33.74 -4.44
N ASN C 7 8.77 7.14 42.37
CA ASN C 7 8.98 7.07 40.89
C ASN C 7 9.98 5.95 40.57
N LYS C 8 9.85 5.32 39.39
CA LYS C 8 10.85 4.33 38.84
C LYS C 8 12.12 5.06 38.41
N PHE C 9 11.96 6.28 37.88
CA PHE C 9 13.05 7.10 37.28
C PHE C 9 13.69 8.00 38.35
N GLN C 10 13.25 7.89 39.60
CA GLN C 10 13.74 8.69 40.75
C GLN C 10 15.28 8.77 40.75
N LEU C 11 15.95 7.68 40.33
CA LEU C 11 17.43 7.53 40.32
C LEU C 11 18.07 8.61 39.44
N GLY C 12 17.42 9.00 38.34
CA GLY C 12 17.90 10.03 37.40
C GLY C 12 17.95 11.42 38.02
N PHE C 13 17.30 11.62 39.17
CA PHE C 13 17.26 12.91 39.93
C PHE C 13 17.95 12.73 41.28
N SER C 14 18.75 11.68 41.44
CA SER C 14 19.56 11.41 42.66
C SER C 14 21.05 11.62 42.35
N THR C 15 21.80 12.07 43.36
CA THR C 15 23.23 12.47 43.25
C THR C 15 24.06 11.28 42.74
N LEU C 16 25.04 11.55 41.88
CA LEU C 16 26.14 10.63 41.49
C LEU C 16 27.45 11.18 42.07
N SER C 17 28.01 10.54 43.10
CA SER C 17 29.27 10.93 43.79
C SER C 17 30.50 10.28 43.13
N GLU C 18 30.30 9.30 42.25
CA GLU C 18 31.39 8.49 41.66
C GLU C 18 31.92 9.18 40.41
N GLU C 19 33.23 9.40 40.36
CA GLU C 19 34.01 9.92 39.21
C GLU C 19 35.06 8.86 38.83
N LEU C 20 35.09 8.42 37.57
CA LEU C 20 36.10 7.44 37.10
C LEU C 20 36.53 7.71 35.67
N ASP C 21 37.65 7.10 35.27
CA ASP C 21 38.23 7.14 33.89
C ASP C 21 38.48 5.69 33.43
N LEU C 22 37.81 5.26 32.36
CA LEU C 22 37.85 3.85 31.85
C LEU C 22 38.11 3.85 30.35
N GLU C 23 39.11 3.08 29.91
CA GLU C 23 39.62 3.07 28.51
C GLU C 23 38.62 2.38 27.59
N SER C 24 37.99 1.28 28.05
CA SER C 24 36.99 0.48 27.30
C SER C 24 35.72 0.25 28.14
N LEU C 25 34.55 0.63 27.60
CA LEU C 25 33.22 0.20 28.08
C LEU C 25 32.82 -1.06 27.31
N GLN C 26 32.10 -1.99 27.94
CA GLN C 26 31.52 -3.20 27.27
C GLN C 26 30.57 -2.71 26.19
N VAL C 27 30.80 -3.10 24.93
CA VAL C 27 29.99 -2.68 23.75
C VAL C 27 29.19 -3.90 23.23
N LYS C 28 27.88 -3.73 23.04
CA LYS C 28 26.98 -4.65 22.29
C LYS C 28 26.65 -3.98 20.96
N GLY C 29 26.52 -4.76 19.88
CA GLY C 29 26.43 -4.25 18.49
C GLY C 29 27.79 -3.86 17.97
N THR C 30 27.86 -2.97 16.98
CA THR C 30 29.13 -2.46 16.42
C THR C 30 28.98 -0.97 16.08
N ILE C 31 29.94 -0.18 16.57
CA ILE C 31 30.04 1.30 16.40
C ILE C 31 30.85 1.56 15.13
N PRO C 32 30.32 2.26 14.11
CA PRO C 32 31.05 2.46 12.86
C PRO C 32 32.48 2.97 13.10
N LYS C 33 33.44 2.44 12.32
CA LYS C 33 34.90 2.73 12.47
C LYS C 33 35.16 4.23 12.36
N TRP C 34 34.33 4.95 11.60
CA TRP C 34 34.54 6.38 11.22
C TRP C 34 34.23 7.32 12.39
N LEU C 35 33.53 6.85 13.42
CA LEU C 35 33.29 7.64 14.66
C LEU C 35 34.62 7.73 15.42
N SER C 36 35.31 8.88 15.33
CA SER C 36 36.67 9.11 15.88
C SER C 36 36.69 10.30 16.84
N GLY C 37 35.53 10.91 17.13
CA GLY C 37 35.43 12.13 17.95
C GLY C 37 35.14 11.83 19.41
N THR C 38 34.80 12.87 20.17
CA THR C 38 34.43 12.79 21.61
C THR C 38 33.05 13.43 21.78
N LEU C 39 32.15 12.74 22.50
CA LEU C 39 30.86 13.28 22.99
C LEU C 39 31.06 13.77 24.42
N ILE C 40 30.70 15.03 24.70
CA ILE C 40 30.64 15.59 26.08
C ILE C 40 29.19 15.83 26.46
N ARG C 41 28.75 15.26 27.59
CA ARG C 41 27.41 15.48 28.18
C ARG C 41 27.57 16.40 29.40
N ASN C 42 26.69 17.40 29.52
CA ASN C 42 26.63 18.26 30.74
C ASN C 42 25.25 18.07 31.38
N GLY C 43 25.20 18.24 32.70
CA GLY C 43 23.96 18.24 33.47
C GLY C 43 24.25 18.28 34.96
N PRO C 44 23.19 18.46 35.77
CA PRO C 44 23.32 18.43 37.23
C PRO C 44 23.54 16.97 37.67
N ALA C 45 24.34 16.76 38.73
CA ALA C 45 24.70 15.41 39.21
C ALA C 45 24.80 15.40 40.75
N LYS C 46 24.65 16.55 41.41
CA LYS C 46 24.63 16.65 42.90
C LYS C 46 23.48 17.59 43.27
N PHE C 47 22.46 17.07 43.97
CA PHE C 47 21.16 17.75 44.17
C PHE C 47 21.02 18.19 45.63
N GLU C 48 22.06 17.95 46.45
CA GLU C 48 22.09 18.42 47.86
C GLU C 48 23.54 18.71 48.28
N VAL C 49 23.67 19.50 49.34
CA VAL C 49 24.94 19.90 50.00
C VAL C 49 24.70 19.80 51.50
N GLY C 50 25.24 18.78 52.16
CA GLY C 50 24.93 18.45 53.56
C GLY C 50 23.42 18.31 53.75
N LYS C 51 22.85 19.08 54.68
CA LYS C 51 21.41 19.04 55.06
C LYS C 51 20.57 19.95 54.13
N GLU C 52 21.22 20.79 53.31
CA GLU C 52 20.59 21.74 52.36
C GLU C 52 20.34 21.04 51.02
N LYS C 53 19.14 21.16 50.47
CA LYS C 53 18.72 20.53 49.19
C LYS C 53 18.56 21.61 48.12
N PHE C 54 18.96 21.32 46.88
CA PHE C 54 18.69 22.17 45.71
C PHE C 54 17.19 22.00 45.36
N GLN C 55 16.48 23.11 45.13
CA GLN C 55 15.01 23.10 44.92
C GLN C 55 14.66 22.60 43.51
N HIS C 56 15.42 23.03 42.49
CA HIS C 56 15.06 22.85 41.05
C HIS C 56 16.06 21.92 40.35
N TRP C 57 15.58 21.25 39.31
CA TRP C 57 16.41 20.43 38.38
C TRP C 57 17.60 21.26 37.89
N PHE C 58 17.38 22.54 37.58
CA PHE C 58 18.36 23.46 36.95
C PHE C 58 19.47 23.87 37.95
N ASP C 59 19.29 23.61 39.25
CA ASP C 59 20.20 24.03 40.35
C ASP C 59 21.33 23.03 40.60
N GLY C 60 21.20 21.77 40.16
CA GLY C 60 22.18 20.71 40.49
C GLY C 60 23.57 21.05 39.97
N LEU C 61 24.60 20.66 40.73
CA LEU C 61 26.02 21.02 40.45
C LEU C 61 26.52 20.23 39.23
N ALA C 62 27.04 20.96 38.24
CA ALA C 62 27.48 20.44 36.92
C ALA C 62 28.47 19.29 37.08
N MET C 63 28.25 18.23 36.29
CA MET C 63 29.19 17.11 36.04
C MET C 63 29.29 16.89 34.53
N LEU C 64 30.52 16.68 34.04
CA LEU C 64 30.79 16.38 32.61
C LEU C 64 31.00 14.87 32.47
N HIS C 65 30.51 14.31 31.36
CA HIS C 65 30.69 12.90 30.94
C HIS C 65 31.38 12.91 29.57
N LYS C 66 32.47 12.16 29.42
CA LYS C 66 33.25 12.08 28.17
C LYS C 66 33.12 10.67 27.57
N PHE C 67 32.64 10.59 26.33
CA PHE C 67 32.58 9.36 25.49
C PHE C 67 33.47 9.60 24.26
N SER C 68 34.67 9.03 24.27
CA SER C 68 35.68 9.17 23.18
C SER C 68 35.69 7.87 22.37
N PHE C 69 35.52 7.96 21.05
CA PHE C 69 35.40 6.83 20.10
C PHE C 69 36.73 6.65 19.35
N LYS C 70 37.32 5.45 19.43
CA LYS C 70 38.50 5.02 18.62
C LYS C 70 38.21 3.64 18.02
N GLU C 71 38.16 3.54 16.70
CA GLU C 71 38.14 2.27 15.91
C GLU C 71 37.20 1.25 16.57
N GLY C 72 35.92 1.62 16.73
CA GLY C 72 34.84 0.71 17.17
C GLY C 72 34.76 0.55 18.69
N LYS C 73 35.79 0.99 19.44
CA LYS C 73 35.81 0.96 20.92
C LYS C 73 35.31 2.33 21.43
N VAL C 74 35.01 2.43 22.73
CA VAL C 74 34.55 3.70 23.38
C VAL C 74 35.10 3.77 24.81
N SER C 75 35.74 4.89 25.16
CA SER C 75 36.27 5.23 26.50
C SER C 75 35.26 6.13 27.22
N TYR C 76 35.24 6.12 28.55
CA TYR C 76 34.36 6.98 29.37
C TYR C 76 35.11 7.55 30.57
N ALA C 77 34.88 8.84 30.81
CA ALA C 77 35.36 9.59 31.99
C ALA C 77 34.26 10.56 32.42
N ASN C 78 34.14 10.79 33.73
CA ASN C 78 33.18 11.77 34.32
C ASN C 78 33.85 12.45 35.52
N LYS C 79 33.78 13.79 35.58
CA LYS C 79 34.21 14.61 36.74
C LYS C 79 33.16 15.71 36.97
N PHE C 80 32.93 16.07 38.22
CA PHE C 80 32.25 17.31 38.63
C PHE C 80 33.07 18.50 38.12
N LEU C 81 32.41 19.51 37.57
CA LEU C 81 33.03 20.81 37.24
C LEU C 81 33.45 21.45 38.56
N GLU C 82 34.74 21.76 38.70
CA GLU C 82 35.30 22.38 39.93
C GLU C 82 35.15 23.89 39.85
N SER C 83 33.91 24.34 39.64
CA SER C 83 33.40 25.72 39.80
C SER C 83 33.62 26.17 41.25
N LYS C 84 33.52 27.47 41.50
CA LYS C 84 33.51 28.06 42.86
C LYS C 84 32.27 27.55 43.60
N ALA C 85 31.14 27.39 42.90
CA ALA C 85 29.89 26.84 43.47
C ALA C 85 30.17 25.45 44.03
N TYR C 86 30.76 24.55 43.22
CA TYR C 86 31.07 23.16 43.63
C TYR C 86 32.09 23.14 44.76
N GLN C 87 33.22 23.84 44.56
CA GLN C 87 34.36 23.84 45.51
C GLN C 87 33.88 24.34 46.87
N SER C 88 33.05 25.39 46.89
CA SER C 88 32.50 25.99 48.13
C SER C 88 31.60 24.99 48.86
N ALA C 89 30.69 24.33 48.13
CA ALA C 89 29.77 23.30 48.66
C ALA C 89 30.57 22.12 49.23
N ARG C 90 31.55 21.63 48.46
CA ARG C 90 32.43 20.50 48.85
C ARG C 90 33.17 20.83 50.15
N ASP C 91 33.68 22.06 50.29
CA ASP C 91 34.67 22.43 51.32
C ASP C 91 34.01 23.10 52.55
N THR C 92 32.78 23.61 52.42
CA THR C 92 32.05 24.27 53.55
C THR C 92 30.77 23.50 53.91
N ASP C 93 30.32 22.57 53.07
CA ASP C 93 29.00 21.87 53.22
C ASP C 93 27.88 22.90 53.39
N LYS C 94 27.99 24.00 52.66
CA LYS C 94 26.98 25.09 52.58
C LYS C 94 26.82 25.46 51.10
N ILE C 95 25.57 25.55 50.62
CA ILE C 95 25.27 26.19 49.31
C ILE C 95 25.74 27.63 49.47
N SER C 96 26.52 28.15 48.52
CA SER C 96 27.30 29.40 48.70
C SER C 96 27.04 30.39 47.56
N TYR C 97 26.51 29.93 46.43
CA TYR C 97 26.14 30.77 45.27
C TYR C 97 24.65 30.62 44.98
N ARG C 98 24.08 31.69 44.40
CA ARG C 98 22.67 31.80 44.01
C ARG C 98 22.46 31.06 42.69
N GLU C 99 21.63 30.02 42.70
CA GLU C 99 21.32 29.20 41.51
C GLU C 99 20.02 29.71 40.89
N PHE C 100 19.58 29.04 39.81
CA PHE C 100 18.32 29.31 39.08
C PHE C 100 17.13 29.47 40.05
N ALA C 101 17.01 28.60 41.06
CA ALA C 101 15.81 28.57 41.95
C ALA C 101 16.18 28.26 43.42
N THR C 102 17.45 28.26 43.78
CA THR C 102 17.92 28.06 45.17
C THR C 102 18.93 29.15 45.55
N ASP C 103 18.70 29.82 46.68
CA ASP C 103 19.63 30.81 47.28
C ASP C 103 20.26 30.17 48.51
N PRO C 104 21.52 30.52 48.86
CA PRO C 104 22.11 30.06 50.12
C PRO C 104 21.48 30.75 51.35
N CYS C 105 21.62 30.11 52.52
CA CYS C 105 20.89 30.43 53.78
C CYS C 105 21.64 31.54 54.51
N LYS C 119 28.42 38.58 42.68
CA LYS C 119 28.82 37.15 42.56
C LYS C 119 27.65 36.36 41.97
N PHE C 120 27.67 36.11 40.65
CA PHE C 120 26.83 35.13 39.92
C PHE C 120 27.44 33.73 40.06
N THR C 121 26.62 32.69 40.22
CA THR C 121 27.05 31.27 40.21
C THR C 121 27.81 30.97 38.90
N ASP C 122 28.80 30.08 39.00
CA ASP C 122 29.59 29.56 37.86
C ASP C 122 29.27 28.06 37.71
N ASN C 123 28.12 27.63 38.23
CA ASN C 123 27.61 26.24 38.11
C ASN C 123 27.15 26.03 36.68
N ALA C 124 28.10 25.89 35.75
CA ALA C 124 27.85 25.81 34.30
C ALA C 124 27.40 24.39 33.96
N ASN C 125 26.10 24.12 34.14
CA ASN C 125 25.53 22.75 34.15
C ASN C 125 24.65 22.49 32.93
N VAL C 126 24.58 23.41 31.96
CA VAL C 126 23.54 23.36 30.89
C VAL C 126 24.09 22.76 29.61
N ASN C 127 25.21 23.28 29.10
CA ASN C 127 25.72 22.93 27.75
C ASN C 127 27.25 23.04 27.74
N VAL C 128 27.87 22.69 26.62
CA VAL C 128 29.34 22.82 26.36
C VAL C 128 29.53 23.24 24.90
N THR C 129 30.57 24.02 24.64
CA THR C 129 30.96 24.47 23.28
C THR C 129 32.44 24.85 23.30
N LYS C 130 32.95 25.45 22.21
CA LYS C 130 34.34 25.95 22.12
C LYS C 130 34.32 27.44 21.82
N ILE C 131 35.08 28.21 22.59
CA ILE C 131 35.33 29.66 22.38
C ILE C 131 36.84 29.88 22.42
N ALA C 132 37.39 30.60 21.45
CA ALA C 132 38.85 30.85 21.34
C ALA C 132 39.60 29.51 21.43
N GLU C 133 39.12 28.48 20.71
CA GLU C 133 39.73 27.13 20.63
C GLU C 133 39.85 26.49 22.03
N ARG C 134 39.05 26.92 23.00
CA ARG C 134 39.00 26.38 24.39
C ARG C 134 37.61 25.80 24.63
N PHE C 135 37.55 24.64 25.29
CA PHE C 135 36.29 23.97 25.70
C PHE C 135 35.74 24.68 26.94
N VAL C 136 34.45 25.07 26.87
CA VAL C 136 33.75 25.78 27.98
C VAL C 136 32.42 25.08 28.27
N ALA C 137 32.12 24.97 29.57
CA ALA C 137 30.79 24.63 30.13
C ALA C 137 29.99 25.94 30.28
N MET C 138 28.69 25.91 30.04
CA MET C 138 27.82 27.12 30.01
C MET C 138 26.57 26.92 30.86
N THR C 139 26.20 27.97 31.61
CA THR C 139 24.83 28.14 32.15
C THR C 139 24.34 29.49 31.66
N GLU C 140 23.51 30.19 32.44
CA GLU C 140 22.75 31.38 31.98
C GLU C 140 23.27 32.63 32.70
N THR C 141 24.19 32.46 33.65
CA THR C 141 25.01 33.57 34.21
C THR C 141 26.02 34.01 33.16
N PRO C 142 26.55 35.24 33.26
CA PRO C 142 27.35 35.84 32.18
C PRO C 142 28.55 35.07 31.64
N LEU C 143 29.31 34.35 32.48
CA LEU C 143 30.65 33.81 32.12
C LEU C 143 30.62 32.29 32.08
N PRO C 144 31.08 31.65 30.99
CA PRO C 144 31.32 30.21 30.96
C PRO C 144 32.50 29.78 31.84
N VAL C 145 32.63 28.47 32.06
CA VAL C 145 33.75 27.84 32.82
C VAL C 145 34.54 26.94 31.88
N GLU C 146 35.82 27.26 31.68
CA GLU C 146 36.75 26.52 30.78
C GLU C 146 37.14 25.19 31.45
N PHE C 147 37.24 24.13 30.65
CA PHE C 147 37.68 22.78 31.11
C PHE C 147 38.57 22.16 30.03
N ASP C 148 39.37 21.18 30.45
CA ASP C 148 40.32 20.43 29.59
C ASP C 148 39.61 19.18 29.08
N ILE C 149 39.42 19.03 27.76
CA ILE C 149 38.67 17.86 27.18
C ILE C 149 39.42 16.56 27.49
N ASN C 150 40.75 16.61 27.61
CA ASN C 150 41.60 15.41 27.83
C ASN C 150 41.42 14.87 29.25
N THR C 151 41.39 15.73 30.27
CA THR C 151 41.39 15.33 31.71
C THR C 151 40.01 15.56 32.35
N LEU C 152 39.20 16.47 31.81
CA LEU C 152 37.94 17.01 32.40
C LEU C 152 38.25 17.84 33.66
N LYS C 153 39.50 18.28 33.83
CA LYS C 153 39.87 19.21 34.94
C LYS C 153 39.36 20.60 34.57
N THR C 154 39.04 21.40 35.59
CA THR C 154 38.48 22.77 35.43
C THR C 154 39.64 23.77 35.47
N VAL C 155 39.73 24.62 34.44
CA VAL C 155 40.72 25.73 34.35
C VAL C 155 40.20 26.93 35.15
N GLY C 156 38.93 27.31 34.98
CA GLY C 156 38.27 28.37 35.76
C GLY C 156 37.39 29.26 34.89
N VAL C 157 36.90 30.36 35.46
CA VAL C 157 36.02 31.35 34.76
C VAL C 157 36.73 31.77 33.47
N PHE C 158 36.03 31.66 32.34
CA PHE C 158 36.43 32.13 30.99
C PHE C 158 35.88 33.55 30.83
N ALA C 159 36.73 34.56 31.02
CA ALA C 159 36.41 35.99 30.83
C ALA C 159 36.26 36.29 29.34
N TYR C 160 35.29 37.12 28.97
CA TYR C 160 35.21 37.73 27.63
C TYR C 160 36.07 39.00 27.67
N ASP C 161 36.69 39.36 26.55
CA ASP C 161 37.58 40.53 26.47
C ASP C 161 36.85 41.63 25.70
N ASP C 162 35.95 42.35 26.38
CA ASP C 162 35.08 43.39 25.76
C ASP C 162 34.40 44.15 26.90
N LYS C 163 33.56 45.14 26.57
CA LYS C 163 32.86 46.00 27.58
C LYS C 163 31.35 45.75 27.51
N ILE C 164 30.90 44.65 26.91
CA ILE C 164 29.44 44.30 26.84
C ILE C 164 28.97 43.95 28.25
N GLU C 165 28.01 44.71 28.78
CA GLU C 165 27.40 44.44 30.10
C GLU C 165 26.34 43.36 29.93
N SER C 166 26.26 42.43 30.88
CA SER C 166 25.21 41.40 30.92
C SER C 166 25.07 40.84 32.34
N GLY C 167 23.84 40.46 32.71
CA GLY C 167 23.54 39.74 33.96
C GLY C 167 22.87 38.40 33.66
N LEU C 168 22.42 38.17 32.43
CA LEU C 168 21.67 36.96 32.04
C LEU C 168 21.98 36.66 30.57
N THR C 169 22.21 35.40 30.23
CA THR C 169 22.50 34.98 28.83
C THR C 169 21.98 33.55 28.62
N THR C 170 22.23 32.97 27.45
CA THR C 170 21.83 31.58 27.11
C THR C 170 23.05 30.68 27.09
N ALA C 171 22.84 29.39 27.31
CA ALA C 171 23.82 28.30 27.08
C ALA C 171 23.48 27.63 25.75
N HIS C 172 22.84 28.37 24.84
CA HIS C 172 22.40 27.89 23.51
C HIS C 172 22.91 28.85 22.45
N PRO C 173 24.24 29.10 22.38
CA PRO C 173 24.81 29.89 21.30
C PRO C 173 24.53 29.17 19.97
N HIS C 174 24.26 29.91 18.91
CA HIS C 174 24.33 29.41 17.51
C HIS C 174 25.78 29.55 17.02
N TYR C 175 26.13 28.84 15.95
CA TYR C 175 27.42 29.00 15.22
C TYR C 175 27.13 29.11 13.72
N ASP C 176 27.66 30.17 13.10
CA ASP C 176 27.68 30.41 11.63
C ASP C 176 28.97 29.81 11.06
N PHE C 177 28.83 28.77 10.23
CA PHE C 177 29.96 27.98 9.66
C PHE C 177 30.60 28.73 8.49
N VAL C 178 29.81 29.50 7.73
CA VAL C 178 30.29 30.31 6.58
C VAL C 178 31.25 31.40 7.09
N LYS C 179 30.81 32.20 8.08
CA LYS C 179 31.55 33.36 8.63
C LYS C 179 32.46 32.94 9.79
N ASN C 180 32.30 31.72 10.30
CA ASN C 180 33.10 31.19 11.44
C ASN C 180 32.94 32.11 12.65
N GLU C 181 31.69 32.37 13.05
CA GLU C 181 31.32 33.21 14.21
C GLU C 181 30.36 32.43 15.12
N LEU C 182 30.60 32.45 16.42
CA LEU C 182 29.60 32.13 17.47
C LEU C 182 28.64 33.32 17.57
N VAL C 183 27.34 33.05 17.67
CA VAL C 183 26.29 34.10 17.84
C VAL C 183 25.48 33.76 19.10
N ASN C 184 25.26 34.76 19.95
CA ASN C 184 24.47 34.65 21.19
C ASN C 184 23.92 36.04 21.49
N TYR C 185 23.14 36.15 22.56
CA TYR C 185 22.75 37.45 23.15
C TYR C 185 23.02 37.37 24.66
N ALA C 186 23.17 38.53 25.27
CA ALA C 186 23.27 38.71 26.73
C ALA C 186 22.37 39.89 27.10
N THR C 187 21.67 39.79 28.22
CA THR C 187 20.72 40.82 28.68
C THR C 187 21.40 41.62 29.78
N LYS C 188 21.50 42.93 29.58
CA LYS C 188 21.88 43.86 30.67
C LYS C 188 20.59 44.13 31.45
N ILE C 189 20.55 43.66 32.70
CA ILE C 189 19.36 43.83 33.57
C ILE C 189 19.62 45.01 34.50
N SER C 190 18.91 46.11 34.26
CA SER C 190 19.03 47.41 34.97
C SER C 190 17.76 48.20 34.75
N ARG C 191 17.75 49.46 35.16
CA ARG C 191 16.63 50.41 34.94
C ARG C 191 16.56 50.81 33.46
N SER C 192 17.59 50.49 32.67
CA SER C 192 17.64 50.63 31.19
C SER C 192 18.11 49.31 30.58
N SER C 193 17.31 48.26 30.73
CA SER C 193 17.66 46.88 30.30
C SER C 193 17.76 46.84 28.77
N ASN C 194 18.61 45.95 28.26
CA ASN C 194 18.94 45.80 26.83
C ASN C 194 19.16 44.31 26.54
N TYR C 195 18.65 43.85 25.41
CA TYR C 195 19.09 42.58 24.77
C TYR C 195 20.29 42.93 23.90
N ASN C 196 21.47 42.41 24.24
CA ASN C 196 22.74 42.68 23.51
C ASN C 196 23.08 41.45 22.68
N VAL C 197 22.78 41.50 21.38
CA VAL C 197 23.11 40.44 20.39
C VAL C 197 24.59 40.65 20.01
N TYR C 198 25.39 39.59 20.07
CA TYR C 198 26.85 39.67 19.82
C TYR C 198 27.32 38.44 19.04
N LYS C 199 28.55 38.55 18.52
CA LYS C 199 29.26 37.45 17.83
C LYS C 199 30.70 37.38 18.31
N ILE C 200 31.29 36.19 18.21
CA ILE C 200 32.71 35.91 18.55
C ILE C 200 33.37 35.22 17.35
N ALA C 201 34.22 35.96 16.64
CA ALA C 201 35.06 35.45 15.54
C ALA C 201 35.93 34.33 16.11
N ASP C 202 36.28 33.34 15.30
CA ASP C 202 37.23 32.26 15.68
C ASP C 202 38.52 32.88 16.21
N LYS C 203 39.15 32.20 17.18
CA LYS C 203 40.50 32.50 17.70
C LYS C 203 40.49 33.83 18.46
N THR C 204 39.36 34.19 19.08
CA THR C 204 39.26 35.36 20.00
C THR C 204 38.16 35.12 21.05
N ASN C 205 38.30 35.78 22.21
CA ASN C 205 37.26 35.82 23.28
C ASN C 205 36.67 37.23 23.37
N HIS C 206 36.95 38.09 22.39
CA HIS C 206 36.33 39.44 22.23
C HIS C 206 35.00 39.27 21.50
N ARG C 207 33.91 39.75 22.13
CA ARG C 207 32.55 39.83 21.54
C ARG C 207 32.39 41.18 20.82
N ASN C 208 31.95 41.15 19.55
CA ASN C 208 31.45 42.33 18.80
C ASN C 208 29.95 42.44 19.11
N LEU C 209 29.51 43.59 19.61
CA LEU C 209 28.08 43.96 19.73
C LEU C 209 27.50 44.10 18.32
N ILE C 210 26.54 43.24 17.96
CA ILE C 210 25.75 43.38 16.70
C ILE C 210 24.70 44.46 16.91
N GLY C 211 23.92 44.37 18.00
CA GLY C 211 22.76 45.24 18.21
C GLY C 211 22.29 45.17 19.66
N SER C 212 21.76 46.29 20.17
CA SER C 212 21.06 46.39 21.46
C SER C 212 19.59 46.70 21.21
N ILE C 213 18.68 45.89 21.75
CA ILE C 213 17.22 46.18 21.77
C ILE C 213 16.83 46.58 23.18
N PRO C 214 16.44 47.86 23.41
CA PRO C 214 15.97 48.28 24.73
C PRO C 214 14.66 47.58 25.08
N VAL C 215 14.44 47.35 26.38
CA VAL C 215 13.31 46.54 26.92
C VAL C 215 13.07 46.95 28.38
N GLU C 216 11.80 47.11 28.76
CA GLU C 216 11.40 47.50 30.14
C GLU C 216 11.54 46.30 31.07
N GLU C 217 10.97 45.16 30.67
CA GLU C 217 10.85 43.92 31.48
C GLU C 217 11.40 42.76 30.68
N PRO C 218 12.69 42.41 30.87
CA PRO C 218 13.32 41.36 30.08
C PRO C 218 12.62 40.01 30.28
N ALA C 219 12.51 39.26 29.20
CA ALA C 219 11.93 37.90 29.15
C ALA C 219 13.04 36.86 29.36
N TYR C 220 12.69 35.74 30.00
CA TYR C 220 13.56 34.54 30.08
C TYR C 220 13.45 33.83 28.74
N MET C 221 14.46 34.01 27.90
CA MET C 221 14.60 33.40 26.55
C MET C 221 15.83 32.47 26.57
N HIS C 222 15.59 31.21 26.94
CA HIS C 222 16.60 30.13 27.15
C HIS C 222 17.39 29.86 25.86
N SER C 223 16.79 30.16 24.71
CA SER C 223 17.37 29.97 23.36
C SER C 223 16.76 31.01 22.44
N PHE C 224 17.25 31.11 21.20
CA PHE C 224 16.77 32.05 20.17
C PHE C 224 16.94 31.40 18.79
N ALA C 225 16.37 32.04 17.78
CA ALA C 225 16.38 31.56 16.38
C ALA C 225 17.45 32.33 15.60
N MET C 226 18.14 31.64 14.69
CA MET C 226 19.05 32.27 13.69
C MET C 226 18.67 31.79 12.28
N THR C 227 18.55 32.73 11.34
CA THR C 227 18.38 32.45 9.89
C THR C 227 19.66 32.89 9.16
N GLU C 228 19.64 32.94 7.84
CA GLU C 228 20.77 33.41 6.99
C GLU C 228 21.15 34.84 7.41
N ASN C 229 20.17 35.75 7.45
CA ASN C 229 20.39 37.21 7.63
C ASN C 229 20.04 37.69 9.04
N TYR C 230 19.35 36.88 9.85
CA TYR C 230 18.67 37.37 11.08
C TYR C 230 19.02 36.56 12.32
N VAL C 231 18.96 37.27 13.45
CA VAL C 231 18.68 36.71 14.80
C VAL C 231 17.21 37.06 15.09
N VAL C 232 16.40 36.06 15.48
CA VAL C 232 15.00 36.28 15.95
C VAL C 232 14.97 35.94 17.45
N LEU C 233 14.80 36.97 18.29
CA LEU C 233 14.53 36.77 19.73
C LEU C 233 13.01 36.57 19.85
N VAL C 234 12.57 35.39 20.27
CA VAL C 234 11.13 35.10 20.56
C VAL C 234 10.90 35.40 22.04
N GLU C 235 10.32 36.57 22.31
CA GLU C 235 10.12 37.13 23.66
C GLU C 235 8.75 36.64 24.19
N TYR C 236 8.74 35.43 24.74
CA TYR C 236 7.64 34.85 25.55
C TYR C 236 7.34 35.84 26.65
N PRO C 237 6.05 36.08 26.99
CA PRO C 237 5.72 37.04 28.05
C PRO C 237 5.92 36.44 29.45
N PHE C 238 7.11 35.87 29.69
CA PHE C 238 7.58 35.40 31.00
C PHE C 238 8.75 36.34 31.38
N VAL C 239 8.45 37.36 32.17
CA VAL C 239 9.26 38.61 32.25
C VAL C 239 9.53 38.98 33.71
N VAL C 240 10.60 39.76 33.94
CA VAL C 240 11.05 40.21 35.29
C VAL C 240 11.08 41.74 35.28
N LYS C 241 10.71 42.34 36.41
CA LYS C 241 11.00 43.77 36.71
C LYS C 241 12.43 43.81 37.23
N PRO C 242 13.36 44.48 36.51
CA PRO C 242 14.75 44.58 36.93
C PRO C 242 14.96 44.83 38.44
N LEU C 243 14.27 45.81 39.00
CA LEU C 243 14.41 46.20 40.44
C LEU C 243 13.94 45.06 41.34
N ASP C 244 12.98 44.21 40.94
CA ASP C 244 12.60 43.01 41.74
C ASP C 244 13.81 42.06 41.81
N LEU C 245 14.46 41.82 40.67
CA LEU C 245 15.66 40.95 40.60
C LEU C 245 16.77 41.54 41.49
N LEU C 246 16.96 42.87 41.50
CA LEU C 246 18.05 43.53 42.26
C LEU C 246 17.76 43.45 43.75
N LEU C 247 16.51 43.65 44.18
CA LEU C 247 16.20 44.00 45.59
C LEU C 247 15.45 42.88 46.31
N SER C 248 14.65 42.04 45.64
CA SER C 248 13.86 40.97 46.31
C SER C 248 14.83 39.98 46.95
N GLY C 249 14.40 39.30 48.02
CA GLY C 249 15.24 38.28 48.66
C GLY C 249 15.14 36.93 47.96
N LYS C 250 14.44 36.86 46.82
CA LYS C 250 13.89 35.61 46.25
C LYS C 250 14.82 35.03 45.19
N PRO C 251 14.96 33.69 45.12
CA PRO C 251 15.73 33.05 44.06
C PRO C 251 15.33 33.54 42.64
N PHE C 252 16.34 33.57 41.76
CA PHE C 252 16.26 34.15 40.41
C PHE C 252 14.87 33.92 39.78
N ILE C 253 14.49 32.68 39.52
CA ILE C 253 13.34 32.34 38.62
C ILE C 253 12.02 32.81 39.25
N GLU C 254 11.93 32.86 40.58
CA GLU C 254 10.69 33.29 41.31
C GLU C 254 10.35 34.75 41.01
N ASN C 255 11.27 35.54 40.45
CA ASN C 255 11.04 36.97 40.19
C ASN C 255 10.35 37.14 38.82
N PHE C 256 10.21 36.08 38.05
CA PHE C 256 9.60 36.12 36.69
C PHE C 256 8.09 35.86 36.77
N SER C 257 7.30 36.61 35.99
CA SER C 257 5.81 36.57 35.93
C SER C 257 5.33 36.21 34.52
N TRP C 258 4.28 35.39 34.44
CA TRP C 258 3.52 35.10 33.20
C TRP C 258 2.52 36.23 32.96
N LYS C 259 2.63 36.91 31.82
CA LYS C 259 1.77 38.06 31.45
C LYS C 259 1.25 37.83 30.03
N PRO C 260 0.33 36.86 29.83
CA PRO C 260 -0.10 36.47 28.49
C PRO C 260 -0.80 37.59 27.71
N GLU C 261 -1.26 38.63 28.40
CA GLU C 261 -1.90 39.82 27.77
C GLU C 261 -0.88 40.56 26.90
N ASN C 262 0.43 40.42 27.15
CA ASN C 262 1.50 41.04 26.31
C ASN C 262 1.59 40.29 24.96
N GLY C 263 1.16 39.04 24.90
CA GLY C 263 1.42 38.12 23.77
C GLY C 263 2.90 37.79 23.69
N THR C 264 3.29 37.03 22.68
CA THR C 264 4.71 36.73 22.36
C THR C 264 5.17 37.71 21.29
N ARG C 265 6.32 38.36 21.52
CA ARG C 265 6.92 39.30 20.54
C ARG C 265 8.09 38.61 19.83
N PHE C 266 8.04 38.59 18.50
CA PHE C 266 9.15 38.15 17.62
C PHE C 266 9.94 39.42 17.24
N ILE C 267 11.17 39.54 17.77
CA ILE C 267 12.10 40.69 17.50
C ILE C 267 13.11 40.21 16.46
N ILE C 268 13.06 40.79 15.26
CA ILE C 268 13.91 40.37 14.11
C ILE C 268 15.04 41.39 13.92
N VAL C 269 16.27 40.94 14.10
CA VAL C 269 17.49 41.79 14.04
C VAL C 269 18.37 41.25 12.92
N ASN C 270 18.70 42.11 11.95
CA ASN C 270 19.75 41.85 10.94
C ASN C 270 21.06 41.55 11.69
N ARG C 271 21.63 40.36 11.52
CA ARG C 271 22.78 39.92 12.35
C ARG C 271 24.12 40.22 11.66
N GLN C 272 24.13 41.08 10.64
CA GLN C 272 25.37 41.59 9.99
C GLN C 272 25.52 43.11 10.23
N ASN C 273 24.43 43.84 10.45
CA ASN C 273 24.48 45.32 10.65
C ASN C 273 23.62 45.78 11.82
N GLY C 274 22.95 44.85 12.52
CA GLY C 274 22.24 45.14 13.79
C GLY C 274 20.97 45.97 13.58
N ASN C 275 20.52 46.16 12.33
CA ASN C 275 19.25 46.87 12.02
C ASN C 275 18.06 46.08 12.57
N LEU C 276 17.06 46.78 13.12
CA LEU C 276 15.76 46.22 13.54
C LEU C 276 14.88 46.05 12.30
N VAL C 277 14.72 44.81 11.83
CA VAL C 277 13.86 44.44 10.67
C VAL C 277 12.40 44.70 11.06
N GLY C 278 11.99 44.26 12.25
CA GLY C 278 10.62 44.47 12.75
C GLY C 278 10.31 43.66 14.00
N THR C 279 9.19 44.02 14.65
CA THR C 279 8.57 43.26 15.76
C THR C 279 7.18 42.82 15.32
N TYR C 280 6.86 41.55 15.57
CA TYR C 280 5.59 40.88 15.23
C TYR C 280 5.07 40.19 16.50
N LYS C 281 3.75 40.14 16.65
CA LYS C 281 3.07 39.55 17.84
C LYS C 281 2.27 38.31 17.43
N SER C 282 2.34 37.26 18.25
CA SER C 282 1.43 36.09 18.24
C SER C 282 0.75 36.01 19.61
N ASP C 283 -0.21 35.09 19.76
CA ASP C 283 -0.80 34.75 21.08
C ASP C 283 0.32 34.24 21.98
N ALA C 284 0.23 34.49 23.28
CA ALA C 284 1.19 34.06 24.31
C ALA C 284 1.48 32.55 24.17
N PHE C 285 2.75 32.19 24.28
CA PHE C 285 3.25 30.82 24.51
C PHE C 285 4.63 30.92 25.16
N PHE C 286 5.15 29.80 25.65
CA PHE C 286 6.50 29.69 26.27
C PHE C 286 7.26 28.56 25.59
N ALA C 287 8.60 28.68 25.58
CA ALA C 287 9.51 27.68 25.02
C ALA C 287 10.88 27.81 25.68
N PHE C 288 11.51 26.68 25.96
CA PHE C 288 12.95 26.59 26.32
C PHE C 288 13.76 26.54 25.03
N HIS C 289 13.36 25.69 24.07
CA HIS C 289 14.22 25.25 22.94
C HIS C 289 13.59 25.54 21.59
N HIS C 290 14.29 26.33 20.78
CA HIS C 290 14.12 26.47 19.31
C HIS C 290 14.63 25.18 18.66
N VAL C 291 14.06 24.81 17.52
CA VAL C 291 14.45 23.63 16.71
C VAL C 291 15.36 24.10 15.57
N ASN C 292 14.85 25.04 14.77
CA ASN C 292 15.50 25.62 13.58
C ASN C 292 14.58 26.71 13.02
N ALA C 293 15.13 27.60 12.20
CA ALA C 293 14.39 28.69 11.52
C ALA C 293 15.03 28.93 10.15
N PHE C 294 14.30 29.53 9.22
CA PHE C 294 14.79 29.82 7.86
C PHE C 294 13.90 30.85 7.18
N GLU C 295 14.50 31.59 6.25
CA GLU C 295 13.82 32.57 5.35
C GLU C 295 13.37 31.82 4.10
N LYS C 296 12.22 32.20 3.56
CA LYS C 296 11.67 31.66 2.28
C LYS C 296 10.73 32.72 1.71
N GLN C 297 11.00 33.17 0.48
CA GLN C 297 10.32 34.35 -0.13
C GLN C 297 10.51 35.54 0.82
N GLU C 298 9.44 36.30 1.10
CA GLU C 298 9.43 37.44 2.06
C GLU C 298 8.81 36.96 3.39
N GLU C 299 9.11 35.72 3.79
CA GLU C 299 8.58 35.08 5.04
C GLU C 299 9.71 34.43 5.83
N ILE C 300 9.57 34.36 7.16
CA ILE C 300 10.46 33.61 8.08
C ILE C 300 9.63 32.51 8.75
N PHE C 301 10.15 31.28 8.75
CA PHE C 301 9.57 30.12 9.46
C PHE C 301 10.43 29.85 10.69
N VAL C 302 9.80 29.93 11.88
CA VAL C 302 10.46 29.69 13.20
C VAL C 302 9.82 28.45 13.82
N ASP C 303 10.58 27.35 13.94
CA ASP C 303 10.15 26.07 14.53
C ASP C 303 10.59 26.05 15.99
N ILE C 304 9.62 25.92 16.91
CA ILE C 304 9.80 26.04 18.38
C ILE C 304 9.12 24.87 19.09
N ILE C 305 9.75 24.34 20.13
CA ILE C 305 9.16 23.39 21.11
C ILE C 305 8.36 24.21 22.13
N ALA C 306 7.06 24.38 21.87
CA ALA C 306 6.19 25.37 22.54
C ALA C 306 5.27 24.70 23.58
N TYR C 307 5.12 25.33 24.74
CA TYR C 307 4.10 25.05 25.78
C TYR C 307 3.05 26.15 25.72
N GLN C 308 1.84 25.91 26.22
N GLN C 308 1.84 25.88 26.24
CA GLN C 308 0.76 26.93 26.22
CA GLN C 308 0.71 26.85 26.29
C GLN C 308 1.17 28.08 27.14
C GLN C 308 1.15 28.05 27.14
N ASP C 309 1.79 27.79 28.28
CA ASP C 309 2.21 28.85 29.23
C ASP C 309 3.57 28.47 29.87
N SER C 310 3.98 29.20 30.90
CA SER C 310 5.31 29.07 31.55
C SER C 310 5.25 28.11 32.74
N SER C 311 4.18 27.32 32.89
CA SER C 311 3.96 26.49 34.11
C SER C 311 4.97 25.34 34.16
N ILE C 312 5.46 24.87 33.00
CA ILE C 312 6.55 23.86 32.92
C ILE C 312 7.71 24.22 33.85
N VAL C 313 8.03 25.51 34.00
CA VAL C 313 9.16 25.98 34.86
C VAL C 313 8.93 25.50 36.30
N ASN C 314 7.72 25.68 36.83
CA ASN C 314 7.34 25.27 38.22
C ASN C 314 7.20 23.74 38.30
N ALA C 315 7.05 23.06 37.17
CA ALA C 315 6.88 21.59 37.11
C ALA C 315 8.24 20.90 37.19
N LEU C 316 9.33 21.61 36.94
CA LEU C 316 10.70 21.03 36.95
C LEU C 316 11.39 21.32 38.29
N TYR C 317 10.64 21.73 39.33
CA TYR C 317 11.08 21.62 40.74
C TYR C 317 11.19 20.12 41.08
N LEU C 318 12.19 19.75 41.89
CA LEU C 318 12.58 18.33 42.08
C LEU C 318 11.48 17.57 42.85
N ASP C 319 10.73 18.23 43.72
CA ASP C 319 9.68 17.54 44.52
C ASP C 319 8.57 17.04 43.58
N ILE C 320 8.28 17.78 42.51
CA ILE C 320 7.32 17.36 41.45
C ILE C 320 7.97 16.26 40.60
N LEU C 321 9.19 16.49 40.11
CA LEU C 321 9.89 15.51 39.22
C LEU C 321 10.05 14.16 39.93
N ARG C 322 10.16 14.15 41.26
CA ARG C 322 10.40 12.90 42.04
C ARG C 322 9.08 12.28 42.51
N GLY C 323 7.96 13.00 42.36
CA GLY C 323 6.61 12.50 42.69
C GLY C 323 6.24 12.69 44.14
N GLN C 324 7.00 13.52 44.86
CA GLN C 324 6.73 13.83 46.29
C GLN C 324 5.57 14.83 46.39
N LYS C 325 5.42 15.68 45.37
CA LYS C 325 4.25 16.56 45.15
C LYS C 325 3.60 16.16 43.82
N THR C 326 2.34 15.68 43.86
CA THR C 326 1.57 15.33 42.65
C THR C 326 1.25 16.60 41.86
N ASP C 327 1.55 16.65 40.58
CA ASP C 327 1.25 17.80 39.69
C ASP C 327 1.60 17.39 38.25
N THR C 328 1.07 18.09 37.25
CA THR C 328 1.24 17.72 35.82
C THR C 328 2.55 18.32 35.30
N ILE C 329 3.38 17.52 34.61
CA ILE C 329 4.44 18.10 33.73
C ILE C 329 3.84 18.35 32.35
N PRO C 330 3.56 19.61 31.98
CA PRO C 330 2.92 19.92 30.71
C PRO C 330 3.76 19.47 29.51
N THR C 331 3.11 19.01 28.44
CA THR C 331 3.75 18.60 27.17
C THR C 331 4.00 19.81 26.28
N SER C 332 5.01 19.71 25.41
CA SER C 332 5.37 20.71 24.38
C SER C 332 5.32 20.01 23.03
N HIS C 333 5.02 20.77 21.96
CA HIS C 333 4.91 20.27 20.56
C HIS C 333 5.69 21.19 19.61
N ILE C 334 6.10 20.66 18.46
CA ILE C 334 6.78 21.45 17.39
C ILE C 334 5.73 22.32 16.71
N ARG C 335 5.82 23.64 16.94
CA ARG C 335 5.02 24.67 16.24
C ARG C 335 5.91 25.38 15.23
N ARG C 336 5.46 25.45 13.98
CA ARG C 336 6.09 26.30 12.94
C ARG C 336 5.32 27.61 12.88
N TYR C 337 5.92 28.68 13.40
CA TYR C 337 5.41 30.07 13.29
C TYR C 337 5.85 30.62 11.93
N ARG C 338 4.91 31.23 11.20
CA ARG C 338 5.14 31.90 9.91
C ARG C 338 5.09 33.41 10.14
N ILE C 339 6.22 34.09 9.98
CA ILE C 339 6.31 35.58 10.08
C ILE C 339 6.24 36.13 8.66
N PRO C 340 5.16 36.84 8.30
CA PRO C 340 5.08 37.53 7.01
C PRO C 340 5.77 38.89 7.19
N LEU C 341 6.94 39.10 6.59
CA LEU C 341 7.72 40.36 6.73
C LEU C 341 6.89 41.51 6.16
N SER C 342 6.14 41.26 5.08
CA SER C 342 5.14 42.15 4.44
C SER C 342 4.14 42.68 5.48
N GLY C 343 3.93 41.95 6.58
CA GLY C 343 3.13 42.39 7.75
C GLY C 343 1.95 41.47 8.02
N GLY C 344 1.48 41.44 9.26
CA GLY C 344 0.31 40.66 9.71
C GLY C 344 0.58 39.93 11.01
N GLN C 345 -0.48 39.54 11.73
CA GLN C 345 -0.41 38.66 12.94
C GLN C 345 0.34 37.37 12.56
N VAL C 346 1.21 36.90 13.45
CA VAL C 346 2.00 35.64 13.28
C VAL C 346 1.10 34.46 13.69
N GLU C 347 0.80 33.57 12.74
CA GLU C 347 0.09 32.29 13.00
C GLU C 347 1.11 31.16 13.03
N TYR C 348 0.70 29.98 13.50
CA TYR C 348 1.52 28.74 13.51
C TYR C 348 0.68 27.54 13.08
N GLU C 349 1.35 26.45 12.71
CA GLU C 349 0.75 25.09 12.57
C GLU C 349 1.69 24.09 13.26
N MET C 350 1.12 22.97 13.72
CA MET C 350 1.88 21.86 14.37
C MET C 350 2.56 21.04 13.26
N LEU C 351 3.81 20.63 13.47
CA LEU C 351 4.59 19.81 12.50
C LEU C 351 4.43 18.33 12.86
N SER C 352 3.95 18.05 14.07
CA SER C 352 3.80 16.69 14.63
C SER C 352 2.84 16.72 15.81
N SER C 353 2.10 15.63 16.05
CA SER C 353 1.19 15.49 17.21
C SER C 353 1.97 14.94 18.42
N GLU C 354 3.22 14.52 18.20
CA GLU C 354 4.09 13.92 19.26
C GLU C 354 4.52 15.04 20.20
N ALA C 355 4.46 14.78 21.52
CA ALA C 355 5.14 15.61 22.54
C ALA C 355 6.65 15.47 22.34
N VAL C 356 7.37 16.59 22.28
CA VAL C 356 8.85 16.64 21.98
C VAL C 356 9.52 17.64 22.92
N GLU C 357 10.66 17.25 23.49
CA GLU C 357 11.63 18.19 24.11
C GLU C 357 13.05 17.81 23.65
N LEU C 358 14.03 18.59 24.09
CA LEU C 358 15.48 18.43 23.79
C LEU C 358 15.69 18.20 22.30
N PRO C 359 15.19 19.12 21.43
CA PRO C 359 15.26 18.92 19.99
C PRO C 359 16.69 19.06 19.48
N ARG C 360 17.04 18.28 18.45
CA ARG C 360 18.35 18.36 17.74
C ARG C 360 18.10 18.08 16.27
N ILE C 361 18.94 18.67 15.41
CA ILE C 361 18.89 18.50 13.94
C ILE C 361 20.29 18.16 13.45
N ASN C 362 20.39 17.88 12.15
CA ASN C 362 21.65 17.96 11.38
C ASN C 362 22.04 19.44 11.36
N TYR C 363 22.59 19.94 12.48
CA TYR C 363 22.88 21.37 12.72
C TYR C 363 23.90 21.88 11.69
N LYS C 364 25.03 21.17 11.57
CA LYS C 364 26.18 21.60 10.72
C LYS C 364 25.68 21.89 9.30
N GLN C 365 24.74 21.08 8.77
CA GLN C 365 24.33 21.18 7.34
C GLN C 365 23.01 21.94 7.16
N TYR C 366 22.13 22.03 8.17
CA TYR C 366 20.72 22.48 7.97
C TYR C 366 20.29 23.62 8.90
N ASN C 367 21.07 23.99 9.93
CA ASN C 367 20.75 25.19 10.75
C ASN C 367 20.65 26.40 9.81
N THR C 368 19.55 27.17 9.91
CA THR C 368 19.22 28.38 9.11
C THR C 368 18.54 28.02 7.78
N LYS C 369 18.44 26.73 7.46
CA LYS C 369 17.98 26.24 6.13
C LYS C 369 16.69 25.41 6.28
N ASP C 370 15.89 25.39 5.21
CA ASP C 370 14.75 24.45 5.04
C ASP C 370 15.28 23.04 5.29
N TYR C 371 14.49 22.21 5.96
CA TYR C 371 14.93 20.92 6.54
C TYR C 371 13.70 20.02 6.74
N ARG C 372 13.93 18.75 7.07
CA ARG C 372 12.88 17.71 7.11
C ARG C 372 12.83 16.97 8.45
N PHE C 373 13.94 16.89 9.20
CA PHE C 373 14.10 15.91 10.31
C PHE C 373 14.45 16.59 11.65
N VAL C 374 13.68 16.27 12.69
CA VAL C 374 13.88 16.69 14.12
C VAL C 374 13.98 15.43 14.97
N TYR C 375 14.97 15.37 15.86
CA TYR C 375 15.14 14.30 16.87
C TYR C 375 14.88 14.93 18.23
N GLY C 376 14.29 14.18 19.16
CA GLY C 376 13.99 14.67 20.51
C GLY C 376 13.57 13.57 21.45
N ILE C 377 13.23 13.92 22.69
CA ILE C 377 12.68 12.99 23.72
C ILE C 377 11.17 13.15 23.71
N SER C 378 10.45 12.10 24.09
CA SER C 378 8.97 12.06 24.09
C SER C 378 8.53 11.19 25.26
N THR C 379 7.22 11.03 25.45
CA THR C 379 6.64 10.12 26.46
C THR C 379 5.40 9.45 25.87
N TYR C 380 5.08 8.22 26.32
CA TYR C 380 3.86 7.48 25.93
C TYR C 380 2.68 7.97 26.78
N SER C 381 2.98 8.51 27.99
CA SER C 381 2.01 8.93 29.03
C SER C 381 2.67 9.76 30.13
N ALA C 382 1.88 10.26 31.08
CA ALA C 382 2.33 11.10 32.22
C ALA C 382 3.25 10.28 33.14
N SER C 383 2.92 9.00 33.38
CA SER C 383 3.69 8.08 34.26
C SER C 383 5.11 7.84 33.71
N ASP C 384 5.25 7.72 32.39
CA ASP C 384 6.51 7.39 31.67
C ASP C 384 7.48 8.58 31.77
N PHE C 385 6.94 9.79 31.84
CA PHE C 385 7.68 11.07 32.06
C PHE C 385 8.51 11.44 30.82
N ALA C 386 9.46 10.61 30.41
CA ALA C 386 10.30 10.84 29.21
C ALA C 386 10.95 9.52 28.86
N ASN C 387 10.22 8.60 28.23
CA ASN C 387 10.65 7.18 28.03
C ASN C 387 10.89 6.89 26.54
N GLN C 388 10.73 7.86 25.63
CA GLN C 388 10.94 7.58 24.18
C GLN C 388 11.93 8.58 23.56
N LEU C 389 12.75 8.10 22.62
CA LEU C 389 13.35 8.96 21.56
C LEU C 389 12.37 8.99 20.39
N VAL C 390 12.27 10.13 19.72
CA VAL C 390 11.35 10.35 18.57
C VAL C 390 12.16 10.98 17.42
N LYS C 391 11.82 10.63 16.19
CA LYS C 391 12.34 11.26 14.96
C LYS C 391 11.14 11.72 14.13
N ILE C 392 10.96 13.03 14.02
CA ILE C 392 9.80 13.64 13.31
C ILE C 392 10.23 13.87 11.86
N ASP C 393 9.45 13.34 10.92
CA ASP C 393 9.56 13.67 9.49
C ASP C 393 8.56 14.81 9.22
N ILE C 394 9.06 16.03 9.11
CA ILE C 394 8.25 17.28 8.95
C ILE C 394 7.47 17.20 7.65
N LEU C 395 8.02 16.57 6.61
CA LEU C 395 7.41 16.54 5.26
C LEU C 395 6.17 15.62 5.30
N ARG C 396 6.38 14.35 5.65
CA ARG C 396 5.34 13.28 5.68
C ARG C 396 4.50 13.39 6.98
N LYS C 397 4.62 14.47 7.75
CA LYS C 397 4.02 14.65 9.10
C LYS C 397 3.82 13.27 9.75
N SER C 398 4.91 12.54 9.89
CA SER C 398 5.00 11.19 10.51
C SER C 398 6.15 11.18 11.52
N SER C 399 6.34 10.08 12.24
CA SER C 399 7.43 9.94 13.24
C SER C 399 7.83 8.47 13.43
N LYS C 400 9.09 8.25 13.80
CA LYS C 400 9.62 6.95 14.29
C LYS C 400 9.93 7.10 15.78
N ILE C 401 9.88 6.00 16.52
CA ILE C 401 10.01 5.99 18.01
C ILE C 401 11.00 4.90 18.39
N TRP C 402 11.84 5.20 19.37
CA TRP C 402 12.68 4.21 20.10
C TRP C 402 12.28 4.25 21.58
N SER C 403 12.22 3.10 22.23
CA SER C 403 11.92 2.96 23.67
C SER C 403 12.30 1.56 24.13
N GLU C 404 12.36 1.33 25.44
CA GLU C 404 12.76 0.05 26.07
C GLU C 404 12.21 0.04 27.51
N LYS C 405 11.54 -1.05 27.90
CA LYS C 405 10.92 -1.20 29.25
C LYS C 405 11.87 -0.58 30.30
N ASP C 406 11.38 0.41 31.05
CA ASP C 406 12.02 0.98 32.27
C ASP C 406 13.31 1.73 31.90
N CYS C 407 13.41 2.21 30.65
CA CYS C 407 14.56 3.03 30.17
C CYS C 407 14.09 4.45 29.85
N TYR C 408 14.91 5.43 30.19
CA TYR C 408 14.64 6.89 30.06
C TYR C 408 15.80 7.52 29.28
N PRO C 409 15.63 7.72 27.95
CA PRO C 409 16.71 8.20 27.09
C PRO C 409 16.91 9.72 27.15
N GLY C 410 18.18 10.16 27.12
CA GLY C 410 18.56 11.58 27.10
C GLY C 410 18.53 12.17 25.70
N GLU C 411 18.87 13.45 25.58
CA GLU C 411 18.97 14.24 24.32
C GLU C 411 19.65 13.43 23.22
N PRO C 412 18.99 13.30 22.03
CA PRO C 412 19.59 12.64 20.87
C PRO C 412 20.49 13.60 20.08
N VAL C 413 21.81 13.33 20.08
CA VAL C 413 22.83 14.13 19.36
C VAL C 413 23.06 13.50 17.98
N PHE C 414 22.76 14.23 16.91
CA PHE C 414 23.00 13.78 15.50
C PHE C 414 24.50 13.96 15.18
N VAL C 415 25.10 12.98 14.51
CA VAL C 415 26.48 13.05 13.91
C VAL C 415 26.38 12.56 12.47
N GLY C 416 26.52 13.46 11.49
CA GLY C 416 26.48 13.14 10.05
C GLY C 416 27.59 12.16 9.69
N ALA C 417 27.34 11.27 8.72
CA ALA C 417 28.32 10.27 8.25
C ALA C 417 29.28 10.94 7.28
N PRO C 418 30.47 10.35 7.01
CA PRO C 418 31.38 10.91 6.02
C PRO C 418 30.74 10.96 4.62
N ASP C 419 30.92 12.08 3.91
CA ASP C 419 30.43 12.32 2.52
C ASP C 419 28.94 11.97 2.43
N ALA C 420 28.15 12.34 3.45
CA ALA C 420 26.69 12.12 3.49
C ALA C 420 26.01 13.00 2.44
N THR C 421 25.05 12.44 1.68
CA THR C 421 24.28 13.16 0.62
C THR C 421 22.84 13.41 1.11
N LYS C 422 22.43 12.83 2.24
CA LYS C 422 21.05 12.95 2.81
C LYS C 422 21.11 13.60 4.20
N GLU C 423 20.03 14.29 4.58
CA GLU C 423 19.93 15.07 5.84
C GLU C 423 20.01 14.13 7.06
N ASP C 424 19.53 12.89 6.92
CA ASP C 424 19.39 11.93 8.06
C ASP C 424 20.38 10.77 7.91
N GLU C 425 21.42 10.92 7.09
CA GLU C 425 22.51 9.93 6.96
C GLU C 425 23.54 10.20 8.06
N GLY C 426 23.57 9.34 9.07
CA GLY C 426 24.51 9.43 10.21
C GLY C 426 24.05 8.61 11.39
N LEU C 427 24.42 9.04 12.61
CA LEU C 427 24.10 8.33 13.88
C LEU C 427 23.40 9.30 14.83
N ILE C 428 22.64 8.74 15.79
CA ILE C 428 22.09 9.45 16.97
C ILE C 428 22.76 8.85 18.21
N LEU C 429 23.27 9.70 19.11
CA LEU C 429 23.87 9.29 20.40
C LEU C 429 22.98 9.83 21.53
N SER C 430 22.53 8.95 22.42
CA SER C 430 21.67 9.25 23.59
C SER C 430 22.18 8.50 24.82
N ALA C 431 22.47 9.20 25.91
CA ALA C 431 22.72 8.60 27.25
C ALA C 431 21.36 8.17 27.83
N VAL C 432 21.17 6.87 28.03
CA VAL C 432 19.89 6.25 28.44
C VAL C 432 20.05 5.71 29.86
N LEU C 433 19.11 6.02 30.76
CA LEU C 433 19.04 5.45 32.13
C LEU C 433 18.24 4.15 32.06
N ASP C 434 18.80 3.06 32.56
CA ASP C 434 18.12 1.74 32.76
C ASP C 434 17.81 1.62 34.26
N ALA C 435 16.55 1.87 34.64
CA ALA C 435 16.10 2.03 36.05
C ALA C 435 16.22 0.70 36.80
N THR C 436 15.90 -0.42 36.15
CA THR C 436 15.93 -1.77 36.77
C THR C 436 17.39 -2.21 36.97
N ASN C 437 18.28 -1.81 36.06
CA ASN C 437 19.74 -2.10 36.09
C ASN C 437 20.45 -1.04 36.95
N ALA C 438 19.79 0.08 37.26
CA ALA C 438 20.29 1.18 38.12
C ALA C 438 21.61 1.73 37.56
N LYS C 439 21.75 1.72 36.23
CA LYS C 439 22.97 2.11 35.47
C LYS C 439 22.53 2.64 34.10
N SER C 440 23.34 3.51 33.49
CA SER C 440 23.07 4.13 32.17
C SER C 440 23.88 3.42 31.08
N PHE C 441 23.47 3.57 29.82
CA PHE C 441 24.21 3.10 28.62
C PHE C 441 24.14 4.19 27.54
N LEU C 442 25.17 4.29 26.71
CA LEU C 442 25.14 5.13 25.48
C LEU C 442 24.47 4.29 24.38
N LEU C 443 23.39 4.81 23.80
CA LEU C 443 22.63 4.17 22.70
C LEU C 443 23.06 4.82 21.39
N ILE C 444 23.37 4.02 20.38
CA ILE C 444 23.72 4.52 19.01
C ILE C 444 22.70 3.96 18.03
N LEU C 445 21.86 4.85 17.48
CA LEU C 445 20.87 4.53 16.41
C LEU C 445 21.47 4.98 15.08
N ASP C 446 21.25 4.22 14.01
CA ASP C 446 21.34 4.77 12.64
C ASP C 446 20.22 5.82 12.52
N ALA C 447 20.55 7.01 12.01
CA ALA C 447 19.63 8.17 11.94
C ALA C 447 18.54 7.94 10.88
N THR C 448 18.78 7.13 9.87
CA THR C 448 17.84 6.86 8.74
C THR C 448 16.74 5.89 9.21
N THR C 449 17.12 4.73 9.74
CA THR C 449 16.20 3.66 10.23
C THR C 449 15.66 4.04 11.61
N PHE C 450 16.47 4.75 12.41
CA PHE C 450 16.20 5.09 13.83
C PHE C 450 16.16 3.80 14.67
N GLU C 451 16.88 2.76 14.24
CA GLU C 451 17.06 1.48 15.00
C GLU C 451 18.50 1.38 15.53
N GLU C 452 18.67 0.63 16.62
CA GLU C 452 19.94 0.46 17.38
C GLU C 452 20.98 -0.22 16.48
N VAL C 453 22.20 0.31 16.44
CA VAL C 453 23.37 -0.36 15.81
C VAL C 453 24.36 -0.78 16.91
N ALA C 454 24.37 -0.12 18.07
CA ALA C 454 25.27 -0.44 19.19
C ALA C 454 24.80 0.23 20.49
N ARG C 455 25.29 -0.25 21.63
CA ARG C 455 25.20 0.41 22.96
C ARG C 455 26.48 0.13 23.77
N ALA C 456 26.85 1.05 24.66
CA ALA C 456 28.02 0.93 25.56
C ALA C 456 27.56 1.11 27.01
N GLU C 457 27.76 0.08 27.84
CA GLU C 457 27.34 0.07 29.27
C GLU C 457 28.22 1.05 30.05
N VAL C 458 27.65 1.77 31.02
CA VAL C 458 28.38 2.65 31.98
C VAL C 458 28.20 2.07 33.38
N PRO C 459 29.29 1.91 34.17
CA PRO C 459 29.20 1.20 35.47
C PRO C 459 28.35 1.87 36.56
N HIS C 460 27.80 3.06 36.31
CA HIS C 460 26.96 3.83 37.26
C HIS C 460 25.79 4.47 36.52
N HIS C 461 24.89 5.15 37.25
CA HIS C 461 23.79 5.96 36.65
C HIS C 461 24.33 7.35 36.30
N ILE C 462 24.00 7.84 35.11
CA ILE C 462 24.21 9.25 34.66
C ILE C 462 22.91 10.00 34.97
N PRO C 463 22.89 10.90 35.99
CA PRO C 463 21.70 11.71 36.26
C PRO C 463 21.15 12.38 35.00
N PHE C 464 19.84 12.58 34.95
CA PHE C 464 19.14 13.25 33.83
C PHE C 464 19.84 14.59 33.61
N GLY C 465 20.38 14.78 32.41
CA GLY C 465 21.21 15.94 32.05
C GLY C 465 20.42 16.88 31.17
N PHE C 466 21.10 17.91 30.65
CA PHE C 466 20.51 18.87 29.68
C PHE C 466 21.14 18.59 28.32
N HIS C 467 22.25 19.25 27.99
CA HIS C 467 22.79 19.31 26.61
C HIS C 467 24.20 18.72 26.56
N GLY C 468 24.57 18.22 25.38
CA GLY C 468 25.90 17.71 25.03
C GLY C 468 26.21 18.01 23.59
N ASN C 469 27.49 17.88 23.21
CA ASN C 469 27.93 18.11 21.80
C ASN C 469 29.00 17.08 21.43
N TYR C 470 29.02 16.71 20.15
CA TYR C 470 30.06 15.83 19.55
C TYR C 470 31.14 16.74 18.92
N PHE C 471 32.38 16.58 19.38
CA PHE C 471 33.59 17.29 18.86
C PHE C 471 34.46 16.26 18.14
N GLU C 472 34.74 16.48 16.86
CA GLU C 472 35.56 15.57 16.02
C GLU C 472 36.98 15.52 16.56
N THR D 6 13.17 -43.20 -17.71
CA THR D 6 11.98 -43.34 -16.81
C THR D 6 11.41 -41.95 -16.48
N ASN D 7 12.01 -41.19 -15.55
CA ASN D 7 11.52 -39.83 -15.14
C ASN D 7 11.96 -38.77 -16.18
N LYS D 8 11.44 -37.54 -16.06
CA LYS D 8 11.61 -36.45 -17.06
C LYS D 8 13.03 -35.89 -17.03
N PHE D 9 13.63 -35.83 -15.84
CA PHE D 9 14.96 -35.20 -15.58
C PHE D 9 16.07 -36.24 -15.73
N GLN D 10 15.71 -37.49 -16.10
CA GLN D 10 16.65 -38.63 -16.30
C GLN D 10 17.89 -38.19 -17.10
N LEU D 11 17.73 -37.26 -18.06
CA LEU D 11 18.80 -36.78 -18.97
C LEU D 11 19.94 -36.14 -18.16
N GLY D 12 19.61 -35.47 -17.05
CA GLY D 12 20.58 -34.82 -16.16
C GLY D 12 21.51 -35.80 -15.45
N PHE D 13 21.16 -37.10 -15.45
CA PHE D 13 21.94 -38.19 -14.83
C PHE D 13 22.42 -39.17 -15.91
N SER D 14 22.41 -38.74 -17.18
CA SER D 14 22.92 -39.53 -18.33
C SER D 14 24.22 -38.89 -18.86
N THR D 15 25.12 -39.73 -19.37
CA THR D 15 26.49 -39.38 -19.82
C THR D 15 26.41 -38.31 -20.92
N LEU D 16 27.33 -37.35 -20.89
CA LEU D 16 27.64 -36.39 -21.99
C LEU D 16 29.03 -36.71 -22.54
N SER D 17 29.12 -37.29 -23.74
CA SER D 17 30.39 -37.70 -24.41
C SER D 17 30.95 -36.56 -25.27
N GLU D 18 30.17 -35.51 -25.53
CA GLU D 18 30.52 -34.41 -26.47
C GLU D 18 31.34 -33.34 -25.71
N GLU D 19 32.52 -33.02 -26.24
CA GLU D 19 33.41 -31.92 -25.76
C GLU D 19 33.60 -30.95 -26.92
N LEU D 20 33.32 -29.66 -26.72
CA LEU D 20 33.52 -28.64 -27.79
C LEU D 20 33.98 -27.31 -27.21
N ASP D 21 34.51 -26.45 -28.08
CA ASP D 21 34.97 -25.07 -27.77
C ASP D 21 34.32 -24.10 -28.76
N LEU D 22 33.51 -23.15 -28.27
CA LEU D 22 32.68 -22.23 -29.11
C LEU D 22 32.86 -20.78 -28.61
N GLU D 23 33.17 -19.86 -29.53
CA GLU D 23 33.52 -18.45 -29.20
C GLU D 23 32.26 -17.68 -28.77
N SER D 24 31.12 -17.94 -29.44
CA SER D 24 29.81 -17.27 -29.18
C SER D 24 28.68 -18.31 -29.03
N LEU D 25 27.95 -18.26 -27.91
CA LEU D 25 26.63 -18.93 -27.71
C LEU D 25 25.54 -17.92 -28.10
N GLN D 26 24.42 -18.41 -28.67
CA GLN D 26 23.20 -17.59 -28.94
C GLN D 26 22.71 -17.04 -27.58
N VAL D 27 22.64 -15.71 -27.45
CA VAL D 27 22.22 -14.99 -26.21
C VAL D 27 20.86 -14.34 -26.45
N LYS D 28 19.89 -14.60 -25.54
CA LYS D 28 18.61 -13.86 -25.41
C LYS D 28 18.72 -12.95 -24.18
N GLY D 29 18.14 -11.76 -24.23
CA GLY D 29 18.34 -10.70 -23.23
C GLY D 29 19.67 -9.99 -23.45
N THR D 30 20.22 -9.35 -22.42
CA THR D 30 21.54 -8.67 -22.48
C THR D 30 22.29 -8.88 -21.16
N ILE D 31 23.55 -9.30 -21.28
CA ILE D 31 24.51 -9.59 -20.19
C ILE D 31 25.27 -8.31 -19.87
N PRO D 32 25.22 -7.76 -18.64
CA PRO D 32 25.90 -6.50 -18.34
C PRO D 32 27.36 -6.48 -18.83
N LYS D 33 27.80 -5.34 -19.38
CA LYS D 33 29.15 -5.14 -19.98
C LYS D 33 30.25 -5.48 -18.97
N TRP D 34 29.98 -5.28 -17.67
CA TRP D 34 30.98 -5.36 -16.57
C TRP D 34 31.31 -6.81 -16.23
N LEU D 35 30.50 -7.79 -16.66
CA LEU D 35 30.82 -9.23 -16.50
C LEU D 35 31.93 -9.58 -17.49
N SER D 36 33.17 -9.65 -17.00
CA SER D 36 34.41 -9.85 -17.81
C SER D 36 35.18 -11.11 -17.37
N GLY D 37 34.62 -11.88 -16.43
CA GLY D 37 35.30 -13.05 -15.85
C GLY D 37 34.90 -14.35 -16.54
N THR D 38 35.26 -15.47 -15.94
CA THR D 38 34.94 -16.85 -16.39
C THR D 38 34.21 -17.60 -15.26
N LEU D 39 33.11 -18.26 -15.59
CA LEU D 39 32.41 -19.23 -14.71
C LEU D 39 32.92 -20.64 -15.08
N ILE D 40 33.40 -21.39 -14.08
CA ILE D 40 33.73 -22.84 -14.24
C ILE D 40 32.72 -23.67 -13.43
N ARG D 41 32.04 -24.62 -14.10
CA ARG D 41 31.14 -25.61 -13.46
C ARG D 41 31.87 -26.95 -13.40
N ASN D 42 31.81 -27.63 -12.25
CA ASN D 42 32.32 -29.02 -12.10
C ASN D 42 31.13 -29.94 -11.77
N GLY D 43 31.23 -31.19 -12.19
CA GLY D 43 30.29 -32.25 -11.83
C GLY D 43 30.59 -33.52 -12.60
N PRO D 44 29.87 -34.61 -12.27
CA PRO D 44 30.00 -35.88 -12.99
C PRO D 44 29.30 -35.73 -14.34
N ALA D 45 29.85 -36.36 -15.38
CA ALA D 45 29.32 -36.28 -16.76
C ALA D 45 29.43 -37.63 -17.48
N LYS D 46 30.03 -38.64 -16.86
CA LYS D 46 30.12 -40.01 -17.41
C LYS D 46 29.80 -40.99 -16.27
N PHE D 47 28.70 -41.73 -16.39
CA PHE D 47 28.10 -42.51 -15.29
C PHE D 47 28.30 -44.01 -15.52
N GLU D 48 28.99 -44.38 -16.59
CA GLU D 48 29.34 -45.79 -16.88
C GLU D 48 30.67 -45.85 -17.65
N VAL D 49 31.31 -47.02 -17.59
CA VAL D 49 32.57 -47.37 -18.29
C VAL D 49 32.36 -48.77 -18.88
N GLY D 50 32.17 -48.87 -20.20
CA GLY D 50 31.72 -50.09 -20.87
C GLY D 50 30.46 -50.63 -20.22
N LYS D 51 30.48 -51.89 -19.78
CA LYS D 51 29.31 -52.61 -19.18
C LYS D 51 29.26 -52.36 -17.67
N GLU D 52 30.27 -51.72 -17.07
CA GLU D 52 30.32 -51.36 -15.63
C GLU D 52 29.67 -49.99 -15.42
N LYS D 53 28.77 -49.88 -14.44
CA LYS D 53 28.02 -48.64 -14.11
C LYS D 53 28.53 -48.07 -12.79
N PHE D 54 28.63 -46.75 -12.70
CA PHE D 54 28.89 -46.04 -11.42
C PHE D 54 27.59 -46.09 -10.59
N GLN D 55 27.70 -46.45 -9.31
CA GLN D 55 26.53 -46.67 -8.42
C GLN D 55 25.91 -45.34 -7.99
N HIS D 56 26.72 -44.34 -7.65
CA HIS D 56 26.29 -43.09 -6.96
C HIS D 56 26.50 -41.87 -7.87
N TRP D 57 25.67 -40.85 -7.65
CA TRP D 57 25.80 -39.52 -8.29
C TRP D 57 27.24 -39.00 -8.12
N PHE D 58 27.84 -39.20 -6.94
CA PHE D 58 29.16 -38.65 -6.53
C PHE D 58 30.31 -39.36 -7.27
N ASP D 59 30.05 -40.49 -7.93
CA ASP D 59 31.06 -41.36 -8.58
C ASP D 59 31.37 -40.95 -10.02
N GLY D 60 30.48 -40.18 -10.68
CA GLY D 60 30.60 -39.86 -12.11
C GLY D 60 31.88 -39.10 -12.41
N LEU D 61 32.50 -39.37 -13.57
CA LEU D 61 33.83 -38.84 -13.95
C LEU D 61 33.71 -37.35 -14.27
N ALA D 62 34.55 -36.54 -13.60
CA ALA D 62 34.54 -35.06 -13.63
C ALA D 62 34.62 -34.54 -15.06
N MET D 63 33.78 -33.55 -15.37
CA MET D 63 33.83 -32.72 -16.59
C MET D 63 33.72 -31.25 -16.16
N LEU D 64 34.55 -30.39 -16.76
CA LEU D 64 34.54 -28.93 -16.52
C LEU D 64 33.77 -28.26 -17.67
N HIS D 65 33.01 -27.22 -17.34
CA HIS D 65 32.28 -26.34 -18.30
C HIS D 65 32.79 -24.92 -18.06
N LYS D 66 33.19 -24.23 -19.14
CA LYS D 66 33.73 -22.85 -19.08
C LYS D 66 32.78 -21.89 -19.78
N PHE D 67 32.30 -20.88 -19.05
CA PHE D 67 31.52 -19.73 -19.56
C PHE D 67 32.35 -18.46 -19.33
N SER D 68 32.97 -17.95 -20.39
CA SER D 68 33.83 -16.73 -20.36
C SER D 68 33.04 -15.56 -20.98
N PHE D 69 32.94 -14.45 -20.25
CA PHE D 69 32.14 -13.25 -20.60
C PHE D 69 33.06 -12.15 -21.12
N LYS D 70 32.82 -11.65 -22.34
CA LYS D 70 33.44 -10.43 -22.91
C LYS D 70 32.34 -9.54 -23.50
N GLU D 71 32.17 -8.33 -22.95
CA GLU D 71 31.33 -7.23 -23.50
C GLU D 71 30.00 -7.80 -24.03
N GLY D 72 29.22 -8.47 -23.17
CA GLY D 72 27.84 -8.91 -23.48
C GLY D 72 27.76 -10.22 -24.25
N LYS D 73 28.89 -10.70 -24.80
CA LYS D 73 28.99 -12.02 -25.49
C LYS D 73 29.43 -13.06 -24.45
N VAL D 74 29.26 -14.34 -24.75
CA VAL D 74 29.67 -15.47 -23.85
C VAL D 74 30.19 -16.63 -24.69
N SER D 75 31.40 -17.11 -24.37
CA SER D 75 32.07 -18.29 -24.99
C SER D 75 31.82 -19.50 -24.09
N TYR D 76 31.84 -20.71 -24.66
CA TYR D 76 31.65 -21.98 -23.92
C TYR D 76 32.64 -23.05 -24.41
N ALA D 77 33.23 -23.73 -23.44
CA ALA D 77 34.10 -24.92 -23.64
C ALA D 77 33.78 -25.92 -22.53
N ASN D 78 33.85 -27.21 -22.85
CA ASN D 78 33.71 -28.33 -21.88
C ASN D 78 34.68 -29.45 -22.26
N LYS D 79 35.43 -29.94 -21.28
CA LYS D 79 36.32 -31.13 -21.41
C LYS D 79 36.17 -31.98 -20.14
N PHE D 80 36.27 -33.30 -20.30
CA PHE D 80 36.49 -34.26 -19.18
C PHE D 80 37.85 -33.94 -18.55
N LEU D 81 37.92 -33.95 -17.23
CA LEU D 81 39.20 -33.89 -16.47
C LEU D 81 40.00 -35.15 -16.82
N GLU D 82 41.21 -35.00 -17.34
CA GLU D 82 42.09 -36.15 -17.72
C GLU D 82 42.87 -36.63 -16.50
N SER D 83 42.13 -36.94 -15.43
CA SER D 83 42.56 -37.68 -14.22
C SER D 83 43.06 -39.07 -14.63
N LYS D 84 43.78 -39.76 -13.74
CA LYS D 84 44.15 -41.18 -13.90
C LYS D 84 42.87 -42.03 -13.92
N ALA D 85 41.85 -41.66 -13.14
CA ALA D 85 40.55 -42.34 -13.11
C ALA D 85 39.95 -42.30 -14.52
N TYR D 86 39.84 -41.12 -15.13
CA TYR D 86 39.27 -40.94 -16.48
C TYR D 86 40.11 -41.66 -17.54
N GLN D 87 41.42 -41.40 -17.55
CA GLN D 87 42.36 -41.94 -18.56
C GLN D 87 42.31 -43.47 -18.53
N SER D 88 42.27 -44.06 -17.34
CA SER D 88 42.22 -45.53 -17.13
C SER D 88 40.93 -46.11 -17.69
N ALA D 89 39.79 -45.49 -17.39
CA ALA D 89 38.45 -45.88 -17.87
C ALA D 89 38.40 -45.78 -19.40
N ARG D 90 38.87 -44.65 -19.94
CA ARG D 90 38.88 -44.39 -21.41
C ARG D 90 39.72 -45.46 -22.11
N ASP D 91 40.87 -45.86 -21.55
CA ASP D 91 41.91 -46.64 -22.26
C ASP D 91 41.81 -48.14 -21.95
N THR D 92 41.15 -48.53 -20.86
CA THR D 92 41.00 -49.97 -20.47
C THR D 92 39.53 -50.41 -20.49
N ASP D 93 38.58 -49.48 -20.56
CA ASP D 93 37.12 -49.75 -20.45
C ASP D 93 36.85 -50.55 -19.17
N LYS D 94 37.58 -50.22 -18.10
CA LYS D 94 37.42 -50.78 -16.75
C LYS D 94 37.47 -49.62 -15.75
N ILE D 95 36.53 -49.57 -14.81
CA ILE D 95 36.65 -48.69 -13.61
C ILE D 95 37.90 -49.18 -12.88
N SER D 96 38.81 -48.28 -12.52
CA SER D 96 40.20 -48.63 -12.11
C SER D 96 40.59 -48.01 -10.77
N TYR D 97 39.85 -46.99 -10.32
CA TYR D 97 40.04 -46.32 -9.00
C TYR D 97 38.74 -46.44 -8.18
N ARG D 98 38.92 -46.44 -6.87
CA ARG D 98 37.84 -46.52 -5.85
C ARG D 98 37.20 -45.14 -5.72
N GLU D 99 35.91 -45.04 -6.03
CA GLU D 99 35.14 -43.78 -5.96
C GLU D 99 34.39 -43.76 -4.61
N PHE D 100 33.61 -42.71 -4.40
CA PHE D 100 32.77 -42.49 -3.20
C PHE D 100 31.94 -43.74 -2.87
N ALA D 101 31.33 -44.41 -3.86
CA ALA D 101 30.39 -45.53 -3.63
C ALA D 101 30.52 -46.65 -4.68
N THR D 102 31.55 -46.63 -5.52
CA THR D 102 31.84 -47.69 -6.53
C THR D 102 33.32 -48.10 -6.44
N ASP D 103 33.57 -49.39 -6.31
CA ASP D 103 34.92 -50.01 -6.35
C ASP D 103 35.08 -50.72 -7.68
N PRO D 104 36.30 -50.79 -8.25
CA PRO D 104 36.54 -51.62 -9.43
C PRO D 104 36.51 -53.13 -9.11
N CYS D 105 36.28 -53.95 -10.12
CA CYS D 105 36.21 -55.43 -10.02
C CYS D 105 37.62 -56.02 -10.05
N PHE D 120 44.26 -43.54 -3.95
CA PHE D 120 43.00 -42.74 -3.92
C PHE D 120 42.67 -42.23 -5.33
N THR D 121 41.39 -42.27 -5.72
CA THR D 121 40.89 -41.66 -6.98
C THR D 121 41.27 -40.18 -7.04
N ASP D 122 41.51 -39.69 -8.25
CA ASP D 122 41.79 -38.27 -8.56
C ASP D 122 40.63 -37.73 -9.41
N ASN D 123 39.47 -38.39 -9.34
CA ASN D 123 38.23 -37.98 -10.03
C ASN D 123 37.69 -36.74 -9.32
N ALA D 124 38.32 -35.59 -9.53
CA ALA D 124 38.04 -34.32 -8.84
C ALA D 124 36.80 -33.68 -9.48
N ASN D 125 35.62 -34.13 -9.04
CA ASN D 125 34.33 -33.86 -9.73
C ASN D 125 33.43 -32.93 -8.91
N VAL D 126 33.90 -32.38 -7.79
CA VAL D 126 33.00 -31.70 -6.81
C VAL D 126 33.05 -30.17 -7.00
N ASN D 127 34.25 -29.57 -7.01
CA ASN D 127 34.38 -28.09 -6.97
C ASN D 127 35.66 -27.69 -7.72
N VAL D 128 35.88 -26.38 -7.84
CA VAL D 128 37.12 -25.77 -8.42
C VAL D 128 37.47 -24.53 -7.60
N THR D 129 38.77 -24.25 -7.48
CA THR D 129 39.29 -23.06 -6.77
C THR D 129 40.70 -22.76 -7.33
N LYS D 130 41.41 -21.82 -6.70
CA LYS D 130 42.82 -21.49 -7.05
C LYS D 130 43.69 -21.71 -5.82
N ILE D 131 44.80 -22.43 -5.99
CA ILE D 131 45.87 -22.62 -4.97
C ILE D 131 47.20 -22.29 -5.65
N ALA D 132 48.05 -21.48 -5.00
CA ALA D 132 49.34 -21.02 -5.56
C ALA D 132 49.12 -20.46 -6.97
N GLU D 133 48.07 -19.64 -7.14
CA GLU D 133 47.72 -18.95 -8.43
C GLU D 133 47.51 -19.97 -9.56
N ARG D 134 47.17 -21.22 -9.23
CA ARG D 134 46.86 -22.30 -10.20
C ARG D 134 45.41 -22.75 -9.99
N PHE D 135 44.68 -23.00 -11.08
CA PHE D 135 43.30 -23.54 -11.07
C PHE D 135 43.35 -25.03 -10.77
N VAL D 136 42.57 -25.48 -9.77
CA VAL D 136 42.50 -26.90 -9.33
C VAL D 136 41.03 -27.34 -9.25
N ALA D 137 40.78 -28.56 -9.71
CA ALA D 137 39.54 -29.34 -9.47
C ALA D 137 39.72 -30.11 -8.16
N MET D 138 38.63 -30.27 -7.39
CA MET D 138 38.68 -30.87 -6.02
C MET D 138 37.60 -31.94 -5.87
N THR D 139 37.97 -33.06 -5.24
CA THR D 139 37.02 -34.01 -4.61
C THR D 139 37.44 -34.14 -3.14
N GLU D 140 37.22 -35.30 -2.53
CA GLU D 140 37.32 -35.49 -1.06
C GLU D 140 38.50 -36.39 -0.74
N THR D 141 39.18 -36.93 -1.77
CA THR D 141 40.51 -37.57 -1.63
C THR D 141 41.55 -36.47 -1.42
N PRO D 142 42.73 -36.80 -0.86
CA PRO D 142 43.70 -35.80 -0.40
C PRO D 142 44.16 -34.70 -1.37
N LEU D 143 44.36 -35.02 -2.66
CA LEU D 143 45.10 -34.12 -3.60
C LEU D 143 44.17 -33.59 -4.68
N PRO D 144 44.14 -32.26 -4.91
CA PRO D 144 43.47 -31.70 -6.08
C PRO D 144 44.16 -32.03 -7.40
N VAL D 145 43.46 -31.75 -8.51
CA VAL D 145 43.97 -31.95 -9.90
C VAL D 145 43.98 -30.57 -10.57
N GLU D 146 45.18 -30.12 -10.94
CA GLU D 146 45.43 -28.81 -11.60
C GLU D 146 44.95 -28.87 -13.06
N PHE D 147 44.34 -27.79 -13.54
CA PHE D 147 43.87 -27.66 -14.95
C PHE D 147 44.14 -26.24 -15.43
N ASP D 148 44.21 -26.08 -16.76
CA ASP D 148 44.47 -24.79 -17.46
C ASP D 148 43.12 -24.16 -17.78
N ILE D 149 42.81 -22.98 -17.24
CA ILE D 149 41.49 -22.31 -17.43
C ILE D 149 41.30 -21.94 -18.92
N ASN D 150 42.39 -21.69 -19.65
CA ASN D 150 42.33 -21.28 -21.09
C ASN D 150 41.90 -22.47 -21.96
N THR D 151 42.46 -23.66 -21.76
CA THR D 151 42.29 -24.84 -22.64
C THR D 151 41.37 -25.89 -22.01
N LEU D 152 41.26 -25.91 -20.68
CA LEU D 152 40.62 -26.98 -19.84
C LEU D 152 41.43 -28.29 -19.95
N LYS D 153 42.70 -28.22 -20.39
CA LYS D 153 43.63 -29.38 -20.35
C LYS D 153 44.04 -29.63 -18.91
N THR D 154 44.32 -30.89 -18.57
CA THR D 154 44.71 -31.33 -17.21
C THR D 154 46.24 -31.34 -17.13
N VAL D 155 46.79 -30.65 -16.14
CA VAL D 155 48.25 -30.61 -15.82
C VAL D 155 48.61 -31.86 -15.00
N GLY D 156 47.82 -32.18 -13.97
CA GLY D 156 47.93 -33.43 -13.19
C GLY D 156 47.77 -33.19 -11.70
N VAL D 157 48.15 -34.19 -10.88
CA VAL D 157 48.09 -34.13 -9.39
C VAL D 157 48.81 -32.86 -8.93
N PHE D 158 48.11 -32.05 -8.13
CA PHE D 158 48.65 -30.86 -7.41
C PHE D 158 49.09 -31.32 -6.02
N ALA D 159 50.39 -31.57 -5.83
CA ALA D 159 50.97 -31.96 -4.52
C ALA D 159 51.00 -30.75 -3.59
N TYR D 160 50.71 -30.95 -2.31
CA TYR D 160 50.96 -29.95 -1.24
C TYR D 160 52.41 -30.14 -0.80
N ASP D 161 53.06 -29.06 -0.38
CA ASP D 161 54.49 -29.08 0.03
C ASP D 161 54.55 -28.96 1.55
N ASP D 162 54.29 -30.05 2.27
CA ASP D 162 54.19 -30.08 3.76
C ASP D 162 54.18 -31.54 4.20
N LYS D 163 54.08 -31.81 5.51
CA LYS D 163 54.12 -33.19 6.06
C LYS D 163 52.76 -33.58 6.66
N ILE D 164 51.70 -32.83 6.36
CA ILE D 164 50.33 -33.09 6.92
C ILE D 164 49.81 -34.39 6.30
N GLU D 165 49.52 -35.39 7.13
CA GLU D 165 48.93 -36.68 6.71
C GLU D 165 47.43 -36.49 6.53
N SER D 166 46.83 -37.07 5.49
CA SER D 166 45.36 -37.11 5.33
C SER D 166 44.94 -38.23 4.39
N GLY D 167 43.74 -38.79 4.60
CA GLY D 167 43.09 -39.75 3.69
C GLY D 167 41.75 -39.25 3.20
N LEU D 168 41.20 -38.19 3.82
CA LEU D 168 39.83 -37.68 3.53
C LEU D 168 39.85 -36.17 3.79
N THR D 169 39.24 -35.37 2.90
CA THR D 169 39.19 -33.89 3.03
C THR D 169 37.92 -33.38 2.38
N THR D 170 37.72 -32.07 2.32
CA THR D 170 36.55 -31.42 1.67
C THR D 170 36.96 -30.76 0.37
N ALA D 171 36.02 -30.63 -0.56
CA ALA D 171 36.12 -29.79 -1.77
C ALA D 171 35.38 -28.47 -1.52
N HIS D 172 35.29 -28.09 -0.24
CA HIS D 172 34.61 -26.85 0.22
C HIS D 172 35.55 -26.05 1.09
N PRO D 173 36.76 -25.70 0.59
CA PRO D 173 37.66 -24.81 1.32
C PRO D 173 36.96 -23.46 1.49
N HIS D 174 37.15 -22.82 2.63
CA HIS D 174 36.83 -21.39 2.82
C HIS D 174 38.02 -20.55 2.36
N TYR D 175 37.79 -19.27 2.07
CA TYR D 175 38.87 -18.29 1.76
C TYR D 175 38.67 -17.03 2.60
N ASP D 176 39.72 -16.65 3.34
CA ASP D 176 39.85 -15.38 4.12
C ASP D 176 40.45 -14.32 3.20
N PHE D 177 39.67 -13.29 2.86
CA PHE D 177 40.07 -12.21 1.89
C PHE D 177 40.99 -11.20 2.57
N VAL D 178 40.82 -10.96 3.87
CA VAL D 178 41.67 -10.01 4.67
C VAL D 178 43.11 -10.52 4.70
N LYS D 179 43.30 -11.77 5.13
CA LYS D 179 44.64 -12.42 5.34
C LYS D 179 45.10 -13.12 4.06
N ASN D 180 44.23 -13.27 3.06
CA ASN D 180 44.56 -13.93 1.77
C ASN D 180 45.02 -15.37 2.06
N GLU D 181 44.19 -16.14 2.77
CA GLU D 181 44.45 -17.55 3.15
C GLU D 181 43.27 -18.43 2.70
N LEU D 182 43.57 -19.54 2.06
CA LEU D 182 42.65 -20.70 1.94
C LEU D 182 42.63 -21.42 3.30
N VAL D 183 41.45 -21.81 3.77
CA VAL D 183 41.27 -22.60 5.04
C VAL D 183 40.49 -23.87 4.70
N ASN D 184 40.94 -25.00 5.20
CA ASN D 184 40.30 -26.33 5.01
C ASN D 184 40.71 -27.21 6.19
N TYR D 185 40.22 -28.45 6.23
CA TYR D 185 40.71 -29.51 7.13
C TYR D 185 40.93 -30.77 6.27
N ALA D 186 41.77 -31.67 6.76
CA ALA D 186 42.00 -33.02 6.22
C ALA D 186 42.01 -33.99 7.40
N THR D 187 41.43 -35.17 7.22
CA THR D 187 41.32 -36.21 8.27
C THR D 187 42.38 -37.26 7.99
N LYS D 188 43.25 -37.50 8.98
CA LYS D 188 44.13 -38.68 8.96
C LYS D 188 43.30 -39.84 9.50
N ILE D 189 42.99 -40.83 8.66
CA ILE D 189 42.18 -42.01 9.04
C ILE D 189 43.14 -43.16 9.34
N SER D 190 43.26 -43.51 10.61
CA SER D 190 44.16 -44.56 11.15
C SER D 190 43.64 -45.00 12.51
N ARG D 191 44.41 -45.79 13.25
CA ARG D 191 44.08 -46.24 14.62
C ARG D 191 44.24 -45.08 15.60
N SER D 192 44.84 -43.96 15.17
CA SER D 192 44.89 -42.67 15.90
C SER D 192 44.48 -41.53 14.97
N SER D 193 43.21 -41.53 14.57
CA SER D 193 42.66 -40.58 13.57
C SER D 193 42.68 -39.16 14.15
N ASN D 194 42.77 -38.18 13.27
CA ASN D 194 42.91 -36.73 13.60
C ASN D 194 42.16 -35.92 12.55
N TYR D 195 41.44 -34.88 12.98
CA TYR D 195 41.03 -33.76 12.11
C TYR D 195 42.18 -32.74 12.10
N ASN D 196 42.80 -32.53 10.94
CA ASN D 196 43.91 -31.57 10.76
C ASN D 196 43.40 -30.31 10.05
N VAL D 197 43.13 -29.25 10.83
CA VAL D 197 42.72 -27.92 10.31
C VAL D 197 43.99 -27.20 9.83
N TYR D 198 43.97 -26.66 8.60
CA TYR D 198 45.16 -26.01 7.99
C TYR D 198 44.75 -24.77 7.19
N LYS D 199 45.76 -23.97 6.81
CA LYS D 199 45.60 -22.79 5.93
C LYS D 199 46.74 -22.76 4.90
N ILE D 200 46.49 -22.10 3.76
CA ILE D 200 47.48 -21.91 2.66
C ILE D 200 47.50 -20.42 2.29
N ALA D 201 48.57 -19.72 2.67
CA ALA D 201 48.87 -18.34 2.25
C ALA D 201 48.92 -18.28 0.72
N ASP D 202 48.51 -17.17 0.11
CA ASP D 202 48.61 -16.96 -1.35
C ASP D 202 50.05 -17.21 -1.79
N LYS D 203 50.21 -17.73 -3.02
CA LYS D 203 51.51 -17.87 -3.74
C LYS D 203 52.35 -18.94 -3.04
N THR D 204 51.71 -19.93 -2.40
CA THR D 204 52.36 -21.16 -1.87
C THR D 204 51.40 -22.34 -1.92
N ASN D 205 51.95 -23.55 -2.00
CA ASN D 205 51.22 -24.85 -1.88
C ASN D 205 51.61 -25.53 -0.56
N HIS D 206 52.30 -24.82 0.34
CA HIS D 206 52.61 -25.29 1.72
C HIS D 206 51.41 -24.99 2.62
N ARG D 207 50.89 -26.03 3.29
CA ARG D 207 49.83 -25.91 4.33
C ARG D 207 50.48 -25.75 5.71
N ASN D 208 50.05 -24.74 6.45
CA ASN D 208 50.33 -24.58 7.91
C ASN D 208 49.24 -25.33 8.68
N LEU D 209 49.65 -26.28 9.52
CA LEU D 209 48.76 -26.94 10.51
C LEU D 209 48.31 -25.90 11.53
N ILE D 210 47.01 -25.59 11.58
CA ILE D 210 46.42 -24.73 12.64
C ILE D 210 46.22 -25.59 13.90
N GLY D 211 45.62 -26.76 13.75
CA GLY D 211 45.27 -27.62 14.90
C GLY D 211 44.92 -29.03 14.47
N SER D 212 45.19 -29.99 15.34
CA SER D 212 44.77 -31.41 15.24
C SER D 212 43.81 -31.72 16.37
N ILE D 213 42.62 -32.24 16.03
CA ILE D 213 41.67 -32.79 17.03
C ILE D 213 41.68 -34.30 16.89
N PRO D 214 42.19 -35.04 17.90
CA PRO D 214 42.10 -36.50 17.89
C PRO D 214 40.64 -36.95 17.97
N VAL D 215 40.33 -38.10 17.37
CA VAL D 215 38.95 -38.64 17.20
C VAL D 215 39.03 -40.16 16.95
N GLU D 216 38.15 -40.92 17.60
CA GLU D 216 38.07 -42.41 17.52
C GLU D 216 37.49 -42.81 16.15
N GLU D 217 36.35 -42.23 15.78
CA GLU D 217 35.53 -42.62 14.60
C GLU D 217 35.24 -41.36 13.80
N PRO D 218 36.06 -41.06 12.77
CA PRO D 218 35.90 -39.83 12.00
C PRO D 218 34.53 -39.75 11.32
N ALA D 219 33.96 -38.55 11.30
CA ALA D 219 32.66 -38.23 10.68
C ALA D 219 32.88 -37.76 9.25
N TYR D 220 31.95 -38.05 8.34
CA TYR D 220 31.92 -37.49 6.98
C TYR D 220 31.35 -36.08 7.09
N MET D 221 32.24 -35.08 7.04
CA MET D 221 31.92 -33.63 7.10
C MET D 221 32.30 -32.97 5.77
N HIS D 222 31.35 -32.97 4.82
CA HIS D 222 31.48 -32.52 3.41
C HIS D 222 31.90 -31.05 3.33
N SER D 223 31.56 -30.28 4.37
CA SER D 223 31.85 -28.82 4.48
C SER D 223 31.99 -28.50 5.96
N PHE D 224 32.40 -27.28 6.28
CA PHE D 224 32.57 -26.77 7.67
C PHE D 224 32.27 -25.27 7.68
N ALA D 225 32.17 -24.70 8.89
CA ALA D 225 31.86 -23.27 9.12
C ALA D 225 33.15 -22.50 9.40
N MET D 226 33.24 -21.26 8.93
CA MET D 226 34.31 -20.30 9.30
C MET D 226 33.67 -18.97 9.74
N THR D 227 34.12 -18.43 10.87
CA THR D 227 33.78 -17.07 11.37
C THR D 227 35.05 -16.19 11.27
N GLU D 228 35.01 -15.00 11.87
CA GLU D 228 36.15 -14.06 11.92
C GLU D 228 37.35 -14.74 12.58
N ASN D 229 37.15 -15.33 13.76
CA ASN D 229 38.23 -15.90 14.62
C ASN D 229 38.29 -17.43 14.56
N TYR D 230 37.28 -18.11 14.03
CA TYR D 230 37.09 -19.57 14.25
C TYR D 230 36.91 -20.36 12.95
N VAL D 231 37.32 -21.63 13.04
CA VAL D 231 36.80 -22.76 12.24
C VAL D 231 35.86 -23.53 13.18
N VAL D 232 34.65 -23.84 12.73
CA VAL D 232 33.71 -24.76 13.44
C VAL D 232 33.54 -26.01 12.59
N LEU D 233 34.06 -27.16 13.03
CA LEU D 233 33.77 -28.48 12.42
C LEU D 233 32.47 -28.97 13.06
N VAL D 234 31.41 -29.12 12.26
CA VAL D 234 30.12 -29.70 12.75
C VAL D 234 30.18 -31.21 12.45
N GLU D 235 30.45 -31.98 13.49
CA GLU D 235 30.64 -33.45 13.42
C GLU D 235 29.28 -34.16 13.59
N TYR D 236 28.55 -34.28 12.49
CA TYR D 236 27.35 -35.15 12.34
C TYR D 236 27.76 -36.55 12.76
N PRO D 237 26.89 -37.31 13.47
CA PRO D 237 27.22 -38.67 13.88
C PRO D 237 27.04 -39.68 12.75
N PHE D 238 27.63 -39.37 11.59
CA PHE D 238 27.76 -40.28 10.43
C PHE D 238 29.26 -40.62 10.31
N VAL D 239 29.67 -41.76 10.88
CA VAL D 239 31.07 -42.01 11.32
C VAL D 239 31.54 -43.37 10.81
N VAL D 240 32.87 -43.54 10.70
CA VAL D 240 33.54 -44.77 10.20
C VAL D 240 34.49 -45.28 11.28
N LYS D 241 34.56 -46.59 11.44
CA LYS D 241 35.63 -47.29 12.17
C LYS D 241 36.83 -47.40 11.22
N PRO D 242 37.96 -46.73 11.55
CA PRO D 242 39.14 -46.77 10.68
C PRO D 242 39.47 -48.15 10.11
N LEU D 243 39.50 -49.19 10.94
CA LEU D 243 39.85 -50.57 10.50
C LEU D 243 38.86 -51.11 9.46
N ASP D 244 37.58 -50.72 9.53
CA ASP D 244 36.58 -51.11 8.50
C ASP D 244 37.00 -50.50 7.17
N LEU D 245 37.34 -49.22 7.16
CA LEU D 245 37.80 -48.49 5.95
C LEU D 245 39.06 -49.17 5.39
N LEU D 246 40.00 -49.60 6.25
CA LEU D 246 41.30 -50.18 5.83
C LEU D 246 41.07 -51.57 5.22
N LEU D 247 40.18 -52.38 5.80
CA LEU D 247 40.16 -53.84 5.54
C LEU D 247 38.91 -54.30 4.77
N SER D 248 37.76 -53.64 4.93
CA SER D 248 36.48 -54.15 4.35
C SER D 248 36.59 -54.13 2.83
N GLY D 249 35.84 -54.99 2.16
CA GLY D 249 35.80 -55.03 0.68
C GLY D 249 34.86 -54.00 0.11
N LYS D 250 34.28 -53.13 0.96
CA LYS D 250 33.10 -52.31 0.62
C LYS D 250 33.52 -50.91 0.16
N PRO D 251 32.82 -50.34 -0.85
CA PRO D 251 33.06 -48.96 -1.27
C PRO D 251 33.04 -47.96 -0.11
N PHE D 252 33.84 -46.91 -0.24
CA PHE D 252 34.13 -45.88 0.80
C PHE D 252 32.88 -45.63 1.67
N ILE D 253 31.82 -45.08 1.09
CA ILE D 253 30.67 -44.50 1.85
C ILE D 253 29.92 -45.59 2.63
N GLU D 254 29.90 -46.83 2.13
CA GLU D 254 29.20 -47.97 2.78
C GLU D 254 29.80 -48.28 4.16
N ASN D 255 31.00 -47.79 4.47
CA ASN D 255 31.68 -48.11 5.74
C ASN D 255 31.21 -47.13 6.83
N PHE D 256 30.43 -46.10 6.49
CA PHE D 256 29.94 -45.06 7.43
C PHE D 256 28.58 -45.48 8.00
N SER D 257 28.39 -45.26 9.31
CA SER D 257 27.17 -45.61 10.09
C SER D 257 26.54 -44.37 10.71
N TRP D 258 25.21 -44.32 10.72
CA TRP D 258 24.40 -43.34 11.48
C TRP D 258 24.32 -43.78 12.95
N LYS D 259 24.80 -42.94 13.87
CA LYS D 259 24.85 -43.23 15.33
C LYS D 259 24.27 -42.02 16.07
N PRO D 260 22.96 -41.78 15.98
CA PRO D 260 22.35 -40.56 16.51
C PRO D 260 22.51 -40.41 18.03
N GLU D 261 22.80 -41.50 18.74
CA GLU D 261 23.05 -41.49 20.21
C GLU D 261 24.31 -40.65 20.52
N ASN D 262 25.22 -40.46 19.57
CA ASN D 262 26.42 -39.59 19.75
C ASN D 262 26.02 -38.12 19.76
N GLY D 263 24.87 -37.77 19.15
CA GLY D 263 24.49 -36.36 18.89
C GLY D 263 25.43 -35.74 17.87
N THR D 264 25.23 -34.46 17.55
CA THR D 264 26.14 -33.67 16.67
C THR D 264 27.11 -32.90 17.57
N ARG D 265 28.41 -32.98 17.30
CA ARG D 265 29.43 -32.22 18.06
C ARG D 265 29.91 -31.02 17.22
N PHE D 266 29.82 -29.82 17.79
CA PHE D 266 30.40 -28.57 17.25
C PHE D 266 31.80 -28.39 17.87
N ILE D 267 32.85 -28.54 17.06
CA ILE D 267 34.28 -28.38 17.49
C ILE D 267 34.75 -27.00 17.04
N ILE D 268 35.03 -26.10 18.00
CA ILE D 268 35.38 -24.69 17.71
C ILE D 268 36.88 -24.50 17.94
N VAL D 269 37.59 -24.14 16.87
CA VAL D 269 39.07 -23.94 16.88
C VAL D 269 39.35 -22.49 16.47
N ASN D 270 40.07 -21.75 17.31
CA ASN D 270 40.70 -20.46 16.94
C ASN D 270 41.60 -20.67 15.73
N ARG D 271 41.30 -20.03 14.59
CA ARG D 271 41.98 -20.32 13.31
C ARG D 271 43.17 -19.38 13.08
N GLN D 272 43.65 -18.68 14.12
CA GLN D 272 44.91 -17.89 14.08
C GLN D 272 45.96 -18.49 15.01
N ASN D 273 45.57 -19.19 16.07
CA ASN D 273 46.53 -19.75 17.07
C ASN D 273 46.19 -21.21 17.42
N GLY D 274 45.17 -21.79 16.80
CA GLY D 274 44.84 -23.23 16.93
C GLY D 274 44.34 -23.62 18.31
N ASN D 275 44.03 -22.67 19.19
CA ASN D 275 43.45 -22.94 20.53
C ASN D 275 42.04 -23.58 20.36
N LEU D 276 41.74 -24.57 21.22
CA LEU D 276 40.40 -25.20 21.33
C LEU D 276 39.49 -24.28 22.15
N VAL D 277 38.56 -23.60 21.50
CA VAL D 277 37.54 -22.72 22.15
C VAL D 277 36.59 -23.61 22.96
N GLY D 278 36.10 -24.68 22.36
CA GLY D 278 35.29 -25.70 23.04
C GLY D 278 34.59 -26.67 22.10
N THR D 279 33.97 -27.70 22.68
CA THR D 279 33.06 -28.66 22.01
C THR D 279 31.67 -28.53 22.64
N TYR D 280 30.65 -28.47 21.79
CA TYR D 280 29.22 -28.31 22.16
C TYR D 280 28.40 -29.36 21.41
N LYS D 281 27.32 -29.84 22.04
CA LYS D 281 26.46 -30.92 21.50
C LYS D 281 25.05 -30.38 21.23
N SER D 282 24.48 -30.79 20.10
CA SER D 282 23.03 -30.69 19.79
C SER D 282 22.51 -32.11 19.54
N ASP D 283 21.20 -32.26 19.36
CA ASP D 283 20.57 -33.51 18.88
C ASP D 283 21.14 -33.83 17.50
N ALA D 284 21.26 -35.12 17.17
CA ALA D 284 21.78 -35.62 15.89
C ALA D 284 21.09 -34.93 14.71
N PHE D 285 21.85 -34.55 13.70
CA PHE D 285 21.40 -34.19 12.34
C PHE D 285 22.56 -34.40 11.37
N PHE D 286 22.30 -34.33 10.07
CA PHE D 286 23.29 -34.48 8.98
C PHE D 286 23.16 -33.28 8.04
N ALA D 287 24.27 -32.92 7.38
CA ALA D 287 24.33 -31.82 6.39
C ALA D 287 25.50 -32.08 5.44
N PHE D 288 25.30 -31.79 4.16
CA PHE D 288 26.38 -31.66 3.16
C PHE D 288 26.96 -30.25 3.25
N HIS D 289 26.08 -29.23 3.26
CA HIS D 289 26.43 -27.83 2.97
C HIS D 289 26.09 -26.88 4.11
N HIS D 290 27.12 -26.19 4.60
CA HIS D 290 27.02 -24.95 5.42
C HIS D 290 26.58 -23.81 4.49
N VAL D 291 25.89 -22.82 5.04
CA VAL D 291 25.44 -21.59 4.31
C VAL D 291 26.42 -20.46 4.63
N ASN D 292 26.61 -20.20 5.92
CA ASN D 292 27.41 -19.09 6.48
C ASN D 292 27.34 -19.20 8.01
N ALA D 293 28.30 -18.58 8.70
CA ALA D 293 28.38 -18.52 10.17
C ALA D 293 29.00 -17.17 10.57
N PHE D 294 28.76 -16.73 11.81
CA PHE D 294 29.27 -15.43 12.31
C PHE D 294 29.19 -15.39 13.84
N GLU D 295 30.09 -14.59 14.43
CA GLU D 295 30.13 -14.28 15.87
C GLU D 295 29.25 -13.07 16.14
N LYS D 296 28.60 -13.05 17.31
CA LYS D 296 27.83 -11.89 17.81
C LYS D 296 27.81 -12.00 19.35
N GLN D 297 28.31 -10.99 20.05
CA GLN D 297 28.54 -11.04 21.51
C GLN D 297 29.44 -12.25 21.80
N GLU D 298 29.10 -13.05 22.82
CA GLU D 298 29.78 -14.32 23.18
C GLU D 298 28.98 -15.50 22.63
N GLU D 299 28.44 -15.36 21.42
CA GLU D 299 27.66 -16.40 20.70
C GLU D 299 28.14 -16.55 19.26
N ILE D 300 28.03 -17.77 18.73
CA ILE D 300 28.26 -18.10 17.29
C ILE D 300 26.94 -18.58 16.69
N PHE D 301 26.57 -18.03 15.53
CA PHE D 301 25.42 -18.48 14.72
C PHE D 301 25.96 -19.26 13.53
N VAL D 302 25.58 -20.53 13.42
CA VAL D 302 25.97 -21.46 12.32
C VAL D 302 24.70 -21.82 11.53
N ASP D 303 24.63 -21.36 10.28
CA ASP D 303 23.50 -21.62 9.35
C ASP D 303 23.90 -22.82 8.47
N ILE D 304 23.09 -23.89 8.52
CA ILE D 304 23.37 -25.20 7.87
C ILE D 304 22.11 -25.66 7.12
N ILE D 305 22.30 -26.26 5.94
CA ILE D 305 21.28 -27.01 5.18
C ILE D 305 21.20 -28.41 5.78
N ALA D 306 20.28 -28.61 6.73
CA ALA D 306 20.25 -29.79 7.65
C ALA D 306 19.14 -30.79 7.22
N TYR D 307 19.47 -32.07 7.27
CA TYR D 307 18.53 -33.23 7.17
C TYR D 307 18.39 -33.82 8.57
N GLN D 308 17.32 -34.56 8.84
CA GLN D 308 17.08 -35.23 10.14
C GLN D 308 18.16 -36.27 10.36
N ASP D 309 18.54 -37.02 9.32
CA ASP D 309 19.55 -38.10 9.45
C ASP D 309 20.36 -38.17 8.13
N SER D 310 21.18 -39.21 7.98
CA SER D 310 22.16 -39.38 6.89
C SER D 310 21.57 -40.17 5.73
N SER D 311 20.23 -40.37 5.69
CA SER D 311 19.59 -41.26 4.69
C SER D 311 19.69 -40.62 3.29
N ILE D 312 19.74 -39.28 3.19
CA ILE D 312 19.94 -38.57 1.90
C ILE D 312 21.13 -39.19 1.13
N VAL D 313 22.17 -39.66 1.81
CA VAL D 313 23.37 -40.26 1.15
C VAL D 313 22.93 -41.47 0.31
N ASN D 314 22.09 -42.35 0.86
CA ASN D 314 21.58 -43.56 0.15
C ASN D 314 20.54 -43.17 -0.91
N ALA D 315 19.97 -41.97 -0.81
CA ALA D 315 18.93 -41.46 -1.74
C ALA D 315 19.59 -40.93 -3.02
N LEU D 316 20.89 -40.62 -3.00
CA LEU D 316 21.61 -40.05 -4.16
C LEU D 316 22.38 -41.14 -4.90
N TYR D 317 22.07 -42.43 -4.65
CA TYR D 317 22.39 -43.54 -5.59
C TYR D 317 21.59 -43.33 -6.87
N LEU D 318 22.17 -43.64 -8.02
CA LEU D 318 21.61 -43.26 -9.35
C LEU D 318 20.32 -44.03 -9.63
N ASP D 319 20.16 -45.25 -9.12
CA ASP D 319 18.94 -46.06 -9.40
C ASP D 319 17.72 -45.39 -8.74
N ILE D 320 17.92 -44.74 -7.58
CA ILE D 320 16.88 -43.92 -6.91
C ILE D 320 16.67 -42.63 -7.70
N LEU D 321 17.75 -41.89 -7.99
CA LEU D 321 17.64 -40.57 -8.69
C LEU D 321 16.96 -40.75 -10.05
N ARG D 322 17.08 -41.92 -10.69
CA ARG D 322 16.54 -42.18 -12.06
C ARG D 322 15.15 -42.83 -11.97
N GLY D 323 14.69 -43.19 -10.77
CA GLY D 323 13.54 -44.09 -10.52
C GLY D 323 12.19 -43.37 -10.42
N GLN D 324 11.13 -44.09 -10.03
CA GLN D 324 9.75 -43.52 -9.98
C GLN D 324 9.37 -43.23 -8.53
N LYS D 325 10.35 -43.16 -7.62
CA LYS D 325 10.08 -42.96 -6.17
C LYS D 325 10.90 -41.78 -5.63
N THR D 326 11.14 -40.74 -6.40
CA THR D 326 12.03 -39.63 -6.00
C THR D 326 11.45 -38.82 -4.84
N ASP D 327 10.14 -38.89 -4.57
CA ASP D 327 9.55 -38.24 -3.36
C ASP D 327 10.04 -38.95 -2.09
N THR D 328 10.84 -40.02 -2.24
CA THR D 328 11.55 -40.69 -1.14
C THR D 328 12.79 -39.88 -0.69
N ILE D 329 13.34 -39.01 -1.54
CA ILE D 329 14.57 -38.22 -1.26
C ILE D 329 14.27 -37.19 -0.15
N PRO D 330 14.88 -37.34 1.04
CA PRO D 330 14.64 -36.44 2.16
C PRO D 330 14.97 -34.98 1.84
N THR D 331 14.18 -34.06 2.38
CA THR D 331 14.32 -32.59 2.23
C THR D 331 15.27 -32.07 3.31
N SER D 332 15.92 -30.94 3.02
CA SER D 332 16.80 -30.20 3.96
C SER D 332 16.28 -28.77 4.06
N HIS D 333 16.48 -28.14 5.22
CA HIS D 333 16.03 -26.76 5.52
C HIS D 333 17.17 -25.96 6.18
N ILE D 334 17.11 -24.63 6.07
CA ILE D 334 18.09 -23.71 6.70
C ILE D 334 17.79 -23.68 8.21
N ARG D 335 18.68 -24.27 8.99
CA ARG D 335 18.70 -24.24 10.47
C ARG D 335 19.82 -23.31 10.93
N ARG D 336 19.47 -22.32 11.76
CA ARG D 336 20.44 -21.46 12.45
C ARG D 336 20.68 -22.03 13.84
N TYR D 337 21.83 -22.67 14.05
CA TYR D 337 22.30 -23.14 15.38
C TYR D 337 22.94 -21.95 16.10
N ARG D 338 22.59 -21.76 17.37
CA ARG D 338 23.13 -20.72 18.27
C ARG D 338 24.04 -21.43 19.29
N ILE D 339 25.35 -21.18 19.20
CA ILE D 339 26.36 -21.74 20.14
C ILE D 339 26.63 -20.68 21.19
N PRO D 340 26.23 -20.90 22.46
CA PRO D 340 26.58 -20.01 23.56
C PRO D 340 27.98 -20.43 24.05
N LEU D 341 28.99 -19.59 23.81
CA LEU D 341 30.40 -19.91 24.19
C LEU D 341 30.49 -20.00 25.72
N SER D 342 29.72 -19.17 26.44
CA SER D 342 29.51 -19.21 27.91
C SER D 342 29.14 -20.63 28.37
N GLY D 343 28.52 -21.43 27.50
CA GLY D 343 28.18 -22.84 27.71
C GLY D 343 26.67 -23.09 27.65
N GLY D 344 26.28 -24.33 27.38
CA GLY D 344 24.86 -24.77 27.30
C GLY D 344 24.60 -25.63 26.08
N GLN D 345 23.50 -26.39 26.08
CA GLN D 345 23.04 -27.18 24.90
C GLN D 345 22.84 -26.20 23.73
N VAL D 346 23.24 -26.62 22.53
CA VAL D 346 23.09 -25.85 21.27
C VAL D 346 21.66 -26.09 20.76
N GLU D 347 20.85 -25.04 20.69
CA GLU D 347 19.50 -25.09 20.06
C GLU D 347 19.60 -24.46 18.68
N TYR D 348 18.57 -24.64 17.85
CA TYR D 348 18.43 -24.03 16.50
C TYR D 348 17.01 -23.50 16.30
N GLU D 349 16.85 -22.64 15.30
CA GLU D 349 15.54 -22.23 14.72
C GLU D 349 15.65 -22.30 13.19
N MET D 350 14.52 -22.49 12.52
CA MET D 350 14.42 -22.51 11.03
C MET D 350 14.41 -21.05 10.56
N LEU D 351 15.15 -20.76 9.47
CA LEU D 351 15.22 -19.40 8.88
C LEU D 351 14.17 -19.27 7.77
N SER D 352 13.64 -20.40 7.31
CA SER D 352 12.77 -20.49 6.11
C SER D 352 12.04 -21.84 6.14
N SER D 353 10.84 -21.87 5.58
CA SER D 353 10.00 -23.08 5.45
C SER D 353 10.34 -23.78 4.12
N GLU D 354 11.17 -23.15 3.28
CA GLU D 354 11.55 -23.70 1.94
C GLU D 354 12.50 -24.88 2.17
N ALA D 355 12.30 -26.00 1.48
CA ALA D 355 13.34 -27.03 1.27
C ALA D 355 14.40 -26.43 0.35
N VAL D 356 15.69 -26.48 0.75
CA VAL D 356 16.83 -25.81 0.05
C VAL D 356 18.01 -26.77 -0.01
N GLU D 357 18.69 -26.84 -1.16
CA GLU D 357 20.06 -27.39 -1.27
C GLU D 357 20.92 -26.46 -2.15
N LEU D 358 22.21 -26.79 -2.29
CA LEU D 358 23.21 -26.02 -3.06
C LEU D 358 23.13 -24.55 -2.68
N PRO D 359 23.30 -24.22 -1.37
CA PRO D 359 23.23 -22.83 -0.93
C PRO D 359 24.44 -22.02 -1.41
N ARG D 360 24.22 -20.74 -1.72
CA ARG D 360 25.28 -19.75 -2.05
C ARG D 360 24.86 -18.40 -1.47
N ILE D 361 25.85 -17.57 -1.16
CA ILE D 361 25.66 -16.19 -0.62
C ILE D 361 26.56 -15.25 -1.41
N ASN D 362 26.43 -13.96 -1.11
CA ASN D 362 27.45 -12.94 -1.43
C ASN D 362 28.68 -13.28 -0.57
N TYR D 363 29.45 -14.30 -0.99
CA TYR D 363 30.56 -14.88 -0.21
C TYR D 363 31.65 -13.82 0.01
N LYS D 364 32.11 -13.17 -1.06
CA LYS D 364 33.24 -12.20 -1.01
C LYS D 364 32.98 -11.16 0.08
N GLN D 365 31.74 -10.68 0.23
CA GLN D 365 31.42 -9.53 1.12
C GLN D 365 30.83 -9.99 2.47
N TYR D 366 30.24 -11.17 2.58
CA TYR D 366 29.39 -11.55 3.75
C TYR D 366 29.78 -12.88 4.40
N ASN D 367 30.65 -13.71 3.81
CA ASN D 367 31.16 -14.92 4.50
C ASN D 367 31.80 -14.48 5.83
N THR D 368 31.41 -15.12 6.93
CA THR D 368 31.87 -14.88 8.34
C THR D 368 31.08 -13.75 9.00
N LYS D 369 30.19 -13.08 8.26
CA LYS D 369 29.48 -11.87 8.73
C LYS D 369 27.96 -12.10 8.77
N ASP D 370 27.28 -11.36 9.65
CA ASP D 370 25.81 -11.23 9.68
C ASP D 370 25.36 -10.83 8.26
N TYR D 371 24.25 -11.40 7.81
CA TYR D 371 23.82 -11.38 6.39
C TYR D 371 22.30 -11.61 6.33
N ARG D 372 21.71 -11.44 5.14
CA ARG D 372 20.26 -11.42 4.91
C ARG D 372 19.81 -12.42 3.84
N PHE D 373 20.65 -12.78 2.87
CA PHE D 373 20.23 -13.44 1.60
C PHE D 373 20.96 -14.77 1.38
N VAL D 374 20.17 -15.83 1.13
CA VAL D 374 20.61 -17.19 0.71
C VAL D 374 19.96 -17.52 -0.64
N TYR D 375 20.74 -18.01 -1.60
CA TYR D 375 20.27 -18.52 -2.91
C TYR D 375 20.48 -20.03 -2.91
N GLY D 376 19.58 -20.78 -3.55
CA GLY D 376 19.66 -22.26 -3.60
C GLY D 376 18.71 -22.86 -4.60
N ILE D 377 18.65 -24.19 -4.65
CA ILE D 377 17.64 -24.94 -5.45
C ILE D 377 16.50 -25.33 -4.50
N SER D 378 15.24 -25.26 -4.97
CA SER D 378 14.09 -25.73 -4.14
C SER D 378 13.99 -27.26 -4.26
N THR D 379 13.96 -27.95 -3.11
CA THR D 379 13.76 -29.42 -3.02
C THR D 379 12.41 -29.73 -2.34
N TYR D 380 11.46 -28.80 -2.39
CA TYR D 380 10.21 -28.78 -1.60
C TYR D 380 9.16 -29.70 -2.26
N SER D 381 9.25 -29.86 -3.58
CA SER D 381 8.44 -30.77 -4.44
C SER D 381 6.98 -30.29 -4.48
N ALA D 382 6.78 -28.98 -4.60
CA ALA D 382 5.47 -28.33 -4.79
C ALA D 382 4.87 -28.75 -6.14
N SER D 383 5.71 -28.87 -7.17
CA SER D 383 5.32 -29.11 -8.58
C SER D 383 6.24 -30.15 -9.27
N ASP D 384 7.50 -30.23 -8.86
CA ASP D 384 8.49 -31.20 -9.42
C ASP D 384 9.72 -31.32 -8.51
N PHE D 385 10.60 -32.27 -8.84
CA PHE D 385 11.96 -32.46 -8.26
C PHE D 385 12.88 -31.30 -8.67
N ALA D 386 13.57 -30.65 -7.72
CA ALA D 386 14.66 -29.68 -7.99
C ALA D 386 14.42 -28.81 -9.24
N ASN D 387 13.28 -28.11 -9.29
CA ASN D 387 12.79 -27.41 -10.51
C ASN D 387 12.74 -25.90 -10.29
N GLN D 388 13.12 -25.40 -9.11
CA GLN D 388 13.10 -23.95 -8.83
C GLN D 388 14.46 -23.48 -8.32
N LEU D 389 14.82 -22.24 -8.69
CA LEU D 389 15.80 -21.42 -7.92
C LEU D 389 15.00 -20.63 -6.88
N VAL D 390 15.58 -20.46 -5.70
CA VAL D 390 14.94 -19.73 -4.57
C VAL D 390 15.94 -18.70 -4.04
N LYS D 391 15.44 -17.56 -3.58
CA LYS D 391 16.20 -16.52 -2.85
C LYS D 391 15.50 -16.27 -1.52
N ILE D 392 16.11 -16.68 -0.41
CA ILE D 392 15.51 -16.55 0.94
C ILE D 392 15.95 -15.20 1.52
N ASP D 393 14.99 -14.39 1.93
CA ASP D 393 15.25 -13.16 2.73
C ASP D 393 15.11 -13.55 4.20
N ILE D 394 16.23 -13.73 4.88
CA ILE D 394 16.31 -14.18 6.30
C ILE D 394 15.58 -13.18 7.21
N LEU D 395 15.65 -11.88 6.87
CA LEU D 395 15.12 -10.79 7.72
C LEU D 395 13.58 -10.82 7.67
N ARG D 396 13.01 -10.67 6.47
CA ARG D 396 11.55 -10.56 6.21
C ARG D 396 10.94 -11.97 6.13
N LYS D 397 11.66 -13.02 6.57
CA LYS D 397 11.19 -14.43 6.53
C LYS D 397 10.31 -14.61 5.29
N SER D 398 10.82 -14.26 4.11
CA SER D 398 10.12 -14.34 2.80
C SER D 398 11.06 -14.98 1.78
N SER D 399 10.58 -15.23 0.56
CA SER D 399 11.41 -15.81 -0.53
C SER D 399 10.89 -15.40 -1.90
N LYS D 400 11.80 -15.31 -2.87
CA LYS D 400 11.50 -15.16 -4.31
C LYS D 400 11.87 -16.46 -5.02
N ILE D 401 11.18 -16.76 -6.12
CA ILE D 401 11.29 -18.07 -6.83
C ILE D 401 11.46 -17.80 -8.32
N TRP D 402 12.32 -18.57 -8.97
CA TRP D 402 12.40 -18.69 -10.44
C TRP D 402 12.14 -20.14 -10.82
N SER D 403 11.44 -20.37 -11.92
CA SER D 403 11.18 -21.72 -12.48
C SER D 403 10.69 -21.59 -13.93
N GLU D 404 10.68 -22.69 -14.66
CA GLU D 404 10.21 -22.77 -16.07
C GLU D 404 9.78 -24.21 -16.37
N LYS D 405 8.62 -24.40 -16.99
CA LYS D 405 8.06 -25.71 -17.38
C LYS D 405 9.21 -26.63 -17.84
N ASP D 406 9.38 -27.77 -17.16
CA ASP D 406 10.25 -28.91 -17.57
C ASP D 406 11.73 -28.50 -17.53
N CYS D 407 12.08 -27.50 -16.71
CA CYS D 407 13.47 -27.02 -16.52
C CYS D 407 13.94 -27.31 -15.09
N TYR D 408 15.20 -27.71 -14.96
CA TYR D 408 15.86 -28.12 -13.69
C TYR D 408 17.12 -27.29 -13.53
N PRO D 409 17.08 -26.19 -12.75
CA PRO D 409 18.20 -25.27 -12.61
C PRO D 409 19.28 -25.78 -11.63
N GLY D 410 20.55 -25.55 -11.97
CA GLY D 410 21.71 -25.91 -11.12
C GLY D 410 22.00 -24.84 -10.08
N GLU D 411 23.06 -25.05 -9.30
CA GLU D 411 23.55 -24.15 -8.22
C GLU D 411 23.56 -22.69 -8.69
N PRO D 412 22.92 -21.77 -7.92
CA PRO D 412 22.99 -20.34 -8.21
C PRO D 412 24.26 -19.69 -7.68
N VAL D 413 25.15 -19.24 -8.57
CA VAL D 413 26.43 -18.56 -8.22
C VAL D 413 26.19 -17.04 -8.22
N PHE D 414 26.35 -16.38 -7.06
CA PHE D 414 26.24 -14.90 -6.94
C PHE D 414 27.53 -14.24 -7.45
N VAL D 415 27.40 -13.15 -8.21
CA VAL D 415 28.51 -12.26 -8.64
C VAL D 415 28.10 -10.82 -8.33
N GLY D 416 28.73 -10.20 -7.31
CA GLY D 416 28.47 -8.80 -6.90
C GLY D 416 28.76 -7.85 -8.05
N ALA D 417 28.00 -6.76 -8.15
CA ALA D 417 28.19 -5.72 -9.18
C ALA D 417 29.34 -4.81 -8.74
N PRO D 418 29.97 -4.05 -9.68
CA PRO D 418 31.01 -3.11 -9.31
C PRO D 418 30.49 -2.06 -8.31
N ASP D 419 31.30 -1.76 -7.28
CA ASP D 419 31.03 -0.73 -6.23
C ASP D 419 29.60 -0.90 -5.67
N ALA D 420 29.18 -2.15 -5.43
CA ALA D 420 27.85 -2.50 -4.87
C ALA D 420 27.77 -2.03 -3.42
N THR D 421 26.65 -1.41 -3.02
CA THR D 421 26.39 -0.92 -1.64
C THR D 421 25.38 -1.83 -0.92
N LYS D 422 24.75 -2.77 -1.63
CA LYS D 422 23.73 -3.71 -1.08
C LYS D 422 24.22 -5.16 -1.24
N GLU D 423 23.77 -6.03 -0.33
CA GLU D 423 24.20 -7.46 -0.24
C GLU D 423 23.75 -8.23 -1.49
N ASP D 424 22.63 -7.83 -2.10
CA ASP D 424 21.99 -8.57 -3.22
C ASP D 424 22.08 -7.76 -4.52
N GLU D 425 22.98 -6.78 -4.60
CA GLU D 425 23.27 -6.03 -5.85
C GLU D 425 24.30 -6.83 -6.65
N GLY D 426 23.85 -7.48 -7.72
CA GLY D 426 24.70 -8.28 -8.64
C GLY D 426 23.85 -9.21 -9.50
N LEU D 427 24.44 -10.34 -9.90
CA LEU D 427 23.81 -11.34 -10.80
C LEU D 427 23.86 -12.73 -10.14
N ILE D 428 22.94 -13.62 -10.53
CA ILE D 428 22.96 -15.07 -10.22
C ILE D 428 23.16 -15.82 -11.54
N LEU D 429 24.11 -16.76 -11.57
CA LEU D 429 24.40 -17.62 -12.75
C LEU D 429 24.06 -19.06 -12.39
N SER D 430 23.21 -19.70 -13.20
CA SER D 430 22.72 -21.10 -13.00
C SER D 430 22.71 -21.82 -14.36
N ALA D 431 23.40 -22.96 -14.45
CA ALA D 431 23.25 -23.91 -15.59
C ALA D 431 21.92 -24.66 -15.43
N VAL D 432 21.00 -24.46 -16.36
CA VAL D 432 19.61 -24.99 -16.31
C VAL D 432 19.44 -26.06 -17.39
N LEU D 433 18.92 -27.23 -17.03
CA LEU D 433 18.59 -28.31 -17.98
C LEU D 433 17.16 -28.07 -18.46
N ASP D 434 16.95 -28.02 -19.79
CA ASP D 434 15.62 -27.99 -20.45
C ASP D 434 15.34 -29.40 -21.00
N ALA D 435 14.52 -30.17 -20.28
CA ALA D 435 14.31 -31.62 -20.51
C ALA D 435 13.62 -31.88 -21.85
N THR D 436 12.66 -31.03 -22.23
CA THR D 436 11.88 -31.16 -23.48
C THR D 436 12.77 -30.79 -24.69
N ASN D 437 13.67 -29.83 -24.50
CA ASN D 437 14.64 -29.35 -25.52
C ASN D 437 15.90 -30.25 -25.51
N ALA D 438 16.07 -31.07 -24.46
CA ALA D 438 17.19 -32.03 -24.30
C ALA D 438 18.54 -31.30 -24.38
N LYS D 439 18.58 -30.05 -23.92
CA LYS D 439 19.77 -29.14 -23.97
C LYS D 439 19.70 -28.20 -22.76
N SER D 440 20.85 -27.69 -22.32
CA SER D 440 20.98 -26.78 -21.14
C SER D 440 21.19 -25.34 -21.62
N PHE D 441 20.92 -24.36 -20.76
CA PHE D 441 21.19 -22.92 -20.98
C PHE D 441 21.76 -22.32 -19.69
N LEU D 442 22.62 -21.31 -19.83
CA LEU D 442 23.06 -20.47 -18.68
C LEU D 442 21.99 -19.40 -18.47
N LEU D 443 21.44 -19.34 -17.25
CA LEU D 443 20.42 -18.35 -16.84
C LEU D 443 21.13 -17.25 -16.04
N ILE D 444 20.87 -15.99 -16.36
CA ILE D 444 21.41 -14.83 -15.60
C ILE D 444 20.22 -14.04 -15.04
N LEU D 445 20.07 -14.07 -13.70
CA LEU D 445 19.06 -13.26 -12.97
C LEU D 445 19.77 -12.04 -12.39
N ASP D 446 19.12 -10.87 -12.37
CA ASP D 446 19.46 -9.80 -11.41
C ASP D 446 19.16 -10.34 -10.01
N ALA D 447 20.11 -10.20 -9.09
CA ALA D 447 20.06 -10.78 -7.72
C ALA D 447 19.01 -10.05 -6.86
N THR D 448 18.70 -8.78 -7.15
CA THR D 448 17.74 -7.94 -6.37
C THR D 448 16.30 -8.35 -6.71
N THR D 449 15.93 -8.34 -7.99
CA THR D 449 14.59 -8.69 -8.51
C THR D 449 14.42 -10.21 -8.54
N PHE D 450 15.50 -10.94 -8.79
CA PHE D 450 15.55 -12.41 -9.01
C PHE D 450 14.78 -12.76 -10.28
N GLU D 451 14.72 -11.84 -11.24
CA GLU D 451 14.14 -12.05 -12.60
C GLU D 451 15.27 -12.08 -13.64
N GLU D 452 15.00 -12.78 -14.75
CA GLU D 452 15.94 -13.06 -15.87
C GLU D 452 16.32 -11.74 -16.54
N VAL D 453 17.62 -11.53 -16.79
CA VAL D 453 18.14 -10.41 -17.62
C VAL D 453 18.72 -10.98 -18.92
N ALA D 454 19.16 -12.25 -18.93
CA ALA D 454 19.72 -12.91 -20.13
C ALA D 454 19.75 -14.43 -19.94
N ARG D 455 19.89 -15.17 -21.04
CA ARG D 455 20.24 -16.62 -21.07
C ARG D 455 21.11 -16.91 -22.30
N ALA D 456 21.98 -17.91 -22.21
CA ALA D 456 22.87 -18.37 -23.30
C ALA D 456 22.63 -19.86 -23.55
N GLU D 457 22.18 -20.22 -24.76
CA GLU D 457 21.85 -21.62 -25.15
C GLU D 457 23.16 -22.41 -25.26
N VAL D 458 23.17 -23.68 -24.83
CA VAL D 458 24.31 -24.62 -25.00
C VAL D 458 23.87 -25.74 -25.94
N PRO D 459 24.66 -26.11 -26.97
CA PRO D 459 24.22 -27.09 -27.98
C PRO D 459 23.95 -28.53 -27.50
N HIS D 460 24.22 -28.84 -26.23
CA HIS D 460 24.05 -30.19 -25.62
C HIS D 460 23.48 -30.04 -24.20
N HIS D 461 23.19 -31.17 -23.53
CA HIS D 461 22.81 -31.19 -22.09
C HIS D 461 24.07 -31.17 -21.22
N ILE D 462 24.07 -30.33 -20.18
CA ILE D 462 25.06 -30.34 -19.06
C ILE D 462 24.50 -31.21 -17.95
N PRO D 463 25.04 -32.43 -17.71
CA PRO D 463 24.59 -33.27 -16.59
C PRO D 463 24.54 -32.49 -15.28
N PHE D 464 23.60 -32.85 -14.39
CA PHE D 464 23.43 -32.24 -13.05
C PHE D 464 24.80 -32.33 -12.36
N GLY D 465 25.34 -31.16 -12.02
CA GLY D 465 26.70 -31.01 -11.46
C GLY D 465 26.60 -30.74 -9.97
N PHE D 466 27.74 -30.41 -9.36
CA PHE D 466 27.83 -30.02 -7.93
C PHE D 466 28.10 -28.51 -7.87
N HIS D 467 29.38 -28.11 -7.86
CA HIS D 467 29.78 -26.73 -7.52
C HIS D 467 30.53 -26.09 -8.68
N GLY D 468 30.45 -24.77 -8.75
CA GLY D 468 31.16 -23.90 -9.70
C GLY D 468 31.55 -22.60 -9.03
N ASN D 469 32.47 -21.86 -9.65
CA ASN D 469 32.93 -20.55 -9.12
C ASN D 469 33.15 -19.59 -10.28
N TYR D 470 32.90 -18.30 -10.03
CA TYR D 470 33.20 -17.18 -10.95
C TYR D 470 34.59 -16.61 -10.61
N PHE D 471 35.50 -16.64 -11.58
CA PHE D 471 36.86 -16.05 -11.49
C PHE D 471 36.90 -14.82 -12.40
N GLU D 472 37.27 -13.66 -11.85
CA GLU D 472 37.52 -12.41 -12.64
C GLU D 472 38.63 -12.64 -13.66
N LYS E 8 -9.42 1.91 -14.51
CA LYS E 8 -10.02 2.39 -13.20
C LYS E 8 -11.54 2.35 -13.29
N PHE E 9 -12.09 2.71 -14.45
CA PHE E 9 -13.54 2.87 -14.76
C PHE E 9 -14.12 1.53 -15.24
N GLN E 10 -13.30 0.46 -15.30
CA GLN E 10 -13.67 -0.87 -15.83
C GLN E 10 -15.03 -1.33 -15.24
N LEU E 11 -15.30 -0.97 -13.98
CA LEU E 11 -16.51 -1.38 -13.23
C LEU E 11 -17.77 -0.86 -13.93
N GLY E 12 -17.72 0.32 -14.55
CA GLY E 12 -18.84 0.92 -15.28
C GLY E 12 -19.24 0.13 -16.52
N PHE E 13 -18.40 -0.81 -16.98
CA PHE E 13 -18.63 -1.68 -18.15
C PHE E 13 -18.70 -3.14 -17.70
N SER E 14 -18.93 -3.38 -16.41
CA SER E 14 -19.13 -4.73 -15.83
C SER E 14 -20.59 -4.90 -15.40
N THR E 15 -21.09 -6.14 -15.50
CA THR E 15 -22.50 -6.51 -15.25
C THR E 15 -22.90 -6.11 -13.82
N LEU E 16 -24.13 -5.61 -13.66
CA LEU E 16 -24.81 -5.38 -12.35
C LEU E 16 -25.99 -6.36 -12.26
N SER E 17 -25.89 -7.39 -11.41
CA SER E 17 -26.90 -8.45 -11.20
C SER E 17 -27.89 -8.06 -10.09
N GLU E 18 -27.59 -7.03 -9.31
CA GLU E 18 -28.37 -6.63 -8.11
C GLU E 18 -29.52 -5.70 -8.53
N GLU E 19 -30.75 -6.05 -8.17
CA GLU E 19 -31.99 -5.25 -8.35
C GLU E 19 -32.60 -5.02 -6.96
N LEU E 20 -32.86 -3.78 -6.57
CA LEU E 20 -33.47 -3.47 -5.25
C LEU E 20 -34.39 -2.25 -5.33
N ASP E 21 -35.23 -2.08 -4.30
CA ASP E 21 -36.18 -0.95 -4.13
C ASP E 21 -35.97 -0.37 -2.72
N LEU E 22 -35.58 0.91 -2.62
CA LEU E 22 -35.18 1.59 -1.35
C LEU E 22 -35.88 2.94 -1.23
N GLU E 23 -36.52 3.20 -0.09
CA GLU E 23 -37.39 4.39 0.14
C GLU E 23 -36.52 5.65 0.28
N SER E 24 -35.36 5.56 0.96
CA SER E 24 -34.47 6.71 1.27
C SER E 24 -33.01 6.35 0.96
N LEU E 25 -32.35 7.14 0.12
CA LEU E 25 -30.87 7.13 -0.08
C LEU E 25 -30.27 8.17 0.87
N GLN E 26 -29.08 7.92 1.44
CA GLN E 26 -28.34 8.91 2.27
C GLN E 26 -28.02 10.11 1.39
N VAL E 27 -28.48 11.30 1.78
CA VAL E 27 -28.33 12.58 1.00
C VAL E 27 -27.37 13.49 1.76
N LYS E 28 -26.34 14.00 1.06
CA LYS E 28 -25.42 15.07 1.49
C LYS E 28 -25.78 16.34 0.71
N GLY E 29 -25.65 17.52 1.34
CA GLY E 29 -26.17 18.78 0.80
C GLY E 29 -27.67 18.88 1.02
N THR E 30 -28.38 19.68 0.22
CA THR E 30 -29.86 19.82 0.30
C THR E 30 -30.45 19.93 -1.13
N ILE E 31 -31.45 19.09 -1.41
CA ILE E 31 -32.15 18.96 -2.72
C ILE E 31 -33.34 19.93 -2.72
N ILE E 40 -35.80 8.69 -14.57
CA ILE E 40 -35.52 7.30 -15.06
C ILE E 40 -34.24 7.32 -15.90
N ARG E 41 -33.28 6.47 -15.55
CA ARG E 41 -32.03 6.24 -16.33
C ARG E 41 -32.18 4.90 -17.07
N ASN E 42 -31.82 4.87 -18.36
CA ASN E 42 -31.72 3.61 -19.15
C ASN E 42 -30.26 3.40 -19.56
N GLY E 43 -29.86 2.15 -19.72
CA GLY E 43 -28.55 1.77 -20.24
C GLY E 43 -28.34 0.27 -20.14
N PRO E 44 -27.24 -0.24 -20.73
CA PRO E 44 -26.86 -1.65 -20.64
C PRO E 44 -26.34 -1.93 -19.22
N ALA E 45 -26.60 -3.11 -18.69
CA ALA E 45 -26.21 -3.50 -17.32
C ALA E 45 -25.79 -4.98 -17.26
N LYS E 46 -25.91 -5.73 -18.36
CA LYS E 46 -25.44 -7.14 -18.47
C LYS E 46 -24.71 -7.29 -19.81
N PHE E 47 -23.41 -7.57 -19.76
CA PHE E 47 -22.48 -7.48 -20.92
C PHE E 47 -22.04 -8.86 -21.38
N GLU E 48 -22.57 -9.92 -20.75
CA GLU E 48 -22.28 -11.31 -21.18
C GLU E 48 -23.48 -12.21 -20.86
N VAL E 49 -23.55 -13.35 -21.55
CA VAL E 49 -24.58 -14.41 -21.38
C VAL E 49 -23.85 -15.75 -21.46
N GLY E 50 -23.70 -16.45 -20.35
CA GLY E 50 -22.90 -17.69 -20.29
C GLY E 50 -21.49 -17.45 -20.79
N LYS E 51 -21.03 -18.22 -21.78
CA LYS E 51 -19.66 -18.17 -22.35
C LYS E 51 -19.57 -17.10 -23.45
N GLU E 52 -20.71 -16.55 -23.89
CA GLU E 52 -20.81 -15.52 -24.96
C GLU E 52 -20.71 -14.13 -24.32
N LYS E 53 -19.88 -13.25 -24.90
CA LYS E 53 -19.74 -11.83 -24.47
C LYS E 53 -20.39 -10.93 -25.52
N PHE E 54 -21.04 -9.85 -25.08
CA PHE E 54 -21.51 -8.78 -25.98
C PHE E 54 -20.29 -7.97 -26.44
N GLN E 55 -20.19 -7.69 -27.73
CA GLN E 55 -19.00 -7.04 -28.34
C GLN E 55 -19.00 -5.54 -28.02
N HIS E 56 -20.14 -4.88 -28.09
CA HIS E 56 -20.25 -3.39 -28.08
C HIS E 56 -20.99 -2.90 -26.83
N TRP E 57 -20.66 -1.69 -26.41
CA TRP E 57 -21.36 -0.96 -25.32
C TRP E 57 -22.86 -0.96 -25.60
N PHE E 58 -23.28 -0.77 -26.86
CA PHE E 58 -24.68 -0.60 -27.30
C PHE E 58 -25.46 -1.91 -27.22
N ASP E 59 -24.78 -3.05 -27.04
CA ASP E 59 -25.36 -4.42 -27.04
C ASP E 59 -25.87 -4.86 -25.66
N GLY E 60 -25.42 -4.23 -24.58
CA GLY E 60 -25.72 -4.68 -23.21
C GLY E 60 -27.22 -4.64 -22.92
N LEU E 61 -27.70 -5.60 -22.13
CA LEU E 61 -29.16 -5.82 -21.87
C LEU E 61 -29.68 -4.72 -20.93
N ALA E 62 -30.74 -4.03 -21.37
CA ALA E 62 -31.34 -2.83 -20.73
C ALA E 62 -31.67 -3.10 -19.26
N MET E 63 -31.33 -2.13 -18.40
CA MET E 63 -31.75 -1.99 -16.99
C MET E 63 -32.23 -0.56 -16.75
N LEU E 64 -33.35 -0.39 -16.05
CA LEU E 64 -33.90 0.93 -15.66
C LEU E 64 -33.52 1.23 -14.21
N HIS E 65 -33.22 2.50 -13.93
CA HIS E 65 -32.93 3.05 -12.57
C HIS E 65 -33.95 4.17 -12.31
N LYS E 66 -34.61 4.14 -11.15
CA LYS E 66 -35.66 5.12 -10.76
C LYS E 66 -35.17 5.94 -9.56
N PHE E 67 -35.12 7.27 -9.72
CA PHE E 67 -34.87 8.27 -8.65
C PHE E 67 -36.14 9.13 -8.50
N SER E 68 -36.94 8.87 -7.48
CA SER E 68 -38.19 9.61 -7.18
C SER E 68 -37.95 10.58 -6.02
N LYS E 70 -39.39 13.17 -3.13
CA LYS E 70 -40.44 13.79 -2.27
C LYS E 70 -39.76 14.74 -1.27
N GLU E 71 -40.06 16.05 -1.37
CA GLU E 71 -39.69 17.10 -0.39
C GLU E 71 -38.25 16.89 0.11
N GLY E 72 -37.27 16.88 -0.81
CA GLY E 72 -35.83 16.89 -0.48
C GLY E 72 -35.27 15.51 -0.14
N LYS E 73 -36.13 14.49 0.01
CA LYS E 73 -35.71 13.05 0.13
C LYS E 73 -35.72 12.44 -1.27
N VAL E 74 -35.06 11.29 -1.45
CA VAL E 74 -34.95 10.59 -2.77
C VAL E 74 -35.00 9.06 -2.56
N SER E 75 -35.89 8.38 -3.28
CA SER E 75 -36.05 6.90 -3.32
C SER E 75 -35.33 6.37 -4.55
N TYR E 76 -34.90 5.10 -4.55
CA TYR E 76 -34.20 4.45 -5.68
C TYR E 76 -34.69 3.01 -5.86
N ALA E 77 -34.94 2.65 -7.12
CA ALA E 77 -35.28 1.28 -7.58
C ALA E 77 -34.59 1.03 -8.93
N ASN E 78 -34.16 -0.22 -9.17
CA ASN E 78 -33.56 -0.66 -10.45
C ASN E 78 -34.02 -2.09 -10.77
N LYS E 79 -34.47 -2.33 -12.00
CA LYS E 79 -34.79 -3.68 -12.55
C LYS E 79 -34.28 -3.77 -14.00
N PHE E 80 -33.84 -4.96 -14.41
CA PHE E 80 -33.63 -5.33 -15.83
C PHE E 80 -34.98 -5.24 -16.56
N LEU E 81 -34.98 -4.67 -17.77
CA LEU E 81 -36.14 -4.73 -18.70
C LEU E 81 -36.31 -6.20 -19.08
N GLU E 82 -37.50 -6.76 -18.84
CA GLU E 82 -37.83 -8.18 -19.16
C GLU E 82 -38.31 -8.26 -20.61
N SER E 83 -37.47 -7.77 -21.53
CA SER E 83 -37.55 -7.99 -23.00
C SER E 83 -37.46 -9.48 -23.30
N LYS E 84 -37.81 -9.87 -24.52
CA LYS E 84 -37.57 -11.24 -25.06
C LYS E 84 -36.07 -11.49 -25.12
N ALA E 85 -35.27 -10.48 -25.46
CA ALA E 85 -33.79 -10.55 -25.49
C ALA E 85 -33.29 -10.97 -24.11
N TYR E 86 -33.69 -10.25 -23.06
CA TYR E 86 -33.25 -10.50 -21.67
C TYR E 86 -33.75 -11.87 -21.20
N GLN E 87 -35.06 -12.12 -21.35
CA GLN E 87 -35.72 -13.36 -20.85
C GLN E 87 -35.07 -14.57 -21.49
N SER E 88 -34.77 -14.50 -22.79
CA SER E 88 -34.14 -15.60 -23.56
C SER E 88 -32.74 -15.89 -23.02
N ALA E 89 -31.93 -14.84 -22.82
CA ALA E 89 -30.55 -14.93 -22.29
C ALA E 89 -30.59 -15.52 -20.87
N ARG E 90 -31.48 -14.99 -20.02
CA ARG E 90 -31.64 -15.44 -18.61
C ARG E 90 -31.99 -16.93 -18.57
N ASP E 91 -32.87 -17.40 -19.47
CA ASP E 91 -33.54 -18.73 -19.36
C ASP E 91 -32.84 -19.78 -20.22
N THR E 92 -32.06 -19.39 -21.23
CA THR E 92 -31.36 -20.36 -22.14
C THR E 92 -29.84 -20.23 -22.04
N ASP E 93 -29.33 -19.17 -21.40
CA ASP E 93 -27.87 -18.84 -21.31
C ASP E 93 -27.28 -18.82 -22.72
N LYS E 94 -28.07 -18.31 -23.68
CA LYS E 94 -27.66 -18.11 -25.11
C LYS E 94 -28.13 -16.72 -25.53
N ILE E 95 -27.25 -15.92 -26.14
CA ILE E 95 -27.67 -14.68 -26.85
C ILE E 95 -28.61 -15.16 -27.96
N SER E 96 -29.80 -14.57 -28.10
CA SER E 96 -30.90 -15.15 -28.91
C SER E 96 -31.43 -14.15 -29.93
N TYR E 97 -31.16 -12.85 -29.77
CA TYR E 97 -31.56 -11.77 -30.70
C TYR E 97 -30.31 -11.02 -31.18
N ARG E 98 -30.39 -10.45 -32.37
CA ARG E 98 -29.32 -9.68 -33.06
C ARG E 98 -29.28 -8.28 -32.47
N GLU E 99 -28.15 -7.91 -31.86
CA GLU E 99 -27.95 -6.58 -31.24
C GLU E 99 -27.23 -5.67 -32.25
N PHE E 100 -26.94 -4.44 -31.83
CA PHE E 100 -26.21 -3.41 -32.61
C PHE E 100 -24.93 -3.98 -33.24
N ALA E 101 -24.13 -4.77 -32.51
CA ALA E 101 -22.80 -5.25 -32.97
C ALA E 101 -22.49 -6.69 -32.53
N THR E 102 -23.48 -7.42 -32.01
CA THR E 102 -23.34 -8.86 -31.64
C THR E 102 -24.54 -9.65 -32.19
N ASP E 103 -24.26 -10.76 -32.88
CA ASP E 103 -25.26 -11.74 -33.38
C ASP E 103 -25.18 -12.99 -32.52
N PRO E 104 -26.30 -13.74 -32.33
CA PRO E 104 -26.23 -15.04 -31.66
C PRO E 104 -25.55 -16.13 -32.50
N LYS E 110 -31.07 -18.46 -37.39
CA LYS E 110 -31.44 -19.20 -38.62
C LYS E 110 -32.86 -18.78 -39.02
N ARG E 111 -33.00 -18.10 -40.17
CA ARG E 111 -34.30 -17.59 -40.71
C ARG E 111 -34.32 -17.69 -42.23
N VAL E 112 -35.52 -17.90 -42.80
CA VAL E 112 -35.84 -17.84 -44.25
C VAL E 112 -35.50 -16.42 -44.75
N SER E 113 -35.06 -16.29 -46.00
CA SER E 113 -34.46 -15.05 -46.58
C SER E 113 -35.26 -14.58 -47.80
N SER E 114 -36.50 -15.05 -47.98
CA SER E 114 -37.45 -14.60 -49.04
C SER E 114 -37.76 -13.11 -48.87
N MET E 115 -37.76 -12.64 -47.61
CA MET E 115 -38.22 -11.30 -47.17
C MET E 115 -37.31 -10.83 -46.03
N PHE E 116 -37.44 -9.56 -45.63
CA PHE E 116 -36.81 -9.00 -44.41
C PHE E 116 -37.55 -9.56 -43.19
N SER E 117 -36.77 -9.92 -42.16
CA SER E 117 -37.21 -10.35 -40.81
C SER E 117 -38.16 -9.30 -40.21
N THR E 118 -39.08 -9.74 -39.36
CA THR E 118 -39.88 -8.85 -38.47
C THR E 118 -39.46 -9.12 -37.01
N LYS E 119 -38.66 -10.18 -36.76
CA LYS E 119 -37.97 -10.49 -35.48
C LYS E 119 -36.69 -9.64 -35.37
N PHE E 120 -36.80 -8.53 -34.66
CA PHE E 120 -35.73 -7.58 -34.30
C PHE E 120 -35.56 -7.69 -32.79
N THR E 121 -34.37 -7.44 -32.21
CA THR E 121 -34.19 -7.35 -30.73
C THR E 121 -35.15 -6.32 -30.14
N ASP E 122 -35.62 -6.56 -28.92
CA ASP E 122 -36.46 -5.63 -28.12
C ASP E 122 -35.64 -5.15 -26.91
N ASN E 123 -34.31 -5.27 -27.00
CA ASN E 123 -33.36 -4.82 -25.94
C ASN E 123 -33.37 -3.29 -25.92
N ALA E 124 -34.43 -2.68 -25.39
CA ALA E 124 -34.66 -1.22 -25.43
C ALA E 124 -33.82 -0.56 -24.34
N ASN E 125 -32.55 -0.32 -24.65
CA ASN E 125 -31.49 0.02 -23.65
C ASN E 125 -31.04 1.48 -23.81
N VAL E 126 -31.65 2.28 -24.68
CA VAL E 126 -31.09 3.61 -25.07
C VAL E 126 -31.75 4.74 -24.28
N ASN E 127 -33.08 4.82 -24.29
CA ASN E 127 -33.79 6.00 -23.76
C ASN E 127 -35.16 5.56 -23.22
N VAL E 128 -35.90 6.50 -22.64
CA VAL E 128 -37.29 6.31 -22.13
C VAL E 128 -38.08 7.59 -22.44
N THR E 129 -39.38 7.43 -22.70
CA THR E 129 -40.32 8.54 -22.96
C THR E 129 -41.74 8.04 -22.67
N LYS E 130 -42.75 8.86 -22.98
CA LYS E 130 -44.18 8.49 -22.85
C LYS E 130 -44.86 8.56 -24.21
N ILE E 131 -45.57 7.50 -24.57
CA ILE E 131 -46.45 7.42 -25.78
C ILE E 131 -47.81 6.91 -25.32
N ALA E 132 -48.90 7.56 -25.74
CA ALA E 132 -50.28 7.21 -25.34
C ALA E 132 -50.36 7.11 -23.81
N GLU E 133 -49.78 8.09 -23.11
CA GLU E 133 -49.77 8.19 -21.62
C GLU E 133 -49.18 6.93 -20.98
N ARG E 134 -48.32 6.19 -21.70
CA ARG E 134 -47.62 4.97 -21.21
C ARG E 134 -46.12 5.21 -21.26
N PHE E 135 -45.39 4.77 -20.25
CA PHE E 135 -43.90 4.82 -20.18
C PHE E 135 -43.33 3.70 -21.07
N VAL E 136 -42.42 4.06 -21.98
CA VAL E 136 -41.75 3.11 -22.92
C VAL E 136 -40.24 3.30 -22.86
N ALA E 137 -39.53 2.17 -22.88
CA ALA E 137 -38.07 2.06 -23.13
C ALA E 137 -37.88 1.96 -24.66
N MET E 138 -36.83 2.58 -25.19
CA MET E 138 -36.58 2.67 -26.66
C MET E 138 -35.15 2.25 -26.99
N THR E 139 -34.99 1.51 -28.08
CA THR E 139 -33.73 1.36 -28.83
C THR E 139 -34.02 1.77 -30.27
N GLU E 140 -33.32 1.18 -31.23
CA GLU E 140 -33.26 1.67 -32.64
C GLU E 140 -33.96 0.66 -33.55
N THR E 141 -34.38 -0.49 -33.01
CA THR E 141 -35.33 -1.42 -33.66
C THR E 141 -36.72 -0.80 -33.61
N PRO E 142 -37.64 -1.22 -34.50
CA PRO E 142 -38.91 -0.50 -34.70
C PRO E 142 -39.82 -0.22 -33.49
N LEU E 143 -39.90 -1.14 -32.52
CA LEU E 143 -40.97 -1.10 -31.48
C LEU E 143 -40.36 -0.84 -30.11
N PRO E 144 -40.87 0.16 -29.36
CA PRO E 144 -40.53 0.32 -27.94
C PRO E 144 -41.09 -0.81 -27.06
N VAL E 145 -40.61 -0.85 -25.81
CA VAL E 145 -41.04 -1.81 -24.77
C VAL E 145 -41.65 -1.00 -23.62
N GLU E 146 -42.94 -1.20 -23.36
CA GLU E 146 -43.71 -0.52 -22.29
C GLU E 146 -43.29 -1.06 -20.92
N PHE E 147 -43.19 -0.18 -19.93
CA PHE E 147 -42.86 -0.54 -18.53
C PHE E 147 -43.72 0.31 -17.57
N ASP E 148 -43.88 -0.18 -16.35
CA ASP E 148 -44.65 0.46 -15.26
C ASP E 148 -43.69 1.33 -14.43
N ILE E 149 -43.89 2.64 -14.38
CA ILE E 149 -42.96 3.57 -13.66
C ILE E 149 -42.97 3.27 -12.16
N ASN E 150 -44.09 2.76 -11.63
CA ASN E 150 -44.24 2.47 -10.18
C ASN E 150 -43.38 1.26 -9.77
N THR E 151 -43.39 0.17 -10.56
CA THR E 151 -42.76 -1.13 -10.20
C THR E 151 -41.48 -1.37 -11.00
N LEU E 152 -41.34 -0.75 -12.17
CA LEU E 152 -40.29 -1.02 -13.22
C LEU E 152 -40.49 -2.43 -13.82
N LYS E 153 -41.68 -3.03 -13.65
CA LYS E 153 -42.03 -4.30 -14.34
C LYS E 153 -42.26 -4.00 -15.82
N THR E 154 -42.00 -4.98 -16.69
CA THR E 154 -42.15 -4.88 -18.16
C THR E 154 -43.55 -5.37 -18.54
N VAL E 155 -44.31 -4.55 -19.26
CA VAL E 155 -45.65 -4.89 -19.83
C VAL E 155 -45.44 -5.67 -21.14
N GLY E 156 -44.57 -5.19 -22.02
CA GLY E 156 -44.16 -5.90 -23.26
C GLY E 156 -44.07 -4.98 -24.46
N VAL E 157 -43.94 -5.55 -25.66
CA VAL E 157 -43.85 -4.83 -26.97
C VAL E 157 -45.01 -3.84 -27.04
N PHE E 158 -44.70 -2.57 -27.27
CA PHE E 158 -45.66 -1.46 -27.54
C PHE E 158 -45.80 -1.35 -29.06
N ALA E 159 -46.85 -1.92 -29.62
CA ALA E 159 -47.17 -1.85 -31.06
C ALA E 159 -47.69 -0.44 -31.38
N TYR E 160 -47.31 0.09 -32.54
CA TYR E 160 -47.92 1.30 -33.12
C TYR E 160 -49.15 0.83 -33.90
N ASP E 161 -50.18 1.67 -33.97
CA ASP E 161 -51.45 1.32 -34.63
C ASP E 161 -51.52 2.09 -35.96
N ASP E 162 -50.82 1.60 -36.99
CA ASP E 162 -50.68 2.28 -38.30
C ASP E 162 -50.03 1.28 -39.27
N LYS E 163 -49.83 1.67 -40.53
CA LYS E 163 -49.27 0.79 -41.59
C LYS E 163 -47.88 1.30 -42.01
N ILE E 164 -47.25 2.18 -41.23
CA ILE E 164 -45.89 2.71 -41.54
C ILE E 164 -44.89 1.56 -41.38
N GLU E 165 -44.19 1.20 -42.46
CA GLU E 165 -43.15 0.15 -42.43
C GLU E 165 -41.86 0.78 -41.91
N SER E 166 -41.11 0.04 -41.08
CA SER E 166 -39.79 0.47 -40.57
C SER E 166 -38.98 -0.74 -40.13
N GLY E 167 -37.66 -0.65 -40.30
CA GLY E 167 -36.66 -1.62 -39.83
C GLY E 167 -35.65 -0.99 -38.90
N LEU E 168 -35.59 0.34 -38.86
CA LEU E 168 -34.57 1.13 -38.11
C LEU E 168 -35.19 2.46 -37.71
N THR E 169 -34.99 2.92 -36.48
CA THR E 169 -35.54 4.21 -35.98
C THR E 169 -34.57 4.77 -34.93
N THR E 170 -34.94 5.89 -34.32
CA THR E 170 -34.17 6.53 -33.22
C THR E 170 -34.89 6.32 -31.89
N ALA E 171 -34.13 6.34 -30.81
CA ALA E 171 -34.61 6.43 -29.41
C ALA E 171 -34.45 7.88 -28.96
N HIS E 172 -34.48 8.82 -29.90
CA HIS E 172 -34.35 10.28 -29.65
C HIS E 172 -35.51 11.01 -30.31
N PRO E 173 -36.77 10.66 -29.96
CA PRO E 173 -37.92 11.41 -30.43
C PRO E 173 -37.82 12.86 -29.92
N HIS E 174 -38.21 13.84 -30.73
CA HIS E 174 -38.48 15.22 -30.28
C HIS E 174 -39.93 15.27 -29.78
N TYR E 175 -40.27 16.30 -28.99
CA TYR E 175 -41.67 16.59 -28.57
C TYR E 175 -41.97 18.08 -28.80
N ASP E 176 -43.05 18.34 -29.55
CA ASP E 176 -43.65 19.69 -29.76
C ASP E 176 -44.67 19.95 -28.65
N PHE E 177 -44.40 20.93 -27.78
CA PHE E 177 -45.23 21.26 -26.59
C PHE E 177 -46.46 22.06 -26.99
N VAL E 178 -46.35 22.90 -28.03
CA VAL E 178 -47.48 23.73 -28.57
C VAL E 178 -48.58 22.80 -29.11
N LYS E 179 -48.21 21.87 -30.01
CA LYS E 179 -49.13 20.96 -30.72
C LYS E 179 -49.35 19.66 -29.94
N ASN E 180 -48.54 19.41 -28.91
CA ASN E 180 -48.62 18.17 -28.08
C ASN E 180 -48.47 16.94 -28.98
N GLU E 181 -47.38 16.90 -29.76
CA GLU E 181 -47.04 15.78 -30.68
C GLU E 181 -45.62 15.31 -30.38
N LEU E 182 -45.44 13.99 -30.29
CA LEU E 182 -44.12 13.33 -30.45
C LEU E 182 -43.76 13.35 -31.94
N VAL E 183 -42.50 13.68 -32.26
CA VAL E 183 -41.97 13.66 -33.66
C VAL E 183 -40.76 12.74 -33.69
N ASN E 184 -40.71 11.85 -34.69
CA ASN E 184 -39.58 10.91 -34.92
C ASN E 184 -39.57 10.59 -36.41
N TYR E 185 -38.59 9.79 -36.83
CA TYR E 185 -38.57 9.15 -38.16
C TYR E 185 -38.28 7.66 -37.94
N ALA E 186 -38.68 6.87 -38.92
CA ALA E 186 -38.36 5.42 -39.03
C ALA E 186 -37.95 5.17 -40.47
N THR E 187 -36.94 4.35 -40.66
CA THR E 187 -36.41 3.99 -41.99
C THR E 187 -36.99 2.64 -42.39
N LYS E 188 -37.68 2.59 -43.52
CA LYS E 188 -38.02 1.32 -44.19
C LYS E 188 -36.78 0.87 -44.94
N ILE E 189 -36.17 -0.23 -44.50
CA ILE E 189 -34.94 -0.79 -45.11
C ILE E 189 -35.36 -1.91 -46.04
N SER E 190 -35.23 -1.66 -47.35
CA SER E 190 -35.64 -2.57 -48.45
C SER E 190 -34.91 -2.12 -49.70
N ARG E 191 -35.28 -2.70 -50.84
CA ARG E 191 -34.74 -2.35 -52.18
C ARG E 191 -35.29 -0.98 -52.61
N SER E 192 -36.30 -0.44 -51.90
CA SER E 192 -36.87 0.91 -52.05
C SER E 192 -36.94 1.58 -50.67
N SER E 193 -35.79 1.82 -50.05
CA SER E 193 -35.71 2.34 -48.68
C SER E 193 -36.26 3.77 -48.64
N ASN E 194 -36.79 4.17 -47.48
CA ASN E 194 -37.47 5.47 -47.24
C ASN E 194 -37.15 5.90 -45.81
N TYR E 195 -36.87 7.19 -45.61
CA TYR E 195 -36.98 7.86 -44.30
C TYR E 195 -38.44 8.30 -44.15
N ASN E 196 -39.13 7.74 -43.17
CA ASN E 196 -40.56 8.03 -42.88
C ASN E 196 -40.63 8.91 -41.64
N VAL E 197 -40.81 10.22 -41.85
CA VAL E 197 -40.98 11.22 -40.76
C VAL E 197 -42.44 11.14 -40.32
N TYR E 198 -42.69 11.01 -39.02
CA TYR E 198 -44.06 10.82 -38.47
C TYR E 198 -44.21 11.60 -37.16
N LYS E 199 -45.47 11.72 -36.74
CA LYS E 199 -45.85 12.33 -35.44
C LYS E 199 -46.92 11.46 -34.75
N ILE E 200 -46.96 11.56 -33.42
CA ILE E 200 -47.97 10.88 -32.57
C ILE E 200 -48.60 11.94 -31.66
N ALA E 201 -49.86 12.30 -31.95
CA ALA E 201 -50.71 13.15 -31.10
C ALA E 201 -50.82 12.49 -29.72
N ASP E 202 -50.94 13.30 -28.66
CA ASP E 202 -51.16 12.80 -27.28
C ASP E 202 -52.37 11.84 -27.28
N LYS E 203 -52.33 10.81 -26.42
CA LYS E 203 -53.45 9.89 -26.13
C LYS E 203 -53.78 9.03 -27.36
N THR E 204 -52.76 8.72 -28.18
CA THR E 204 -52.85 7.72 -29.28
C THR E 204 -51.48 7.06 -29.53
N ASN E 205 -51.49 5.83 -30.06
CA ASN E 205 -50.29 5.10 -30.53
C ASN E 205 -50.31 4.99 -32.07
N HIS E 206 -51.22 5.73 -32.73
CA HIS E 206 -51.29 5.84 -34.21
C HIS E 206 -50.31 6.93 -34.65
N ARG E 207 -49.38 6.58 -35.55
CA ARG E 207 -48.43 7.53 -36.20
C ARG E 207 -49.07 8.06 -37.49
N ASN E 208 -49.07 9.38 -37.65
CA ASN E 208 -49.37 10.07 -38.93
C ASN E 208 -48.05 10.21 -39.68
N LEU E 209 -47.98 9.69 -40.91
CA LEU E 209 -46.86 9.93 -41.85
C LEU E 209 -46.86 11.42 -42.24
N ILE E 210 -45.82 12.16 -41.85
CA ILE E 210 -45.60 13.55 -42.31
C ILE E 210 -45.04 13.49 -43.75
N GLY E 211 -43.98 12.71 -43.96
CA GLY E 211 -43.32 12.63 -45.27
C GLY E 211 -42.40 11.43 -45.38
N SER E 212 -42.23 10.93 -46.61
CA SER E 212 -41.25 9.88 -46.98
C SER E 212 -40.19 10.48 -47.91
N ILE E 213 -38.93 10.37 -47.53
CA ILE E 213 -37.77 10.71 -48.42
C ILE E 213 -37.15 9.41 -48.90
N PRO E 214 -37.24 9.09 -50.22
CA PRO E 214 -36.59 7.90 -50.75
C PRO E 214 -35.06 8.04 -50.67
N VAL E 215 -34.38 6.91 -50.51
CA VAL E 215 -32.91 6.84 -50.25
C VAL E 215 -32.40 5.46 -50.67
N GLU E 216 -31.26 5.44 -51.37
CA GLU E 216 -30.65 4.18 -51.92
C GLU E 216 -29.95 3.45 -50.78
N GLU E 217 -29.13 4.18 -50.02
CA GLU E 217 -28.27 3.65 -48.93
C GLU E 217 -28.54 4.43 -47.65
N PRO E 218 -29.45 3.95 -46.78
CA PRO E 218 -29.81 4.66 -45.57
C PRO E 218 -28.60 4.89 -44.65
N ALA E 219 -28.55 6.07 -44.04
CA ALA E 219 -27.51 6.50 -43.08
C ALA E 219 -27.96 6.15 -41.66
N TYR E 220 -27.00 5.84 -40.78
CA TYR E 220 -27.22 5.69 -39.34
C TYR E 220 -27.32 7.08 -38.73
N MET E 221 -28.56 7.54 -38.49
CA MET E 221 -28.89 8.85 -37.89
C MET E 221 -29.58 8.61 -36.55
N HIS E 222 -28.77 8.51 -35.50
CA HIS E 222 -29.13 8.19 -34.10
C HIS E 222 -30.09 9.22 -33.52
N SER E 223 -30.08 10.43 -34.07
CA SER E 223 -30.94 11.58 -33.67
C SER E 223 -31.14 12.47 -34.88
N PHE E 224 -31.99 13.49 -34.76
CA PHE E 224 -32.29 14.46 -35.85
C PHE E 224 -32.63 15.80 -35.21
N ALA E 225 -32.72 16.85 -36.04
CA ALA E 225 -33.00 18.24 -35.61
C ALA E 225 -34.47 18.56 -35.86
N MET E 226 -35.07 19.36 -34.97
CA MET E 226 -36.41 19.97 -35.18
C MET E 226 -36.32 21.48 -34.94
N THR E 227 -36.91 22.28 -35.84
CA THR E 227 -37.12 23.74 -35.70
C THR E 227 -38.62 24.00 -35.52
N GLU E 228 -39.04 25.26 -35.60
CA GLU E 228 -40.46 25.67 -35.51
C GLU E 228 -41.25 24.97 -36.62
N ASN E 229 -40.78 25.07 -37.87
CA ASN E 229 -41.52 24.62 -39.08
C ASN E 229 -40.96 23.30 -39.64
N TYR E 230 -39.79 22.84 -39.21
CA TYR E 230 -39.03 21.79 -39.93
C TYR E 230 -38.60 20.63 -39.02
N VAL E 231 -38.47 19.47 -39.66
CA VAL E 231 -37.56 18.36 -39.27
C VAL E 231 -36.36 18.46 -40.22
N VAL E 232 -35.14 18.44 -39.67
CA VAL E 232 -33.88 18.35 -40.47
C VAL E 232 -33.23 17.01 -40.16
N LEU E 233 -33.20 16.09 -41.13
CA LEU E 233 -32.42 14.84 -41.04
C LEU E 233 -31.00 15.18 -41.51
N VAL E 234 -30.01 15.09 -40.63
CA VAL E 234 -28.58 15.27 -41.02
C VAL E 234 -28.01 13.90 -41.36
N GLU E 235 -27.91 13.61 -42.66
CA GLU E 235 -27.49 12.30 -43.21
C GLU E 235 -25.97 12.28 -43.37
N TYR E 236 -25.27 11.97 -42.27
CA TYR E 236 -23.83 11.61 -42.22
C TYR E 236 -23.61 10.50 -43.24
N PRO E 237 -22.49 10.51 -44.00
CA PRO E 237 -22.24 9.47 -44.99
C PRO E 237 -21.70 8.18 -44.34
N PHE E 238 -22.42 7.71 -43.33
CA PHE E 238 -22.21 6.39 -42.68
C PHE E 238 -23.44 5.55 -43.02
N VAL E 239 -23.35 4.75 -44.08
CA VAL E 239 -24.52 4.24 -44.86
C VAL E 239 -24.44 2.73 -45.08
N VAL E 240 -25.58 2.09 -45.31
CA VAL E 240 -25.71 0.61 -45.49
C VAL E 240 -26.37 0.33 -46.84
N LYS E 241 -25.95 -0.73 -47.52
CA LYS E 241 -26.70 -1.33 -48.64
C LYS E 241 -27.75 -2.25 -48.06
N PRO E 242 -29.06 -1.96 -48.24
CA PRO E 242 -30.13 -2.81 -47.71
C PRO E 242 -29.88 -4.32 -47.88
N LEU E 243 -29.49 -4.77 -49.08
CA LEU E 243 -29.25 -6.22 -49.36
C LEU E 243 -28.08 -6.78 -48.51
N ASP E 244 -27.07 -5.96 -48.16
CA ASP E 244 -25.98 -6.39 -47.25
C ASP E 244 -26.60 -6.69 -45.87
N LEU E 245 -27.46 -5.79 -45.39
CA LEU E 245 -28.15 -5.94 -44.09
C LEU E 245 -29.00 -7.22 -44.11
N LEU E 246 -29.68 -7.52 -45.23
CA LEU E 246 -30.59 -8.71 -45.34
C LEU E 246 -29.75 -10.00 -45.36
N LEU E 247 -28.63 -10.02 -46.07
CA LEU E 247 -27.99 -11.30 -46.51
C LEU E 247 -26.63 -11.54 -45.84
N SER E 248 -25.87 -10.50 -45.47
CA SER E 248 -24.51 -10.69 -44.88
C SER E 248 -24.66 -11.43 -43.54
N GLY E 249 -23.64 -12.16 -43.13
CA GLY E 249 -23.66 -12.86 -41.83
C GLY E 249 -23.26 -11.94 -40.69
N LYS E 250 -23.07 -10.64 -40.96
CA LYS E 250 -22.35 -9.71 -40.07
C LYS E 250 -23.34 -8.95 -39.18
N PRO E 251 -22.99 -8.71 -37.90
CA PRO E 251 -23.80 -7.88 -37.02
C PRO E 251 -24.14 -6.50 -37.62
N PHE E 252 -25.30 -5.98 -37.24
CA PHE E 252 -25.94 -4.76 -37.81
C PHE E 252 -24.88 -3.72 -38.20
N ILE E 253 -24.14 -3.16 -37.24
CA ILE E 253 -23.31 -1.93 -37.42
C ILE E 253 -22.17 -2.22 -38.39
N GLU E 254 -21.66 -3.44 -38.46
CA GLU E 254 -20.53 -3.81 -39.36
C GLU E 254 -20.92 -3.66 -40.84
N ASN E 255 -22.21 -3.55 -41.16
CA ASN E 255 -22.68 -3.46 -42.56
C ASN E 255 -22.67 -2.00 -43.00
N PHE E 256 -22.38 -1.05 -42.11
CA PHE E 256 -22.33 0.40 -42.42
C PHE E 256 -20.91 0.77 -42.84
N SER E 257 -20.80 1.62 -43.87
CA SER E 257 -19.55 2.08 -44.51
C SER E 257 -19.45 3.60 -44.38
N TRP E 258 -18.25 4.09 -44.06
CA TRP E 258 -17.89 5.51 -44.11
C TRP E 258 -17.56 5.87 -45.56
N LYS E 259 -18.30 6.81 -46.15
CA LYS E 259 -18.16 7.23 -47.57
C LYS E 259 -18.08 8.75 -47.60
N PRO E 260 -16.97 9.36 -47.13
CA PRO E 260 -16.88 10.81 -46.99
C PRO E 260 -16.99 11.56 -48.32
N GLU E 261 -16.78 10.87 -49.44
CA GLU E 261 -16.93 11.45 -50.80
C GLU E 261 -18.39 11.85 -51.05
N ASN E 262 -19.37 11.25 -50.35
CA ASN E 262 -20.81 11.64 -50.45
C ASN E 262 -21.04 12.99 -49.77
N GLY E 263 -20.18 13.38 -48.82
CA GLY E 263 -20.44 14.51 -47.93
C GLY E 263 -21.61 14.23 -46.99
N THR E 264 -21.99 15.19 -46.14
CA THR E 264 -23.18 15.13 -45.27
C THR E 264 -24.35 15.83 -45.97
N ARG E 265 -25.51 15.19 -46.05
CA ARG E 265 -26.74 15.79 -46.64
C ARG E 265 -27.69 16.24 -45.54
N PHE E 266 -28.08 17.51 -45.56
CA PHE E 266 -29.13 18.10 -44.69
C PHE E 266 -30.46 18.04 -45.47
N ILE E 267 -31.38 17.19 -45.00
CA ILE E 267 -32.73 16.98 -45.62
C ILE E 267 -33.74 17.76 -44.79
N ILE E 268 -34.33 18.81 -45.37
CA ILE E 268 -35.26 19.73 -44.65
C ILE E 268 -36.70 19.43 -45.08
N VAL E 269 -37.52 19.00 -44.12
CA VAL E 269 -38.95 18.63 -44.35
C VAL E 269 -39.83 19.54 -43.50
N ASN E 270 -40.76 20.25 -44.13
CA ASN E 270 -41.87 20.97 -43.43
C ASN E 270 -42.64 19.95 -42.61
N ARG E 271 -42.69 20.11 -41.29
CA ARG E 271 -43.23 19.06 -40.37
C ARG E 271 -44.71 19.31 -40.07
N GLN E 272 -45.39 20.18 -40.83
CA GLN E 272 -46.86 20.38 -40.74
C GLN E 272 -47.55 19.92 -42.03
N ASN E 273 -46.87 19.92 -43.17
CA ASN E 273 -47.47 19.53 -44.48
C ASN E 273 -46.57 18.58 -45.27
N GLY E 274 -45.40 18.21 -44.73
CA GLY E 274 -44.51 17.18 -45.31
C GLY E 274 -43.85 17.60 -46.60
N ASN E 275 -43.91 18.89 -46.97
CA ASN E 275 -43.21 19.43 -48.17
C ASN E 275 -41.69 19.31 -47.98
N LEU E 276 -40.97 18.93 -49.05
CA LEU E 276 -39.49 18.89 -49.08
C LEU E 276 -38.99 20.31 -49.37
N VAL E 277 -38.49 20.99 -48.32
CA VAL E 277 -37.95 22.38 -48.40
C VAL E 277 -36.68 22.36 -49.26
N GLY E 278 -35.78 21.41 -49.00
CA GLY E 278 -34.62 21.13 -49.87
C GLY E 278 -33.61 20.20 -49.22
N THR E 279 -32.60 19.83 -50.01
CA THR E 279 -31.39 19.07 -49.59
C THR E 279 -30.15 19.94 -49.84
N TYR E 280 -29.27 20.03 -48.84
CA TYR E 280 -28.03 20.84 -48.86
C TYR E 280 -26.87 19.97 -48.37
N LYS E 281 -25.67 20.19 -48.90
CA LYS E 281 -24.48 19.33 -48.65
C LYS E 281 -23.39 20.14 -47.95
N SER E 282 -22.75 19.56 -46.93
CA SER E 282 -21.50 20.02 -46.29
C SER E 282 -20.42 18.95 -46.45
N ASP E 283 -19.18 19.25 -46.05
CA ASP E 283 -18.10 18.22 -45.96
C ASP E 283 -18.55 17.15 -44.97
N ALA E 284 -18.12 15.91 -45.20
CA ALA E 284 -18.42 14.73 -44.36
C ALA E 284 -18.12 15.03 -42.89
N PHE E 285 -19.02 14.62 -42.00
CA PHE E 285 -18.80 14.48 -40.54
C PHE E 285 -19.80 13.45 -40.01
N PHE E 286 -19.64 13.01 -38.76
CA PHE E 286 -20.54 12.05 -38.07
C PHE E 286 -20.95 12.65 -36.73
N ALA E 287 -22.14 12.24 -36.25
CA ALA E 287 -22.70 12.64 -34.95
C ALA E 287 -23.71 11.59 -34.49
N PHE E 288 -23.73 11.30 -33.20
CA PHE E 288 -24.81 10.55 -32.52
C PHE E 288 -25.92 11.53 -32.16
N HIS E 289 -25.53 12.68 -31.57
CA HIS E 289 -26.44 13.58 -30.82
C HIS E 289 -26.44 15.00 -31.38
N HIS E 290 -27.63 15.45 -31.81
CA HIS E 290 -28.00 16.86 -32.04
C HIS E 290 -28.11 17.54 -30.68
N VAL E 291 -27.84 18.84 -30.66
CA VAL E 291 -27.95 19.70 -29.44
C VAL E 291 -29.28 20.45 -29.50
N ASN E 292 -29.47 21.19 -30.60
CA ASN E 292 -30.61 22.09 -30.84
C ASN E 292 -30.45 22.70 -32.23
N ALA E 293 -31.54 23.20 -32.81
CA ALA E 293 -31.56 23.88 -34.12
C ALA E 293 -32.64 24.96 -34.08
N PHE E 294 -32.56 25.94 -34.99
CA PHE E 294 -33.52 27.06 -35.04
C PHE E 294 -33.40 27.78 -36.39
N GLU E 295 -34.50 28.41 -36.80
CA GLU E 295 -34.62 29.26 -38.01
C GLU E 295 -34.31 30.69 -37.58
N LYS E 296 -33.68 31.46 -38.46
CA LYS E 296 -33.34 32.89 -38.24
C LYS E 296 -33.16 33.53 -39.61
N GLN E 297 -33.93 34.57 -39.93
CA GLN E 297 -33.96 35.20 -41.28
C GLN E 297 -34.34 34.09 -42.29
N GLU E 298 -33.60 33.98 -43.40
CA GLU E 298 -33.79 32.93 -44.45
C GLU E 298 -32.76 31.81 -44.24
N GLU E 299 -32.39 31.51 -42.99
CA GLU E 299 -31.30 30.57 -42.62
C GLU E 299 -31.76 29.62 -41.51
N ILE E 300 -31.19 28.40 -41.49
CA ILE E 300 -31.35 27.41 -40.39
C ILE E 300 -29.96 27.18 -39.77
N PHE E 301 -29.88 27.24 -38.44
CA PHE E 301 -28.67 26.90 -37.65
C PHE E 301 -28.93 25.53 -36.98
N VAL E 302 -28.08 24.55 -37.29
CA VAL E 302 -28.15 23.17 -36.72
C VAL E 302 -26.88 22.95 -35.88
N ASP E 303 -27.05 22.83 -34.56
CA ASP E 303 -25.95 22.59 -33.58
C ASP E 303 -25.89 21.08 -33.32
N ILE E 304 -24.73 20.48 -33.58
CA ILE E 304 -24.47 19.01 -33.54
C ILE E 304 -23.18 18.76 -32.77
N ILE E 305 -23.16 17.68 -31.99
CA ILE E 305 -21.94 17.09 -31.36
C ILE E 305 -21.24 16.25 -32.43
N ALA E 306 -20.28 16.84 -33.13
CA ALA E 306 -19.70 16.32 -34.40
C ALA E 306 -18.31 15.71 -34.15
N TYR E 307 -18.07 14.56 -34.77
CA TYR E 307 -16.77 13.88 -34.93
C TYR E 307 -16.32 14.08 -36.38
N GLN E 308 -15.03 13.96 -36.66
CA GLN E 308 -14.48 14.13 -38.03
C GLN E 308 -15.02 12.99 -38.91
N ASP E 309 -15.09 11.77 -38.36
CA ASP E 309 -15.59 10.59 -39.11
C ASP E 309 -16.35 9.67 -38.14
N SER E 310 -16.67 8.46 -38.59
CA SER E 310 -17.54 7.48 -37.88
C SER E 310 -16.70 6.54 -36.99
N SER E 311 -15.41 6.84 -36.74
CA SER E 311 -14.50 5.90 -36.05
C SER E 311 -14.87 5.77 -34.57
N ILE E 312 -15.49 6.78 -33.96
CA ILE E 312 -16.04 6.71 -32.56
C ILE E 312 -16.88 5.42 -32.39
N VAL E 313 -17.61 4.99 -33.43
CA VAL E 313 -18.47 3.76 -33.36
C VAL E 313 -17.58 2.57 -33.01
N ASN E 314 -16.43 2.41 -33.66
CA ASN E 314 -15.47 1.28 -33.43
C ASN E 314 -14.73 1.47 -32.10
N ALA E 315 -14.73 2.68 -31.55
CA ALA E 315 -14.05 3.02 -30.28
C ALA E 315 -14.90 2.60 -29.08
N LEU E 316 -16.20 2.41 -29.28
CA LEU E 316 -17.15 2.05 -28.19
C LEU E 316 -17.40 0.55 -28.18
N TYR E 317 -16.57 -0.25 -28.85
CA TYR E 317 -16.42 -1.71 -28.57
C TYR E 317 -15.84 -1.88 -27.17
N LEU E 318 -16.28 -2.90 -26.43
CA LEU E 318 -16.01 -3.01 -24.98
C LEU E 318 -14.53 -3.30 -24.73
N ASP E 319 -13.83 -3.97 -25.63
CA ASP E 319 -12.40 -4.33 -25.41
C ASP E 319 -11.56 -3.05 -25.39
N ILE E 320 -11.94 -2.04 -26.19
CA ILE E 320 -11.31 -0.69 -26.17
C ILE E 320 -11.73 0.03 -24.89
N LEU E 321 -13.03 0.11 -24.61
CA LEU E 321 -13.56 0.87 -23.44
C LEU E 321 -12.97 0.31 -22.14
N ARG E 322 -12.61 -0.97 -22.08
CA ARG E 322 -12.11 -1.62 -20.85
C ARG E 322 -10.57 -1.56 -20.80
N GLY E 323 -9.92 -1.18 -21.89
CA GLY E 323 -8.45 -0.99 -21.94
C GLY E 323 -7.72 -2.28 -22.25
N GLN E 324 -8.43 -3.31 -22.71
CA GLN E 324 -7.80 -4.58 -23.15
C GLN E 324 -7.14 -4.38 -24.52
N LYS E 325 -7.71 -3.48 -25.34
CA LYS E 325 -7.06 -2.93 -26.56
C LYS E 325 -6.85 -1.43 -26.35
N THR E 326 -5.59 -0.98 -26.34
CA THR E 326 -5.25 0.46 -26.20
C THR E 326 -5.69 1.19 -27.47
N ASP E 327 -6.47 2.25 -27.35
CA ASP E 327 -6.88 3.07 -28.52
C ASP E 327 -7.41 4.41 -28.03
N THR E 328 -7.44 5.42 -28.90
CA THR E 328 -7.98 6.76 -28.59
C THR E 328 -9.50 6.74 -28.80
N ILE E 329 -10.27 7.22 -27.83
CA ILE E 329 -11.71 7.56 -28.05
C ILE E 329 -11.77 8.99 -28.59
N PRO E 330 -12.14 9.17 -29.87
CA PRO E 330 -12.15 10.51 -30.48
C PRO E 330 -13.11 11.48 -29.78
N ARG E 338 -24.60 26.31 -40.80
CA ARG E 338 -25.54 27.37 -41.25
C ARG E 338 -26.07 26.97 -42.63
N ILE E 339 -27.37 26.70 -42.73
CA ILE E 339 -28.05 26.34 -44.01
C ILE E 339 -28.67 27.60 -44.57
N PRO E 340 -28.17 28.11 -45.73
CA PRO E 340 -28.71 29.33 -46.36
C PRO E 340 -30.22 29.42 -46.61
N VAL E 346 -23.29 24.49 -47.53
CA VAL E 346 -23.43 24.63 -46.06
C VAL E 346 -22.02 24.72 -45.46
N GLU E 347 -21.69 25.86 -44.83
CA GLU E 347 -20.44 26.02 -44.05
C GLU E 347 -20.77 25.86 -42.56
N TYR E 348 -19.74 25.64 -41.73
CA TYR E 348 -19.85 25.54 -40.26
C TYR E 348 -18.71 26.31 -39.60
N GLU E 349 -18.90 26.61 -38.31
CA GLU E 349 -17.82 27.02 -37.37
C GLU E 349 -18.03 26.23 -36.07
N MET E 350 -16.95 25.98 -35.33
CA MET E 350 -17.01 25.36 -33.98
C MET E 350 -17.44 26.42 -32.97
N LEU E 351 -18.33 26.08 -32.05
CA LEU E 351 -18.91 27.02 -31.06
C LEU E 351 -18.10 26.92 -29.76
N SER E 352 -17.28 25.87 -29.63
CA SER E 352 -16.37 25.63 -28.48
C SER E 352 -15.26 24.67 -28.92
N SER E 353 -14.08 24.78 -28.33
CA SER E 353 -12.94 23.85 -28.57
C SER E 353 -13.03 22.67 -27.59
N GLU E 354 -13.96 22.72 -26.63
CA GLU E 354 -14.12 21.67 -25.59
C GLU E 354 -14.75 20.42 -26.24
N ALA E 355 -14.19 19.25 -25.96
CA ALA E 355 -14.74 17.95 -26.37
C ALA E 355 -16.01 17.70 -25.53
N VAL E 356 -17.13 17.36 -26.20
CA VAL E 356 -18.47 17.20 -25.56
C VAL E 356 -19.15 15.93 -26.10
N GLU E 357 -19.81 15.16 -25.24
CA GLU E 357 -20.86 14.17 -25.65
C GLU E 357 -22.05 14.25 -24.68
N LEU E 358 -23.09 13.46 -24.94
CA LEU E 358 -24.35 13.37 -24.17
C LEU E 358 -24.88 14.78 -23.91
N PRO E 359 -25.13 15.58 -24.95
CA PRO E 359 -25.62 16.94 -24.80
C PRO E 359 -27.05 16.97 -24.28
N ARG E 360 -27.35 17.98 -23.45
CA ARG E 360 -28.71 18.31 -22.97
C ARG E 360 -28.84 19.84 -22.91
N ILE E 361 -30.06 20.35 -23.07
CA ILE E 361 -30.39 21.79 -22.94
C ILE E 361 -31.61 21.94 -22.03
N TYR E 363 -34.61 21.99 -22.61
CA TYR E 363 -35.38 21.49 -23.79
C TYR E 363 -36.78 22.11 -23.80
N LYS E 364 -37.51 22.01 -22.68
CA LYS E 364 -38.92 22.48 -22.57
C LYS E 364 -39.02 23.94 -23.05
N GLN E 365 -38.04 24.79 -22.75
CA GLN E 365 -38.12 26.25 -22.99
C GLN E 365 -37.37 26.67 -24.26
N TYR E 366 -36.37 25.93 -24.75
CA TYR E 366 -35.43 26.43 -25.79
C TYR E 366 -35.29 25.50 -27.00
N ASN E 367 -35.79 24.26 -26.97
CA ASN E 367 -35.77 23.38 -28.18
C ASN E 367 -36.48 24.13 -29.32
N THR E 368 -35.84 24.22 -30.49
CA THR E 368 -36.31 24.89 -31.74
C THR E 368 -35.98 26.39 -31.74
N LYS E 369 -35.44 26.92 -30.64
CA LYS E 369 -35.23 28.38 -30.44
C LYS E 369 -33.74 28.71 -30.27
N ASP E 370 -33.37 29.94 -30.62
CA ASP E 370 -32.05 30.55 -30.32
C ASP E 370 -31.84 30.41 -28.81
N TYR E 371 -30.60 30.11 -28.40
CA TYR E 371 -30.25 29.64 -27.04
C TYR E 371 -28.76 29.91 -26.79
N ARG E 372 -28.30 29.69 -25.54
CA ARG E 372 -26.95 30.08 -25.07
C ARG E 372 -26.19 28.91 -24.43
N PHE E 373 -26.87 27.91 -23.85
CA PHE E 373 -26.26 26.94 -22.90
C PHE E 373 -26.46 25.47 -23.34
N VAL E 374 -25.36 24.72 -23.36
CA VAL E 374 -25.29 23.24 -23.61
C VAL E 374 -24.59 22.59 -22.41
N TYR E 375 -25.15 21.48 -21.90
CA TYR E 375 -24.53 20.64 -20.83
C TYR E 375 -24.13 19.31 -21.47
N GLY E 376 -23.03 18.70 -21.04
CA GLY E 376 -22.55 17.41 -21.56
C GLY E 376 -21.45 16.81 -20.71
N ILE E 377 -20.85 15.71 -21.16
CA ILE E 377 -19.66 15.06 -20.55
C ILE E 377 -18.42 15.54 -21.34
N GLN E 388 -15.33 14.53 -16.65
CA GLN E 388 -15.88 15.87 -16.33
C GLN E 388 -17.31 16.04 -16.87
N LEU E 389 -18.14 16.78 -16.13
CA LEU E 389 -19.33 17.47 -16.68
C LEU E 389 -18.87 18.86 -17.16
N VAL E 390 -19.45 19.34 -18.26
CA VAL E 390 -19.11 20.65 -18.89
C VAL E 390 -20.41 21.42 -19.15
N LYS E 391 -20.37 22.74 -19.01
CA LYS E 391 -21.46 23.67 -19.41
C LYS E 391 -20.85 24.69 -20.39
N ILE E 392 -21.09 24.59 -21.70
CA ILE E 392 -20.48 25.49 -22.74
C ILE E 392 -21.29 26.79 -22.81
N SER E 398 -16.71 30.39 -23.86
CA SER E 398 -16.24 29.95 -22.52
C SER E 398 -17.01 28.69 -22.09
N SER E 399 -16.61 28.09 -20.97
CA SER E 399 -17.24 26.88 -20.40
C SER E 399 -16.94 26.79 -18.89
N LYS E 400 -17.81 26.11 -18.15
CA LYS E 400 -17.63 25.75 -16.71
C LYS E 400 -17.48 24.23 -16.65
N ILE E 401 -16.76 23.72 -15.65
CA ILE E 401 -16.41 22.27 -15.54
C ILE E 401 -16.70 21.79 -14.12
N TRP E 402 -17.23 20.59 -13.98
CA TRP E 402 -17.30 19.84 -12.71
C TRP E 402 -16.52 18.53 -12.88
N SER E 403 -15.79 18.10 -11.84
CA SER E 403 -15.04 16.82 -11.82
C SER E 403 -14.67 16.46 -10.38
N GLU E 404 -14.22 15.22 -10.16
CA GLU E 404 -13.85 14.69 -8.82
C GLU E 404 -12.92 13.48 -9.03
N LYS E 405 -11.78 13.45 -8.34
CA LYS E 405 -10.77 12.37 -8.43
C LYS E 405 -11.50 11.02 -8.57
N ASP E 406 -11.23 10.29 -9.65
CA ASP E 406 -11.62 8.87 -9.87
C ASP E 406 -13.15 8.75 -10.01
N CYS E 407 -13.83 9.82 -10.42
CA CYS E 407 -15.29 9.84 -10.66
C CYS E 407 -15.56 10.07 -12.16
N TYR E 408 -16.56 9.36 -12.69
CA TYR E 408 -16.96 9.34 -14.12
C TYR E 408 -18.45 9.68 -14.19
N PRO E 409 -18.80 10.96 -14.45
CA PRO E 409 -20.18 11.41 -14.42
C PRO E 409 -20.96 11.07 -15.71
N GLY E 410 -22.23 10.68 -15.57
CA GLY E 410 -23.14 10.36 -16.68
C GLY E 410 -23.82 11.61 -17.24
N GLU E 411 -24.69 11.43 -18.22
CA GLU E 411 -25.48 12.48 -18.92
C GLU E 411 -26.06 13.48 -17.92
N PRO E 412 -25.80 14.79 -18.10
CA PRO E 412 -26.42 15.84 -17.29
C PRO E 412 -27.82 16.19 -17.76
N VAL E 413 -28.84 15.87 -16.96
CA VAL E 413 -30.28 16.17 -17.24
C VAL E 413 -30.62 17.53 -16.60
N PHE E 414 -30.98 18.53 -17.41
CA PHE E 414 -31.44 19.86 -16.93
C PHE E 414 -32.90 19.76 -16.47
N VAL E 415 -33.23 20.37 -15.33
CA VAL E 415 -34.62 20.56 -14.85
C VAL E 415 -34.78 22.04 -14.46
N GLY E 416 -35.53 22.81 -15.25
CA GLY E 416 -35.82 24.24 -15.01
C GLY E 416 -36.49 24.44 -13.66
N ALA E 417 -36.21 25.54 -12.98
CA ALA E 417 -36.83 25.89 -11.69
C ALA E 417 -38.21 26.49 -11.95
N PRO E 418 -39.13 26.49 -10.96
CA PRO E 418 -40.46 27.07 -11.15
C PRO E 418 -40.37 28.56 -11.50
N ASP E 419 -41.16 29.01 -12.49
CA ASP E 419 -41.26 30.42 -12.96
C ASP E 419 -39.85 31.01 -13.18
N ALA E 420 -38.96 30.23 -13.79
CA ALA E 420 -37.58 30.64 -14.15
C ALA E 420 -37.63 31.72 -15.23
N THR E 421 -36.83 32.77 -15.10
CA THR E 421 -36.73 33.90 -16.07
C THR E 421 -35.43 33.81 -16.89
N LYS E 422 -34.50 32.91 -16.53
CA LYS E 422 -33.20 32.71 -17.22
C LYS E 422 -33.12 31.28 -17.77
N GLU E 423 -32.36 31.09 -18.86
CA GLU E 423 -32.23 29.81 -19.59
C GLU E 423 -31.57 28.74 -18.70
N ASP E 424 -30.69 29.16 -17.79
CA ASP E 424 -29.83 28.24 -16.98
C ASP E 424 -30.25 28.29 -15.50
N GLU E 425 -31.46 28.78 -15.20
CA GLU E 425 -32.05 28.74 -13.84
C GLU E 425 -32.71 27.37 -13.64
N GLY E 426 -32.08 26.50 -12.86
CA GLY E 426 -32.59 25.16 -12.50
C GLY E 426 -31.49 24.28 -11.93
N LEU E 427 -31.61 22.97 -12.13
CA LEU E 427 -30.66 21.96 -11.61
C LEU E 427 -30.16 21.08 -12.75
N ILE E 428 -28.99 20.45 -12.56
CA ILE E 428 -28.44 19.37 -13.43
C ILE E 428 -28.38 18.10 -12.58
N LEU E 429 -28.89 16.98 -13.10
CA LEU E 429 -28.86 15.65 -12.43
C LEU E 429 -27.98 14.72 -13.27
N SER E 430 -26.97 14.11 -12.65
CA SER E 430 -25.97 13.21 -13.29
C SER E 430 -25.72 12.00 -12.39
N ALA E 431 -25.92 10.78 -12.90
CA ALA E 431 -25.48 9.53 -12.23
C ALA E 431 -23.96 9.41 -12.40
N VAL E 432 -23.22 9.46 -11.29
CA VAL E 432 -21.73 9.50 -11.29
C VAL E 432 -21.21 8.18 -10.72
N LEU E 433 -20.25 7.55 -11.39
CA LEU E 433 -19.54 6.36 -10.87
C LEU E 433 -18.34 6.84 -10.07
N ASP E 434 -18.22 6.38 -8.81
CA ASP E 434 -17.05 6.59 -7.93
C ASP E 434 -16.26 5.27 -7.92
N ALA E 435 -15.16 5.21 -8.68
CA ALA E 435 -14.40 3.98 -8.99
C ALA E 435 -13.72 3.43 -7.74
N THR E 436 -13.20 4.30 -6.87
CA THR E 436 -12.49 3.92 -5.61
C THR E 436 -13.50 3.39 -4.59
N ASN E 437 -14.71 3.95 -4.59
CA ASN E 437 -15.84 3.57 -3.69
C ASN E 437 -16.60 2.39 -4.31
N ALA E 438 -16.40 2.11 -5.61
CA ALA E 438 -17.02 0.98 -6.35
C ALA E 438 -18.55 1.07 -6.28
N LYS E 439 -19.08 2.30 -6.22
CA LYS E 439 -20.52 2.63 -6.07
C LYS E 439 -20.79 3.95 -6.78
N SER E 440 -22.03 4.17 -7.23
CA SER E 440 -22.46 5.40 -7.94
C SER E 440 -23.22 6.33 -6.98
N PHE E 441 -23.33 7.61 -7.31
CA PHE E 441 -24.13 8.62 -6.58
C PHE E 441 -24.84 9.52 -7.60
N LEU E 442 -26.03 10.01 -7.26
CA LEU E 442 -26.73 11.07 -8.04
C LEU E 442 -26.15 12.42 -7.60
N LEU E 443 -25.62 13.18 -8.55
CA LEU E 443 -25.01 14.52 -8.32
C LEU E 443 -26.03 15.58 -8.75
N ILE E 444 -26.29 16.58 -7.91
CA ILE E 444 -27.21 17.72 -8.24
C ILE E 444 -26.39 19.00 -8.21
N LEU E 445 -26.20 19.62 -9.38
CA LEU E 445 -25.55 20.95 -9.53
C LEU E 445 -26.66 22.00 -9.70
N ASP E 446 -26.47 23.20 -9.13
CA ASP E 446 -27.20 24.40 -9.62
C ASP E 446 -26.71 24.67 -11.04
N ALA E 447 -27.62 24.88 -11.99
CA ALA E 447 -27.32 25.02 -13.43
C ALA E 447 -26.61 26.35 -13.72
N THR E 448 -26.80 27.38 -12.89
CA THR E 448 -26.21 28.74 -13.08
C THR E 448 -24.74 28.74 -12.67
N THR E 449 -24.43 28.29 -11.45
CA THR E 449 -23.06 28.23 -10.87
C THR E 449 -22.33 27.01 -11.42
N PHE E 450 -23.06 25.93 -11.70
CA PHE E 450 -22.55 24.60 -12.12
C PHE E 450 -21.73 23.98 -10.97
N GLU E 451 -22.05 24.34 -9.72
CA GLU E 451 -21.45 23.75 -8.49
C GLU E 451 -22.48 22.87 -7.77
N GLU E 452 -21.99 21.89 -7.00
CA GLU E 452 -22.79 20.86 -6.27
C GLU E 452 -23.67 21.55 -5.23
N VAL E 453 -24.96 21.19 -5.18
CA VAL E 453 -25.89 21.57 -4.08
C VAL E 453 -26.26 20.34 -3.24
N ALA E 454 -26.20 19.13 -3.83
CA ALA E 454 -26.49 17.87 -3.12
C ALA E 454 -25.95 16.65 -3.88
N ARG E 455 -25.86 15.50 -3.20
CA ARG E 455 -25.65 14.16 -3.82
C ARG E 455 -26.38 13.09 -3.00
N ALA E 456 -26.80 11.99 -3.65
CA ALA E 456 -27.49 10.84 -3.01
C ALA E 456 -26.72 9.55 -3.34
N GLU E 457 -26.21 8.85 -2.32
CA GLU E 457 -25.40 7.62 -2.46
C GLU E 457 -26.31 6.48 -2.96
N VAL E 458 -25.81 5.61 -3.85
CA VAL E 458 -26.50 4.37 -4.29
C VAL E 458 -25.68 3.17 -3.81
N PRO E 459 -26.29 2.14 -3.18
CA PRO E 459 -25.53 1.05 -2.57
C PRO E 459 -24.73 0.14 -3.52
N HIS E 460 -24.83 0.33 -4.83
CA HIS E 460 -24.12 -0.45 -5.87
C HIS E 460 -23.58 0.50 -6.95
N HIS E 461 -22.84 -0.05 -7.91
CA HIS E 461 -22.42 0.67 -9.15
C HIS E 461 -23.57 0.61 -10.16
N ILE E 462 -23.85 1.77 -10.78
CA ILE E 462 -24.76 1.89 -11.96
C ILE E 462 -23.88 1.84 -13.19
N PRO E 463 -23.90 0.74 -13.99
CA PRO E 463 -23.13 0.69 -15.24
C PRO E 463 -23.35 1.94 -16.09
N PHE E 464 -22.31 2.34 -16.83
CA PHE E 464 -22.34 3.52 -17.72
C PHE E 464 -23.55 3.35 -18.63
N GLY E 465 -24.48 4.30 -18.56
CA GLY E 465 -25.77 4.25 -19.28
C GLY E 465 -25.74 5.16 -20.49
N PHE E 466 -26.89 5.32 -21.15
CA PHE E 466 -27.07 6.26 -22.28
C PHE E 466 -27.92 7.43 -21.80
N HIS E 467 -29.24 7.32 -21.91
CA HIS E 467 -30.15 8.48 -21.74
C HIS E 467 -31.12 8.23 -20.60
N GLY E 468 -31.59 9.33 -20.02
CA GLY E 468 -32.62 9.35 -19.00
C GLY E 468 -33.48 10.59 -19.15
N ASN E 469 -34.65 10.60 -18.51
CA ASN E 469 -35.56 11.78 -18.56
C ASN E 469 -36.16 12.00 -17.17
N TYR E 470 -36.43 13.26 -16.86
CA TYR E 470 -37.19 13.73 -15.68
C TYR E 470 -38.67 13.84 -16.08
N PHE E 471 -39.54 13.11 -15.38
CA PHE E 471 -41.01 13.15 -15.52
C PHE E 471 -41.59 13.81 -14.27
N GLU E 472 -42.39 14.88 -14.45
CA GLU E 472 -43.08 15.58 -13.34
C GLU E 472 -44.07 14.61 -12.68
N GLN F 10 -3.55 32.89 -26.50
CA GLN F 10 -3.28 33.83 -27.64
C GLN F 10 -1.88 34.45 -27.49
N LEU F 11 -1.47 34.76 -26.26
CA LEU F 11 -0.21 35.48 -25.96
C LEU F 11 1.00 34.66 -26.43
N GLY F 12 0.93 33.33 -26.36
CA GLY F 12 2.02 32.41 -26.77
C GLY F 12 2.27 32.45 -28.27
N PHE F 13 1.34 33.02 -29.05
CA PHE F 13 1.42 33.16 -30.53
C PHE F 13 1.48 34.64 -30.91
N SER F 14 1.83 35.51 -29.95
CA SER F 14 2.04 36.96 -30.17
C SER F 14 3.54 37.30 -30.04
N THR F 15 4.00 38.30 -30.81
CA THR F 15 5.42 38.70 -30.94
C THR F 15 5.99 39.07 -29.56
N LEU F 16 7.24 38.70 -29.30
CA LEU F 16 8.07 39.21 -28.17
C LEU F 16 9.21 40.07 -28.75
N SER F 17 9.14 41.39 -28.57
CA SER F 17 10.10 42.38 -29.08
C SER F 17 11.24 42.63 -28.07
N GLU F 18 11.10 42.16 -26.83
CA GLU F 18 12.06 42.43 -25.73
C GLU F 18 13.19 41.39 -25.77
N GLU F 19 14.44 41.86 -25.79
CA GLU F 19 15.69 41.06 -25.64
C GLU F 19 16.43 41.58 -24.42
N LEU F 20 16.79 40.71 -23.47
CA LEU F 20 17.51 41.14 -22.23
C LEU F 20 18.49 40.05 -21.77
N ASP F 21 19.43 40.43 -20.89
CA ASP F 21 20.43 39.54 -20.25
C ASP F 21 20.36 39.79 -18.74
N LEU F 22 20.03 38.76 -17.94
CA LEU F 22 19.83 38.85 -16.47
C LEU F 22 20.61 37.74 -15.77
N GLU F 23 21.41 38.11 -14.75
CA GLU F 23 22.32 37.18 -14.01
C GLU F 23 21.51 36.22 -13.13
N SER F 24 20.43 36.72 -12.50
CA SER F 24 19.57 35.96 -11.54
C SER F 24 18.09 36.17 -11.87
N LEU F 25 17.34 35.07 -12.06
CA LEU F 25 15.85 35.07 -12.11
C LEU F 25 15.28 34.85 -10.70
N LYS F 28 11.70 29.96 -7.07
CA LYS F 28 10.89 29.27 -6.03
C LYS F 28 11.25 27.78 -6.05
N GLY F 29 11.30 27.14 -4.88
CA GLY F 29 11.84 25.78 -4.72
C GLY F 29 13.36 25.82 -4.69
N THR F 30 14.01 24.69 -5.01
CA THR F 30 15.50 24.60 -5.05
C THR F 30 15.92 23.70 -6.23
N ILE F 31 16.84 24.21 -7.04
CA ILE F 31 17.41 23.56 -8.26
C ILE F 31 18.63 22.74 -7.84
N ILE F 40 19.35 25.83 -24.01
CA ILE F 40 18.96 26.76 -25.12
C ILE F 40 17.60 26.33 -25.68
N ARG F 41 16.64 27.26 -25.72
CA ARG F 41 15.30 27.07 -26.36
C ARG F 41 15.31 27.81 -27.70
N ASN F 42 14.81 27.17 -28.76
CA ASN F 42 14.57 27.84 -30.06
C ASN F 42 13.06 27.83 -30.35
N GLY F 43 12.61 28.84 -31.09
CA GLY F 43 11.23 28.92 -31.58
C GLY F 43 10.98 30.24 -32.25
N PRO F 44 9.80 30.39 -32.89
CA PRO F 44 9.39 31.66 -33.49
C PRO F 44 9.01 32.64 -32.37
N ALA F 45 9.29 33.93 -32.55
CA ALA F 45 9.03 34.98 -31.56
C ALA F 45 8.55 36.28 -32.21
N LYS F 46 8.53 36.34 -33.54
CA LYS F 46 8.01 37.51 -34.31
C LYS F 46 7.13 36.96 -35.44
N PHE F 47 5.83 37.26 -35.40
CA PHE F 47 4.80 36.60 -36.24
C PHE F 47 4.27 37.57 -37.31
N GLU F 48 4.82 38.78 -37.36
CA GLU F 48 4.47 39.77 -38.42
C GLU F 48 5.69 40.65 -38.71
N VAL F 49 5.65 41.28 -39.89
CA VAL F 49 6.65 42.26 -40.38
C VAL F 49 5.85 43.40 -41.01
N GLY F 50 5.79 44.56 -40.35
CA GLY F 50 4.91 45.67 -40.74
C GLY F 50 3.47 45.19 -40.88
N LYS F 51 2.87 45.41 -42.05
CA LYS F 51 1.44 45.07 -42.36
C LYS F 51 1.32 43.63 -42.87
N GLU F 52 2.45 42.96 -43.15
CA GLU F 52 2.50 41.53 -43.60
C GLU F 52 2.55 40.62 -42.37
N LYS F 53 1.71 39.58 -42.35
CA LYS F 53 1.62 38.59 -41.23
C LYS F 53 2.18 37.27 -41.72
N PHE F 54 2.91 36.55 -40.86
CA PHE F 54 3.33 35.15 -41.12
C PHE F 54 2.10 34.26 -40.97
N GLN F 55 1.86 33.36 -41.92
CA GLN F 55 0.63 32.54 -41.98
C GLN F 55 0.69 31.41 -40.94
N HIS F 56 1.84 30.75 -40.78
CA HIS F 56 1.98 29.49 -40.01
C HIS F 56 2.85 29.69 -38.77
N TRP F 57 2.60 28.87 -37.76
CA TRP F 57 3.43 28.79 -36.52
C TRP F 57 4.91 28.60 -36.92
N PHE F 58 5.19 27.78 -37.93
CA PHE F 58 6.55 27.37 -38.36
C PHE F 58 7.30 28.53 -39.03
N ASP F 59 6.61 29.61 -39.40
CA ASP F 59 7.15 30.75 -40.18
C ASP F 59 7.78 31.84 -39.30
N GLY F 60 7.45 31.88 -38.01
CA GLY F 60 7.89 32.97 -37.11
C GLY F 60 9.40 33.05 -37.01
N LEU F 61 9.92 34.27 -36.89
CA LEU F 61 11.38 34.56 -36.94
C LEU F 61 12.04 34.07 -35.64
N ALA F 62 13.08 33.24 -35.78
CA ALA F 62 13.79 32.53 -34.69
C ALA F 62 14.26 33.52 -33.60
N MET F 63 14.04 33.14 -32.34
CA MET F 63 14.64 33.76 -31.13
C MET F 63 15.20 32.64 -30.25
N LEU F 64 16.39 32.84 -29.70
CA LEU F 64 17.04 31.90 -28.76
C LEU F 64 16.82 32.41 -27.32
N HIS F 65 16.60 31.49 -26.39
CA HIS F 65 16.48 31.73 -24.92
C HIS F 65 17.56 30.90 -24.23
N LYS F 66 18.35 31.52 -23.35
CA LYS F 66 19.46 30.87 -22.62
C LYS F 66 19.12 30.82 -21.13
N PHE F 67 19.10 29.60 -20.56
CA PHE F 67 18.98 29.33 -19.10
C PHE F 67 20.28 28.63 -18.66
N SER F 68 21.18 29.37 -18.01
CA SER F 68 22.47 28.85 -17.49
C SER F 68 22.35 28.65 -15.97
N PHE F 69 22.68 27.45 -15.50
CA PHE F 69 22.56 27.01 -14.08
C PHE F 69 23.95 27.02 -13.42
N LYS F 70 24.09 27.77 -12.33
CA LYS F 70 25.29 27.81 -11.46
C LYS F 70 24.86 27.71 -9.99
N GLU F 71 25.26 26.64 -9.30
CA GLU F 71 25.09 26.43 -7.83
C GLU F 71 23.71 26.89 -7.38
N GLY F 72 22.64 26.33 -7.96
CA GLY F 72 21.24 26.52 -7.52
C GLY F 72 20.60 27.80 -8.06
N LYS F 73 21.39 28.73 -8.61
CA LYS F 73 20.89 29.99 -9.22
C LYS F 73 20.71 29.76 -10.73
N VAL F 74 20.00 30.65 -11.43
CA VAL F 74 19.73 30.52 -12.89
C VAL F 74 19.75 31.90 -13.55
N SER F 75 20.56 32.05 -14.61
CA SER F 75 20.68 33.28 -15.45
C SER F 75 19.81 33.09 -16.70
N TYR F 76 19.36 34.19 -17.31
CA TYR F 76 18.51 34.16 -18.54
C TYR F 76 18.94 35.28 -19.50
N ALA F 77 19.04 34.91 -20.77
CA ALA F 77 19.28 35.83 -21.91
C ALA F 77 18.45 35.35 -23.11
N ASN F 78 17.95 36.28 -23.92
CA ASN F 78 17.19 35.99 -25.16
C ASN F 78 17.57 37.04 -26.22
N LYS F 79 17.89 36.57 -27.44
CA LYS F 79 18.10 37.44 -28.64
C LYS F 79 17.43 36.78 -29.85
N PHE F 80 16.89 37.58 -30.76
CA PHE F 80 16.50 37.16 -32.13
C PHE F 80 17.76 36.68 -32.85
N LEU F 81 17.65 35.58 -33.59
CA LEU F 81 18.69 35.13 -34.54
C LEU F 81 18.77 36.18 -35.65
N GLU F 82 19.96 36.76 -35.85
CA GLU F 82 20.19 37.81 -36.89
C GLU F 82 20.52 37.13 -38.22
N SER F 83 19.63 36.25 -38.65
CA SER F 83 19.53 35.67 -40.01
C SER F 83 19.34 36.78 -41.04
N LYS F 84 19.54 36.47 -42.32
CA LYS F 84 19.19 37.37 -43.45
C LYS F 84 17.67 37.60 -43.46
N ALA F 85 16.89 36.58 -43.12
CA ALA F 85 15.42 36.67 -43.02
C ALA F 85 15.05 37.75 -41.99
N TYR F 86 15.61 37.66 -40.78
CA TYR F 86 15.33 38.62 -39.68
C TYR F 86 15.83 40.02 -40.06
N GLN F 87 17.09 40.13 -40.48
CA GLN F 87 17.76 41.43 -40.75
C GLN F 87 16.98 42.16 -41.84
N SER F 88 16.55 41.42 -42.88
CA SER F 88 15.78 41.96 -44.03
C SER F 88 14.44 42.52 -43.55
N ALA F 89 13.72 41.75 -42.75
CA ALA F 89 12.40 42.12 -42.18
C ALA F 89 12.54 43.36 -41.30
N ARG F 90 13.54 43.34 -40.39
CA ARG F 90 13.82 44.44 -39.45
C ARG F 90 14.11 45.73 -40.23
N ASP F 91 14.88 45.66 -41.32
CA ASP F 91 15.48 46.85 -41.98
C ASP F 91 14.65 47.31 -43.19
N THR F 92 13.79 46.46 -43.76
CA THR F 92 12.97 46.82 -44.95
C THR F 92 11.47 46.78 -44.64
N ASP F 93 11.07 46.22 -43.49
CA ASP F 93 9.66 45.99 -43.11
C ASP F 93 8.94 45.24 -44.24
N LYS F 94 9.65 44.31 -44.87
CA LYS F 94 9.14 43.40 -45.92
C LYS F 94 9.63 41.99 -45.60
N ILE F 95 8.73 41.01 -45.59
CA ILE F 95 9.11 39.56 -45.60
C ILE F 95 9.89 39.38 -46.90
N SER F 96 11.07 38.77 -46.85
CA SER F 96 12.05 38.81 -47.98
C SER F 96 12.50 37.40 -48.39
N TYR F 97 12.30 36.40 -47.53
CA TYR F 97 12.64 34.97 -47.81
C TYR F 97 11.38 34.11 -47.69
N ARG F 98 11.36 33.00 -48.42
CA ARG F 98 10.25 32.01 -48.48
C ARG F 98 10.33 31.11 -47.25
N GLU F 99 9.30 31.14 -46.42
CA GLU F 99 9.23 30.33 -45.18
C GLU F 99 8.42 29.06 -45.48
N PHE F 100 8.21 28.24 -44.45
CA PHE F 100 7.43 26.97 -44.49
C PHE F 100 6.07 27.17 -45.19
N ALA F 101 5.34 28.26 -44.89
CA ALA F 101 3.96 28.47 -45.39
C ALA F 101 3.66 29.94 -45.72
N THR F 102 4.68 30.81 -45.77
CA THR F 102 4.54 32.24 -46.16
C THR F 102 5.61 32.59 -47.20
N ASP F 103 5.17 33.16 -48.33
CA ASP F 103 6.03 33.71 -49.39
C ASP F 103 5.99 35.23 -49.32
N PRO F 104 7.09 35.92 -49.64
CA PRO F 104 7.06 37.38 -49.73
C PRO F 104 6.33 37.87 -50.99
N CYS F 105 6.76 37.32 -52.13
CA CYS F 105 6.54 37.79 -53.54
C CYS F 105 6.86 39.27 -53.78
N ARG F 106 5.98 40.00 -54.47
CA ARG F 106 6.13 41.44 -54.80
C ARG F 106 7.51 41.69 -55.44
N SER F 107 7.93 40.83 -56.38
CA SER F 107 9.17 40.96 -57.21
C SER F 107 10.39 40.36 -56.49
N ILE F 108 10.24 39.92 -55.23
CA ILE F 108 11.40 39.65 -54.34
C ILE F 108 11.96 38.24 -54.63
N PHE F 109 11.12 37.20 -54.68
CA PHE F 109 11.54 35.82 -55.04
C PHE F 109 11.31 35.53 -56.54
N LYS F 110 10.97 36.56 -57.33
CA LYS F 110 10.91 36.47 -58.82
C LYS F 110 12.25 35.91 -59.31
N ARG F 111 12.22 34.72 -59.93
CA ARG F 111 13.43 33.92 -60.26
C ARG F 111 13.23 33.20 -61.61
N VAL F 112 14.31 33.03 -62.37
CA VAL F 112 14.40 32.17 -63.58
C VAL F 112 14.08 30.73 -63.14
N SER F 113 13.47 29.91 -64.00
CA SER F 113 12.96 28.55 -63.65
C SER F 113 13.65 27.45 -64.48
N SER F 114 14.79 27.75 -65.12
CA SER F 114 15.66 26.78 -65.84
C SER F 114 16.21 25.74 -64.86
N MET F 115 16.41 26.12 -63.59
CA MET F 115 17.01 25.27 -62.52
C MET F 115 16.25 25.52 -61.21
N PHE F 116 16.45 24.66 -60.21
CA PHE F 116 15.98 24.90 -58.83
C PHE F 116 16.85 25.99 -58.19
N SER F 117 16.19 26.92 -57.47
CA SER F 117 16.80 27.99 -56.64
C SER F 117 17.76 27.36 -55.62
N THR F 118 18.80 28.10 -55.24
CA THR F 118 19.73 27.79 -54.12
C THR F 118 19.56 28.87 -53.03
N LYS F 119 18.69 29.87 -53.25
CA LYS F 119 18.30 30.91 -52.27
C LYS F 119 17.15 30.39 -51.38
N PHE F 120 17.49 29.97 -50.17
CA PHE F 120 16.59 29.41 -49.12
C PHE F 120 16.58 30.32 -47.88
N THR F 121 15.45 30.43 -47.15
CA THR F 121 15.41 31.13 -45.83
C THR F 121 16.45 30.53 -44.88
N ASP F 122 17.03 31.37 -44.02
CA ASP F 122 17.99 30.99 -42.96
C ASP F 122 17.32 31.25 -41.60
N ASN F 123 15.99 31.32 -41.58
CA ASN F 123 15.17 31.50 -40.35
C ASN F 123 15.23 30.19 -39.56
N ALA F 124 16.37 29.92 -38.91
CA ALA F 124 16.64 28.65 -38.20
C ALA F 124 15.95 28.66 -36.85
N ASN F 125 14.66 28.32 -36.84
CA ASN F 125 13.74 28.57 -35.70
C ASN F 125 13.31 27.26 -35.03
N VAL F 126 13.87 26.10 -35.42
CA VAL F 126 13.30 24.78 -35.01
C VAL F 126 14.08 24.19 -33.84
N ASN F 127 15.40 24.10 -33.95
CA ASN F 127 16.22 23.36 -32.96
C ASN F 127 17.62 24.00 -32.87
N VAL F 128 18.46 23.47 -31.99
CA VAL F 128 19.89 23.87 -31.83
C VAL F 128 20.69 22.61 -31.52
N THR F 129 21.95 22.57 -31.96
CA THR F 129 22.91 21.48 -31.68
C THR F 129 24.33 22.02 -31.86
N LYS F 130 25.34 21.15 -31.83
CA LYS F 130 26.75 21.51 -32.08
C LYS F 130 27.28 20.72 -33.27
N ILE F 131 27.90 21.41 -34.22
CA ILE F 131 28.62 20.83 -35.38
C ILE F 131 30.01 21.47 -35.42
N ALA F 132 31.07 20.65 -35.57
CA ALA F 132 32.47 21.11 -35.57
C ALA F 132 32.72 22.00 -34.34
N GLU F 133 32.25 21.57 -33.17
CA GLU F 133 32.42 22.26 -31.85
C GLU F 133 31.86 23.68 -31.90
N ARG F 134 30.91 23.96 -32.81
CA ARG F 134 30.21 25.28 -32.95
C ARG F 134 28.72 25.07 -32.70
N PHE F 135 28.09 26.00 -31.97
CA PHE F 135 26.62 26.01 -31.71
C PHE F 135 25.92 26.52 -32.98
N VAL F 136 24.93 25.76 -33.45
CA VAL F 136 24.12 26.10 -34.66
C VAL F 136 22.63 26.00 -34.34
N ALA F 137 21.88 26.97 -34.86
CA ALA F 137 20.39 26.95 -34.96
C ALA F 137 20.04 26.25 -36.27
N MET F 138 18.95 25.47 -36.29
CA MET F 138 18.56 24.63 -37.45
C MET F 138 17.08 24.84 -37.79
N THR F 139 16.79 24.92 -39.08
CA THR F 139 15.44 24.71 -39.65
C THR F 139 15.56 23.58 -40.67
N GLU F 140 14.75 23.62 -41.72
CA GLU F 140 14.57 22.48 -42.65
C GLU F 140 15.14 22.85 -44.02
N THR F 141 15.58 24.09 -44.20
CA THR F 141 16.43 24.52 -45.34
C THR F 141 17.83 23.95 -45.13
N PRO F 142 18.62 23.81 -46.22
CA PRO F 142 19.89 23.07 -46.17
C PRO F 142 20.94 23.44 -45.11
N LEU F 143 21.10 24.73 -44.78
CA LEU F 143 22.27 25.23 -44.00
C LEU F 143 21.82 25.74 -42.65
N PRO F 144 22.44 25.27 -41.54
CA PRO F 144 22.26 25.88 -40.22
C PRO F 144 22.85 27.29 -40.13
N VAL F 145 22.51 27.98 -39.04
CA VAL F 145 23.02 29.34 -38.70
C VAL F 145 23.79 29.23 -37.39
N GLU F 146 25.09 29.53 -37.42
CA GLU F 146 26.00 29.47 -36.25
C GLU F 146 25.72 30.66 -35.33
N PHE F 147 25.76 30.43 -34.02
CA PHE F 147 25.58 31.48 -32.98
C PHE F 147 26.56 31.24 -31.84
N ASP F 148 26.83 32.29 -31.07
CA ASP F 148 27.76 32.30 -29.91
C ASP F 148 26.93 32.01 -28.64
N ILE F 149 27.21 30.90 -27.94
CA ILE F 149 26.41 30.49 -26.74
C ILE F 149 26.57 31.54 -25.63
N ASN F 150 27.69 32.26 -25.57
CA ASN F 150 27.98 33.25 -24.51
C ASN F 150 27.09 34.50 -24.71
N THR F 151 26.97 35.02 -25.93
CA THR F 151 26.33 36.33 -26.24
C THR F 151 24.95 36.14 -26.90
N LEU F 152 24.73 34.99 -27.55
CA LEU F 152 23.57 34.69 -28.45
C LEU F 152 23.64 35.56 -29.72
N LYS F 153 24.80 36.14 -30.03
CA LYS F 153 25.02 36.86 -31.31
C LYS F 153 25.13 35.83 -32.43
N THR F 154 24.74 36.23 -33.64
CA THR F 154 24.73 35.38 -34.86
C THR F 154 26.06 35.57 -35.60
N VAL F 155 26.76 34.48 -35.89
CA VAL F 155 28.00 34.45 -36.70
C VAL F 155 27.60 34.45 -38.19
N GLY F 156 26.66 33.59 -38.59
CA GLY F 156 26.12 33.54 -39.97
C GLY F 156 25.94 32.12 -40.47
N VAL F 157 25.64 31.99 -41.77
CA VAL F 157 25.42 30.69 -42.47
C VAL F 157 26.62 29.78 -42.16
N PHE F 158 26.34 28.58 -41.66
CA PHE F 158 27.30 27.49 -41.40
C PHE F 158 27.30 26.58 -42.64
N ALA F 159 28.27 26.74 -43.52
CA ALA F 159 28.45 25.91 -44.74
C ALA F 159 28.95 24.53 -44.32
N TYR F 160 28.46 23.49 -44.98
CA TYR F 160 29.04 22.12 -44.92
C TYR F 160 30.15 22.08 -45.96
N ASP F 161 31.20 21.30 -45.70
CA ASP F 161 32.38 21.22 -46.60
C ASP F 161 32.34 19.87 -47.32
N ASP F 162 31.51 19.76 -48.36
CA ASP F 162 31.25 18.50 -49.10
C ASP F 162 30.47 18.84 -50.37
N LYS F 163 30.14 17.84 -51.19
CA LYS F 163 29.44 18.02 -52.48
C LYS F 163 28.02 17.45 -52.42
N ILE F 164 27.49 17.15 -51.22
CA ILE F 164 26.11 16.61 -51.05
C ILE F 164 25.14 17.73 -51.42
N GLU F 165 24.31 17.50 -52.45
CA GLU F 165 23.24 18.44 -52.87
C GLU F 165 22.04 18.21 -51.98
N SER F 166 21.35 19.27 -51.56
CA SER F 166 20.12 19.18 -50.77
C SER F 166 19.30 20.46 -50.91
N GLY F 167 17.98 20.34 -50.84
CA GLY F 167 17.01 21.45 -50.83
C GLY F 167 16.13 21.41 -49.59
N LEU F 168 16.10 20.29 -48.88
CA LEU F 168 15.22 20.06 -47.71
C LEU F 168 15.92 19.10 -46.76
N THR F 169 15.88 19.37 -45.45
CA THR F 169 16.52 18.51 -44.42
C THR F 169 15.71 18.61 -43.13
N THR F 170 16.17 17.97 -42.06
CA THR F 170 15.54 18.01 -40.72
C THR F 170 16.40 18.84 -39.78
N ALA F 171 15.76 19.41 -38.77
CA ALA F 171 16.39 20.04 -37.59
C ALA F 171 16.32 19.03 -36.44
N HIS F 172 16.29 17.74 -36.76
CA HIS F 172 16.22 16.61 -35.80
C HIS F 172 17.33 15.61 -36.10
N PRO F 173 18.60 16.06 -36.12
CA PRO F 173 19.73 15.13 -36.26
C PRO F 173 19.71 14.18 -35.06
N HIS F 174 20.06 12.91 -35.29
CA HIS F 174 20.45 11.95 -34.22
C HIS F 174 21.95 12.14 -33.93
N TYR F 175 22.41 11.67 -32.77
CA TYR F 175 23.85 11.62 -32.41
C TYR F 175 24.18 10.22 -31.87
N ASP F 176 25.18 9.58 -32.47
CA ASP F 176 25.81 8.30 -32.02
C ASP F 176 26.96 8.64 -31.05
N PHE F 177 26.82 8.26 -29.77
CA PHE F 177 27.77 8.61 -28.68
C PHE F 177 28.99 7.68 -28.74
N VAL F 178 28.81 6.42 -29.16
CA VAL F 178 29.89 5.40 -29.30
C VAL F 178 30.88 5.87 -30.37
N LYS F 179 30.38 6.19 -31.57
CA LYS F 179 31.19 6.56 -32.77
C LYS F 179 31.46 8.07 -32.81
N ASN F 180 30.75 8.86 -31.98
CA ASN F 180 30.89 10.34 -31.93
C ASN F 180 30.60 10.91 -33.33
N GLU F 181 29.43 10.58 -33.89
CA GLU F 181 28.94 11.05 -35.20
C GLU F 181 27.55 11.65 -35.04
N LEU F 182 27.33 12.83 -35.62
CA LEU F 182 25.97 13.35 -35.95
C LEU F 182 25.45 12.56 -37.17
N VAL F 183 24.18 12.16 -37.13
CA VAL F 183 23.50 11.45 -38.26
C VAL F 183 22.25 12.25 -38.64
N ASN F 184 22.06 12.47 -39.93
CA ASN F 184 20.89 13.21 -40.48
C ASN F 184 20.69 12.72 -41.92
N TYR F 185 19.66 13.21 -42.59
CA TYR F 185 19.47 13.07 -44.04
C TYR F 185 19.15 14.45 -44.60
N ALA F 186 19.40 14.61 -45.89
CA ALA F 186 19.04 15.80 -46.69
C ALA F 186 18.46 15.29 -48.01
N THR F 187 17.41 15.94 -48.49
CA THR F 187 16.72 15.55 -49.75
C THR F 187 17.20 16.47 -50.86
N LYS F 188 17.74 15.90 -51.92
CA LYS F 188 17.99 16.62 -53.19
C LYS F 188 16.67 16.67 -53.92
N ILE F 189 16.10 17.87 -54.08
CA ILE F 189 14.82 18.08 -54.78
C ILE F 189 15.11 18.49 -56.21
N SER F 190 14.84 17.59 -57.15
CA SER F 190 15.05 17.78 -58.61
C SER F 190 14.16 16.77 -59.35
N ARG F 191 14.35 16.65 -60.66
CA ARG F 191 13.67 15.65 -61.52
C ARG F 191 14.20 14.24 -61.22
N SER F 192 15.31 14.13 -60.48
CA SER F 192 15.90 12.87 -59.95
C SER F 192 16.20 13.05 -58.47
N SER F 193 15.15 13.21 -57.67
CA SER F 193 15.24 13.50 -56.22
C SER F 193 15.85 12.29 -55.49
N ASN F 194 16.52 12.55 -54.38
CA ASN F 194 17.26 11.55 -53.56
C ASN F 194 17.11 11.90 -52.09
N TYR F 195 16.90 10.92 -51.23
CA TYR F 195 17.17 11.02 -49.77
C TYR F 195 18.65 10.68 -49.56
N ASN F 196 19.43 11.67 -49.10
CA ASN F 196 20.89 11.53 -48.85
C ASN F 196 21.11 11.41 -47.35
N VAL F 197 21.32 10.18 -46.87
CA VAL F 197 21.63 9.87 -45.44
C VAL F 197 23.14 10.13 -45.26
N TYR F 198 23.52 10.91 -44.24
CA TYR F 198 24.93 11.31 -44.03
C TYR F 198 25.27 11.31 -42.54
N LYS F 199 26.57 11.39 -42.26
CA LYS F 199 27.12 11.54 -40.89
C LYS F 199 28.22 12.61 -40.88
N ILE F 200 28.41 13.22 -39.71
CA ILE F 200 29.49 14.22 -39.47
C ILE F 200 30.27 13.78 -38.22
N ALA F 201 31.49 13.29 -38.42
CA ALA F 201 32.47 12.98 -37.35
C ALA F 201 32.70 14.26 -36.54
N ASP F 202 32.95 14.13 -35.24
CA ASP F 202 33.30 15.27 -34.35
C ASP F 202 34.47 16.05 -34.99
N LYS F 203 34.49 17.37 -34.80
CA LYS F 203 35.62 18.27 -35.16
C LYS F 203 35.78 18.33 -36.68
N THR F 204 34.67 18.22 -37.43
CA THR F 204 34.60 18.49 -38.89
C THR F 204 33.20 18.98 -39.29
N ASN F 205 33.11 19.74 -40.38
CA ASN F 205 31.82 20.16 -41.02
C ASN F 205 31.68 19.45 -42.37
N HIS F 206 32.53 18.45 -42.66
CA HIS F 206 32.43 17.59 -43.86
C HIS F 206 31.44 16.46 -43.55
N ARG F 207 30.41 16.30 -44.38
CA ARG F 207 29.43 15.19 -44.32
C ARG F 207 29.93 14.05 -45.22
N ASN F 208 29.96 12.83 -44.66
CA ASN F 208 30.14 11.57 -45.41
C ASN F 208 28.74 11.10 -45.83
N LEU F 209 28.52 10.91 -47.13
CA LEU F 209 27.32 10.25 -47.66
C LEU F 209 27.32 8.78 -47.24
N ILE F 210 26.36 8.37 -46.42
CA ILE F 210 26.13 6.94 -46.06
C ILE F 210 25.41 6.27 -47.23
N GLY F 211 24.34 6.86 -47.73
CA GLY F 211 23.58 6.30 -48.86
C GLY F 211 22.56 7.27 -49.42
N SER F 212 22.24 7.07 -50.70
CA SER F 212 21.20 7.82 -51.46
C SER F 212 20.09 6.86 -51.84
N ILE F 213 18.85 7.19 -51.46
CA ILE F 213 17.64 6.46 -51.91
C ILE F 213 16.92 7.32 -52.93
N PRO F 214 16.86 6.91 -54.22
CA PRO F 214 16.12 7.65 -55.22
C PRO F 214 14.62 7.60 -54.91
N VAL F 215 13.90 8.66 -55.29
CA VAL F 215 12.47 8.88 -54.95
C VAL F 215 11.86 9.84 -55.98
N GLU F 216 10.64 9.54 -56.43
CA GLU F 216 9.93 10.30 -57.49
C GLU F 216 9.35 11.56 -56.83
N GLU F 217 8.65 11.38 -55.71
CA GLU F 217 7.89 12.43 -54.98
C GLU F 217 8.32 12.40 -53.52
N PRO F 218 9.29 13.26 -53.12
CA PRO F 218 9.81 13.26 -51.76
C PRO F 218 8.71 13.57 -50.74
N ALA F 219 8.77 12.88 -49.60
CA ALA F 219 7.85 13.04 -48.46
C ALA F 219 8.43 14.07 -47.49
N TYR F 220 7.57 14.82 -46.81
CA TYR F 220 7.95 15.70 -45.69
C TYR F 220 8.15 14.82 -44.47
N MET F 221 9.43 14.52 -44.14
CA MET F 221 9.84 13.69 -42.99
C MET F 221 10.65 14.57 -42.03
N HIS F 222 9.95 15.22 -41.10
CA HIS F 222 10.46 16.22 -40.13
C HIS F 222 11.53 15.61 -39.21
N SER F 223 11.51 14.30 -39.04
CA SER F 223 12.44 13.51 -38.19
C SER F 223 12.54 12.11 -38.77
N PHE F 224 13.42 11.27 -38.24
CA PHE F 224 13.65 9.87 -38.68
C PHE F 224 14.09 9.03 -37.47
N ALA F 225 14.13 7.71 -37.65
CA ALA F 225 14.50 6.73 -36.61
C ALA F 225 15.95 6.30 -36.81
N MET F 226 16.67 6.07 -35.70
CA MET F 226 18.01 5.43 -35.68
C MET F 226 18.02 4.28 -34.66
N THR F 227 18.54 3.12 -35.07
CA THR F 227 18.81 1.96 -34.20
C THR F 227 20.32 1.78 -34.08
N GLU F 228 20.78 0.66 -33.52
CA GLU F 228 22.22 0.29 -33.41
C GLU F 228 22.85 0.28 -34.81
N ASN F 229 22.25 -0.43 -35.76
CA ASN F 229 22.82 -0.70 -37.11
C ASN F 229 22.16 0.13 -38.20
N TYR F 230 21.02 0.79 -37.94
CA TYR F 230 20.15 1.32 -39.02
C TYR F 230 19.79 2.81 -38.82
N VAL F 231 19.55 3.46 -39.96
CA VAL F 231 18.65 4.62 -40.11
C VAL F 231 17.35 4.08 -40.74
N VAL F 232 16.20 4.42 -40.17
CA VAL F 232 14.86 4.12 -40.76
C VAL F 232 14.20 5.45 -41.14
N LEU F 233 14.06 5.72 -42.44
CA LEU F 233 13.23 6.84 -42.93
C LEU F 233 11.78 6.34 -43.01
N VAL F 234 10.88 6.90 -42.21
CA VAL F 234 9.43 6.58 -42.29
C VAL F 234 8.78 7.59 -43.24
N GLU F 235 8.53 7.16 -44.47
CA GLU F 235 8.02 8.00 -45.58
C GLU F 235 6.48 7.99 -45.55
N TYR F 236 5.90 8.85 -44.72
CA TYR F 236 4.47 9.21 -44.71
C TYR F 236 4.08 9.63 -46.11
N PRO F 237 2.90 9.26 -46.63
CA PRO F 237 2.50 9.64 -47.98
C PRO F 237 1.99 11.10 -48.05
N PHE F 238 2.79 12.02 -47.50
CA PHE F 238 2.62 13.49 -47.61
C PHE F 238 3.78 13.99 -48.47
N VAL F 239 3.56 14.14 -49.78
CA VAL F 239 4.61 14.13 -50.83
C VAL F 239 4.44 15.32 -51.78
N VAL F 240 5.54 15.71 -52.44
CA VAL F 240 5.60 16.88 -53.36
C VAL F 240 6.10 16.38 -54.72
N LYS F 241 5.55 16.93 -55.80
CA LYS F 241 6.13 16.80 -57.16
C LYS F 241 7.20 17.88 -57.28
N PRO F 242 8.48 17.51 -57.44
CA PRO F 242 9.55 18.52 -57.58
C PRO F 242 9.19 19.69 -58.53
N LEU F 243 8.64 19.44 -59.70
CA LEU F 243 8.24 20.49 -60.68
C LEU F 243 7.15 21.42 -60.09
N ASP F 244 6.27 20.95 -59.21
CA ASP F 244 5.28 21.82 -58.52
C ASP F 244 6.04 22.80 -57.63
N LEU F 245 7.01 22.29 -56.87
CA LEU F 245 7.86 23.11 -55.97
C LEU F 245 8.63 24.15 -56.80
N LEU F 246 9.12 23.80 -57.99
CA LEU F 246 9.92 24.70 -58.88
C LEU F 246 9.01 25.79 -59.46
N LEU F 247 7.80 25.45 -59.89
CA LEU F 247 7.02 26.30 -60.84
C LEU F 247 5.77 26.92 -60.19
N SER F 248 5.14 26.28 -59.20
CA SER F 248 3.89 26.81 -58.59
C SER F 248 4.19 28.15 -57.91
N GLY F 249 3.20 29.00 -57.77
CA GLY F 249 3.36 30.29 -57.05
C GLY F 249 3.26 30.12 -55.54
N LYS F 250 3.10 28.89 -55.04
CA LYS F 250 2.52 28.60 -53.70
C LYS F 250 3.61 28.39 -52.66
N PRO F 251 3.40 28.86 -51.41
CA PRO F 251 4.34 28.60 -50.31
C PRO F 251 4.67 27.10 -50.16
N PHE F 252 5.89 26.82 -49.70
CA PHE F 252 6.50 25.47 -49.63
C PHE F 252 5.44 24.42 -49.30
N ILE F 253 4.85 24.45 -48.11
CA ILE F 253 4.05 23.32 -47.55
C ILE F 253 2.79 23.08 -48.38
N GLU F 254 2.23 24.10 -49.02
CA GLU F 254 1.00 23.99 -49.85
C GLU F 254 1.23 23.09 -51.07
N ASN F 255 2.48 22.79 -51.42
CA ASN F 255 2.80 21.96 -52.63
C ASN F 255 2.77 20.49 -52.27
N PHE F 256 2.60 20.14 -50.98
CA PHE F 256 2.57 18.74 -50.51
C PHE F 256 1.12 18.24 -50.52
N SER F 257 0.92 16.99 -50.95
CA SER F 257 -0.38 16.29 -51.10
C SER F 257 -0.40 15.06 -50.20
N TRP F 258 -1.54 14.82 -49.56
CA TRP F 258 -1.88 13.57 -48.84
C TRP F 258 -2.34 12.52 -49.86
N LYS F 259 -1.62 11.40 -49.94
CA LYS F 259 -1.90 10.30 -50.90
C LYS F 259 -1.93 8.99 -50.13
N PRO F 260 -2.97 8.74 -49.30
CA PRO F 260 -3.00 7.59 -48.42
C PRO F 260 -2.98 6.24 -49.16
N GLU F 261 -3.34 6.24 -50.45
CA GLU F 261 -3.31 5.03 -51.30
C GLU F 261 -1.86 4.51 -51.45
N ASN F 262 -0.84 5.37 -51.28
CA ASN F 262 0.59 4.96 -51.32
C ASN F 262 0.93 4.14 -50.06
N GLY F 263 0.20 4.35 -48.96
CA GLY F 263 0.59 3.84 -47.63
C GLY F 263 1.85 4.53 -47.12
N THR F 264 2.33 4.14 -45.95
CA THR F 264 3.61 4.63 -45.37
C THR F 264 4.71 3.63 -45.72
N ARG F 265 5.85 4.12 -46.24
CA ARG F 265 7.02 3.25 -46.57
C ARG F 265 8.09 3.42 -45.50
N PHE F 266 8.52 2.32 -44.89
CA PHE F 266 9.68 2.24 -43.97
C PHE F 266 10.91 1.85 -44.79
N ILE F 267 11.86 2.78 -44.97
CA ILE F 267 13.13 2.58 -45.72
C ILE F 267 14.25 2.34 -44.70
N ILE F 268 14.81 1.13 -44.68
CA ILE F 268 15.83 0.70 -43.68
C ILE F 268 17.21 0.69 -44.36
N VAL F 269 18.10 1.53 -43.86
CA VAL F 269 19.49 1.71 -44.42
C VAL F 269 20.48 1.35 -43.31
N ASN F 270 21.36 0.38 -43.58
CA ASN F 270 22.55 0.10 -42.74
C ASN F 270 23.39 1.38 -42.65
N ARG F 271 23.58 1.93 -41.46
CA ARG F 271 24.19 3.27 -41.30
C ARG F 271 25.70 3.16 -41.06
N GLN F 272 26.32 2.01 -41.32
CA GLN F 272 27.80 1.82 -41.31
C GLN F 272 28.33 1.52 -42.71
N ASN F 273 27.51 0.97 -43.61
CA ASN F 273 27.96 0.61 -45.00
C ASN F 273 26.94 1.04 -46.06
N GLY F 274 25.83 1.68 -45.66
CA GLY F 274 24.85 2.29 -46.58
C GLY F 274 24.06 1.26 -47.39
N ASN F 275 24.12 -0.02 -47.05
CA ASN F 275 23.32 -1.09 -47.70
C ASN F 275 21.84 -0.87 -47.43
N LEU F 276 20.99 -1.10 -48.45
CA LEU F 276 19.51 -1.05 -48.33
C LEU F 276 19.04 -2.39 -47.75
N VAL F 277 18.67 -2.40 -46.48
CA VAL F 277 18.19 -3.60 -45.73
C VAL F 277 16.85 -4.01 -46.32
N GLY F 278 15.94 -3.04 -46.52
CA GLY F 278 14.65 -3.27 -47.22
C GLY F 278 13.70 -2.10 -47.07
N THR F 279 12.60 -2.17 -47.82
CA THR F 279 11.42 -1.27 -47.72
C THR F 279 10.20 -2.12 -47.34
N TYR F 280 9.44 -1.62 -46.37
CA TYR F 280 8.22 -2.25 -45.80
C TYR F 280 7.09 -1.21 -45.80
N LYS F 281 5.86 -1.66 -45.97
CA LYS F 281 4.67 -0.79 -46.06
C LYS F 281 3.72 -1.06 -44.89
N SER F 282 3.15 0.01 -44.32
CA SER F 282 1.98 -0.01 -43.41
C SER F 282 0.87 0.82 -44.05
N ASP F 283 -0.32 0.83 -43.44
CA ASP F 283 -1.41 1.78 -43.80
C ASP F 283 -0.89 3.20 -43.56
N ALA F 284 -1.38 4.14 -44.37
CA ALA F 284 -1.03 5.58 -44.30
C ALA F 284 -1.18 6.11 -42.87
N PHE F 285 -0.20 6.90 -42.44
CA PHE F 285 -0.26 7.80 -41.26
C PHE F 285 0.75 8.93 -41.46
N PHE F 286 0.69 9.96 -40.61
CA PHE F 286 1.64 11.10 -40.62
C PHE F 286 2.22 11.28 -39.22
N ALA F 287 3.43 11.83 -39.14
CA ALA F 287 4.13 12.14 -37.88
C ALA F 287 5.17 13.25 -38.13
N PHE F 288 5.30 14.17 -37.17
CA PHE F 288 6.41 15.14 -37.09
C PHE F 288 7.59 14.45 -36.39
N HIS F 289 7.31 13.80 -35.25
CA HIS F 289 8.33 13.40 -34.25
C HIS F 289 8.33 11.89 -33.98
N HIS F 290 9.49 11.27 -34.23
CA HIS F 290 9.90 9.94 -33.71
C HIS F 290 10.18 10.08 -32.22
N VAL F 291 9.96 9.00 -31.47
CA VAL F 291 10.21 8.92 -30.00
C VAL F 291 11.56 8.23 -29.78
N ASN F 292 11.66 7.01 -30.33
CA ASN F 292 12.83 6.11 -30.20
C ASN F 292 12.54 4.84 -31.02
N ALA F 293 13.57 4.09 -31.36
CA ALA F 293 13.50 2.83 -32.13
C ALA F 293 14.62 1.91 -31.64
N PHE F 294 14.48 0.60 -31.86
CA PHE F 294 15.48 -0.40 -31.42
C PHE F 294 15.25 -1.72 -32.15
N GLU F 295 16.33 -2.48 -32.30
CA GLU F 295 16.35 -3.86 -32.87
C GLU F 295 16.14 -4.85 -31.72
N LYS F 296 15.46 -5.96 -32.00
CA LYS F 296 15.24 -7.06 -31.03
C LYS F 296 14.94 -8.32 -31.85
N GLN F 297 15.73 -9.38 -31.67
CA GLN F 297 15.66 -10.62 -32.50
C GLN F 297 15.83 -10.21 -33.96
N GLU F 298 14.97 -10.70 -34.87
CA GLU F 298 14.98 -10.34 -36.32
C GLU F 298 13.92 -9.26 -36.61
N GLU F 299 13.67 -8.35 -35.64
CA GLU F 299 12.59 -7.32 -35.70
C GLU F 299 13.14 -5.94 -35.31
N ILE F 300 12.53 -4.89 -35.86
CA ILE F 300 12.77 -3.47 -35.47
C ILE F 300 11.46 -2.92 -34.91
N PHE F 301 11.53 -2.26 -33.75
CA PHE F 301 10.40 -1.52 -33.12
C PHE F 301 10.66 -0.02 -33.33
N VAL F 302 9.75 0.66 -34.02
CA VAL F 302 9.79 2.13 -34.28
C VAL F 302 8.61 2.78 -33.56
N ASP F 303 8.91 3.59 -32.53
CA ASP F 303 7.91 4.34 -31.73
C ASP F 303 7.80 5.77 -32.32
N ILE F 304 6.59 6.14 -32.74
CA ILE F 304 6.28 7.41 -33.46
C ILE F 304 5.07 8.08 -32.82
N ILE F 305 5.10 9.41 -32.73
CA ILE F 305 3.93 10.27 -32.39
C ILE F 305 3.11 10.45 -33.67
N ALA F 306 2.10 9.61 -33.88
CA ALA F 306 1.39 9.42 -35.16
C ALA F 306 0.01 10.10 -35.14
N TYR F 307 -0.35 10.76 -36.23
CA TYR F 307 -1.70 11.28 -36.57
C TYR F 307 -2.27 10.35 -37.66
N GLN F 308 -3.59 10.35 -37.83
CA GLN F 308 -4.27 9.51 -38.86
C GLN F 308 -3.84 10.00 -40.24
N ASP F 309 -3.76 11.32 -40.42
CA ASP F 309 -3.42 11.93 -41.74
C ASP F 309 -2.58 13.20 -41.47
N SER F 310 -2.37 13.99 -42.53
CA SER F 310 -1.48 15.18 -42.52
C SER F 310 -2.24 16.47 -42.18
N SER F 311 -3.49 16.37 -41.69
CA SER F 311 -4.36 17.56 -41.49
C SER F 311 -3.83 18.46 -40.36
N ILE F 312 -3.11 17.88 -39.39
CA ILE F 312 -2.43 18.66 -38.30
C ILE F 312 -1.62 19.82 -38.91
N VAL F 313 -1.02 19.64 -40.08
CA VAL F 313 -0.19 20.69 -40.75
C VAL F 313 -1.04 21.94 -40.96
N ASN F 314 -2.27 21.78 -41.48
CA ASN F 314 -3.22 22.89 -41.75
C ASN F 314 -3.80 23.44 -40.44
N ALA F 315 -3.72 22.68 -39.36
CA ALA F 315 -4.27 23.06 -38.04
C ALA F 315 -3.30 24.00 -37.31
N LEU F 316 -2.03 24.02 -37.71
CA LEU F 316 -0.99 24.84 -37.04
C LEU F 316 -0.76 26.14 -37.81
N TYR F 317 -1.66 26.53 -38.71
CA TYR F 317 -1.80 27.93 -39.20
C TYR F 317 -2.24 28.80 -38.02
N LEU F 318 -1.74 30.04 -37.94
CA LEU F 318 -1.86 30.89 -36.73
C LEU F 318 -3.31 31.32 -36.51
N ASP F 319 -4.12 31.47 -37.58
CA ASP F 319 -5.52 31.94 -37.43
C ASP F 319 -6.33 30.86 -36.69
N ILE F 320 -6.01 29.59 -36.90
CA ILE F 320 -6.63 28.44 -36.16
C ILE F 320 -6.07 28.44 -34.73
N LEU F 321 -4.74 28.48 -34.57
CA LEU F 321 -4.10 28.39 -33.23
C LEU F 321 -4.57 29.56 -32.36
N PRO F 330 -6.13 18.07 -34.53
CA PRO F 330 -6.06 16.61 -34.34
C PRO F 330 -4.98 16.18 -33.32
N THR F 331 -5.29 15.16 -32.53
CA THR F 331 -4.42 14.54 -31.52
C THR F 331 -3.52 13.49 -32.17
N SER F 332 -2.37 13.24 -31.55
CA SER F 332 -1.38 12.21 -31.95
C SER F 332 -1.13 11.32 -30.75
N HIS F 333 -0.77 10.05 -30.96
CA HIS F 333 -0.53 9.03 -29.89
C HIS F 333 0.75 8.26 -30.23
N ILE F 334 1.39 7.67 -29.22
CA ILE F 334 2.59 6.80 -29.38
C ILE F 334 2.15 5.47 -30.00
N ARG F 335 2.53 5.25 -31.25
CA ARG F 335 2.37 3.97 -31.98
C ARG F 335 3.72 3.28 -32.06
N ARG F 336 3.77 2.02 -31.60
CA ARG F 336 4.95 1.14 -31.79
C ARG F 336 4.71 0.28 -33.03
N TYR F 337 5.40 0.61 -34.12
CA TYR F 337 5.41 -0.21 -35.36
C TYR F 337 6.44 -1.32 -35.17
N ARG F 338 6.06 -2.55 -35.52
CA ARG F 338 6.94 -3.75 -35.52
C ARG F 338 7.27 -4.09 -36.97
N ILE F 339 8.54 -3.94 -37.35
CA ILE F 339 9.05 -4.32 -38.70
C ILE F 339 9.64 -5.71 -38.59
N PRO F 340 9.02 -6.74 -39.21
CA PRO F 340 9.60 -8.08 -39.24
C PRO F 340 10.56 -8.10 -40.45
N LEU F 341 11.87 -8.15 -40.20
CA LEU F 341 12.91 -8.14 -41.27
C LEU F 341 12.73 -9.38 -42.15
N SER F 342 12.37 -10.51 -41.53
CA SER F 342 11.99 -11.80 -42.17
C SER F 342 10.91 -11.59 -43.24
N GLY F 343 10.11 -10.52 -43.12
CA GLY F 343 9.12 -10.09 -44.12
C GLY F 343 7.71 -10.09 -43.57
N GLY F 344 6.82 -9.28 -44.16
CA GLY F 344 5.40 -9.16 -43.80
C GLY F 344 4.97 -7.71 -43.74
N GLN F 345 3.66 -7.45 -43.80
CA GLN F 345 3.05 -6.11 -43.55
C GLN F 345 3.48 -5.64 -42.15
N VAL F 346 3.79 -4.36 -42.03
CA VAL F 346 4.14 -3.69 -40.74
C VAL F 346 2.84 -3.36 -40.00
N GLU F 347 2.64 -3.97 -38.83
CA GLU F 347 1.51 -3.66 -37.91
C GLU F 347 2.06 -2.77 -36.78
N TYR F 348 1.16 -2.15 -36.01
CA TYR F 348 1.49 -1.34 -34.81
C TYR F 348 0.53 -1.65 -33.66
N GLU F 349 0.91 -1.25 -32.45
CA GLU F 349 0.00 -1.14 -31.28
C GLU F 349 0.27 0.21 -30.60
N MET F 350 -0.76 0.76 -29.94
CA MET F 350 -0.65 2.02 -29.16
C MET F 350 0.00 1.69 -27.81
N LEU F 351 0.93 2.54 -27.37
CA LEU F 351 1.68 2.34 -26.09
C LEU F 351 0.97 3.11 -24.97
N SER F 352 0.07 4.02 -25.33
CA SER F 352 -0.80 4.80 -24.41
C SER F 352 -1.96 5.39 -25.23
N SER F 353 -3.12 5.60 -24.61
CA SER F 353 -4.28 6.27 -25.24
C SER F 353 -4.19 7.79 -25.03
N GLU F 354 -3.22 8.24 -24.23
CA GLU F 354 -2.97 9.69 -23.96
C GLU F 354 -2.39 10.36 -25.22
N ALA F 355 -2.95 11.51 -25.57
CA ALA F 355 -2.49 12.37 -26.68
C ALA F 355 -1.15 12.96 -26.25
N VAL F 356 -0.13 12.86 -27.13
CA VAL F 356 1.27 13.28 -26.88
C VAL F 356 1.81 14.04 -28.10
N GLU F 357 2.52 15.15 -27.88
CA GLU F 357 3.46 15.75 -28.87
C GLU F 357 4.74 16.18 -28.15
N LEU F 358 5.71 16.69 -28.92
CA LEU F 358 7.04 17.13 -28.46
C LEU F 358 7.66 16.08 -27.55
N PRO F 359 7.81 14.83 -28.04
CA PRO F 359 8.33 13.73 -27.22
C PRO F 359 9.82 13.92 -26.93
N ARG F 360 10.24 13.50 -25.74
CA ARG F 360 11.67 13.46 -25.31
C ARG F 360 11.87 12.20 -24.46
N ILE F 361 13.09 11.67 -24.47
CA ILE F 361 13.51 10.49 -23.66
C ILE F 361 14.83 10.83 -22.97
N ASN F 362 15.28 9.91 -22.12
CA ASN F 362 16.69 9.82 -21.68
C ASN F 362 17.50 9.43 -22.94
N TYR F 363 17.74 10.41 -23.80
CA TYR F 363 18.36 10.21 -25.14
C TYR F 363 19.78 9.64 -24.99
N LYS F 364 20.61 10.30 -24.17
CA LYS F 364 22.05 9.95 -24.01
C LYS F 364 22.17 8.45 -23.68
N GLN F 365 21.29 7.90 -22.86
CA GLN F 365 21.42 6.52 -22.31
C GLN F 365 20.54 5.51 -23.06
N TYR F 366 19.46 5.92 -23.74
CA TYR F 366 18.41 4.97 -24.23
C TYR F 366 18.07 5.13 -25.71
N ASN F 367 18.51 6.19 -26.40
CA ASN F 367 18.32 6.28 -27.88
C ASN F 367 18.92 5.03 -28.52
N THR F 368 18.15 4.35 -29.38
CA THR F 368 18.50 3.11 -30.14
C THR F 368 18.25 1.85 -29.30
N LYS F 369 17.86 2.01 -28.02
CA LYS F 369 17.75 0.89 -27.05
C LYS F 369 16.30 0.73 -26.57
N ASP F 370 15.94 -0.50 -26.16
CA ASP F 370 14.70 -0.80 -25.42
C ASP F 370 14.66 0.14 -24.20
N TYR F 371 13.48 0.64 -23.88
CA TYR F 371 13.28 1.77 -22.93
C TYR F 371 11.85 1.71 -22.38
N ARG F 372 11.54 2.55 -21.39
CA ARG F 372 10.28 2.50 -20.61
C ARG F 372 9.55 3.86 -20.59
N PHE F 373 10.24 4.99 -20.72
CA PHE F 373 9.70 6.33 -20.36
C PHE F 373 9.80 7.32 -21.53
N VAL F 374 8.65 7.96 -21.83
CA VAL F 374 8.46 9.07 -22.81
C VAL F 374 7.88 10.26 -22.06
N TYR F 375 8.43 11.46 -22.29
CA TYR F 375 7.91 12.75 -21.77
C TYR F 375 7.38 13.54 -22.97
N GLY F 376 6.29 14.30 -22.79
CA GLY F 376 5.70 15.12 -23.87
C GLY F 376 4.67 16.11 -23.34
N ILE F 377 4.01 16.82 -24.25
CA ILE F 377 2.84 17.69 -23.95
C ILE F 377 1.55 16.90 -24.21
N GLN F 388 -1.06 20.30 -20.45
CA GLN F 388 -0.42 19.32 -19.52
C GLN F 388 0.95 18.87 -20.05
N LEU F 389 1.88 18.62 -19.13
CA LEU F 389 3.05 17.72 -19.36
C LEU F 389 2.60 16.31 -18.98
N VAL F 390 3.09 15.30 -19.70
CA VAL F 390 2.75 13.87 -19.49
C VAL F 390 4.05 13.07 -19.45
N LYS F 391 4.09 12.02 -18.62
CA LYS F 391 5.16 11.00 -18.59
C LYS F 391 4.49 9.64 -18.82
N ILE F 392 4.55 9.08 -20.03
CA ILE F 392 3.77 7.86 -20.45
C ILE F 392 4.59 6.62 -20.09
N SER F 398 0.24 3.04 -18.21
CA SER F 398 -0.07 4.13 -17.25
C SER F 398 0.70 5.39 -17.62
N SER F 399 0.41 6.50 -16.95
CA SER F 399 1.03 7.83 -17.20
C SER F 399 0.90 8.72 -15.96
N LYS F 400 1.82 9.68 -15.81
CA LYS F 400 1.77 10.75 -14.78
C LYS F 400 1.56 12.08 -15.51
N ILE F 401 0.92 13.06 -14.87
CA ILE F 401 0.51 14.33 -15.51
C ILE F 401 0.92 15.49 -14.60
N TRP F 402 1.40 16.58 -15.21
CA TRP F 402 1.57 17.90 -14.54
C TRP F 402 0.71 18.91 -15.29
N SER F 403 0.09 19.85 -14.57
CA SER F 403 -0.73 20.95 -15.14
C SER F 403 -0.96 22.03 -14.08
N GLU F 404 -1.45 23.20 -14.48
CA GLU F 404 -1.70 24.37 -13.59
C GLU F 404 -2.69 25.30 -14.29
N LYS F 405 -3.75 25.72 -13.59
CA LYS F 405 -4.80 26.62 -14.14
C LYS F 405 -4.16 27.67 -15.06
N ASP F 406 -4.57 27.71 -16.33
CA ASP F 406 -4.27 28.77 -17.32
C ASP F 406 -2.77 28.76 -17.67
N CYS F 407 -2.10 27.63 -17.52
CA CYS F 407 -0.67 27.44 -17.88
C CYS F 407 -0.55 26.45 -19.04
N TYR F 408 0.35 26.74 -19.98
CA TYR F 408 0.61 25.99 -21.23
C TYR F 408 2.09 25.64 -21.28
N PRO F 409 2.45 24.40 -20.87
CA PRO F 409 3.86 24.01 -20.77
C PRO F 409 4.47 23.61 -22.13
N GLY F 410 5.74 23.98 -22.36
CA GLY F 410 6.50 23.64 -23.57
C GLY F 410 7.18 22.28 -23.45
N GLU F 411 7.94 21.91 -24.48
CA GLU F 411 8.69 20.62 -24.60
C GLU F 411 9.41 20.30 -23.29
N PRO F 412 9.20 19.08 -22.72
CA PRO F 412 9.94 18.63 -21.55
C PRO F 412 11.31 18.05 -21.93
N VAL F 413 12.39 18.71 -21.54
CA VAL F 413 13.80 18.28 -21.79
C VAL F 413 14.27 17.47 -20.58
N PHE F 414 14.61 16.19 -20.77
CA PHE F 414 15.18 15.31 -19.72
C PHE F 414 16.67 15.64 -19.55
N VAL F 415 17.15 15.72 -18.30
CA VAL F 415 18.59 15.82 -17.94
C VAL F 415 18.86 14.77 -16.85
N GLY F 416 19.60 13.71 -17.19
CA GLY F 416 19.97 12.63 -16.25
C GLY F 416 20.77 13.19 -15.09
N ALA F 417 20.63 12.61 -13.90
CA ALA F 417 21.36 13.02 -12.68
C ALA F 417 22.75 12.40 -12.73
N PRO F 418 23.73 12.93 -11.96
CA PRO F 418 25.08 12.33 -11.92
C PRO F 418 25.02 10.88 -11.43
N ASP F 419 25.76 9.98 -12.10
CA ASP F 419 25.90 8.53 -11.76
C ASP F 419 24.51 7.91 -11.55
N ALA F 420 23.54 8.25 -12.40
CA ALA F 420 22.15 7.70 -12.39
C ALA F 420 22.20 6.21 -12.76
N THR F 421 21.46 5.37 -12.04
CA THR F 421 21.34 3.90 -12.30
C THR F 421 19.98 3.57 -12.93
N LYS F 422 19.03 4.51 -12.95
CA LYS F 422 17.64 4.32 -13.47
C LYS F 422 17.39 5.26 -14.67
N GLU F 423 16.50 4.85 -15.56
CA GLU F 423 16.18 5.54 -16.84
C GLU F 423 15.56 6.92 -16.56
N ASP F 424 14.83 7.06 -15.45
CA ASP F 424 14.01 8.27 -15.14
C ASP F 424 14.59 9.00 -13.92
N GLU F 425 15.85 8.73 -13.56
CA GLU F 425 16.58 9.45 -12.48
C GLU F 425 17.19 10.72 -13.10
N GLY F 426 16.59 11.88 -12.81
CA GLY F 426 17.05 13.19 -13.30
C GLY F 426 15.99 14.26 -13.14
N LEU F 427 16.02 15.27 -14.02
CA LEU F 427 15.08 16.42 -14.02
C LEU F 427 14.41 16.55 -15.38
N ILE F 428 13.25 17.20 -15.42
CA ILE F 428 12.56 17.65 -16.66
C ILE F 428 12.55 19.19 -16.61
N LEU F 429 12.93 19.85 -17.71
CA LEU F 429 12.91 21.33 -17.86
C LEU F 429 11.89 21.67 -18.95
N SER F 430 10.92 22.53 -18.64
CA SER F 430 9.83 22.98 -19.54
C SER F 430 9.61 24.48 -19.39
N ALA F 431 9.68 25.24 -20.49
CA ALA F 431 9.26 26.67 -20.53
C ALA F 431 7.73 26.70 -20.55
N VAL F 432 7.12 27.25 -19.51
CA VAL F 432 5.64 27.25 -19.30
C VAL F 432 5.13 28.69 -19.44
N LEU F 433 4.08 28.87 -20.24
CA LEU F 433 3.38 30.18 -20.37
C LEU F 433 2.29 30.24 -19.29
N ASP F 434 2.29 31.29 -18.47
CA ASP F 434 1.22 31.61 -17.49
C ASP F 434 0.39 32.76 -18.10
N ALA F 435 -0.78 32.42 -18.65
CA ALA F 435 -1.62 33.32 -19.49
C ALA F 435 -2.17 34.47 -18.64
N THR F 436 -2.57 34.20 -17.41
CA THR F 436 -3.18 35.20 -16.49
C THR F 436 -2.09 36.16 -15.99
N ASN F 437 -0.87 35.65 -15.80
CA ASN F 437 0.32 36.43 -15.35
C ASN F 437 1.00 37.08 -16.57
N ALA F 438 0.66 36.65 -17.79
CA ALA F 438 1.16 37.21 -19.07
C ALA F 438 2.70 37.14 -19.12
N LYS F 439 3.26 36.11 -18.48
CA LYS F 439 4.72 35.87 -18.34
C LYS F 439 4.96 34.36 -18.28
N SER F 440 6.15 33.91 -18.67
CA SER F 440 6.55 32.48 -18.70
C SER F 440 7.47 32.20 -17.50
N PHE F 441 7.59 30.92 -17.13
CA PHE F 441 8.52 30.44 -16.08
C PHE F 441 9.14 29.13 -16.57
N LEU F 442 10.38 28.86 -16.15
CA LEU F 442 11.03 27.54 -16.33
C LEU F 442 10.56 26.65 -15.19
N LEU F 443 9.97 25.50 -15.51
CA LEU F 443 9.46 24.51 -14.54
C LEU F 443 10.48 23.37 -14.46
N ILE F 444 10.88 22.98 -13.25
CA ILE F 444 11.82 21.84 -13.04
C ILE F 444 11.08 20.77 -12.22
N LEU F 445 10.78 19.64 -12.86
CA LEU F 445 10.18 18.44 -12.20
C LEU F 445 11.32 17.44 -11.92
N ASP F 446 11.27 16.75 -10.79
CA ASP F 446 12.00 15.45 -10.64
C ASP F 446 11.36 14.48 -11.64
N ALA F 447 12.19 13.78 -12.43
CA ALA F 447 11.73 12.91 -13.55
C ALA F 447 11.07 11.64 -13.00
N THR F 448 11.40 11.20 -11.78
CA THR F 448 10.87 9.96 -11.16
C THR F 448 9.44 10.20 -10.64
N THR F 449 9.24 11.23 -9.81
CA THR F 449 7.93 11.61 -9.20
C THR F 449 7.08 12.36 -10.24
N PHE F 450 7.74 13.12 -11.12
CA PHE F 450 7.12 14.04 -12.11
C PHE F 450 6.40 15.18 -11.37
N GLU F 451 6.86 15.53 -10.16
CA GLU F 451 6.38 16.69 -9.36
C GLU F 451 7.44 17.79 -9.33
N GLU F 452 6.99 19.04 -9.14
CA GLU F 452 7.81 20.28 -9.17
C GLU F 452 8.83 20.25 -8.03
N VAL F 453 10.09 20.57 -8.33
CA VAL F 453 11.16 20.81 -7.31
C VAL F 453 11.55 22.30 -7.31
N ALA F 454 11.35 23.01 -8.42
CA ALA F 454 11.67 24.45 -8.54
C ALA F 454 11.00 25.06 -9.77
N ARG F 455 10.90 26.40 -9.80
CA ARG F 455 10.55 27.20 -11.01
C ARG F 455 11.34 28.52 -10.97
N ALA F 456 11.65 29.08 -12.15
CA ALA F 456 12.34 30.38 -12.32
C ALA F 456 11.48 31.30 -13.17
N GLU F 457 11.03 32.43 -12.59
CA GLU F 457 10.16 33.43 -13.26
C GLU F 457 10.98 34.12 -14.36
N VAL F 458 10.35 34.41 -15.51
CA VAL F 458 10.94 35.22 -16.62
C VAL F 458 10.12 36.51 -16.73
N PRO F 459 10.76 37.70 -16.81
CA PRO F 459 10.03 38.97 -16.77
C PRO F 459 9.07 39.26 -17.94
N HIS F 460 9.03 38.39 -18.97
CA HIS F 460 8.19 38.53 -20.17
C HIS F 460 7.59 37.16 -20.54
N HIS F 461 6.75 37.12 -21.56
CA HIS F 461 6.25 35.85 -22.18
C HIS F 461 7.29 35.33 -23.18
N ILE F 462 7.57 34.03 -23.11
CA ILE F 462 8.35 33.26 -24.13
C ILE F 462 7.34 32.66 -25.09
N PRO F 463 7.22 33.16 -26.35
CA PRO F 463 6.30 32.57 -27.32
C PRO F 463 6.48 31.05 -27.42
N PHE F 464 5.38 30.35 -27.71
CA PHE F 464 5.36 28.88 -27.89
C PHE F 464 6.47 28.53 -28.88
N GLY F 465 7.44 27.73 -28.43
CA GLY F 465 8.64 27.37 -29.21
C GLY F 465 8.52 25.97 -29.78
N PHE F 466 9.60 25.45 -30.36
CA PHE F 466 9.70 24.06 -30.86
C PHE F 466 10.64 23.29 -29.93
N HIS F 467 11.94 23.28 -30.23
CA HIS F 467 12.90 22.37 -29.59
C HIS F 467 13.99 23.15 -28.86
N GLY F 468 14.56 22.52 -27.85
CA GLY F 468 15.70 23.01 -27.07
C GLY F 468 16.59 21.86 -26.63
N ASN F 469 17.82 22.16 -26.23
CA ASN F 469 18.78 21.12 -25.77
C ASN F 469 19.58 21.66 -24.57
N TYR F 470 19.96 20.74 -23.68
CA TYR F 470 20.80 21.03 -22.49
C TYR F 470 22.26 20.72 -22.84
N PHE F 471 23.12 21.73 -22.75
CA PHE F 471 24.59 21.62 -22.97
C PHE F 471 25.32 21.77 -21.63
N GLU F 472 26.12 20.78 -21.28
CA GLU F 472 26.83 20.69 -19.97
C GLU F 472 27.81 21.87 -19.84
CO CO G . -21.15 16.69 30.13
CO CO H . -9.81 -35.92 5.89
NA NA I . 2.01 -27.45 -7.26
CO CO J . 18.42 24.04 27.05
NA NA K . 5.09 10.23 22.48
CL CL L . 32.21 45.88 16.55
CO CO M . 29.21 -29.89 -1.93
CO CO N . -28.25 8.65 -27.88
CL CL O . -52.44 9.39 -41.55
CO CO P . 10.32 19.16 -34.54
#